data_7NTC
#
_entry.id   7NTC
#
_cell.length_a   1.00
_cell.length_b   1.00
_cell.length_c   1.00
_cell.angle_alpha   90.00
_cell.angle_beta   90.00
_cell.angle_gamma   90.00
#
_symmetry.space_group_name_H-M   'P 1'
#
loop_
_entity.id
_entity.type
_entity.pdbx_description
1 polymer 'Spike glycoprotein'
2 polymer 'P008_056 Fab Heavy chain'
3 polymer 'P008_056 Fab Light chain'
4 branched 2-acetamido-2-deoxy-beta-D-glucopyranose-(1-4)-2-acetamido-2-deoxy-beta-D-glucopyranose
5 non-polymer 'BILIVERDINE IX ALPHA'
6 non-polymer 2-acetamido-2-deoxy-beta-D-glucopyranose
#
loop_
_entity_poly.entity_id
_entity_poly.type
_entity_poly.pdbx_seq_one_letter_code
_entity_poly.pdbx_strand_id
1 'polypeptide(L)'
;MGILPSPGMPALLSLVSLLSVLLMGCVAETGMFVFLVLLPLVSSQCVNLTTRTQLPPAYTNSFTRGVYYPDKVFRSSVLH
STQDLFLPFFSNVTWFHAIHVSGTNGTKRFDNPVLPFNDGVYFASTEKSNIIRGWIFGTTLDSKTQSLLIVNNATNVVIK
VCEFQFCNDPFLGVYYHKNNKSWMESEFRVYSSANNCTFEYVSQPFLMDLEGKQGNFKNLREFVFKNIDGYFKIYSKHTP
INLVRDLPQGFSALEPLVDLPIGINITRFQTLLALHRSYLTPGDSSSGWTAGAAAYYVGYLQPRTFLLKYNENGTITDAV
DCALDPLSETKCTLKSFTVEKGIYQTSNFRVQPTESIVRFPNITNLCPFGEVFNATRFASVYAWNRKRISNCVADYSVLY
NSASFSTFKCYGVSPTKLNDLCFTNVYADSFVIRGDEVRQIAPGQTGKIADYNYKLPDDFTGCVIAWNSNNLDSKVGGNY
NYLYRLFRKSNLKPFERDISTEIYQAGSTPCNGVEGFNCYFPLQSYGFQPTNGVGYQPYRVVVLSFELLHAPATVCGPKK
STNLVKNKCVNFNFNGLTGTGVLTESNKKFLPFQQFGRDIADTTDAVRDPQTLEILDITPCSFGGVSVITPGTNTSNQVA
VLYQDVNCTEVPVAIHADQLTPTWRVYSTGSNVFQTRAGCLIGAEHVNNSYECDIPIGAGICASYQTQTNSPSRASSVAS
QSIIAYTMSLGAENSVAYSNNSIAIPTNFTISVTTEILPVSMTKTSVDCTMYICGDSTECSNLLLQYGSFCTQLNRALTG
IAVEQDKNTQEVFAQVKQIYKTPPIKDFGGFNFSQILPDPSKPSKRSFIEDLLFNKVTLADAGFIKQYGDCLGDIAARDL
ICAQKFNGLTVLPPLLTDEMIAQYTSALLAGTITSGWTFGAGAALQIPFAMQMAYRFNGIGVTQNVLYENQKLIANQFNS
AIGKIQDSLSSTASALGKLQDVVNQNAQALNTLVKQLSSNFGAISSVLNDILSRLDPPEAEVQIDRLITGRLQSLQTYVT
QQLIRAAEIRASANLAATKMSECVLGQSKRVDFCGKGYHLMSFPQSAPHGVVFLHVTYVPAQEKNFTTAPAICHDGKAHF
PREGVFVSNGTHWFVTQRNFYEPQIITTDNTFVSGNCDVVIGIVNNTVYDPLQPELDSFKEELDKYFKNHTSPDVDLGDI
SGINASVVNIQKEIDRLNEVAKNLNESLIDLQELGKYEQSGRENLYFQGGGGSGYIPEAPRDGQAYVRKDGEWVLLSTFL
GHHHHHH
;
A,B,C
2 'polypeptide(L)'
;MGWSCIILFLVATATGVHSEVQLVESGGGLVKPGGSLRLSCAASGFSFSSYSMNWVRQAPGKGLEWVSSISSNSNYIYYA
DSMKGRFTISRDNAKNSLYLQMNSLRAEDTAVYYCASNRSPYDSSNYYFDYWGQGTRVTISSASTKGPSVFPLAPSSKST
SGGTAALGCLVKDYFPEPVTVSWNSGALTSGVHTFPAVLQSSGLYSLSSVVTVPSSSLGTQTYICNVNHKPSNTKVDKRV
EPKSGTKHHHHHH
;
H
3 'polypeptide(L)'
;MGWSCIILFLVATATGVHCAIRMTQSPSSLSASVGDRVTITCQASQDISNYLNWYQQKPGKAPKLLIYDASNLETGVPSR
FSGSGSGTDFTFTISSLQPEDIATYYCQHHDSLPLTFGGGTKVEIKRTVAAPSVFIFPPSDEQLKSGTASVVCLLNNFYP
REAKVQWKVDNALQSGNSQESVTEQDSKDSTYSLSSTLTLSKADYEKHKVYACEVTHQGLSSPVTKSFNRGE
;
L
#
loop_
_chem_comp.id
_chem_comp.type
_chem_comp.name
_chem_comp.formula
BLA non-polymer 'BILIVERDINE IX ALPHA' 'C33 H34 N4 O6'
NAG D-saccharide, beta linking 2-acetamido-2-deoxy-beta-D-glucopyranose 'C8 H15 N O6'
#
# COMPACT_ATOMS: atom_id res chain seq x y z
N GLN A 45 24.84 -17.67 -75.85
CA GLN A 45 25.10 -16.89 -74.65
C GLN A 45 25.43 -17.78 -73.46
N CYS A 46 24.41 -18.39 -72.88
CA CYS A 46 24.55 -19.22 -71.68
C CYS A 46 24.12 -20.65 -71.96
N VAL A 47 24.97 -21.60 -71.58
CA VAL A 47 24.76 -23.02 -71.84
C VAL A 47 25.03 -23.80 -70.56
N ASN A 48 24.24 -24.85 -70.33
CA ASN A 48 24.42 -25.70 -69.16
C ASN A 48 25.79 -26.36 -69.15
N LEU A 49 26.11 -26.98 -68.03
CA LEU A 49 27.34 -27.76 -67.87
C LEU A 49 26.98 -29.18 -67.45
N THR A 50 27.72 -30.14 -68.00
CA THR A 50 27.44 -31.56 -67.81
C THR A 50 28.42 -32.17 -66.83
N THR A 51 28.31 -33.49 -66.66
CA THR A 51 29.13 -34.31 -65.78
C THR A 51 28.95 -33.96 -64.31
N ARG A 52 27.92 -33.21 -63.95
CA ARG A 52 27.69 -32.85 -62.56
C ARG A 52 27.00 -34.01 -61.84
N THR A 53 27.65 -34.53 -60.80
CA THR A 53 27.10 -35.59 -59.97
C THR A 53 26.64 -34.98 -58.65
N GLN A 54 25.41 -35.29 -58.25
CA GLN A 54 24.80 -34.69 -57.07
C GLN A 54 24.88 -35.64 -55.89
N LEU A 55 25.30 -35.11 -54.74
CA LEU A 55 25.46 -35.83 -53.49
C LEU A 55 24.72 -35.09 -52.38
N PRO A 56 24.29 -35.80 -51.34
CA PRO A 56 23.68 -35.12 -50.19
C PRO A 56 24.64 -34.16 -49.54
N PRO A 57 24.17 -33.01 -49.05
CA PRO A 57 25.08 -32.03 -48.46
C PRO A 57 25.64 -32.53 -47.13
N ALA A 58 26.81 -32.00 -46.79
CA ALA A 58 27.50 -32.35 -45.57
C ALA A 58 27.53 -31.16 -44.61
N TYR A 59 27.63 -31.47 -43.32
CA TYR A 59 27.60 -30.45 -42.28
C TYR A 59 28.87 -30.51 -41.47
N THR A 60 29.35 -29.34 -41.05
CA THR A 60 30.51 -29.26 -40.18
C THR A 60 30.23 -28.26 -39.07
N ASN A 61 30.91 -28.44 -37.94
CA ASN A 61 30.63 -27.63 -36.76
C ASN A 61 31.28 -26.26 -36.86
N SER A 62 30.54 -25.23 -36.44
CA SER A 62 30.98 -23.85 -36.56
C SER A 62 31.95 -23.42 -35.47
N PHE A 63 32.08 -24.21 -34.40
CA PHE A 63 32.95 -23.89 -33.27
C PHE A 63 32.52 -22.54 -32.70
N THR A 64 33.34 -21.50 -32.76
CA THR A 64 33.02 -20.24 -32.10
C THR A 64 33.39 -19.02 -32.96
N ARG A 65 33.27 -19.14 -34.28
CA ARG A 65 33.58 -18.02 -35.14
C ARG A 65 32.32 -17.20 -35.44
N GLY A 66 32.53 -16.00 -35.96
CA GLY A 66 31.42 -15.19 -36.44
C GLY A 66 31.01 -14.05 -35.54
N VAL A 67 31.96 -13.31 -34.99
CA VAL A 67 31.70 -12.17 -34.13
C VAL A 67 32.18 -10.90 -34.82
N TYR A 68 31.32 -9.90 -34.89
CA TYR A 68 31.61 -8.64 -35.53
C TYR A 68 31.35 -7.49 -34.57
N TYR A 69 32.05 -6.38 -34.77
CA TYR A 69 31.83 -5.21 -33.94
C TYR A 69 30.42 -4.70 -34.15
N PRO A 70 29.55 -4.72 -33.13
CA PRO A 70 28.17 -4.32 -33.36
C PRO A 70 27.99 -2.83 -33.57
N ASP A 71 28.68 -2.01 -32.79
CA ASP A 71 28.54 -0.57 -32.83
C ASP A 71 29.76 0.06 -33.48
N LYS A 72 29.79 1.39 -33.47
CA LYS A 72 30.91 2.15 -34.01
C LYS A 72 31.55 3.05 -32.94
N VAL A 73 31.37 2.70 -31.67
CA VAL A 73 31.87 3.50 -30.55
C VAL A 73 33.02 2.74 -29.90
N PHE A 74 34.15 3.41 -29.72
CA PHE A 74 35.35 2.76 -29.22
C PHE A 74 35.28 2.55 -27.71
N ARG A 75 35.72 1.38 -27.26
CA ARG A 75 35.87 1.06 -25.86
C ARG A 75 37.19 0.31 -25.69
N SER A 76 37.55 0.03 -24.43
CA SER A 76 38.79 -0.69 -24.19
C SER A 76 38.76 -1.34 -22.80
N SER A 77 39.15 -2.61 -22.75
CA SER A 77 39.36 -3.34 -21.49
C SER A 77 38.11 -3.34 -20.62
N VAL A 78 36.95 -3.56 -21.24
CA VAL A 78 35.68 -3.61 -20.53
C VAL A 78 34.88 -4.80 -21.02
N LEU A 79 33.88 -5.18 -20.23
CA LEU A 79 32.96 -6.27 -20.56
C LEU A 79 31.62 -5.65 -20.93
N HIS A 80 31.14 -5.97 -22.12
CA HIS A 80 29.92 -5.36 -22.63
C HIS A 80 28.90 -6.42 -23.01
N SER A 81 27.64 -6.19 -22.65
CA SER A 81 26.55 -7.10 -22.95
C SER A 81 25.70 -6.50 -24.06
N THR A 82 25.42 -7.28 -25.10
CA THR A 82 24.67 -6.80 -26.24
C THR A 82 23.60 -7.81 -26.65
N GLN A 83 22.54 -7.30 -27.27
CA GLN A 83 21.45 -8.09 -27.83
C GLN A 83 21.37 -7.80 -29.32
N ASP A 84 21.66 -8.79 -30.15
CA ASP A 84 21.72 -8.54 -31.59
C ASP A 84 21.75 -9.87 -32.33
N LEU A 85 21.86 -9.80 -33.66
CA LEU A 85 21.93 -10.98 -34.50
C LEU A 85 23.37 -11.51 -34.51
N PHE A 86 23.52 -12.82 -34.32
CA PHE A 86 24.82 -13.45 -34.28
C PHE A 86 24.69 -14.90 -34.70
N LEU A 87 25.84 -15.56 -34.84
CA LEU A 87 25.86 -16.98 -35.13
C LEU A 87 26.08 -17.76 -33.85
N PRO A 88 25.13 -18.59 -33.42
CA PRO A 88 25.32 -19.34 -32.17
C PRO A 88 26.52 -20.28 -32.27
N PHE A 89 27.23 -20.41 -31.16
CA PHE A 89 28.42 -21.24 -31.14
C PHE A 89 28.05 -22.71 -31.30
N PHE A 90 29.00 -23.49 -31.83
CA PHE A 90 28.89 -24.93 -31.94
C PHE A 90 27.62 -25.33 -32.69
N SER A 91 27.55 -24.91 -33.95
CA SER A 91 26.40 -25.18 -34.78
C SER A 91 26.82 -25.84 -36.08
N ASN A 92 25.92 -26.67 -36.61
CA ASN A 92 26.07 -27.25 -37.94
C ASN A 92 25.96 -26.16 -39.01
N VAL A 93 26.91 -26.15 -39.94
CA VAL A 93 26.89 -25.25 -41.08
C VAL A 93 27.12 -26.09 -42.33
N THR A 94 26.53 -25.66 -43.44
CA THR A 94 26.57 -26.44 -44.66
C THR A 94 27.92 -26.27 -45.37
N TRP A 95 28.48 -27.38 -45.81
CA TRP A 95 29.78 -27.40 -46.49
C TRP A 95 29.58 -27.77 -47.94
N PHE A 96 29.84 -26.82 -48.84
CA PHE A 96 29.80 -27.05 -50.28
C PHE A 96 31.21 -27.06 -50.82
N HIS A 97 31.51 -28.04 -51.68
CA HIS A 97 32.82 -28.13 -52.32
C HIS A 97 32.61 -28.22 -53.81
N ALA A 98 33.33 -27.38 -54.56
CA ALA A 98 33.31 -27.41 -56.02
C ALA A 98 34.68 -27.87 -56.48
N ILE A 99 34.83 -29.18 -56.65
CA ILE A 99 36.12 -29.78 -56.97
C ILE A 99 35.87 -31.04 -57.78
N HIS A 100 36.85 -31.42 -58.59
CA HIS A 100 36.79 -32.64 -59.39
C HIS A 100 37.88 -33.59 -58.92
N VAL A 101 37.51 -34.85 -58.71
CA VAL A 101 38.46 -35.87 -58.29
C VAL A 101 39.29 -36.29 -59.50
N SER A 102 40.62 -36.21 -59.36
CA SER A 102 41.50 -36.59 -60.45
C SER A 102 41.41 -38.09 -60.72
N GLY A 103 41.50 -38.45 -61.99
CA GLY A 103 41.44 -39.84 -62.41
C GLY A 103 40.10 -40.19 -63.04
N THR A 104 40.10 -41.34 -63.71
CA THR A 104 38.88 -41.83 -64.34
C THR A 104 37.83 -42.16 -63.29
N ASN A 105 36.57 -41.94 -63.65
CA ASN A 105 35.43 -42.14 -62.74
C ASN A 105 35.52 -41.24 -61.52
N GLY A 106 36.16 -40.09 -61.66
CA GLY A 106 36.19 -39.09 -60.61
C GLY A 106 35.04 -38.12 -60.78
N THR A 107 34.41 -37.77 -59.67
CA THR A 107 33.27 -36.87 -59.70
C THR A 107 33.70 -35.48 -60.17
N LYS A 108 32.81 -34.83 -60.91
CA LYS A 108 33.03 -33.48 -61.44
C LYS A 108 32.25 -32.45 -60.66
N ARG A 109 32.21 -32.59 -59.33
CA ARG A 109 31.36 -31.78 -58.46
C ARG A 109 31.53 -30.29 -58.71
N PHE A 110 30.47 -29.65 -59.19
CA PHE A 110 30.45 -28.20 -59.43
C PHE A 110 29.10 -27.72 -58.90
N ASP A 111 29.09 -27.34 -57.63
CA ASP A 111 27.85 -27.07 -56.90
C ASP A 111 27.69 -25.59 -56.59
N ASN A 112 26.54 -25.03 -56.96
CA ASN A 112 26.18 -23.68 -56.56
C ASN A 112 24.68 -23.45 -56.73
N PRO A 113 23.84 -24.19 -56.02
CA PRO A 113 22.39 -24.02 -56.17
C PRO A 113 21.91 -22.79 -55.41
N VAL A 114 20.61 -22.55 -55.46
CA VAL A 114 20.01 -21.44 -54.74
C VAL A 114 19.85 -21.81 -53.29
N LEU A 115 20.00 -20.82 -52.40
CA LEU A 115 19.88 -21.06 -50.98
C LEU A 115 18.97 -20.01 -50.35
N PRO A 116 18.19 -20.39 -49.34
CA PRO A 116 17.40 -19.39 -48.62
C PRO A 116 18.29 -18.42 -47.86
N PHE A 117 17.82 -17.18 -47.74
CA PHE A 117 18.62 -16.11 -47.14
C PHE A 117 18.42 -16.00 -45.65
N ASN A 118 17.29 -16.45 -45.13
CA ASN A 118 16.97 -16.37 -43.69
C ASN A 118 16.99 -14.90 -43.30
N ASP A 119 17.68 -14.50 -42.23
CA ASP A 119 17.76 -13.11 -41.82
C ASP A 119 19.17 -12.55 -41.88
N GLY A 120 20.14 -13.33 -42.32
CA GLY A 120 21.53 -12.88 -42.40
C GLY A 120 22.44 -14.05 -42.67
N VAL A 121 23.49 -13.85 -43.48
CA VAL A 121 24.28 -14.98 -43.96
C VAL A 121 25.72 -14.84 -43.49
N TYR A 122 26.25 -15.92 -42.91
CA TYR A 122 27.67 -16.06 -42.62
C TYR A 122 28.25 -16.92 -43.73
N PHE A 123 29.11 -16.32 -44.55
CA PHE A 123 29.67 -16.95 -45.74
C PHE A 123 31.17 -17.06 -45.52
N ALA A 124 31.63 -18.26 -45.19
CA ALA A 124 33.06 -18.51 -45.06
C ALA A 124 33.54 -19.24 -46.30
N SER A 125 34.82 -19.06 -46.64
CA SER A 125 35.33 -19.74 -47.82
C SER A 125 36.82 -19.98 -47.66
N THR A 126 37.27 -21.13 -48.14
CA THR A 126 38.68 -21.44 -48.22
C THR A 126 39.13 -21.27 -49.66
N GLU A 127 40.22 -20.51 -49.85
CA GLU A 127 40.65 -20.11 -51.17
C GLU A 127 42.15 -20.30 -51.32
N LYS A 128 42.53 -20.91 -52.43
CA LYS A 128 43.92 -20.96 -52.87
C LYS A 128 44.06 -20.75 -54.37
N SER A 129 42.97 -20.46 -55.08
CA SER A 129 43.01 -20.25 -56.51
C SER A 129 42.13 -19.11 -57.00
N ASN A 130 41.44 -18.40 -56.10
CA ASN A 130 40.55 -17.28 -56.45
C ASN A 130 39.45 -17.74 -57.40
N ILE A 131 38.70 -18.74 -56.96
CA ILE A 131 37.64 -19.34 -57.78
C ILE A 131 36.32 -18.61 -57.60
N ILE A 132 35.93 -18.33 -56.36
CA ILE A 132 34.70 -17.57 -56.12
C ILE A 132 34.89 -16.15 -56.64
N ARG A 133 33.84 -15.60 -57.25
CA ARG A 133 33.96 -14.31 -57.90
C ARG A 133 32.84 -13.33 -57.59
N GLY A 134 31.74 -13.76 -57.00
CA GLY A 134 30.68 -12.81 -56.71
C GLY A 134 29.46 -13.49 -56.12
N TRP A 135 28.44 -12.65 -55.91
CA TRP A 135 27.17 -13.05 -55.33
C TRP A 135 26.03 -12.39 -56.10
N ILE A 136 24.86 -13.01 -56.01
CA ILE A 136 23.64 -12.47 -56.61
C ILE A 136 22.53 -12.56 -55.56
N PHE A 137 21.85 -11.46 -55.32
CA PHE A 137 20.77 -11.41 -54.34
C PHE A 137 19.49 -10.96 -55.02
N GLY A 138 18.39 -11.65 -54.72
CA GLY A 138 17.13 -11.29 -55.34
C GLY A 138 15.99 -12.11 -54.78
N THR A 139 14.84 -11.99 -55.44
CA THR A 139 13.67 -12.79 -55.10
C THR A 139 13.28 -13.75 -56.21
N THR A 140 12.99 -13.25 -57.41
CA THR A 140 12.58 -14.09 -58.52
C THR A 140 13.67 -14.29 -59.56
N LEU A 141 14.71 -13.47 -59.54
CA LEU A 141 15.90 -13.64 -60.38
C LEU A 141 15.54 -13.59 -61.86
N ASP A 142 14.79 -12.55 -62.21
CA ASP A 142 14.40 -12.30 -63.60
C ASP A 142 14.26 -10.80 -63.78
N SER A 143 13.64 -10.38 -64.88
CA SER A 143 13.48 -8.96 -65.16
C SER A 143 12.33 -8.33 -64.40
N LYS A 144 11.51 -9.12 -63.71
CA LYS A 144 10.31 -8.62 -63.04
C LYS A 144 10.54 -8.20 -61.60
N THR A 145 11.77 -8.35 -61.09
CA THR A 145 12.06 -7.97 -59.71
C THR A 145 13.49 -7.44 -59.64
N GLN A 146 13.70 -6.45 -58.77
CA GLN A 146 15.03 -5.89 -58.60
C GLN A 146 15.98 -6.91 -57.99
N SER A 147 17.25 -6.83 -58.38
CA SER A 147 18.25 -7.79 -57.96
C SER A 147 19.59 -7.10 -57.80
N LEU A 148 20.26 -7.35 -56.69
CA LEU A 148 21.61 -6.83 -56.48
C LEU A 148 22.64 -7.82 -56.99
N LEU A 149 23.70 -7.30 -57.60
CA LEU A 149 24.82 -8.12 -58.03
C LEU A 149 26.09 -7.61 -57.37
N ILE A 150 26.98 -8.52 -57.01
CA ILE A 150 28.33 -8.17 -56.56
C ILE A 150 29.29 -9.05 -57.35
N VAL A 151 30.28 -8.43 -58.00
CA VAL A 151 31.21 -9.16 -58.84
C VAL A 151 32.62 -8.61 -58.63
N ASN A 152 33.61 -9.49 -58.82
CA ASN A 152 35.02 -9.12 -58.83
C ASN A 152 35.66 -9.85 -60.00
N ASN A 153 35.83 -9.14 -61.12
CA ASN A 153 36.33 -9.74 -62.35
C ASN A 153 37.84 -9.56 -62.52
N ALA A 154 38.57 -9.56 -61.41
CA ALA A 154 40.02 -9.38 -61.33
C ALA A 154 40.46 -7.97 -61.71
N THR A 155 39.54 -7.08 -62.07
CA THR A 155 39.87 -5.70 -62.40
C THR A 155 38.94 -4.68 -61.77
N ASN A 156 37.76 -5.07 -61.29
CA ASN A 156 36.83 -4.11 -60.71
C ASN A 156 35.96 -4.81 -59.68
N VAL A 157 35.36 -4.01 -58.81
CA VAL A 157 34.60 -4.51 -57.67
C VAL A 157 33.17 -4.04 -57.87
N VAL A 158 32.74 -4.04 -59.14
CA VAL A 158 31.44 -3.53 -59.59
C VAL A 158 30.32 -3.94 -58.64
N ILE A 159 29.54 -2.96 -58.20
CA ILE A 159 28.39 -3.19 -57.32
C ILE A 159 27.21 -2.44 -57.92
N LYS A 160 26.16 -3.16 -58.29
CA LYS A 160 25.02 -2.52 -58.93
C LYS A 160 23.73 -3.26 -58.57
N VAL A 161 22.67 -2.50 -58.31
CA VAL A 161 21.34 -3.07 -58.21
C VAL A 161 20.56 -2.65 -59.46
N CYS A 162 20.16 -3.63 -60.26
CA CYS A 162 19.52 -3.36 -61.54
C CYS A 162 18.51 -4.46 -61.79
N GLU A 163 17.54 -4.18 -62.66
CA GLU A 163 16.60 -5.21 -63.08
C GLU A 163 17.25 -6.15 -64.09
N PHE A 164 18.25 -6.87 -63.59
CA PHE A 164 19.04 -7.77 -64.42
C PHE A 164 18.20 -8.96 -64.87
N GLN A 165 18.66 -9.62 -65.93
CA GLN A 165 18.04 -10.85 -66.43
C GLN A 165 19.12 -11.94 -66.45
N PHE A 166 19.05 -12.86 -65.50
CA PHE A 166 20.08 -13.88 -65.34
C PHE A 166 19.69 -15.19 -66.01
N CYS A 167 20.71 -15.93 -66.46
CA CYS A 167 20.51 -17.32 -66.85
C CYS A 167 20.54 -18.23 -65.63
N ASN A 168 20.34 -19.52 -65.88
CA ASN A 168 20.32 -20.48 -64.78
C ASN A 168 21.71 -20.73 -64.21
N ASP A 169 22.74 -20.81 -65.06
CA ASP A 169 24.08 -21.21 -64.62
C ASP A 169 25.11 -20.18 -65.09
N PRO A 170 25.28 -19.10 -64.34
CA PRO A 170 26.31 -18.10 -64.68
C PRO A 170 27.69 -18.49 -64.18
N PHE A 171 28.70 -18.19 -64.98
CA PHE A 171 30.08 -18.52 -64.63
C PHE A 171 31.04 -17.69 -65.48
N LEU A 172 32.33 -17.94 -65.27
CA LEU A 172 33.41 -17.29 -66.01
C LEU A 172 34.41 -18.34 -66.47
N GLY A 173 35.26 -17.94 -67.41
CA GLY A 173 36.24 -18.85 -67.97
C GLY A 173 37.52 -18.12 -68.33
N VAL A 174 38.63 -18.85 -68.29
CA VAL A 174 39.96 -18.27 -68.45
C VAL A 174 40.66 -18.84 -69.68
N TYR A 175 41.89 -18.40 -69.93
CA TYR A 175 42.67 -18.84 -71.08
C TYR A 175 43.18 -20.27 -70.89
N TYR A 176 43.87 -20.77 -71.91
CA TYR A 176 44.46 -22.11 -71.92
C TYR A 176 45.34 -22.22 -73.15
N HIS A 177 45.90 -23.41 -73.36
CA HIS A 177 46.66 -23.75 -74.56
C HIS A 177 47.86 -22.81 -74.75
N LYS A 178 48.81 -22.93 -73.81
CA LYS A 178 50.09 -22.23 -73.91
C LYS A 178 49.89 -20.74 -73.81
N ASN A 179 49.74 -20.07 -74.95
CA ASN A 179 49.62 -18.61 -75.02
C ASN A 179 50.89 -18.02 -74.42
N ASN A 180 50.79 -17.10 -73.46
CA ASN A 180 51.95 -16.44 -72.88
C ASN A 180 52.40 -17.11 -71.59
N LYS A 181 52.10 -18.40 -71.42
CA LYS A 181 52.32 -19.15 -70.19
C LYS A 181 51.54 -18.56 -69.02
N SER A 182 50.48 -17.82 -69.31
CA SER A 182 49.58 -17.27 -68.31
C SER A 182 48.16 -17.30 -68.84
N TRP A 183 47.20 -17.31 -67.93
CA TRP A 183 45.78 -17.36 -68.27
C TRP A 183 45.04 -16.26 -67.54
N MET A 184 44.05 -15.67 -68.22
CA MET A 184 43.24 -14.63 -67.63
C MET A 184 41.86 -14.67 -68.27
N GLU A 185 41.05 -13.64 -68.01
CA GLU A 185 39.62 -13.67 -68.34
C GLU A 185 39.39 -13.90 -69.82
N SER A 186 38.51 -14.85 -70.13
CA SER A 186 38.12 -15.10 -71.52
C SER A 186 36.63 -15.28 -71.74
N GLU A 187 35.85 -15.71 -70.74
CA GLU A 187 34.44 -16.01 -70.93
C GLU A 187 33.65 -15.49 -69.75
N PHE A 188 32.44 -15.00 -70.04
CA PHE A 188 31.62 -14.32 -69.05
C PHE A 188 30.17 -14.60 -69.40
N ARG A 189 29.51 -15.49 -68.65
CA ARG A 189 28.12 -15.89 -68.94
C ARG A 189 27.31 -15.66 -67.67
N VAL A 190 26.74 -14.47 -67.53
CA VAL A 190 26.02 -14.11 -66.30
C VAL A 190 24.59 -13.71 -66.62
N TYR A 191 24.42 -12.68 -67.44
CA TYR A 191 23.12 -12.06 -67.66
C TYR A 191 22.92 -11.78 -69.14
N SER A 192 21.64 -11.62 -69.52
CA SER A 192 21.28 -11.23 -70.87
C SER A 192 20.76 -9.80 -70.96
N SER A 193 20.17 -9.28 -69.89
CA SER A 193 19.57 -7.96 -69.92
C SER A 193 19.80 -7.27 -68.57
N ALA A 194 19.71 -5.93 -68.60
CA ALA A 194 19.87 -5.13 -67.39
C ALA A 194 19.27 -3.76 -67.65
N ASN A 195 18.32 -3.35 -66.81
CA ASN A 195 17.65 -2.06 -66.96
C ASN A 195 17.34 -1.49 -65.60
N ASN A 196 17.12 -0.16 -65.58
CA ASN A 196 16.71 0.56 -64.37
C ASN A 196 17.73 0.39 -63.24
N CYS A 197 18.92 0.94 -63.47
CA CYS A 197 20.01 0.85 -62.48
C CYS A 197 19.90 2.02 -61.52
N THR A 198 19.15 1.82 -60.43
CA THR A 198 18.96 2.88 -59.44
C THR A 198 20.25 3.19 -58.69
N PHE A 199 20.93 2.18 -58.19
CA PHE A 199 22.20 2.35 -57.50
C PHE A 199 23.29 1.60 -58.25
N GLU A 200 24.37 2.31 -58.57
CA GLU A 200 25.50 1.75 -59.29
C GLU A 200 26.77 2.36 -58.72
N TYR A 201 27.83 1.55 -58.66
CA TYR A 201 29.12 2.00 -58.18
C TYR A 201 30.20 1.09 -58.71
N VAL A 202 31.30 1.67 -59.17
CA VAL A 202 32.46 0.93 -59.62
C VAL A 202 33.66 1.38 -58.79
N SER A 203 34.34 0.42 -58.18
CA SER A 203 35.54 0.75 -57.43
C SER A 203 36.66 1.14 -58.38
N GLN A 204 37.78 1.55 -57.79
CA GLN A 204 38.91 2.00 -58.59
C GLN A 204 39.45 0.84 -59.43
N PRO A 205 39.72 1.04 -60.72
CA PRO A 205 40.25 -0.05 -61.54
C PRO A 205 41.61 -0.51 -61.04
N PHE A 206 41.87 -1.81 -61.22
CA PHE A 206 43.12 -2.41 -60.76
C PHE A 206 43.46 -3.57 -61.68
N LEU A 207 44.73 -3.99 -61.61
CA LEU A 207 45.21 -5.12 -62.38
C LEU A 207 45.81 -6.14 -61.43
N MET A 208 45.28 -7.36 -61.48
CA MET A 208 45.77 -8.47 -60.68
C MET A 208 45.88 -9.71 -61.55
N ASP A 209 46.73 -10.64 -61.12
CA ASP A 209 46.90 -11.91 -61.80
C ASP A 209 46.28 -13.01 -60.94
N LEU A 210 45.45 -13.86 -61.56
CA LEU A 210 44.70 -14.88 -60.86
C LEU A 210 44.96 -16.25 -61.47
N GLU A 211 46.23 -16.57 -61.68
CA GLU A 211 46.61 -17.88 -62.21
C GLU A 211 46.41 -18.95 -61.15
N GLY A 212 45.97 -20.12 -61.57
CA GLY A 212 45.67 -21.20 -60.66
C GLY A 212 46.91 -21.94 -60.17
N LYS A 213 46.69 -22.74 -59.13
CA LYS A 213 47.74 -23.56 -58.54
C LYS A 213 47.06 -24.65 -57.73
N GLN A 214 47.79 -25.73 -57.47
CA GLN A 214 47.27 -26.84 -56.68
C GLN A 214 47.60 -26.70 -55.20
N GLY A 215 48.89 -26.77 -54.85
CA GLY A 215 49.37 -26.50 -53.51
C GLY A 215 48.50 -26.97 -52.36
N ASN A 216 48.17 -26.03 -51.47
CA ASN A 216 47.25 -26.28 -50.36
C ASN A 216 46.48 -25.00 -50.10
N PHE A 217 45.42 -25.10 -49.30
CA PHE A 217 44.59 -23.95 -48.96
C PHE A 217 45.34 -23.06 -47.98
N LYS A 218 45.40 -21.76 -48.28
CA LYS A 218 46.08 -20.82 -47.42
C LYS A 218 45.33 -19.51 -47.22
N ASN A 219 44.19 -19.31 -47.87
CA ASN A 219 43.39 -18.11 -47.70
C ASN A 219 42.06 -18.47 -47.05
N LEU A 220 41.67 -17.69 -46.05
CA LEU A 220 40.36 -17.85 -45.40
C LEU A 220 39.64 -16.52 -45.49
N ARG A 221 38.53 -16.50 -46.24
CA ARG A 221 37.76 -15.28 -46.43
C ARG A 221 36.44 -15.44 -45.69
N GLU A 222 36.18 -14.53 -44.76
CA GLU A 222 34.97 -14.57 -43.95
C GLU A 222 34.12 -13.34 -44.25
N PHE A 223 32.85 -13.56 -44.56
CA PHE A 223 31.93 -12.49 -44.91
C PHE A 223 30.66 -12.65 -44.09
N VAL A 224 30.04 -11.52 -43.75
CA VAL A 224 28.76 -11.51 -43.08
C VAL A 224 27.87 -10.49 -43.77
N PHE A 225 26.71 -10.92 -44.25
CA PHE A 225 25.77 -10.06 -44.95
C PHE A 225 24.51 -9.90 -44.13
N LYS A 226 24.15 -8.63 -43.85
CA LYS A 226 22.92 -8.31 -43.14
C LYS A 226 22.15 -7.25 -43.92
N ASN A 227 20.83 -7.22 -43.72
CA ASN A 227 19.95 -6.25 -44.36
C ASN A 227 18.99 -5.70 -43.32
N ILE A 228 19.31 -4.53 -42.78
CA ILE A 228 18.55 -3.94 -41.67
C ILE A 228 18.22 -2.49 -42.01
N ASP A 229 16.95 -2.13 -41.89
CA ASP A 229 16.48 -0.75 -42.02
C ASP A 229 16.86 -0.15 -43.36
N GLY A 230 16.61 -0.89 -44.42
CA GLY A 230 16.95 -0.42 -45.75
C GLY A 230 18.43 -0.29 -46.01
N TYR A 231 19.27 -0.79 -45.11
CA TYR A 231 20.71 -0.70 -45.24
C TYR A 231 21.29 -2.10 -45.37
N PHE A 232 22.10 -2.30 -46.40
CA PHE A 232 22.78 -3.57 -46.64
C PHE A 232 24.19 -3.45 -46.09
N LYS A 233 24.49 -4.20 -45.04
CA LYS A 233 25.77 -4.10 -44.34
C LYS A 233 26.61 -5.34 -44.63
N ILE A 234 27.86 -5.10 -45.02
CA ILE A 234 28.79 -6.18 -45.35
C ILE A 234 29.97 -6.09 -44.40
N TYR A 235 30.25 -7.19 -43.71
CA TYR A 235 31.39 -7.29 -42.81
C TYR A 235 32.37 -8.31 -43.37
N SER A 236 33.67 -7.98 -43.34
CA SER A 236 34.66 -8.78 -44.03
C SER A 236 35.86 -9.05 -43.15
N LYS A 237 36.55 -10.14 -43.45
CA LYS A 237 37.81 -10.48 -42.79
C LYS A 237 38.60 -11.45 -43.65
N HIS A 238 39.90 -11.22 -43.74
CA HIS A 238 40.80 -12.08 -44.50
C HIS A 238 41.87 -12.64 -43.56
N THR A 239 42.20 -13.92 -43.73
CA THR A 239 43.13 -14.57 -42.82
C THR A 239 44.07 -15.53 -43.53
N PRO A 240 45.38 -15.45 -43.27
CA PRO A 240 46.28 -16.50 -43.74
C PRO A 240 46.17 -17.72 -42.85
N ILE A 241 46.01 -18.89 -43.48
CA ILE A 241 45.78 -20.15 -42.79
C ILE A 241 46.70 -21.21 -43.37
N ASN A 242 46.78 -22.35 -42.67
CA ASN A 242 47.59 -23.48 -43.11
C ASN A 242 46.88 -24.76 -42.67
N LEU A 243 46.09 -25.32 -43.58
CA LEU A 243 45.31 -26.52 -43.31
C LEU A 243 44.79 -27.05 -44.63
N VAL A 244 44.01 -28.14 -44.57
CA VAL A 244 43.45 -28.76 -45.75
C VAL A 244 41.93 -28.65 -45.80
N ARG A 245 41.27 -28.73 -44.65
CA ARG A 245 39.81 -28.63 -44.59
C ARG A 245 39.40 -28.30 -43.17
N ASP A 246 38.13 -27.92 -43.02
CA ASP A 246 37.49 -27.65 -41.73
C ASP A 246 38.00 -26.37 -41.09
N LEU A 247 37.10 -25.63 -40.42
CA LEU A 247 37.47 -24.36 -39.83
C LEU A 247 38.44 -24.58 -38.67
N PRO A 248 39.49 -23.78 -38.56
CA PRO A 248 40.29 -23.79 -37.33
C PRO A 248 39.48 -23.25 -36.17
N GLN A 249 39.79 -23.74 -34.98
CA GLN A 249 39.01 -23.42 -33.79
C GLN A 249 39.42 -22.08 -33.16
N GLY A 250 40.13 -21.24 -33.90
CA GLY A 250 40.54 -19.95 -33.37
C GLY A 250 39.39 -18.97 -33.31
N PHE A 251 39.73 -17.74 -32.94
CA PHE A 251 38.75 -16.67 -32.79
C PHE A 251 39.07 -15.54 -33.76
N SER A 252 38.02 -14.98 -34.36
CA SER A 252 38.14 -13.95 -35.36
C SER A 252 37.26 -12.76 -35.00
N ALA A 253 37.75 -11.57 -35.31
CA ALA A 253 36.99 -10.33 -35.13
C ALA A 253 36.71 -9.74 -36.51
N LEU A 254 35.43 -9.40 -36.76
CA LEU A 254 35.00 -8.94 -38.07
C LEU A 254 34.89 -7.42 -38.06
N GLU A 255 35.62 -6.78 -38.97
CA GLU A 255 35.61 -5.32 -39.10
C GLU A 255 34.58 -4.91 -40.14
N PRO A 256 33.63 -4.02 -39.82
CA PRO A 256 32.65 -3.61 -40.82
C PRO A 256 33.33 -2.95 -42.00
N LEU A 257 32.90 -3.32 -43.21
CA LEU A 257 33.52 -2.80 -44.43
C LEU A 257 32.69 -1.70 -45.08
N VAL A 258 31.46 -2.01 -45.49
CA VAL A 258 30.69 -1.10 -46.32
C VAL A 258 29.21 -1.23 -45.98
N ASP A 259 28.50 -0.10 -46.02
CA ASP A 259 27.06 -0.04 -45.91
C ASP A 259 26.49 0.53 -47.21
N LEU A 260 25.34 -0.01 -47.64
CA LEU A 260 24.74 0.36 -48.91
C LEU A 260 23.27 0.75 -48.72
N PRO A 261 22.85 1.92 -49.20
CA PRO A 261 21.43 2.36 -49.11
C PRO A 261 20.54 1.97 -50.29
N ILE A 262 20.05 0.73 -50.31
CA ILE A 262 19.12 0.32 -51.36
C ILE A 262 17.71 0.16 -50.81
N GLY A 263 17.52 -0.80 -49.90
CA GLY A 263 16.22 -1.03 -49.31
C GLY A 263 15.34 -2.06 -49.99
N ILE A 264 15.82 -2.71 -51.05
CA ILE A 264 15.07 -3.81 -51.65
C ILE A 264 15.07 -5.00 -50.70
N ASN A 265 13.99 -5.78 -50.71
CA ASN A 265 13.94 -6.94 -49.82
C ASN A 265 14.79 -8.05 -50.44
N ILE A 266 15.35 -8.91 -49.60
CA ILE A 266 16.12 -10.06 -50.05
C ILE A 266 15.59 -11.31 -49.36
N THR A 267 15.37 -12.37 -50.14
CA THR A 267 14.94 -13.65 -49.58
C THR A 267 15.71 -14.84 -50.11
N ARG A 268 16.35 -14.77 -51.27
CA ARG A 268 17.11 -15.86 -51.82
C ARG A 268 18.40 -15.31 -52.42
N PHE A 269 19.42 -16.16 -52.51
CA PHE A 269 20.69 -15.73 -53.10
C PHE A 269 21.46 -16.94 -53.61
N GLN A 270 22.49 -16.66 -54.40
CA GLN A 270 23.34 -17.66 -55.00
C GLN A 270 24.77 -17.13 -55.06
N THR A 271 25.73 -18.05 -55.05
CA THR A 271 27.13 -17.70 -55.19
C THR A 271 27.57 -17.86 -56.65
N LEU A 272 28.72 -17.28 -56.96
CA LEU A 272 29.30 -17.32 -58.30
C LEU A 272 30.70 -17.90 -58.22
N LEU A 273 30.94 -18.95 -58.99
CA LEU A 273 32.26 -19.57 -59.07
C LEU A 273 32.70 -19.63 -60.52
N ALA A 274 33.99 -19.35 -60.74
CA ALA A 274 34.58 -19.31 -62.07
C ALA A 274 35.45 -20.54 -62.28
N LEU A 275 35.26 -21.22 -63.40
CA LEU A 275 35.95 -22.47 -63.68
C LEU A 275 37.29 -22.20 -64.36
N HIS A 276 37.96 -23.29 -64.71
CA HIS A 276 39.21 -23.25 -65.47
C HIS A 276 38.99 -23.88 -66.85
N ARG A 277 39.50 -23.22 -67.88
CA ARG A 277 39.46 -23.75 -69.24
C ARG A 277 40.80 -24.40 -69.55
N SER A 278 40.75 -25.59 -70.13
CA SER A 278 41.95 -26.33 -70.47
C SER A 278 41.74 -27.06 -71.79
N TYR A 279 42.85 -27.35 -72.47
CA TYR A 279 42.83 -28.09 -73.73
C TYR A 279 42.79 -29.59 -73.51
N LEU A 280 42.85 -30.05 -72.26
CA LEU A 280 42.80 -31.47 -71.93
C LEU A 280 41.36 -31.97 -71.77
N THR A 281 40.38 -31.15 -72.14
CA THR A 281 38.97 -31.52 -72.05
C THR A 281 38.43 -31.77 -73.45
N PRO A 282 37.85 -32.94 -73.72
CA PRO A 282 37.32 -33.22 -75.06
C PRO A 282 36.03 -32.50 -75.38
N GLY A 283 35.48 -31.72 -74.45
CA GLY A 283 34.28 -30.98 -74.72
C GLY A 283 34.51 -29.88 -75.73
N ASP A 284 33.40 -29.40 -76.32
CA ASP A 284 33.44 -28.37 -77.34
C ASP A 284 32.89 -27.04 -76.84
N SER A 285 31.66 -27.04 -76.32
CA SER A 285 31.08 -25.81 -75.79
C SER A 285 30.28 -26.03 -74.52
N SER A 286 30.18 -27.26 -74.01
CA SER A 286 29.39 -27.54 -72.82
C SER A 286 30.13 -28.36 -71.77
N SER A 287 31.15 -29.13 -72.15
CA SER A 287 31.91 -29.89 -71.17
C SER A 287 33.41 -29.68 -71.30
N GLY A 288 33.85 -28.63 -72.00
CA GLY A 288 35.26 -28.35 -72.14
C GLY A 288 35.79 -27.47 -71.03
N TRP A 289 35.72 -27.96 -69.79
CA TRP A 289 36.11 -27.19 -68.62
C TRP A 289 36.59 -28.12 -67.52
N THR A 290 37.37 -27.57 -66.61
CA THR A 290 37.80 -28.25 -65.40
C THR A 290 37.62 -27.33 -64.21
N ALA A 291 37.39 -27.93 -63.05
CA ALA A 291 37.17 -27.18 -61.81
C ALA A 291 38.33 -27.40 -60.86
N GLY A 292 38.83 -26.31 -60.30
CA GLY A 292 39.88 -26.38 -59.30
C GLY A 292 39.32 -26.75 -57.94
N ALA A 293 40.19 -26.65 -56.93
CA ALA A 293 39.81 -26.95 -55.56
C ALA A 293 39.29 -25.68 -54.90
N ALA A 294 38.05 -25.71 -54.43
CA ALA A 294 37.46 -24.59 -53.73
C ALA A 294 36.29 -25.09 -52.90
N ALA A 295 36.10 -24.46 -51.74
CA ALA A 295 35.04 -24.86 -50.84
C ALA A 295 34.56 -23.66 -50.04
N TYR A 296 33.26 -23.68 -49.74
CA TYR A 296 32.67 -22.60 -48.95
C TYR A 296 31.65 -23.16 -47.97
N TYR A 297 31.58 -22.52 -46.82
CA TYR A 297 30.70 -22.89 -45.73
C TYR A 297 29.63 -21.81 -45.58
N VAL A 298 28.40 -22.23 -45.34
CA VAL A 298 27.28 -21.32 -45.21
C VAL A 298 26.58 -21.55 -43.88
N GLY A 299 26.28 -20.45 -43.18
CA GLY A 299 25.50 -20.52 -41.96
C GLY A 299 24.56 -19.34 -41.86
N TYR A 300 23.60 -19.44 -40.95
CA TYR A 300 22.54 -18.45 -40.83
C TYR A 300 22.48 -17.91 -39.41
N LEU A 301 21.98 -16.68 -39.26
CA LEU A 301 21.98 -15.97 -38.00
C LEU A 301 20.66 -16.13 -37.27
N GLN A 302 20.64 -15.66 -36.02
CA GLN A 302 19.44 -15.62 -35.19
C GLN A 302 19.73 -14.73 -33.99
N PRO A 303 18.72 -14.05 -33.45
CA PRO A 303 18.99 -13.08 -32.38
C PRO A 303 19.42 -13.76 -31.08
N ARG A 304 20.51 -13.26 -30.50
CA ARG A 304 21.06 -13.78 -29.25
C ARG A 304 21.63 -12.63 -28.45
N THR A 305 21.91 -12.91 -27.18
CA THR A 305 22.58 -11.99 -26.27
C THR A 305 24.00 -12.48 -26.05
N PHE A 306 24.98 -11.62 -26.32
CA PHE A 306 26.38 -11.97 -26.12
C PHE A 306 27.04 -11.04 -25.12
N LEU A 307 28.15 -11.54 -24.59
CA LEU A 307 29.08 -10.76 -23.77
C LEU A 307 30.42 -10.70 -24.49
N LEU A 308 30.98 -9.49 -24.57
CA LEU A 308 32.20 -9.24 -25.32
C LEU A 308 33.26 -8.66 -24.40
N LYS A 309 34.50 -9.13 -24.57
CA LYS A 309 35.64 -8.67 -23.77
C LYS A 309 36.62 -7.95 -24.70
N TYR A 310 36.82 -6.66 -24.47
CA TYR A 310 37.82 -5.91 -25.19
C TYR A 310 39.17 -5.99 -24.48
N ASN A 311 40.15 -5.27 -25.02
CA ASN A 311 41.46 -5.14 -24.42
C ASN A 311 41.87 -3.67 -24.44
N GLU A 312 43.13 -3.41 -24.04
CA GLU A 312 43.60 -2.03 -24.00
C GLU A 312 43.67 -1.41 -25.38
N ASN A 313 43.98 -2.20 -26.40
CA ASN A 313 44.00 -1.70 -27.77
C ASN A 313 42.61 -1.60 -28.38
N GLY A 314 41.58 -2.07 -27.68
CA GLY A 314 40.22 -1.96 -28.17
C GLY A 314 39.77 -3.04 -29.12
N THR A 315 40.45 -4.17 -29.17
CA THR A 315 40.09 -5.26 -30.06
C THR A 315 39.32 -6.33 -29.31
N ILE A 316 38.31 -6.89 -29.96
CA ILE A 316 37.56 -8.00 -29.38
C ILE A 316 38.48 -9.22 -29.27
N THR A 317 38.55 -9.79 -28.08
CA THR A 317 39.37 -10.97 -27.85
C THR A 317 38.60 -12.19 -27.38
N ASP A 318 37.40 -12.02 -26.83
CA ASP A 318 36.64 -13.18 -26.38
C ASP A 318 35.17 -12.83 -26.29
N ALA A 319 34.33 -13.83 -26.52
CA ALA A 319 32.88 -13.68 -26.49
C ALA A 319 32.27 -14.84 -25.73
N VAL A 320 31.11 -14.59 -25.14
CA VAL A 320 30.37 -15.59 -24.38
C VAL A 320 28.90 -15.52 -24.75
N ASP A 321 28.31 -16.68 -25.04
CA ASP A 321 26.89 -16.78 -25.30
C ASP A 321 26.10 -16.73 -24.00
N CYS A 322 24.82 -16.39 -24.11
CA CYS A 322 23.92 -16.33 -22.97
C CYS A 322 22.82 -17.37 -23.02
N ALA A 323 22.91 -18.34 -23.93
CA ALA A 323 21.92 -19.41 -24.01
C ALA A 323 22.52 -20.78 -24.30
N LEU A 324 23.84 -20.90 -24.31
CA LEU A 324 24.46 -22.17 -24.70
C LEU A 324 24.21 -23.25 -23.66
N ASP A 325 24.44 -22.94 -22.38
CA ASP A 325 24.33 -23.91 -21.29
C ASP A 325 24.31 -23.17 -19.97
N PRO A 326 23.99 -23.83 -18.85
CA PRO A 326 23.90 -23.10 -17.57
C PRO A 326 25.16 -22.34 -17.19
N LEU A 327 26.34 -22.83 -17.55
CA LEU A 327 27.57 -22.06 -17.31
C LEU A 327 27.51 -20.73 -18.03
N SER A 328 27.03 -20.73 -19.27
CA SER A 328 26.91 -19.49 -20.02
C SER A 328 25.93 -18.54 -19.35
N GLU A 329 24.81 -19.06 -18.85
CA GLU A 329 23.86 -18.20 -18.15
C GLU A 329 24.48 -17.59 -16.90
N THR A 330 25.22 -18.40 -16.13
CA THR A 330 25.84 -17.88 -14.92
C THR A 330 26.87 -16.81 -15.24
N LYS A 331 27.70 -17.04 -16.26
CA LYS A 331 28.68 -16.04 -16.64
C LYS A 331 28.01 -14.76 -17.12
N CYS A 332 26.93 -14.88 -17.89
CA CYS A 332 26.22 -13.69 -18.35
C CYS A 332 25.63 -12.92 -17.17
N THR A 333 25.04 -13.63 -16.21
CA THR A 333 24.44 -12.95 -15.06
C THR A 333 25.50 -12.26 -14.20
N LEU A 334 26.63 -12.93 -13.96
CA LEU A 334 27.66 -12.36 -13.11
C LEU A 334 28.64 -11.44 -13.86
N LYS A 335 28.61 -11.45 -15.19
CA LYS A 335 29.45 -10.57 -16.01
C LYS A 335 30.93 -10.80 -15.71
N SER A 336 31.36 -12.05 -15.84
CA SER A 336 32.76 -12.40 -15.68
C SER A 336 33.03 -13.73 -16.37
N PHE A 337 34.30 -13.94 -16.69
CA PHE A 337 34.74 -15.18 -17.33
C PHE A 337 35.25 -16.21 -16.35
N THR A 338 35.31 -15.87 -15.05
CA THR A 338 35.70 -16.82 -14.02
C THR A 338 34.67 -16.77 -12.90
N VAL A 339 34.36 -17.93 -12.35
CA VAL A 339 33.35 -18.06 -11.31
C VAL A 339 33.84 -19.03 -10.25
N GLU A 340 33.63 -18.68 -8.98
CA GLU A 340 34.00 -19.53 -7.87
C GLU A 340 32.90 -20.54 -7.57
N LYS A 341 33.26 -21.55 -6.78
CA LYS A 341 32.30 -22.59 -6.43
C LYS A 341 31.16 -22.01 -5.59
N GLY A 342 30.00 -22.62 -5.71
CA GLY A 342 28.86 -22.22 -4.92
C GLY A 342 27.57 -22.48 -5.67
N ILE A 343 26.54 -21.73 -5.25
CA ILE A 343 25.20 -21.82 -5.82
C ILE A 343 24.80 -20.44 -6.30
N TYR A 344 24.25 -20.35 -7.50
CA TYR A 344 23.87 -19.07 -8.08
C TYR A 344 22.48 -19.14 -8.66
N GLN A 345 21.59 -18.25 -8.19
CA GLN A 345 20.25 -18.13 -8.74
C GLN A 345 20.34 -17.33 -10.05
N THR A 346 19.91 -17.95 -11.16
CA THR A 346 20.07 -17.30 -12.46
C THR A 346 18.76 -16.70 -12.97
N SER A 347 17.73 -17.51 -13.13
CA SER A 347 16.51 -17.05 -13.78
C SER A 347 15.32 -17.79 -13.20
N ASN A 348 14.19 -17.71 -13.90
CA ASN A 348 12.97 -18.40 -13.52
C ASN A 348 12.32 -18.96 -14.79
N PHE A 349 11.31 -19.79 -14.60
CA PHE A 349 10.61 -20.37 -15.73
C PHE A 349 9.15 -20.58 -15.36
N ARG A 350 8.32 -20.70 -16.40
CA ARG A 350 6.92 -21.02 -16.20
C ARG A 350 6.45 -21.81 -17.42
N VAL A 351 5.46 -22.68 -17.20
CA VAL A 351 4.95 -23.53 -18.26
C VAL A 351 3.96 -22.70 -19.08
N GLN A 352 4.23 -22.61 -20.39
CA GLN A 352 3.42 -21.75 -21.24
C GLN A 352 2.04 -22.34 -21.47
N PRO A 353 1.00 -21.51 -21.57
CA PRO A 353 -0.32 -22.04 -21.93
C PRO A 353 -0.34 -22.52 -23.37
N THR A 354 -1.23 -23.47 -23.64
CA THR A 354 -1.31 -24.09 -24.96
C THR A 354 -2.70 -24.01 -25.59
N GLU A 355 -3.70 -23.43 -24.92
CA GLU A 355 -5.05 -23.43 -25.45
C GLU A 355 -5.84 -22.29 -24.82
N SER A 356 -6.96 -21.97 -25.46
CA SER A 356 -7.87 -20.94 -25.00
C SER A 356 -9.30 -21.45 -25.05
N ILE A 357 -10.06 -21.19 -23.99
CA ILE A 357 -11.46 -21.62 -23.90
C ILE A 357 -12.31 -20.43 -23.45
N VAL A 358 -13.47 -20.28 -24.09
CA VAL A 358 -14.42 -19.22 -23.78
C VAL A 358 -15.78 -19.88 -23.54
N ARG A 359 -16.46 -19.48 -22.47
CA ARG A 359 -17.70 -20.11 -22.06
C ARG A 359 -18.82 -19.10 -21.91
N PHE A 360 -20.02 -19.49 -22.31
CA PHE A 360 -21.24 -18.74 -22.13
C PHE A 360 -22.37 -19.72 -21.90
N PRO A 361 -23.45 -19.30 -21.26
CA PRO A 361 -24.63 -20.17 -21.13
C PRO A 361 -25.26 -20.45 -22.49
N ASN A 362 -25.84 -21.65 -22.63
CA ASN A 362 -26.44 -22.01 -23.91
C ASN A 362 -27.63 -21.13 -24.24
N ILE A 363 -28.43 -20.77 -23.22
CA ILE A 363 -29.63 -19.97 -23.47
C ILE A 363 -29.23 -18.65 -24.10
N THR A 364 -29.83 -18.34 -25.25
CA THR A 364 -29.53 -17.12 -25.98
C THR A 364 -30.68 -16.13 -25.99
N ASN A 365 -31.93 -16.60 -25.97
CA ASN A 365 -33.11 -15.74 -25.99
C ASN A 365 -33.09 -14.81 -27.20
N LEU A 366 -33.06 -15.43 -28.38
CA LEU A 366 -33.01 -14.68 -29.63
C LEU A 366 -34.45 -14.32 -30.00
N CYS A 367 -34.93 -13.24 -29.42
CA CYS A 367 -36.25 -12.73 -29.79
C CYS A 367 -36.23 -12.15 -31.21
N PRO A 368 -37.35 -12.26 -31.92
CA PRO A 368 -37.29 -12.33 -33.39
C PRO A 368 -36.78 -11.06 -34.06
N PHE A 369 -36.19 -11.25 -35.25
CA PHE A 369 -35.89 -10.17 -36.19
C PHE A 369 -36.63 -10.31 -37.52
N GLY A 370 -36.85 -11.54 -37.99
CA GLY A 370 -37.32 -11.73 -39.36
C GLY A 370 -38.73 -11.28 -39.62
N GLU A 371 -39.53 -11.04 -38.57
CA GLU A 371 -40.92 -10.66 -38.76
C GLU A 371 -41.06 -9.34 -39.52
N VAL A 372 -40.03 -8.51 -39.54
CA VAL A 372 -40.06 -7.26 -40.30
C VAL A 372 -39.50 -7.40 -41.71
N PHE A 373 -38.92 -8.55 -42.05
CA PHE A 373 -38.39 -8.77 -43.38
C PHE A 373 -39.26 -9.69 -44.23
N ASN A 374 -39.96 -10.64 -43.63
CA ASN A 374 -40.94 -11.44 -44.36
C ASN A 374 -42.32 -11.16 -43.79
N ALA A 375 -43.24 -10.77 -44.66
CA ALA A 375 -44.58 -10.40 -44.23
C ALA A 375 -45.49 -10.35 -45.45
N THR A 376 -46.78 -10.60 -45.23
CA THR A 376 -47.74 -10.55 -46.32
C THR A 376 -48.08 -9.13 -46.73
N ARG A 377 -47.76 -8.14 -45.92
CA ARG A 377 -48.06 -6.74 -46.21
C ARG A 377 -46.85 -5.88 -45.86
N PHE A 378 -46.69 -4.78 -46.59
CA PHE A 378 -45.63 -3.82 -46.34
C PHE A 378 -46.22 -2.43 -46.18
N ALA A 379 -45.53 -1.60 -45.39
CA ALA A 379 -46.02 -0.27 -45.07
C ALA A 379 -45.95 0.66 -46.28
N SER A 380 -46.72 1.74 -46.20
CA SER A 380 -46.73 2.73 -47.27
C SER A 380 -45.44 3.54 -47.27
N VAL A 381 -45.06 4.01 -48.46
CA VAL A 381 -43.84 4.80 -48.59
C VAL A 381 -43.96 6.11 -47.84
N TYR A 382 -45.09 6.80 -47.99
CA TYR A 382 -45.31 8.05 -47.28
C TYR A 382 -45.47 7.86 -45.78
N ALA A 383 -45.80 6.65 -45.34
CA ALA A 383 -46.05 6.35 -43.93
C ALA A 383 -45.31 5.08 -43.52
N TRP A 384 -44.02 5.02 -43.86
CA TRP A 384 -43.19 3.88 -43.49
C TRP A 384 -43.21 3.67 -41.98
N ASN A 385 -43.41 2.43 -41.57
CA ASN A 385 -43.54 2.10 -40.17
C ASN A 385 -42.18 2.06 -39.48
N ARG A 386 -42.16 2.45 -38.22
CA ARG A 386 -40.97 2.42 -37.39
C ARG A 386 -41.22 1.53 -36.18
N LYS A 387 -40.30 0.59 -35.93
CA LYS A 387 -40.46 -0.36 -34.84
C LYS A 387 -39.20 -0.40 -34.00
N ARG A 388 -39.38 -0.41 -32.68
CA ARG A 388 -38.28 -0.51 -31.74
C ARG A 388 -38.17 -1.94 -31.22
N ILE A 389 -36.95 -2.45 -31.16
CA ILE A 389 -36.67 -3.80 -30.70
C ILE A 389 -35.62 -3.71 -29.60
N SER A 390 -35.90 -4.34 -28.46
CA SER A 390 -35.02 -4.29 -27.31
C SER A 390 -34.90 -5.69 -26.70
N ASN A 391 -33.77 -5.91 -26.04
CA ASN A 391 -33.50 -7.17 -25.33
C ASN A 391 -33.50 -8.37 -26.27
N CYS A 392 -33.24 -8.12 -27.55
CA CYS A 392 -33.02 -9.17 -28.53
C CYS A 392 -31.52 -9.35 -28.73
N VAL A 393 -31.10 -10.61 -28.84
CA VAL A 393 -29.72 -10.94 -29.15
C VAL A 393 -29.53 -10.83 -30.66
N ALA A 394 -28.60 -9.99 -31.08
CA ALA A 394 -28.39 -9.76 -32.50
C ALA A 394 -27.91 -11.02 -33.19
N ASP A 395 -28.42 -11.26 -34.40
CA ASP A 395 -28.01 -12.40 -35.20
C ASP A 395 -27.71 -11.97 -36.63
N TYR A 396 -27.09 -10.80 -36.79
CA TYR A 396 -26.87 -10.22 -38.11
C TYR A 396 -25.78 -10.93 -38.90
N SER A 397 -24.97 -11.77 -38.25
CA SER A 397 -23.87 -12.42 -38.95
C SER A 397 -24.37 -13.31 -40.07
N VAL A 398 -25.44 -14.07 -39.82
CA VAL A 398 -25.97 -14.95 -40.84
C VAL A 398 -26.94 -14.23 -41.77
N LEU A 399 -27.63 -13.20 -41.28
CA LEU A 399 -28.57 -12.46 -42.12
C LEU A 399 -27.84 -11.55 -43.11
N TYR A 400 -26.58 -11.21 -42.84
CA TYR A 400 -25.84 -10.33 -43.74
C TYR A 400 -25.22 -11.10 -44.89
N ASN A 401 -24.41 -12.11 -44.58
CA ASN A 401 -23.61 -12.78 -45.60
C ASN A 401 -24.43 -13.68 -46.50
N SER A 402 -25.32 -14.50 -45.94
CA SER A 402 -26.10 -15.46 -46.72
C SER A 402 -27.58 -15.24 -46.41
N ALA A 403 -28.18 -14.27 -47.11
CA ALA A 403 -29.63 -14.13 -47.07
C ALA A 403 -30.20 -13.71 -48.41
N SER A 404 -29.41 -13.69 -49.49
CA SER A 404 -29.88 -13.29 -50.82
C SER A 404 -30.40 -11.86 -50.82
N PHE A 405 -29.58 -10.92 -50.35
CA PHE A 405 -29.90 -9.50 -50.37
C PHE A 405 -29.14 -8.86 -51.51
N SER A 406 -29.88 -8.37 -52.51
CA SER A 406 -29.25 -7.74 -53.66
C SER A 406 -28.49 -6.48 -53.27
N THR A 407 -29.08 -5.67 -52.39
CA THR A 407 -28.51 -4.38 -52.00
C THR A 407 -28.40 -4.32 -50.48
N PHE A 408 -27.18 -4.09 -49.99
CA PHE A 408 -26.94 -3.93 -48.57
C PHE A 408 -25.70 -3.08 -48.40
N LYS A 409 -25.80 -2.04 -47.56
CA LYS A 409 -24.65 -1.17 -47.38
C LYS A 409 -24.71 -0.48 -46.03
N CYS A 410 -23.61 -0.54 -45.28
CA CYS A 410 -23.51 0.06 -43.96
C CYS A 410 -22.58 1.27 -44.00
N TYR A 411 -23.00 2.34 -43.35
CA TYR A 411 -22.21 3.55 -43.22
C TYR A 411 -21.86 3.78 -41.76
N GLY A 412 -20.60 4.06 -41.50
CA GLY A 412 -20.13 4.30 -40.14
C GLY A 412 -19.80 3.07 -39.34
N VAL A 413 -19.82 1.88 -39.95
CA VAL A 413 -19.53 0.65 -39.23
C VAL A 413 -19.18 -0.42 -40.25
N SER A 414 -18.33 -1.37 -39.84
CA SER A 414 -17.98 -2.53 -40.64
C SER A 414 -18.94 -3.67 -40.34
N PRO A 415 -19.59 -4.26 -41.36
CA PRO A 415 -20.55 -5.34 -41.08
C PRO A 415 -19.93 -6.53 -40.36
N THR A 416 -18.68 -6.89 -40.68
CA THR A 416 -18.08 -8.07 -40.08
C THR A 416 -17.89 -7.94 -38.58
N LYS A 417 -17.92 -6.71 -38.05
CA LYS A 417 -17.83 -6.48 -36.61
C LYS A 417 -19.14 -6.04 -36.01
N LEU A 418 -20.23 -6.04 -36.78
CA LEU A 418 -21.52 -5.63 -36.25
C LEU A 418 -21.97 -6.52 -35.10
N ASN A 419 -21.52 -7.77 -35.09
CA ASN A 419 -21.87 -8.69 -34.01
C ASN A 419 -20.98 -8.52 -32.78
N ASP A 420 -19.97 -7.67 -32.83
CA ASP A 420 -18.98 -7.55 -31.77
C ASP A 420 -19.27 -6.44 -30.77
N LEU A 421 -20.30 -5.63 -30.99
CA LEU A 421 -20.61 -4.52 -30.11
C LEU A 421 -22.11 -4.44 -29.89
N CYS A 422 -22.51 -3.86 -28.77
CA CYS A 422 -23.89 -3.88 -28.31
C CYS A 422 -24.51 -2.49 -28.34
N PHE A 423 -25.78 -2.44 -28.74
CA PHE A 423 -26.55 -1.20 -28.71
C PHE A 423 -27.82 -1.39 -27.88
N THR A 424 -28.68 -0.39 -27.86
CA THR A 424 -29.97 -0.46 -27.18
C THR A 424 -31.07 0.01 -28.12
N ASN A 425 -32.21 -0.68 -28.09
CA ASN A 425 -33.43 -0.25 -28.76
C ASN A 425 -33.19 0.02 -30.25
N VAL A 426 -32.85 -1.05 -30.96
CA VAL A 426 -32.62 -0.95 -32.41
C VAL A 426 -33.92 -0.63 -33.11
N TYR A 427 -33.85 0.30 -34.07
CA TYR A 427 -35.03 0.73 -34.82
C TYR A 427 -35.00 0.15 -36.22
N ALA A 428 -36.16 -0.27 -36.69
CA ALA A 428 -36.28 -0.89 -38.01
C ALA A 428 -37.49 -0.33 -38.74
N ASP A 429 -37.41 -0.35 -40.07
CA ASP A 429 -38.48 0.09 -40.94
C ASP A 429 -38.73 -0.96 -42.01
N SER A 430 -39.75 -0.74 -42.84
CA SER A 430 -40.11 -1.69 -43.88
C SER A 430 -41.04 -1.03 -44.87
N PHE A 431 -40.69 -1.09 -46.16
CA PHE A 431 -41.61 -0.66 -47.21
C PHE A 431 -41.16 -1.26 -48.54
N VAL A 432 -41.86 -0.87 -49.61
CA VAL A 432 -41.54 -1.31 -50.96
C VAL A 432 -41.51 -0.09 -51.86
N ILE A 433 -40.55 -0.06 -52.79
CA ILE A 433 -40.43 1.02 -53.75
C ILE A 433 -40.15 0.43 -55.13
N ARG A 434 -39.90 1.31 -56.09
CA ARG A 434 -39.60 0.89 -57.45
C ARG A 434 -38.10 0.65 -57.61
N GLY A 435 -37.74 0.05 -58.75
CA GLY A 435 -36.34 -0.25 -59.00
C GLY A 435 -35.48 0.98 -59.16
N ASP A 436 -36.04 2.04 -59.76
CA ASP A 436 -35.27 3.26 -60.00
C ASP A 436 -35.11 4.12 -58.75
N GLU A 437 -35.90 3.88 -57.71
CA GLU A 437 -35.86 4.72 -56.53
C GLU A 437 -34.85 4.25 -55.48
N VAL A 438 -34.25 3.07 -55.66
CA VAL A 438 -33.30 2.57 -54.67
C VAL A 438 -31.98 3.35 -54.73
N ARG A 439 -31.56 3.76 -55.92
CA ARG A 439 -30.28 4.44 -56.07
C ARG A 439 -30.30 5.82 -55.43
N GLN A 440 -31.46 6.48 -55.41
CA GLN A 440 -31.59 7.83 -54.89
C GLN A 440 -31.84 7.87 -53.40
N ILE A 441 -31.57 6.77 -52.68
CA ILE A 441 -31.74 6.69 -51.24
C ILE A 441 -30.36 6.80 -50.61
N ALA A 442 -30.14 7.88 -49.86
CA ALA A 442 -28.85 8.13 -49.23
C ALA A 442 -29.05 9.14 -48.11
N PRO A 443 -28.14 9.21 -47.15
CA PRO A 443 -28.26 10.22 -46.09
C PRO A 443 -28.13 11.63 -46.65
N GLY A 444 -29.17 12.43 -46.46
CA GLY A 444 -29.18 13.79 -46.98
C GLY A 444 -29.15 13.87 -48.50
N GLN A 445 -29.92 13.00 -49.15
CA GLN A 445 -29.94 12.92 -50.62
C GLN A 445 -31.20 13.58 -51.14
N THR A 446 -31.05 14.41 -52.16
CA THR A 446 -32.18 15.11 -52.77
C THR A 446 -32.68 14.34 -53.99
N GLY A 447 -33.97 14.52 -54.28
CA GLY A 447 -34.59 13.88 -55.42
C GLY A 447 -35.98 14.44 -55.69
N LYS A 448 -36.92 13.56 -56.02
CA LYS A 448 -38.30 13.99 -56.19
C LYS A 448 -38.90 14.40 -54.85
N ILE A 449 -40.03 15.11 -54.92
CA ILE A 449 -40.76 15.44 -53.71
C ILE A 449 -41.24 14.19 -52.99
N ALA A 450 -41.44 13.09 -53.73
CA ALA A 450 -41.67 11.80 -53.09
C ALA A 450 -40.45 11.37 -52.28
N ASP A 451 -39.25 11.58 -52.83
CA ASP A 451 -38.03 11.29 -52.10
C ASP A 451 -37.85 12.21 -50.90
N TYR A 452 -38.46 13.40 -50.94
CA TYR A 452 -38.40 14.31 -49.80
C TYR A 452 -39.26 13.85 -48.63
N ASN A 453 -40.11 12.84 -48.83
CA ASN A 453 -40.90 12.26 -47.76
C ASN A 453 -40.08 11.37 -46.84
N TYR A 454 -38.82 11.12 -47.16
CA TYR A 454 -37.93 10.33 -46.31
C TYR A 454 -36.54 10.94 -46.34
N LYS A 455 -35.96 11.16 -45.16
CA LYS A 455 -34.64 11.75 -45.05
C LYS A 455 -33.84 10.98 -44.01
N LEU A 456 -32.52 11.19 -44.03
CA LEU A 456 -31.61 10.59 -43.09
C LEU A 456 -30.65 11.65 -42.58
N PRO A 457 -30.10 11.48 -41.37
CA PRO A 457 -29.21 12.50 -40.82
C PRO A 457 -27.96 12.67 -41.66
N ASP A 458 -27.41 13.90 -41.63
CA ASP A 458 -26.20 14.18 -42.39
C ASP A 458 -25.04 13.31 -41.91
N ASP A 459 -24.90 13.17 -40.60
CA ASP A 459 -23.93 12.26 -40.00
C ASP A 459 -24.72 11.05 -39.50
N PHE A 460 -24.97 10.11 -40.41
CA PHE A 460 -25.80 8.94 -40.13
C PHE A 460 -24.92 7.70 -40.06
N THR A 461 -25.10 6.92 -39.01
CA THR A 461 -24.43 5.63 -38.84
C THR A 461 -25.49 4.54 -38.78
N GLY A 462 -25.35 3.53 -39.62
CA GLY A 462 -26.33 2.46 -39.68
C GLY A 462 -26.13 1.64 -40.94
N CYS A 463 -27.21 1.02 -41.40
CA CYS A 463 -27.19 0.20 -42.59
C CYS A 463 -28.49 0.35 -43.37
N VAL A 464 -28.40 0.10 -44.67
CA VAL A 464 -29.52 0.19 -45.60
C VAL A 464 -29.66 -1.15 -46.30
N ILE A 465 -30.90 -1.65 -46.38
CA ILE A 465 -31.22 -2.97 -46.90
C ILE A 465 -32.23 -2.78 -48.03
N ALA A 466 -32.04 -3.49 -49.14
CA ALA A 466 -33.00 -3.44 -50.23
C ALA A 466 -32.81 -4.69 -51.07
N TRP A 467 -33.82 -5.55 -51.11
CA TRP A 467 -33.73 -6.80 -51.85
C TRP A 467 -34.85 -6.89 -52.89
N ASN A 468 -34.53 -7.51 -54.02
CA ASN A 468 -35.44 -7.53 -55.16
C ASN A 468 -36.64 -8.42 -54.91
N SER A 469 -37.79 -8.00 -55.45
CA SER A 469 -39.02 -8.79 -55.43
C SER A 469 -39.78 -8.46 -56.72
N ASN A 470 -39.52 -9.24 -57.76
CA ASN A 470 -40.08 -8.99 -59.08
C ASN A 470 -41.18 -9.97 -59.45
N ASN A 471 -41.64 -10.78 -58.49
CA ASN A 471 -42.72 -11.72 -58.72
C ASN A 471 -43.88 -11.58 -57.76
N LEU A 472 -43.77 -10.76 -56.71
CA LEU A 472 -44.83 -10.59 -55.74
C LEU A 472 -45.73 -9.41 -56.07
N ASP A 473 -45.14 -8.25 -56.34
CA ASP A 473 -45.90 -7.05 -56.66
C ASP A 473 -46.11 -6.85 -58.15
N SER A 474 -45.60 -7.75 -58.99
CA SER A 474 -45.72 -7.63 -60.43
C SER A 474 -46.91 -8.45 -60.91
N LYS A 475 -47.85 -7.80 -61.58
CA LYS A 475 -49.05 -8.45 -62.08
C LYS A 475 -49.36 -7.93 -63.48
N VAL A 476 -49.77 -8.85 -64.36
CA VAL A 476 -49.99 -8.48 -65.76
C VAL A 476 -51.04 -7.38 -65.88
N GLY A 477 -52.09 -7.43 -65.05
CA GLY A 477 -53.10 -6.39 -65.09
C GLY A 477 -52.70 -5.09 -64.41
N GLY A 478 -51.60 -5.11 -63.68
CA GLY A 478 -51.15 -3.95 -62.94
C GLY A 478 -51.40 -4.08 -61.44
N ASN A 479 -50.82 -3.15 -60.69
CA ASN A 479 -50.94 -3.13 -59.24
C ASN A 479 -51.51 -1.77 -58.82
N TYR A 480 -52.84 -1.66 -58.86
CA TYR A 480 -53.55 -0.47 -58.44
C TYR A 480 -53.97 -0.51 -56.98
N ASN A 481 -53.79 -1.66 -56.30
CA ASN A 481 -54.20 -1.76 -54.91
C ASN A 481 -53.32 -0.91 -54.00
N TYR A 482 -52.02 -0.86 -54.28
CA TYR A 482 -51.08 -0.15 -53.42
C TYR A 482 -50.83 1.24 -53.97
N LEU A 483 -50.96 2.25 -53.11
CA LEU A 483 -50.91 3.64 -53.51
C LEU A 483 -49.73 4.34 -52.84
N TYR A 484 -49.22 5.37 -53.52
CA TYR A 484 -48.00 6.06 -53.11
C TYR A 484 -48.20 7.56 -53.25
N ARG A 485 -47.14 8.31 -52.94
CA ARG A 485 -47.13 9.76 -53.02
C ARG A 485 -46.19 10.20 -54.13
N LEU A 486 -46.67 11.10 -55.00
CA LEU A 486 -45.82 11.71 -56.01
C LEU A 486 -45.91 13.23 -56.05
N PHE A 487 -47.02 13.83 -55.66
CA PHE A 487 -47.19 15.28 -55.63
C PHE A 487 -47.38 15.70 -54.18
N ARG A 488 -46.26 15.98 -53.51
CA ARG A 488 -46.25 16.33 -52.09
C ARG A 488 -45.60 17.70 -51.92
N LYS A 489 -46.22 18.52 -51.06
CA LYS A 489 -45.69 19.85 -50.78
C LYS A 489 -44.71 19.88 -49.62
N SER A 490 -44.74 18.87 -48.75
CA SER A 490 -43.95 18.87 -47.52
C SER A 490 -42.83 17.87 -47.59
N ASN A 491 -41.74 18.18 -46.90
CA ASN A 491 -40.59 17.30 -46.78
C ASN A 491 -40.47 16.84 -45.33
N LEU A 492 -40.06 15.59 -45.14
CA LEU A 492 -39.94 15.02 -43.82
C LEU A 492 -38.51 15.09 -43.32
N LYS A 493 -38.34 14.97 -42.02
CA LYS A 493 -37.07 15.07 -41.34
C LYS A 493 -36.39 13.72 -41.27
N PRO A 494 -35.08 13.69 -40.99
CA PRO A 494 -34.38 12.41 -40.83
C PRO A 494 -35.04 11.51 -39.81
N PHE A 495 -35.29 10.27 -40.20
CA PHE A 495 -35.96 9.27 -39.36
C PHE A 495 -37.28 9.79 -38.82
N GLU A 496 -38.03 10.48 -39.68
CA GLU A 496 -39.33 11.02 -39.33
C GLU A 496 -40.37 10.50 -40.31
N ARG A 497 -41.48 9.99 -39.79
CA ARG A 497 -42.57 9.46 -40.59
C ARG A 497 -43.85 10.24 -40.30
N ASP A 498 -44.70 10.37 -41.32
CA ASP A 498 -45.97 11.06 -41.17
C ASP A 498 -47.07 10.25 -41.84
N ILE A 499 -48.31 10.62 -41.54
CA ILE A 499 -49.48 10.02 -42.18
C ILE A 499 -50.34 11.13 -42.73
N SER A 500 -49.87 12.37 -42.59
CA SER A 500 -50.63 13.51 -43.07
C SER A 500 -50.66 13.54 -44.59
N THR A 501 -51.84 13.74 -45.15
CA THR A 501 -52.02 13.85 -46.59
C THR A 501 -52.62 15.21 -46.92
N GLU A 502 -52.09 15.86 -47.95
CA GLU A 502 -52.54 17.18 -48.36
C GLU A 502 -52.68 17.22 -49.87
N ILE A 503 -53.84 17.68 -50.35
CA ILE A 503 -54.06 17.85 -51.78
C ILE A 503 -53.06 18.87 -52.29
N TYR A 504 -52.28 18.50 -53.31
CA TYR A 504 -51.20 19.33 -53.79
C TYR A 504 -51.74 20.66 -54.32
N GLN A 505 -51.49 21.74 -53.60
CA GLN A 505 -52.01 23.06 -53.94
C GLN A 505 -50.87 23.91 -54.47
N ALA A 506 -50.85 24.11 -55.79
CA ALA A 506 -49.85 24.97 -56.42
C ALA A 506 -50.41 25.95 -57.43
N GLY A 507 -51.67 25.82 -57.84
CA GLY A 507 -52.27 26.71 -58.81
C GLY A 507 -52.96 27.90 -58.17
N SER A 508 -53.70 28.63 -58.99
CA SER A 508 -54.41 29.83 -58.56
C SER A 508 -55.81 29.54 -58.05
N THR A 509 -56.54 28.65 -58.70
CA THR A 509 -57.90 28.33 -58.27
C THR A 509 -57.86 27.59 -56.93
N PRO A 510 -58.91 27.72 -56.13
CA PRO A 510 -58.94 27.00 -54.84
C PRO A 510 -58.89 25.50 -55.04
N CYS A 511 -58.25 24.82 -54.09
CA CYS A 511 -58.11 23.37 -54.11
C CYS A 511 -58.38 22.78 -52.73
N ASN A 512 -58.02 21.52 -52.53
CA ASN A 512 -58.17 20.84 -51.25
C ASN A 512 -59.64 20.73 -50.85
N GLY A 513 -60.41 20.08 -51.71
CA GLY A 513 -61.82 19.86 -51.44
C GLY A 513 -62.73 20.19 -52.61
N VAL A 514 -62.38 21.22 -53.38
CA VAL A 514 -63.17 21.61 -54.54
C VAL A 514 -62.48 21.10 -55.79
N GLU A 515 -61.15 21.01 -55.75
CA GLU A 515 -60.34 20.47 -56.84
C GLU A 515 -60.61 21.22 -58.15
N GLY A 516 -60.30 22.52 -58.12
CA GLY A 516 -60.46 23.35 -59.30
C GLY A 516 -59.34 23.18 -60.29
N PHE A 517 -59.00 24.25 -61.01
CA PHE A 517 -57.93 24.18 -61.99
C PHE A 517 -56.58 24.14 -61.28
N ASN A 518 -55.65 23.37 -61.85
CA ASN A 518 -54.29 23.21 -61.32
C ASN A 518 -54.31 22.68 -59.89
N CYS A 519 -55.27 21.81 -59.59
CA CYS A 519 -55.36 21.13 -58.31
C CYS A 519 -54.96 19.68 -58.52
N TYR A 520 -54.01 19.20 -57.72
CA TYR A 520 -53.38 17.91 -57.93
C TYR A 520 -53.63 17.01 -56.72
N PHE A 521 -54.09 15.79 -56.99
CA PHE A 521 -54.27 14.80 -55.93
C PHE A 521 -52.91 14.28 -55.45
N PRO A 522 -52.70 14.18 -54.13
CA PRO A 522 -51.38 13.75 -53.65
C PRO A 522 -51.12 12.27 -53.85
N LEU A 523 -52.15 11.44 -53.75
CA LEU A 523 -51.99 9.99 -53.82
C LEU A 523 -52.17 9.50 -55.24
N GLN A 524 -51.28 8.61 -55.68
CA GLN A 524 -51.35 8.02 -57.00
C GLN A 524 -51.22 6.51 -56.88
N SER A 525 -51.59 5.81 -57.94
CA SER A 525 -51.58 4.35 -57.95
C SER A 525 -50.43 3.83 -58.81
N TYR A 526 -49.78 2.78 -58.33
CA TYR A 526 -48.78 2.08 -59.12
C TYR A 526 -49.40 1.39 -60.32
N GLY A 527 -48.56 1.16 -61.33
CA GLY A 527 -48.81 0.13 -62.31
C GLY A 527 -47.60 -0.78 -62.38
N PHE A 528 -47.75 -2.01 -61.91
CA PHE A 528 -46.65 -2.96 -61.85
C PHE A 528 -47.02 -4.20 -62.65
N GLN A 529 -46.21 -4.50 -63.65
CA GLN A 529 -46.36 -5.67 -64.52
C GLN A 529 -45.04 -6.40 -64.56
N PRO A 530 -45.06 -7.71 -64.85
CA PRO A 530 -43.79 -8.45 -64.90
C PRO A 530 -42.80 -7.91 -65.91
N THR A 531 -43.28 -7.25 -66.98
CA THR A 531 -42.42 -6.66 -68.00
C THR A 531 -42.67 -5.15 -68.00
N ASN A 532 -41.92 -4.43 -67.17
CA ASN A 532 -42.01 -2.98 -67.10
C ASN A 532 -40.69 -2.26 -67.32
N GLY A 533 -39.58 -2.98 -67.39
CA GLY A 533 -38.27 -2.36 -67.54
C GLY A 533 -37.29 -2.80 -66.47
N VAL A 534 -36.41 -1.90 -66.07
CA VAL A 534 -35.47 -2.18 -64.99
C VAL A 534 -35.63 -1.24 -63.81
N GLY A 535 -36.14 -0.02 -64.00
CA GLY A 535 -36.41 0.88 -62.91
C GLY A 535 -37.76 0.71 -62.25
N TYR A 536 -38.63 -0.10 -62.85
CA TYR A 536 -39.95 -0.40 -62.30
C TYR A 536 -40.06 -1.79 -61.73
N GLN A 537 -38.95 -2.38 -61.30
CA GLN A 537 -39.01 -3.65 -60.60
C GLN A 537 -39.09 -3.39 -59.09
N PRO A 538 -40.19 -3.74 -58.43
CA PRO A 538 -40.36 -3.36 -57.03
C PRO A 538 -39.34 -4.05 -56.13
N TYR A 539 -38.71 -3.26 -55.27
CA TYR A 539 -37.71 -3.73 -54.32
C TYR A 539 -38.19 -3.44 -52.91
N ARG A 540 -37.97 -4.39 -52.01
CA ARG A 540 -38.35 -4.25 -50.61
C ARG A 540 -37.18 -3.66 -49.83
N VAL A 541 -37.45 -2.56 -49.14
CA VAL A 541 -36.41 -1.74 -48.52
C VAL A 541 -36.65 -1.65 -47.02
N VAL A 542 -35.56 -1.77 -46.26
CA VAL A 542 -35.54 -1.68 -44.81
C VAL A 542 -34.39 -0.76 -44.40
N VAL A 543 -34.64 0.07 -43.39
CA VAL A 543 -33.66 1.01 -42.89
C VAL A 543 -33.31 0.64 -41.45
N LEU A 544 -32.02 0.51 -41.18
CA LEU A 544 -31.52 0.10 -39.88
C LEU A 544 -30.90 1.28 -39.16
N SER A 545 -31.31 1.51 -37.92
CA SER A 545 -30.82 2.63 -37.13
C SER A 545 -30.69 2.21 -35.68
N PHE A 546 -29.94 3.01 -34.92
CA PHE A 546 -29.65 2.71 -33.52
C PHE A 546 -29.72 4.00 -32.71
N GLU A 547 -29.86 3.82 -31.40
CA GLU A 547 -29.78 4.93 -30.45
C GLU A 547 -28.49 4.82 -29.65
N LEU A 548 -28.03 5.96 -29.14
CA LEU A 548 -26.67 6.06 -28.61
C LEU A 548 -26.70 6.18 -27.09
N LEU A 549 -26.72 5.03 -26.43
CA LEU A 549 -26.40 4.88 -25.01
C LEU A 549 -27.30 5.77 -24.14
N HIS A 550 -28.60 5.47 -24.18
CA HIS A 550 -29.56 6.06 -23.26
C HIS A 550 -29.94 5.11 -22.14
N ALA A 551 -29.36 3.91 -22.12
CA ALA A 551 -29.70 2.89 -21.15
C ALA A 551 -28.60 1.84 -21.18
N PRO A 552 -28.57 0.94 -20.19
CA PRO A 552 -27.60 -0.17 -20.25
C PRO A 552 -27.81 -1.03 -21.49
N ALA A 553 -26.71 -1.53 -22.03
CA ALA A 553 -26.75 -2.29 -23.27
C ALA A 553 -27.55 -3.57 -23.09
N THR A 554 -28.43 -3.86 -24.06
CA THR A 554 -29.27 -5.05 -23.98
C THR A 554 -29.46 -5.75 -25.32
N VAL A 555 -28.80 -5.31 -26.39
CA VAL A 555 -28.99 -5.88 -27.71
C VAL A 555 -27.64 -6.08 -28.37
N CYS A 556 -27.22 -7.34 -28.52
CA CYS A 556 -26.06 -7.74 -29.30
C CYS A 556 -25.96 -9.26 -29.32
N GLY A 557 -25.00 -9.77 -30.08
CA GLY A 557 -24.90 -11.18 -30.37
C GLY A 557 -24.58 -12.03 -29.17
N PRO A 558 -24.68 -13.35 -29.34
CA PRO A 558 -24.52 -14.25 -28.19
C PRO A 558 -23.08 -14.66 -27.92
N LYS A 559 -22.23 -14.51 -28.93
CA LYS A 559 -20.82 -14.93 -28.88
C LYS A 559 -20.70 -16.44 -28.84
N LYS A 560 -19.68 -16.99 -29.49
CA LYS A 560 -19.55 -18.43 -29.62
C LYS A 560 -18.71 -19.01 -28.50
N SER A 561 -19.20 -20.07 -27.88
CA SER A 561 -18.49 -20.78 -26.83
C SER A 561 -17.77 -21.99 -27.40
N THR A 562 -16.63 -22.32 -26.80
CA THR A 562 -15.84 -23.47 -27.19
C THR A 562 -16.05 -24.61 -26.19
N ASN A 563 -15.70 -25.81 -26.63
CA ASN A 563 -15.86 -26.98 -25.78
C ASN A 563 -14.94 -26.89 -24.57
N LEU A 564 -15.43 -27.37 -23.43
CA LEU A 564 -14.67 -27.31 -22.19
C LEU A 564 -13.56 -28.35 -22.18
N VAL A 565 -12.37 -27.92 -21.77
CA VAL A 565 -11.22 -28.80 -21.61
C VAL A 565 -10.60 -28.50 -20.25
N LYS A 566 -9.91 -29.50 -19.69
CA LYS A 566 -9.33 -29.34 -18.36
C LYS A 566 -8.07 -30.20 -18.28
N ASN A 567 -7.50 -30.27 -17.07
CA ASN A 567 -6.33 -31.06 -16.68
C ASN A 567 -5.04 -30.54 -17.28
N LYS A 568 -5.07 -29.50 -18.12
CA LYS A 568 -3.88 -28.86 -18.64
C LYS A 568 -4.07 -27.36 -18.51
N CYS A 569 -3.10 -26.67 -17.92
CA CYS A 569 -3.31 -25.26 -17.59
C CYS A 569 -3.35 -24.43 -18.87
N VAL A 570 -4.42 -23.66 -19.02
CA VAL A 570 -4.72 -22.94 -20.26
C VAL A 570 -5.28 -21.57 -19.90
N ASN A 571 -5.43 -20.74 -20.93
CA ASN A 571 -6.14 -19.49 -20.76
C ASN A 571 -7.64 -19.75 -20.67
N PHE A 572 -8.34 -18.86 -19.97
CA PHE A 572 -9.78 -19.02 -19.85
C PHE A 572 -10.46 -17.66 -19.91
N ASN A 573 -11.73 -17.68 -20.29
CA ASN A 573 -12.57 -16.50 -20.24
C ASN A 573 -13.98 -16.94 -19.86
N PHE A 574 -14.48 -16.42 -18.74
CA PHE A 574 -15.78 -16.82 -18.22
C PHE A 574 -16.72 -15.63 -18.16
N ASN A 575 -16.79 -14.87 -19.26
CA ASN A 575 -17.63 -13.68 -19.40
C ASN A 575 -17.58 -12.80 -18.14
N GLY A 576 -16.37 -12.41 -17.79
CA GLY A 576 -16.17 -11.58 -16.62
C GLY A 576 -14.92 -11.96 -15.86
N LEU A 577 -14.36 -13.12 -16.19
CA LEU A 577 -13.14 -13.61 -15.57
C LEU A 577 -12.14 -13.95 -16.66
N THR A 578 -10.91 -13.46 -16.50
CA THR A 578 -9.82 -13.75 -17.43
C THR A 578 -8.59 -14.16 -16.64
N GLY A 579 -7.76 -14.97 -17.28
CA GLY A 579 -6.53 -15.42 -16.65
C GLY A 579 -6.11 -16.75 -17.23
N THR A 580 -5.15 -17.38 -16.54
CA THR A 580 -4.56 -18.63 -16.97
C THR A 580 -4.42 -19.56 -15.76
N GLY A 581 -4.72 -20.83 -15.98
CA GLY A 581 -4.56 -21.82 -14.93
C GLY A 581 -5.13 -23.15 -15.38
N VAL A 582 -4.94 -24.15 -14.54
CA VAL A 582 -5.49 -25.48 -14.74
C VAL A 582 -6.77 -25.60 -13.94
N LEU A 583 -7.76 -26.30 -14.51
CA LEU A 583 -9.08 -26.42 -13.93
C LEU A 583 -9.30 -27.85 -13.47
N THR A 584 -9.67 -28.01 -12.21
CA THR A 584 -9.87 -29.34 -11.62
C THR A 584 -11.27 -29.43 -11.02
N GLU A 585 -11.72 -30.65 -10.81
CA GLU A 585 -13.01 -30.88 -10.17
C GLU A 585 -12.97 -30.38 -8.73
N SER A 586 -14.11 -29.84 -8.29
CA SER A 586 -14.20 -29.17 -7.01
C SER A 586 -14.97 -30.03 -6.01
N ASN A 587 -14.95 -29.58 -4.75
CA ASN A 587 -15.70 -30.22 -3.69
C ASN A 587 -16.56 -29.25 -2.89
N LYS A 588 -16.38 -27.95 -3.05
CA LYS A 588 -17.22 -26.98 -2.36
C LYS A 588 -18.60 -26.93 -3.01
N LYS A 589 -19.55 -26.35 -2.29
CA LYS A 589 -20.92 -26.21 -2.77
C LYS A 589 -21.29 -24.74 -2.79
N PHE A 590 -21.58 -24.22 -3.97
CA PHE A 590 -21.99 -22.83 -4.14
C PHE A 590 -23.46 -22.67 -3.79
N LEU A 591 -23.83 -21.46 -3.39
CA LEU A 591 -25.25 -21.15 -3.34
C LEU A 591 -25.77 -20.99 -4.77
N PRO A 592 -27.06 -21.21 -5.00
CA PRO A 592 -27.58 -21.20 -6.38
C PRO A 592 -27.34 -19.91 -7.13
N PHE A 593 -27.24 -18.76 -6.45
CA PHE A 593 -27.06 -17.48 -7.12
C PHE A 593 -25.61 -17.00 -7.12
N GLN A 594 -24.68 -17.81 -6.63
CA GLN A 594 -23.27 -17.43 -6.59
C GLN A 594 -22.63 -17.70 -7.94
N GLN A 595 -21.68 -16.84 -8.31
CA GLN A 595 -20.98 -16.96 -9.58
C GLN A 595 -19.55 -17.48 -9.44
N PHE A 596 -18.74 -16.85 -8.60
CA PHE A 596 -17.37 -17.30 -8.42
C PHE A 596 -16.92 -17.00 -7.00
N GLY A 597 -16.13 -17.91 -6.44
CA GLY A 597 -15.66 -17.76 -5.07
C GLY A 597 -14.32 -17.06 -4.99
N ARG A 598 -13.97 -16.67 -3.77
CA ARG A 598 -12.69 -16.04 -3.48
C ARG A 598 -12.17 -16.56 -2.14
N ASP A 599 -10.87 -16.42 -1.95
CA ASP A 599 -10.23 -16.78 -0.69
C ASP A 599 -9.64 -15.58 0.02
N ILE A 600 -8.81 -14.82 -0.67
CA ILE A 600 -8.26 -13.57 -0.17
C ILE A 600 -8.30 -12.56 -1.31
N ALA A 601 -7.88 -11.32 -1.02
CA ALA A 601 -7.92 -10.27 -2.03
C ALA A 601 -7.13 -10.68 -3.26
N ASP A 602 -7.73 -10.48 -4.43
CA ASP A 602 -7.14 -10.87 -5.71
C ASP A 602 -6.78 -12.35 -5.73
N THR A 603 -7.71 -13.19 -5.28
CA THR A 603 -7.52 -14.63 -5.29
C THR A 603 -8.85 -15.27 -5.68
N THR A 604 -8.91 -15.86 -6.87
CA THR A 604 -10.08 -16.57 -7.35
C THR A 604 -9.82 -18.07 -7.25
N ASP A 605 -10.60 -18.75 -6.42
CA ASP A 605 -10.36 -20.17 -6.15
C ASP A 605 -11.42 -21.08 -6.74
N ALA A 606 -12.52 -20.55 -7.26
CA ALA A 606 -13.57 -21.38 -7.81
C ALA A 606 -14.37 -20.60 -8.83
N VAL A 607 -14.78 -21.27 -9.90
CA VAL A 607 -15.57 -20.68 -10.97
C VAL A 607 -16.72 -21.62 -11.29
N ARG A 608 -17.91 -21.05 -11.44
CA ARG A 608 -19.10 -21.82 -11.79
C ARG A 608 -19.23 -21.93 -13.30
N ASP A 609 -19.48 -23.12 -13.79
CA ASP A 609 -19.65 -23.32 -15.23
C ASP A 609 -20.96 -22.70 -15.68
N PRO A 610 -20.94 -21.73 -16.61
CA PRO A 610 -22.20 -21.17 -17.10
C PRO A 610 -23.02 -22.12 -17.96
N GLN A 611 -22.44 -23.26 -18.36
CA GLN A 611 -23.13 -24.22 -19.21
C GLN A 611 -23.93 -25.23 -18.39
N THR A 612 -23.25 -25.97 -17.52
CA THR A 612 -23.86 -27.07 -16.79
C THR A 612 -23.93 -26.81 -15.29
N LEU A 613 -23.66 -25.59 -14.85
CA LEU A 613 -23.66 -25.23 -13.43
C LEU A 613 -22.70 -26.13 -12.64
N GLU A 614 -21.46 -26.16 -13.10
CA GLU A 614 -20.41 -26.97 -12.50
C GLU A 614 -19.38 -26.08 -11.82
N ILE A 615 -18.83 -26.57 -10.72
CA ILE A 615 -17.85 -25.83 -9.92
C ILE A 615 -16.46 -26.37 -10.26
N LEU A 616 -15.58 -25.47 -10.68
CA LEU A 616 -14.22 -25.84 -11.06
C LEU A 616 -13.23 -25.04 -10.23
N ASP A 617 -12.13 -25.67 -9.84
CA ASP A 617 -11.08 -25.02 -9.08
C ASP A 617 -9.91 -24.65 -9.97
N ILE A 618 -9.34 -23.47 -9.71
CA ILE A 618 -8.28 -22.89 -10.52
C ILE A 618 -6.97 -23.05 -9.78
N THR A 619 -5.94 -23.55 -10.49
CA THR A 619 -4.61 -23.71 -9.91
C THR A 619 -3.57 -23.20 -10.91
N PRO A 620 -2.68 -22.31 -10.50
CA PRO A 620 -1.73 -21.73 -11.46
C PRO A 620 -0.74 -22.75 -11.96
N CYS A 621 -0.21 -22.49 -13.16
CA CYS A 621 0.78 -23.38 -13.75
C CYS A 621 2.03 -23.42 -12.89
N SER A 622 2.69 -24.58 -12.88
CA SER A 622 3.89 -24.76 -12.08
C SER A 622 4.99 -23.81 -12.56
N PHE A 623 5.75 -23.28 -11.60
CA PHE A 623 6.81 -22.34 -11.90
C PHE A 623 7.76 -22.28 -10.72
N GLY A 624 8.91 -21.67 -10.95
CA GLY A 624 9.87 -21.47 -9.88
C GLY A 624 11.18 -20.98 -10.45
N GLY A 625 12.07 -20.58 -9.53
CA GLY A 625 13.38 -20.13 -9.92
C GLY A 625 14.31 -21.28 -10.26
N VAL A 626 15.42 -20.95 -10.89
CA VAL A 626 16.41 -21.93 -11.30
C VAL A 626 17.79 -21.48 -10.81
N SER A 627 18.58 -22.44 -10.35
CA SER A 627 19.88 -22.17 -9.78
C SER A 627 20.89 -23.14 -10.35
N VAL A 628 22.15 -22.71 -10.35
CA VAL A 628 23.27 -23.48 -10.89
C VAL A 628 24.24 -23.78 -9.76
N ILE A 629 24.65 -25.05 -9.67
CA ILE A 629 25.65 -25.50 -8.72
C ILE A 629 26.97 -25.58 -9.48
N THR A 630 27.99 -24.87 -8.99
CA THR A 630 29.25 -24.98 -9.70
C THR A 630 30.41 -25.27 -8.76
N PRO A 631 31.36 -26.11 -9.18
CA PRO A 631 32.56 -26.34 -8.37
C PRO A 631 33.64 -25.32 -8.68
N GLY A 632 33.29 -24.33 -9.49
CA GLY A 632 34.24 -23.29 -9.86
C GLY A 632 35.02 -23.64 -11.10
N THR A 633 35.09 -22.70 -12.06
CA THR A 633 35.86 -22.94 -13.28
C THR A 633 37.34 -23.07 -13.02
N ASN A 634 37.81 -22.69 -11.83
CA ASN A 634 39.21 -22.84 -11.46
C ASN A 634 39.66 -24.29 -11.50
N THR A 635 38.74 -25.23 -11.37
CA THR A 635 39.06 -26.66 -11.34
C THR A 635 38.48 -27.43 -12.52
N SER A 636 37.18 -27.31 -12.77
CA SER A 636 36.53 -28.06 -13.83
C SER A 636 35.33 -27.28 -14.34
N ASN A 637 34.61 -27.89 -15.27
CA ASN A 637 33.43 -27.29 -15.89
C ASN A 637 32.29 -28.30 -15.84
N GLN A 638 31.54 -28.29 -14.74
CA GLN A 638 30.38 -29.14 -14.59
C GLN A 638 29.29 -28.37 -13.85
N VAL A 639 28.04 -28.76 -14.07
CA VAL A 639 26.89 -28.09 -13.49
C VAL A 639 25.90 -29.11 -12.95
N ALA A 640 25.09 -28.67 -12.00
CA ALA A 640 24.11 -29.51 -11.32
C ALA A 640 22.80 -28.74 -11.17
N VAL A 641 22.30 -28.20 -12.28
CA VAL A 641 21.13 -27.32 -12.30
C VAL A 641 20.02 -27.83 -11.41
N LEU A 642 19.42 -26.93 -10.63
CA LEU A 642 18.41 -27.28 -9.64
C LEU A 642 17.14 -26.48 -9.88
N TYR A 643 16.00 -27.16 -9.88
CA TYR A 643 14.69 -26.52 -9.93
C TYR A 643 14.09 -26.54 -8.53
N GLN A 644 13.46 -25.43 -8.14
CA GLN A 644 13.17 -25.19 -6.74
C GLN A 644 11.79 -25.65 -6.29
N ASP A 645 10.79 -25.62 -7.15
CA ASP A 645 9.44 -25.92 -6.68
C ASP A 645 8.70 -26.84 -7.64
N VAL A 646 9.45 -27.67 -8.36
CA VAL A 646 8.88 -28.68 -9.29
C VAL A 646 8.98 -30.05 -8.61
N ASN A 647 8.15 -31.01 -9.03
CA ASN A 647 8.17 -32.36 -8.39
C ASN A 647 8.40 -33.43 -9.46
N CYS A 648 9.33 -34.35 -9.21
CA CYS A 648 9.63 -35.45 -10.18
C CYS A 648 9.16 -36.78 -9.60
N TRP A 664 8.72 -34.41 -13.12
CA TRP A 664 7.58 -34.42 -14.04
C TRP A 664 7.86 -33.56 -15.27
N ARG A 665 7.67 -32.26 -15.12
CA ARG A 665 7.87 -31.29 -16.19
C ARG A 665 9.34 -30.90 -16.24
N VAL A 666 10.00 -31.20 -17.36
CA VAL A 666 11.41 -30.86 -17.55
C VAL A 666 11.58 -30.28 -18.95
N TYR A 667 12.71 -29.60 -19.13
CA TYR A 667 13.04 -29.00 -20.42
C TYR A 667 14.43 -29.38 -20.94
N SER A 668 15.35 -29.81 -20.07
CA SER A 668 16.65 -30.33 -20.50
C SER A 668 17.06 -31.38 -19.47
N THR A 669 16.73 -32.64 -19.76
CA THR A 669 16.93 -33.75 -18.83
C THR A 669 17.82 -34.82 -19.46
N GLY A 670 18.73 -35.34 -18.66
CA GLY A 670 19.54 -36.47 -19.07
C GLY A 670 19.25 -37.70 -18.24
N SER A 671 20.11 -37.99 -17.28
CA SER A 671 19.90 -39.07 -16.33
C SER A 671 20.29 -38.56 -14.95
N ASN A 672 20.41 -39.49 -13.99
CA ASN A 672 20.78 -39.17 -12.62
C ASN A 672 19.79 -38.19 -11.99
N VAL A 673 18.52 -38.35 -12.33
CA VAL A 673 17.49 -37.49 -11.76
C VAL A 673 17.27 -37.84 -10.30
N PHE A 674 17.28 -36.82 -9.45
CA PHE A 674 17.08 -37.01 -8.02
C PHE A 674 16.00 -36.06 -7.51
N GLN A 675 15.23 -36.54 -6.54
CA GLN A 675 14.16 -35.76 -5.92
C GLN A 675 14.52 -35.47 -4.47
N THR A 676 14.38 -34.21 -4.08
CA THR A 676 14.60 -33.82 -2.69
C THR A 676 13.37 -33.08 -2.15
N ARG A 677 13.50 -32.49 -0.96
CA ARG A 677 12.48 -31.62 -0.42
C ARG A 677 12.59 -30.19 -0.93
N ALA A 678 13.69 -29.85 -1.60
CA ALA A 678 13.90 -28.51 -2.13
C ALA A 678 13.69 -28.43 -3.63
N GLY A 679 13.29 -29.51 -4.28
CA GLY A 679 13.02 -29.51 -5.70
C GLY A 679 13.64 -30.73 -6.34
N CYS A 680 13.58 -30.75 -7.68
CA CYS A 680 14.09 -31.87 -8.47
C CYS A 680 15.48 -31.51 -8.96
N LEU A 681 16.46 -32.35 -8.61
CA LEU A 681 17.86 -32.10 -8.94
C LEU A 681 18.26 -32.92 -10.16
N ILE A 682 18.89 -32.27 -11.13
CA ILE A 682 19.27 -32.91 -12.38
C ILE A 682 20.77 -32.71 -12.58
N GLY A 683 21.48 -33.80 -12.84
CA GLY A 683 22.90 -33.75 -13.15
C GLY A 683 23.81 -34.16 -12.02
N ALA A 684 23.31 -34.26 -10.79
CA ALA A 684 24.13 -34.59 -9.64
C ALA A 684 23.86 -36.02 -9.19
N GLU A 685 24.92 -36.80 -9.06
CA GLU A 685 24.82 -38.18 -8.60
C GLU A 685 24.49 -38.23 -7.11
N HIS A 686 23.73 -39.24 -6.73
CA HIS A 686 23.33 -39.44 -5.33
C HIS A 686 24.07 -40.64 -4.75
N VAL A 687 24.59 -40.47 -3.54
CA VAL A 687 25.31 -41.52 -2.83
C VAL A 687 24.65 -41.76 -1.48
N ASN A 688 25.19 -42.75 -0.76
CA ASN A 688 24.67 -43.15 0.55
C ASN A 688 25.74 -43.15 1.63
N ASN A 689 26.77 -42.33 1.48
CA ASN A 689 27.78 -42.13 2.51
C ASN A 689 27.84 -40.66 2.87
N SER A 690 27.64 -40.35 4.15
CA SER A 690 27.56 -38.97 4.59
C SER A 690 28.93 -38.33 4.68
N TYR A 691 28.95 -37.00 4.58
CA TYR A 691 30.17 -36.21 4.72
C TYR A 691 29.79 -34.87 5.34
N GLU A 692 30.75 -33.94 5.33
CA GLU A 692 30.49 -32.60 5.82
C GLU A 692 30.03 -31.70 4.67
N CYS A 693 29.19 -30.73 5.02
CA CYS A 693 28.58 -29.87 4.00
C CYS A 693 29.61 -28.93 3.38
N ASP A 694 29.61 -28.87 2.06
CA ASP A 694 30.53 -28.02 1.32
C ASP A 694 29.82 -26.93 0.53
N ILE A 695 28.85 -27.28 -0.31
CA ILE A 695 28.03 -26.32 -1.03
C ILE A 695 26.58 -26.58 -0.63
N PRO A 696 25.91 -25.65 0.05
CA PRO A 696 24.57 -25.94 0.56
C PRO A 696 23.56 -26.11 -0.56
N ILE A 697 22.58 -26.98 -0.31
CA ILE A 697 21.40 -27.13 -1.16
C ILE A 697 20.13 -26.87 -0.37
N GLY A 698 19.95 -27.57 0.74
CA GLY A 698 18.83 -27.31 1.63
C GLY A 698 18.12 -28.57 2.11
N ALA A 699 17.30 -28.40 3.14
CA ALA A 699 16.54 -29.50 3.73
C ALA A 699 17.43 -30.67 4.12
N GLY A 700 18.62 -30.37 4.63
CA GLY A 700 19.55 -31.40 5.00
C GLY A 700 20.25 -32.08 3.85
N ILE A 701 20.33 -31.43 2.70
CA ILE A 701 21.02 -31.96 1.53
C ILE A 701 22.13 -31.00 1.15
N CYS A 702 23.33 -31.54 0.96
CA CYS A 702 24.52 -30.78 0.61
C CYS A 702 25.25 -31.48 -0.53
N ALA A 703 25.85 -30.69 -1.42
CA ALA A 703 26.52 -31.22 -2.60
C ALA A 703 27.96 -30.72 -2.67
N SER A 704 28.85 -31.57 -3.19
CA SER A 704 30.27 -31.25 -3.27
C SER A 704 30.89 -32.05 -4.40
N TYR A 705 32.07 -31.60 -4.83
CA TYR A 705 32.78 -32.22 -5.95
C TYR A 705 33.92 -33.09 -5.43
N GLN A 706 33.56 -34.26 -4.93
CA GLN A 706 34.54 -35.25 -4.50
C GLN A 706 34.78 -36.26 -5.63
N THR A 707 35.52 -37.31 -5.33
CA THR A 707 35.75 -38.36 -6.32
C THR A 707 34.70 -39.46 -6.17
N SER A 720 33.25 -40.49 -8.75
CA SER A 720 34.30 -40.16 -9.70
C SER A 720 34.36 -38.65 -9.95
N GLN A 721 34.49 -38.27 -11.21
CA GLN A 721 34.58 -36.86 -11.60
C GLN A 721 33.23 -36.19 -11.67
N SER A 722 32.21 -36.75 -11.03
CA SER A 722 30.86 -36.22 -11.06
C SER A 722 30.60 -35.38 -9.82
N ILE A 723 29.41 -34.79 -9.77
CA ILE A 723 28.98 -34.02 -8.62
C ILE A 723 28.27 -34.95 -7.64
N ILE A 724 28.67 -34.90 -6.37
CA ILE A 724 28.11 -35.75 -5.33
C ILE A 724 27.09 -34.97 -4.53
N ALA A 725 25.94 -35.59 -4.27
CA ALA A 725 24.90 -35.01 -3.43
C ALA A 725 24.60 -35.99 -2.30
N TYR A 726 24.55 -35.50 -1.07
CA TYR A 726 24.42 -36.37 0.08
C TYR A 726 23.76 -35.63 1.22
N THR A 727 23.64 -36.31 2.36
CA THR A 727 23.09 -35.73 3.58
C THR A 727 24.22 -35.35 4.52
N MET A 728 24.08 -34.20 5.18
CA MET A 728 25.14 -33.71 6.04
C MET A 728 25.40 -34.67 7.19
N SER A 729 26.66 -34.74 7.60
CA SER A 729 27.07 -35.51 8.77
C SER A 729 27.49 -34.54 9.87
N LEU A 730 26.88 -34.68 11.04
CA LEU A 730 27.14 -33.76 12.14
C LEU A 730 28.46 -34.02 12.83
N GLY A 731 29.09 -35.16 12.58
CA GLY A 731 30.35 -35.51 13.18
C GLY A 731 30.33 -36.91 13.76
N ALA A 732 31.48 -37.31 14.29
CA ALA A 732 31.61 -38.64 14.87
C ALA A 732 30.81 -38.74 16.16
N GLU A 733 30.44 -39.97 16.51
CA GLU A 733 29.65 -40.25 17.71
C GLU A 733 30.50 -41.06 18.68
N ASN A 734 30.60 -40.60 19.92
CA ASN A 734 31.25 -41.36 20.98
C ASN A 734 30.41 -41.28 22.24
N SER A 735 30.54 -42.29 23.09
CA SER A 735 29.85 -42.34 24.37
C SER A 735 30.89 -42.43 25.47
N VAL A 736 30.89 -41.44 26.36
CA VAL A 736 31.87 -41.41 27.43
C VAL A 736 31.59 -42.54 28.42
N ALA A 737 32.65 -43.18 28.91
CA ALA A 737 32.53 -44.31 29.82
C ALA A 737 32.16 -43.79 31.21
N TYR A 738 30.90 -43.39 31.34
CA TYR A 738 30.43 -42.86 32.60
C TYR A 738 30.28 -43.96 33.64
N SER A 739 30.47 -43.58 34.90
CA SER A 739 30.24 -44.46 36.03
C SER A 739 29.92 -43.60 37.23
N ASN A 740 29.88 -44.22 38.41
CA ASN A 740 29.63 -43.48 39.64
C ASN A 740 30.83 -43.41 40.56
N ASN A 741 31.92 -44.12 40.25
CA ASN A 741 33.14 -44.02 41.03
C ASN A 741 34.37 -43.98 40.12
N SER A 742 34.23 -43.42 38.93
CA SER A 742 35.32 -43.34 37.97
C SER A 742 35.54 -41.89 37.58
N ILE A 743 36.80 -41.48 37.49
CA ILE A 743 37.17 -40.12 37.14
C ILE A 743 38.32 -40.16 36.15
N ALA A 744 38.50 -39.06 35.42
CA ALA A 744 39.57 -38.91 34.45
C ALA A 744 40.35 -37.65 34.77
N ILE A 745 41.67 -37.77 34.85
CA ILE A 745 42.55 -36.67 35.19
C ILE A 745 43.56 -36.51 34.06
N PRO A 746 43.85 -35.29 33.62
CA PRO A 746 44.91 -35.10 32.63
C PRO A 746 46.28 -35.32 33.24
N THR A 747 47.26 -35.58 32.37
CA THR A 747 48.65 -35.70 32.79
C THR A 747 49.61 -34.85 31.98
N ASN A 748 49.11 -34.10 31.00
CA ASN A 748 49.97 -33.30 30.13
C ASN A 748 49.11 -32.24 29.47
N PHE A 749 49.77 -31.20 28.97
CA PHE A 749 49.05 -30.04 28.47
C PHE A 749 49.66 -29.57 27.14
N THR A 750 49.02 -28.56 26.56
CA THR A 750 49.42 -28.01 25.28
C THR A 750 49.09 -26.52 25.26
N ILE A 751 49.87 -25.77 24.47
CA ILE A 751 49.63 -24.35 24.23
C ILE A 751 49.21 -24.20 22.78
N SER A 752 48.14 -23.45 22.55
CA SER A 752 47.63 -23.24 21.21
C SER A 752 47.44 -21.74 20.96
N VAL A 753 47.46 -21.36 19.68
CA VAL A 753 47.29 -19.99 19.27
C VAL A 753 46.20 -19.93 18.21
N THR A 754 45.22 -19.06 18.42
CA THR A 754 44.10 -18.90 17.48
C THR A 754 43.99 -17.45 17.05
N THR A 755 43.37 -17.25 15.89
CA THR A 755 43.23 -15.92 15.30
C THR A 755 41.76 -15.57 15.13
N GLU A 756 41.46 -14.29 15.27
CA GLU A 756 40.12 -13.77 14.99
C GLU A 756 40.24 -12.48 14.21
N ILE A 757 39.28 -12.25 13.30
CA ILE A 757 39.27 -11.08 12.43
C ILE A 757 37.98 -10.32 12.68
N LEU A 758 38.08 -9.01 12.91
CA LEU A 758 36.88 -8.21 13.13
C LEU A 758 36.94 -6.90 12.34
N PRO A 759 35.89 -6.58 11.59
CA PRO A 759 35.85 -5.29 10.90
C PRO A 759 35.66 -4.13 11.86
N VAL A 760 36.17 -2.97 11.47
CA VAL A 760 36.04 -1.77 12.29
C VAL A 760 35.41 -0.60 11.55
N SER A 761 35.55 -0.50 10.23
CA SER A 761 34.98 0.61 9.48
C SER A 761 34.92 0.25 8.00
N MET A 762 34.27 1.09 7.22
CA MET A 762 34.20 0.93 5.78
C MET A 762 34.62 2.23 5.11
N THR A 763 34.45 2.29 3.79
CA THR A 763 34.90 3.45 3.04
C THR A 763 33.96 4.64 3.26
N LYS A 764 34.55 5.81 3.48
CA LYS A 764 33.77 7.03 3.61
C LYS A 764 33.54 7.63 2.24
N THR A 765 32.30 8.02 1.96
CA THR A 765 31.93 8.58 0.66
C THR A 765 31.11 9.85 0.85
N SER A 766 30.97 10.60 -0.23
CA SER A 766 30.08 11.76 -0.25
C SER A 766 29.68 12.06 -1.68
N VAL A 767 28.44 12.50 -1.85
CA VAL A 767 27.91 12.84 -3.16
C VAL A 767 27.61 14.33 -3.19
N ASP A 768 27.03 14.80 -4.29
CA ASP A 768 26.69 16.20 -4.47
C ASP A 768 25.31 16.29 -5.10
N CYS A 769 24.51 17.25 -4.64
CA CYS A 769 23.13 17.38 -5.11
C CYS A 769 23.10 17.67 -6.60
N THR A 770 23.53 18.88 -6.95
CA THR A 770 23.39 19.40 -8.30
C THR A 770 24.30 18.66 -9.27
N MET A 771 25.53 18.38 -8.85
CA MET A 771 26.49 17.73 -9.74
C MET A 771 25.99 16.37 -10.21
N TYR A 772 25.21 15.68 -9.37
CA TYR A 772 24.68 14.38 -9.76
C TYR A 772 23.35 14.52 -10.47
N ILE A 773 22.36 15.13 -9.82
CA ILE A 773 21.01 15.13 -10.38
C ILE A 773 20.94 15.98 -11.64
N CYS A 774 21.49 17.20 -11.58
CA CYS A 774 21.31 18.17 -12.66
C CYS A 774 22.55 18.38 -13.52
N GLY A 775 23.71 17.86 -13.11
CA GLY A 775 24.90 18.14 -13.88
C GLY A 775 25.23 19.62 -13.85
N ASP A 776 25.69 20.13 -14.99
CA ASP A 776 26.09 21.53 -15.09
C ASP A 776 24.98 22.43 -15.63
N SER A 777 23.79 21.89 -15.86
CA SER A 777 22.70 22.70 -16.39
C SER A 777 22.28 23.76 -15.39
N THR A 778 21.75 24.88 -15.92
CA THR A 778 21.24 25.94 -15.07
C THR A 778 19.73 25.91 -14.93
N GLU A 779 19.01 25.43 -15.95
CA GLU A 779 17.56 25.33 -15.85
C GLU A 779 17.14 24.20 -14.92
N CYS A 780 17.94 23.13 -14.89
CA CYS A 780 17.61 21.99 -14.04
C CYS A 780 17.62 22.37 -12.57
N SER A 781 18.56 23.22 -12.16
CA SER A 781 18.60 23.63 -10.77
C SER A 781 17.36 24.43 -10.39
N ASN A 782 16.94 25.36 -11.26
CA ASN A 782 15.73 26.12 -10.98
C ASN A 782 14.52 25.20 -10.92
N LEU A 783 14.47 24.20 -11.80
CA LEU A 783 13.37 23.23 -11.73
C LEU A 783 13.42 22.40 -10.46
N LEU A 784 14.61 22.06 -9.98
CA LEU A 784 14.73 21.29 -8.74
C LEU A 784 14.32 22.11 -7.54
N LEU A 785 14.52 23.43 -7.59
CA LEU A 785 14.09 24.27 -6.48
C LEU A 785 12.59 24.20 -6.22
N GLN A 786 11.79 23.72 -7.19
CA GLN A 786 10.38 23.49 -6.94
C GLN A 786 10.20 22.48 -5.81
N TYR A 787 11.00 21.42 -5.82
CA TYR A 787 10.99 20.47 -4.72
C TYR A 787 11.54 21.14 -3.46
N GLY A 788 11.20 20.56 -2.31
CA GLY A 788 11.67 21.06 -1.04
C GLY A 788 13.12 20.67 -0.79
N SER A 789 13.47 20.56 0.49
CA SER A 789 14.82 20.18 0.88
C SER A 789 14.93 18.66 0.83
N PHE A 790 15.03 18.14 -0.38
CA PHE A 790 15.18 16.70 -0.59
C PHE A 790 16.63 16.25 -0.74
N CYS A 791 17.60 17.15 -0.69
CA CYS A 791 18.97 16.69 -0.78
C CYS A 791 19.87 17.23 0.31
N THR A 792 19.49 18.29 1.01
CA THR A 792 20.28 18.74 2.17
C THR A 792 20.29 17.66 3.24
N GLN A 793 19.13 17.02 3.48
CA GLN A 793 19.07 15.95 4.47
C GLN A 793 19.99 14.80 4.09
N LEU A 794 20.15 14.55 2.78
CA LEU A 794 21.09 13.51 2.35
C LEU A 794 22.51 13.85 2.76
N ASN A 795 22.91 15.12 2.57
CA ASN A 795 24.24 15.52 2.98
C ASN A 795 24.41 15.39 4.49
N ARG A 796 23.38 15.76 5.24
CA ARG A 796 23.47 15.60 6.69
C ARG A 796 23.64 14.14 7.07
N ALA A 797 22.88 13.24 6.45
CA ALA A 797 22.98 11.82 6.79
C ALA A 797 24.37 11.28 6.46
N LEU A 798 24.89 11.63 5.28
CA LEU A 798 26.19 11.11 4.89
C LEU A 798 27.31 11.65 5.79
N THR A 799 27.25 12.94 6.14
CA THR A 799 28.30 13.47 7.02
C THR A 799 28.19 12.89 8.42
N GLY A 800 26.98 12.62 8.91
CA GLY A 800 26.85 11.95 10.18
C GLY A 800 27.47 10.56 10.16
N ILE A 801 27.21 9.81 9.08
CA ILE A 801 27.83 8.50 8.94
C ILE A 801 29.35 8.61 8.94
N ALA A 802 29.87 9.58 8.19
CA ALA A 802 31.32 9.74 8.10
C ALA A 802 31.93 10.02 9.46
N VAL A 803 31.35 10.96 10.22
CA VAL A 803 31.94 11.33 11.50
C VAL A 803 31.81 10.19 12.51
N GLU A 804 30.69 9.47 12.50
CA GLU A 804 30.55 8.33 13.41
C GLU A 804 31.58 7.25 13.10
N GLN A 805 31.77 6.96 11.81
CA GLN A 805 32.72 5.93 11.44
C GLN A 805 34.15 6.34 11.76
N ASP A 806 34.44 7.64 11.67
CA ASP A 806 35.74 8.13 12.13
C ASP A 806 35.91 7.91 13.62
N LYS A 807 34.85 8.17 14.39
CA LYS A 807 34.95 8.00 15.85
C LYS A 807 35.13 6.55 16.26
N ASN A 808 34.59 5.62 15.46
CA ASN A 808 34.69 4.20 15.82
C ASN A 808 36.14 3.75 16.02
N THR A 809 37.00 4.07 15.05
CA THR A 809 38.38 3.61 15.13
C THR A 809 39.09 4.20 16.35
N GLN A 810 38.86 5.48 16.63
CA GLN A 810 39.45 6.08 17.81
C GLN A 810 38.94 5.42 19.08
N GLU A 811 37.68 4.98 19.08
CA GLU A 811 37.13 4.36 20.28
C GLU A 811 37.65 2.95 20.48
N VAL A 812 38.00 2.23 19.41
CA VAL A 812 38.41 0.84 19.58
C VAL A 812 39.90 0.74 19.89
N PHE A 813 40.72 1.66 19.35
CA PHE A 813 42.17 1.50 19.46
C PHE A 813 42.77 2.34 20.58
N ALA A 814 42.55 3.65 20.56
CA ALA A 814 43.22 4.52 21.51
C ALA A 814 42.66 4.34 22.91
N GLN A 815 43.28 3.47 23.69
CA GLN A 815 42.88 3.25 25.07
C GLN A 815 44.07 3.32 26.02
N VAL A 816 45.23 3.78 25.56
CA VAL A 816 46.43 3.89 26.37
C VAL A 816 46.81 5.36 26.46
N LYS A 817 47.07 5.82 27.68
CA LYS A 817 47.40 7.22 27.91
C LYS A 817 48.84 7.57 27.56
N GLN A 818 49.70 6.57 27.41
CA GLN A 818 51.11 6.79 27.08
C GLN A 818 51.53 5.80 26.01
N ILE A 819 52.56 6.16 25.26
CA ILE A 819 53.12 5.31 24.22
C ILE A 819 54.33 4.62 24.81
N TYR A 820 54.16 3.38 25.25
CA TYR A 820 55.25 2.62 25.83
C TYR A 820 56.21 2.17 24.73
N LYS A 821 57.47 2.00 25.11
CA LYS A 821 58.51 1.60 24.18
C LYS A 821 59.23 0.39 24.75
N THR A 822 59.31 -0.67 23.95
CA THR A 822 59.93 -1.89 24.41
C THR A 822 61.43 -1.68 24.62
N PRO A 823 62.02 -2.31 25.63
CA PRO A 823 63.46 -2.18 25.85
C PRO A 823 64.25 -2.95 24.82
N PRO A 824 65.53 -2.64 24.66
CA PRO A 824 66.36 -3.40 23.71
C PRO A 824 66.72 -4.79 24.22
N ILE A 825 66.33 -5.09 25.45
CA ILE A 825 66.57 -6.40 26.05
C ILE A 825 65.59 -7.40 25.44
N LYS A 826 66.10 -8.54 25.00
CA LYS A 826 65.29 -9.61 24.45
C LYS A 826 65.48 -10.90 25.25
N ASP A 827 65.49 -10.77 26.58
CA ASP A 827 65.63 -11.91 27.49
C ASP A 827 64.31 -12.05 28.25
N PHE A 828 63.42 -12.91 27.75
CA PHE A 828 62.13 -13.16 28.37
C PHE A 828 62.02 -14.60 28.89
N GLY A 829 63.14 -15.24 29.17
CA GLY A 829 63.12 -16.59 29.70
C GLY A 829 63.02 -17.69 28.67
N GLY A 830 62.90 -17.35 27.39
CA GLY A 830 62.83 -18.36 26.35
C GLY A 830 61.84 -18.04 25.26
N PHE A 831 60.83 -17.24 25.57
CA PHE A 831 59.84 -16.85 24.56
C PHE A 831 60.49 -15.92 23.54
N ASN A 832 60.06 -16.04 22.29
CA ASN A 832 60.68 -15.33 21.17
C ASN A 832 59.63 -14.50 20.46
N PHE A 833 59.53 -13.21 20.83
CA PHE A 833 58.63 -12.27 20.17
C PHE A 833 59.41 -11.54 19.09
N SER A 834 59.37 -12.08 17.88
CA SER A 834 60.02 -11.45 16.74
C SER A 834 59.14 -11.34 15.51
N GLN A 835 58.02 -12.06 15.45
CA GLN A 835 57.10 -11.96 14.34
C GLN A 835 55.98 -10.95 14.58
N ILE A 836 55.96 -10.31 15.74
CA ILE A 836 54.87 -9.40 16.08
C ILE A 836 55.42 -8.05 16.54
N LEU A 837 56.66 -8.02 16.94
CA LEU A 837 57.21 -6.75 17.37
C LEU A 837 57.68 -5.93 16.17
N PRO A 838 57.69 -4.61 16.28
CA PRO A 838 58.12 -3.78 15.16
C PRO A 838 59.56 -4.05 14.76
N ASP A 839 59.82 -4.00 13.46
CA ASP A 839 61.16 -4.17 12.92
C ASP A 839 61.62 -2.88 12.26
N PRO A 840 62.54 -2.12 12.87
CA PRO A 840 63.00 -0.87 12.26
C PRO A 840 63.98 -1.04 11.11
N SER A 841 64.14 -2.25 10.59
CA SER A 841 65.05 -2.52 9.49
C SER A 841 64.44 -2.23 8.13
N LYS A 842 63.19 -1.81 8.08
CA LYS A 842 62.50 -1.46 6.86
C LYS A 842 61.94 -0.06 6.99
N PRO A 843 61.69 0.64 5.88
CA PRO A 843 61.22 2.03 5.97
C PRO A 843 59.93 2.19 6.77
N SER A 844 59.00 1.23 6.65
CA SER A 844 57.79 1.25 7.44
C SER A 844 58.06 0.70 8.84
N LYS A 845 57.09 0.91 9.72
CA LYS A 845 57.20 0.45 11.11
C LYS A 845 56.15 -0.61 11.43
N ARG A 846 55.94 -1.54 10.52
CA ARG A 846 54.98 -2.63 10.71
C ARG A 846 55.72 -3.93 11.01
N SER A 847 55.07 -4.79 11.78
CA SER A 847 55.66 -6.07 12.12
C SER A 847 55.62 -7.01 10.92
N PHE A 848 56.31 -8.14 11.06
CA PHE A 848 56.37 -9.09 9.96
C PHE A 848 54.99 -9.67 9.64
N ILE A 849 54.21 -10.00 10.68
CA ILE A 849 52.89 -10.58 10.44
C ILE A 849 51.95 -9.54 9.85
N GLU A 850 52.07 -8.28 10.26
CA GLU A 850 51.19 -7.23 9.77
C GLU A 850 51.27 -7.09 8.25
N ASP A 851 52.45 -7.34 7.67
CA ASP A 851 52.60 -7.17 6.22
C ASP A 851 51.79 -8.20 5.45
N LEU A 852 51.72 -9.43 5.94
CA LEU A 852 50.96 -10.46 5.25
C LEU A 852 49.50 -10.08 5.14
N LEU A 853 48.93 -9.49 6.19
CA LEU A 853 47.55 -9.03 6.11
C LEU A 853 47.37 -7.94 5.07
N PHE A 854 48.34 -7.04 4.92
CA PHE A 854 48.23 -6.01 3.89
C PHE A 854 48.30 -6.60 2.49
N ASN A 855 49.21 -7.54 2.27
CA ASN A 855 49.37 -8.08 0.93
C ASN A 855 48.35 -9.16 0.58
N LYS A 856 47.61 -9.68 1.55
CA LYS A 856 46.59 -10.69 1.27
C LYS A 856 45.21 -10.09 1.05
N VAL A 857 45.08 -8.77 1.10
CA VAL A 857 43.82 -8.09 0.84
C VAL A 857 44.02 -7.18 -0.36
N THR A 858 43.13 -7.30 -1.35
CA THR A 858 43.26 -6.59 -2.62
C THR A 858 42.81 -5.13 -2.53
N LEU A 859 42.68 -4.58 -1.32
CA LEU A 859 42.36 -3.18 -1.13
C LEU A 859 41.05 -2.77 -1.79
N ASP A 879 40.17 4.59 -15.47
CA ASP A 879 40.24 4.56 -14.02
C ASP A 879 38.84 4.69 -13.41
N LEU A 880 38.41 3.66 -12.68
CA LEU A 880 37.09 3.68 -12.07
C LEU A 880 36.96 4.81 -11.06
N ILE A 881 38.00 5.03 -10.26
CA ILE A 881 37.96 6.11 -9.28
C ILE A 881 37.84 7.46 -9.96
N CYS A 882 38.56 7.66 -11.06
CA CYS A 882 38.48 8.93 -11.78
C CYS A 882 37.08 9.13 -12.36
N ALA A 883 36.50 8.08 -12.95
CA ALA A 883 35.16 8.19 -13.51
C ALA A 883 34.14 8.51 -12.43
N GLN A 884 34.27 7.86 -11.26
CA GLN A 884 33.40 8.18 -10.14
C GLN A 884 33.58 9.62 -9.70
N LYS A 885 34.82 10.10 -9.67
CA LYS A 885 35.07 11.49 -9.29
C LYS A 885 34.44 12.46 -10.28
N PHE A 886 34.33 12.04 -11.55
CA PHE A 886 33.76 12.92 -12.56
C PHE A 886 32.25 13.11 -12.36
N ASN A 887 31.62 12.31 -11.50
CA ASN A 887 30.19 12.39 -11.27
C ASN A 887 29.83 12.77 -9.83
N GLY A 888 30.69 13.53 -9.17
CA GLY A 888 30.38 14.03 -7.85
C GLY A 888 30.51 13.04 -6.72
N LEU A 889 31.15 11.90 -6.94
CA LEU A 889 31.35 10.90 -5.89
C LEU A 889 32.81 11.01 -5.42
N THR A 890 33.00 11.50 -4.20
CA THR A 890 34.31 11.71 -3.63
C THR A 890 34.50 10.83 -2.41
N VAL A 891 35.74 10.41 -2.18
CA VAL A 891 36.10 9.55 -1.05
C VAL A 891 37.00 10.36 -0.13
N LEU A 892 36.52 10.61 1.08
CA LEU A 892 37.30 11.37 2.06
C LEU A 892 38.37 10.48 2.68
N PRO A 893 39.48 11.06 3.13
CA PRO A 893 40.55 10.25 3.71
C PRO A 893 40.32 10.02 5.19
N PRO A 894 40.75 8.87 5.71
CA PRO A 894 40.58 8.62 7.15
C PRO A 894 41.42 9.57 7.98
N LEU A 895 40.91 9.87 9.18
CA LEU A 895 41.64 10.78 10.06
C LEU A 895 42.94 10.17 10.54
N LEU A 896 42.92 8.88 10.90
CA LEU A 896 44.10 8.19 11.41
C LEU A 896 44.74 7.39 10.28
N THR A 897 46.00 7.70 9.98
CA THR A 897 46.73 6.98 8.96
C THR A 897 47.17 5.62 9.49
N ASP A 898 47.94 4.90 8.68
CA ASP A 898 48.39 3.57 9.08
C ASP A 898 49.49 3.64 10.12
N GLU A 899 50.36 4.65 10.05
CA GLU A 899 51.47 4.72 10.99
C GLU A 899 50.97 4.90 12.42
N MET A 900 49.96 5.73 12.62
CA MET A 900 49.43 5.95 13.97
C MET A 900 48.80 4.69 14.52
N ILE A 901 48.08 3.95 13.68
CA ILE A 901 47.49 2.69 14.13
C ILE A 901 48.58 1.69 14.50
N ALA A 902 49.61 1.59 13.68
CA ALA A 902 50.72 0.71 14.00
C ALA A 902 51.38 1.12 15.31
N GLN A 903 51.47 2.42 15.56
CA GLN A 903 52.09 2.90 16.79
C GLN A 903 51.26 2.50 18.01
N TYR A 904 49.93 2.65 17.94
CA TYR A 904 49.10 2.16 19.04
C TYR A 904 49.25 0.66 19.25
N THR A 905 49.24 -0.12 18.17
CA THR A 905 49.36 -1.57 18.35
C THR A 905 50.69 -1.94 18.99
N SER A 906 51.78 -1.30 18.54
CA SER A 906 53.08 -1.57 19.15
C SER A 906 53.10 -1.16 20.62
N ALA A 907 52.49 -0.02 20.95
CA ALA A 907 52.47 0.41 22.34
C ALA A 907 51.73 -0.58 23.22
N LEU A 908 50.56 -1.05 22.76
CA LEU A 908 49.81 -2.02 23.55
C LEU A 908 50.60 -3.32 23.71
N LEU A 909 51.23 -3.79 22.63
CA LEU A 909 51.93 -5.05 22.70
C LEU A 909 53.18 -4.94 23.58
N ALA A 910 53.83 -3.78 23.59
CA ALA A 910 54.98 -3.60 24.47
C ALA A 910 54.56 -3.41 25.92
N GLY A 911 53.37 -2.87 26.17
CA GLY A 911 52.90 -2.76 27.53
C GLY A 911 52.36 -4.04 28.12
N THR A 912 51.89 -4.96 27.27
CA THR A 912 51.31 -6.19 27.77
C THR A 912 52.32 -7.29 28.07
N ILE A 913 53.62 -7.08 27.79
CA ILE A 913 54.63 -8.08 28.07
C ILE A 913 55.60 -7.67 29.16
N THR A 914 55.63 -6.40 29.54
CA THR A 914 56.49 -5.94 30.62
C THR A 914 55.74 -5.49 31.86
N SER A 915 54.51 -5.01 31.71
CA SER A 915 53.72 -4.52 32.83
C SER A 915 52.60 -5.48 33.20
N GLY A 916 52.55 -6.67 32.62
CA GLY A 916 51.45 -7.57 32.89
C GLY A 916 50.15 -6.95 32.43
N TRP A 917 49.19 -6.86 33.34
CA TRP A 917 47.93 -6.17 33.08
C TRP A 917 47.74 -4.97 33.99
N THR A 918 48.78 -4.54 34.70
CA THR A 918 48.62 -3.42 35.62
C THR A 918 48.54 -2.09 34.88
N PHE A 919 49.14 -2.00 33.69
CA PHE A 919 49.18 -0.72 32.99
C PHE A 919 47.80 -0.28 32.50
N GLY A 920 46.82 -1.16 32.49
CA GLY A 920 45.48 -0.76 32.16
C GLY A 920 44.67 -0.21 33.30
N ALA A 921 45.24 -0.19 34.52
CA ALA A 921 44.52 0.27 35.70
C ALA A 921 45.40 1.12 36.60
N GLY A 922 46.29 1.92 36.02
CA GLY A 922 47.18 2.74 36.80
C GLY A 922 48.46 3.09 36.08
N ALA A 923 49.60 2.99 36.77
CA ALA A 923 50.89 3.24 36.16
C ALA A 923 51.39 1.95 35.52
N ALA A 924 52.66 1.94 35.11
CA ALA A 924 53.28 0.74 34.56
C ALA A 924 54.16 0.11 35.62
N LEU A 925 53.85 -1.13 35.97
CA LEU A 925 54.57 -1.87 37.01
C LEU A 925 55.33 -3.00 36.34
N GLN A 926 56.63 -2.83 36.16
CA GLN A 926 57.43 -3.85 35.48
C GLN A 926 57.52 -5.10 36.33
N ILE A 927 57.60 -6.24 35.66
CA ILE A 927 57.65 -7.54 36.33
C ILE A 927 58.18 -8.57 35.34
N PRO A 928 59.08 -9.46 35.75
CA PRO A 928 59.65 -10.42 34.81
C PRO A 928 58.58 -11.29 34.18
N PHE A 929 58.80 -11.64 32.90
CA PHE A 929 57.78 -12.38 32.16
C PHE A 929 57.53 -13.76 32.76
N ALA A 930 58.60 -14.43 33.21
CA ALA A 930 58.47 -15.78 33.72
C ALA A 930 57.53 -15.83 34.92
N MET A 931 57.48 -14.77 35.72
CA MET A 931 56.58 -14.74 36.86
C MET A 931 55.18 -14.30 36.49
N GLN A 932 55.04 -13.44 35.48
CA GLN A 932 53.72 -13.05 35.01
C GLN A 932 52.98 -14.27 34.45
N MET A 933 53.69 -15.11 33.70
CA MET A 933 53.06 -16.33 33.21
C MET A 933 52.67 -17.26 34.35
N ALA A 934 53.48 -17.31 35.40
CA ALA A 934 53.12 -18.11 36.57
C ALA A 934 51.86 -17.58 37.21
N TYR A 935 51.73 -16.26 37.30
CA TYR A 935 50.49 -15.67 37.80
C TYR A 935 49.31 -16.07 36.94
N ARG A 936 49.49 -16.05 35.63
CA ARG A 936 48.39 -16.39 34.73
C ARG A 936 47.97 -17.84 34.87
N PHE A 937 48.91 -18.77 35.05
CA PHE A 937 48.50 -20.14 35.37
C PHE A 937 47.76 -20.21 36.70
N ASN A 938 48.24 -19.51 37.73
CA ASN A 938 47.54 -19.54 39.00
C ASN A 938 46.12 -19.03 38.87
N GLY A 939 45.87 -18.16 37.88
CA GLY A 939 44.52 -17.68 37.66
C GLY A 939 43.52 -18.71 37.17
N ILE A 940 43.97 -19.89 36.73
CA ILE A 940 43.05 -20.90 36.20
C ILE A 940 43.21 -22.22 36.93
N GLY A 941 43.60 -22.17 38.19
CA GLY A 941 43.68 -23.38 38.99
C GLY A 941 44.78 -24.36 38.60
N VAL A 942 45.97 -23.86 38.31
CA VAL A 942 47.17 -24.67 38.19
C VAL A 942 48.26 -24.03 39.02
N THR A 943 48.89 -24.80 39.89
CA THR A 943 49.88 -24.24 40.80
C THR A 943 51.15 -23.85 40.04
N GLN A 944 51.93 -22.96 40.66
CA GLN A 944 53.05 -22.34 39.97
C GLN A 944 54.15 -23.35 39.63
N ASN A 945 54.33 -24.37 40.46
CA ASN A 945 55.44 -25.29 40.24
C ASN A 945 55.36 -25.95 38.88
N VAL A 946 54.15 -26.13 38.34
CA VAL A 946 54.00 -26.72 37.01
C VAL A 946 54.72 -25.87 35.98
N LEU A 947 54.47 -24.56 35.98
CA LEU A 947 55.16 -23.68 35.05
C LEU A 947 56.65 -23.66 35.33
N TYR A 948 57.02 -23.48 36.60
CA TYR A 948 58.44 -23.32 36.89
C TYR A 948 59.24 -24.59 36.67
N GLU A 949 58.58 -25.73 36.45
CA GLU A 949 59.29 -26.94 36.08
C GLU A 949 59.10 -27.34 34.63
N ASN A 950 58.14 -26.77 33.91
CA ASN A 950 57.97 -27.07 32.49
C ASN A 950 58.20 -25.85 31.61
N GLN A 951 58.95 -24.86 32.11
CA GLN A 951 59.20 -23.64 31.35
C GLN A 951 59.77 -23.91 29.97
N LYS A 952 60.75 -24.81 29.86
CA LYS A 952 61.39 -25.05 28.57
C LYS A 952 60.39 -25.60 27.55
N LEU A 953 59.61 -26.58 27.97
CA LEU A 953 58.59 -27.15 27.09
C LEU A 953 57.56 -26.09 26.70
N ILE A 954 57.16 -25.25 27.65
CA ILE A 954 56.18 -24.21 27.34
C ILE A 954 56.74 -23.26 26.30
N ALA A 955 57.99 -22.84 26.47
CA ALA A 955 58.60 -21.92 25.51
C ALA A 955 58.68 -22.54 24.13
N ASN A 956 59.09 -23.81 24.05
CA ASN A 956 59.19 -24.46 22.75
C ASN A 956 57.83 -24.56 22.07
N GLN A 957 56.80 -24.95 22.83
CA GLN A 957 55.47 -25.05 22.24
C GLN A 957 54.97 -23.69 21.77
N PHE A 958 55.21 -22.64 22.55
CA PHE A 958 54.77 -21.31 22.16
C PHE A 958 55.46 -20.86 20.89
N ASN A 959 56.78 -21.09 20.79
CA ASN A 959 57.49 -20.66 19.59
C ASN A 959 56.99 -21.40 18.36
N SER A 960 56.77 -22.71 18.47
CA SER A 960 56.23 -23.45 17.34
C SER A 960 54.84 -22.94 16.96
N ALA A 961 54.01 -22.63 17.95
CA ALA A 961 52.66 -22.14 17.67
C ALA A 961 52.71 -20.81 16.93
N ILE A 962 53.60 -19.91 17.34
CA ILE A 962 53.73 -18.64 16.61
C ILE A 962 54.20 -18.88 15.19
N GLY A 963 55.18 -19.76 15.01
CA GLY A 963 55.68 -20.03 13.66
C GLY A 963 54.60 -20.55 12.73
N LYS A 964 53.71 -21.40 13.26
CA LYS A 964 52.68 -21.99 12.40
C LYS A 964 51.72 -20.96 11.85
N ILE A 965 51.46 -19.87 12.59
CA ILE A 965 50.53 -18.86 12.09
C ILE A 965 51.09 -18.16 10.85
N GLN A 966 52.34 -17.70 10.92
CA GLN A 966 52.91 -17.06 9.74
C GLN A 966 53.15 -18.06 8.62
N ASP A 967 53.33 -19.34 8.95
CA ASP A 967 53.38 -20.34 7.88
C ASP A 967 52.03 -20.48 7.20
N SER A 968 50.94 -20.43 7.96
CA SER A 968 49.62 -20.63 7.37
C SER A 968 49.15 -19.42 6.59
N LEU A 969 49.38 -18.20 7.09
CA LEU A 969 48.90 -17.03 6.39
C LEU A 969 49.71 -16.72 5.13
N SER A 970 50.93 -17.23 5.03
CA SER A 970 51.74 -16.99 3.83
C SER A 970 51.20 -17.72 2.61
N SER A 971 50.29 -18.67 2.79
CA SER A 971 49.64 -19.36 1.69
C SER A 971 48.27 -18.72 1.44
N THR A 972 47.48 -19.35 0.57
CA THR A 972 46.16 -18.82 0.26
C THR A 972 45.31 -18.74 1.52
N ALA A 973 44.68 -17.58 1.71
CA ALA A 973 43.91 -17.29 2.91
C ALA A 973 42.44 -17.08 2.56
N SER A 974 41.56 -17.71 3.31
CA SER A 974 40.12 -17.50 3.18
C SER A 974 39.49 -16.88 4.41
N ALA A 975 40.20 -16.85 5.55
CA ALA A 975 39.66 -16.21 6.74
C ALA A 975 39.51 -14.70 6.56
N LEU A 976 40.40 -14.08 5.79
CA LEU A 976 40.33 -12.65 5.57
C LEU A 976 39.13 -12.24 4.73
N GLY A 977 38.43 -13.21 4.14
CA GLY A 977 37.24 -12.87 3.38
C GLY A 977 36.20 -12.15 4.21
N LYS A 978 36.15 -12.44 5.52
CA LYS A 978 35.22 -11.72 6.40
C LYS A 978 35.54 -10.23 6.41
N LEU A 979 36.81 -9.87 6.30
CA LEU A 979 37.19 -8.47 6.25
C LEU A 979 36.93 -7.87 4.87
N GLN A 980 37.16 -8.66 3.81
CA GLN A 980 37.06 -8.15 2.44
C GLN A 980 35.61 -8.04 1.95
N ASP A 981 34.68 -8.72 2.63
CA ASP A 981 33.30 -8.72 2.18
C ASP A 981 32.69 -7.33 2.25
N VAL A 982 33.03 -6.57 3.29
CA VAL A 982 32.48 -5.22 3.42
C VAL A 982 32.92 -4.35 2.26
N VAL A 983 34.21 -4.38 1.94
CA VAL A 983 34.72 -3.58 0.84
C VAL A 983 34.07 -4.01 -0.47
N ASN A 984 33.94 -5.32 -0.68
CA ASN A 984 33.34 -5.80 -1.92
C ASN A 984 31.90 -5.30 -2.06
N GLN A 985 31.12 -5.42 -0.98
CA GLN A 985 29.72 -5.01 -1.05
C GLN A 985 29.60 -3.51 -1.28
N ASN A 986 30.41 -2.72 -0.58
CA ASN A 986 30.34 -1.27 -0.75
C ASN A 986 30.69 -0.86 -2.18
N ALA A 987 31.75 -1.45 -2.74
CA ALA A 987 32.13 -1.12 -4.10
C ALA A 987 31.03 -1.51 -5.09
N GLN A 988 30.42 -2.68 -4.88
CA GLN A 988 29.35 -3.10 -5.79
C GLN A 988 28.16 -2.15 -5.73
N ALA A 989 27.77 -1.74 -4.52
CA ALA A 989 26.64 -0.82 -4.40
C ALA A 989 26.94 0.52 -5.06
N LEU A 990 28.14 1.04 -4.85
CA LEU A 990 28.50 2.31 -5.48
C LEU A 990 28.51 2.19 -7.00
N ASN A 991 28.99 1.04 -7.52
CA ASN A 991 28.98 0.83 -8.95
C ASN A 991 27.56 0.81 -9.51
N THR A 992 26.64 0.15 -8.82
CA THR A 992 25.25 0.15 -9.27
C THR A 992 24.68 1.56 -9.28
N LEU A 993 24.97 2.33 -8.23
CA LEU A 993 24.47 3.70 -8.18
C LEU A 993 24.99 4.52 -9.35
N VAL A 994 26.28 4.41 -9.66
CA VAL A 994 26.81 5.23 -10.74
C VAL A 994 26.30 4.75 -12.10
N LYS A 995 26.07 3.45 -12.26
CA LYS A 995 25.55 2.95 -13.52
C LYS A 995 24.08 3.26 -13.71
N GLN A 996 23.36 3.59 -12.63
CA GLN A 996 21.95 3.94 -12.78
C GLN A 996 21.73 5.21 -13.61
N LEU A 997 22.78 5.99 -13.85
CA LEU A 997 22.63 7.26 -14.55
C LEU A 997 22.25 7.10 -16.03
N SER A 998 22.33 5.90 -16.59
CA SER A 998 22.10 5.70 -18.01
C SER A 998 20.65 5.40 -18.36
N SER A 999 19.77 5.26 -17.37
CA SER A 999 18.41 4.83 -17.64
C SER A 999 17.58 5.95 -18.23
N ASN A 1000 16.70 5.60 -19.18
CA ASN A 1000 15.86 6.60 -19.82
C ASN A 1000 14.77 7.10 -18.89
N PHE A 1001 14.27 6.24 -17.99
CA PHE A 1001 13.21 6.60 -17.06
C PHE A 1001 11.97 7.11 -17.78
N GLY A 1002 11.68 6.54 -18.94
CA GLY A 1002 10.54 7.00 -19.73
C GLY A 1002 10.67 8.40 -20.28
N ALA A 1003 11.85 8.73 -20.81
CA ALA A 1003 12.09 10.03 -21.45
C ALA A 1003 12.69 9.78 -22.83
N ILE A 1004 12.92 10.86 -23.57
CA ILE A 1004 13.44 10.72 -24.93
C ILE A 1004 14.87 10.17 -24.91
N SER A 1005 15.74 10.74 -24.08
CA SER A 1005 17.11 10.30 -24.02
C SER A 1005 17.65 10.52 -22.62
N SER A 1006 18.67 9.75 -22.27
CA SER A 1006 19.26 9.80 -20.94
C SER A 1006 20.32 10.88 -20.80
N VAL A 1007 20.62 11.61 -21.86
CA VAL A 1007 21.58 12.70 -21.82
C VAL A 1007 20.81 14.00 -21.72
N LEU A 1008 21.08 14.77 -20.67
CA LEU A 1008 20.31 15.99 -20.43
C LEU A 1008 20.60 17.06 -21.48
N ASN A 1009 21.84 17.13 -21.96
CA ASN A 1009 22.16 18.10 -22.99
C ASN A 1009 21.41 17.81 -24.28
N ASP A 1010 21.18 16.54 -24.60
CA ASP A 1010 20.39 16.21 -25.77
C ASP A 1010 18.97 16.78 -25.66
N ILE A 1011 18.36 16.65 -24.49
CA ILE A 1011 17.02 17.22 -24.31
C ILE A 1011 17.08 18.74 -24.38
N LEU A 1012 18.02 19.35 -23.66
CA LEU A 1012 18.17 20.80 -23.78
C LEU A 1012 19.14 21.19 -24.87
N SER A 1013 18.98 20.55 -26.03
CA SER A 1013 19.55 21.03 -27.29
C SER A 1013 18.59 20.75 -28.42
N ARG A 1014 17.39 20.28 -28.13
CA ARG A 1014 16.44 19.84 -29.15
C ARG A 1014 15.01 20.32 -28.90
N LEU A 1015 14.68 20.82 -27.72
CA LEU A 1015 13.32 21.18 -27.38
C LEU A 1015 13.28 22.58 -26.78
N ASP A 1016 12.14 23.24 -26.94
CA ASP A 1016 11.91 24.54 -26.36
C ASP A 1016 11.36 24.36 -24.94
N PRO A 1017 11.83 25.17 -23.99
CA PRO A 1017 11.69 24.81 -22.55
C PRO A 1017 10.27 24.48 -22.12
N PRO A 1018 9.23 25.18 -22.62
CA PRO A 1018 7.87 24.80 -22.19
C PRO A 1018 7.51 23.35 -22.45
N GLU A 1019 8.03 22.74 -23.51
CA GLU A 1019 7.83 21.31 -23.72
C GLU A 1019 9.03 20.47 -23.29
N ALA A 1020 10.04 21.09 -22.67
CA ALA A 1020 11.21 20.35 -22.19
C ALA A 1020 11.14 20.10 -20.68
N GLU A 1021 10.46 20.98 -19.94
CA GLU A 1021 10.40 20.81 -18.50
C GLU A 1021 9.70 19.51 -18.11
N VAL A 1022 8.61 19.18 -18.82
CA VAL A 1022 7.87 17.98 -18.51
C VAL A 1022 8.72 16.73 -18.73
N GLN A 1023 9.59 16.75 -19.74
CA GLN A 1023 10.50 15.63 -19.93
C GLN A 1023 11.56 15.59 -18.83
N ILE A 1024 12.13 16.74 -18.48
CA ILE A 1024 13.18 16.76 -17.48
C ILE A 1024 12.66 16.30 -16.12
N ASP A 1025 11.36 16.50 -15.86
CA ASP A 1025 10.80 16.13 -14.57
C ASP A 1025 10.95 14.63 -14.30
N ARG A 1026 10.71 13.80 -15.32
CA ARG A 1026 10.80 12.35 -15.11
C ARG A 1026 12.23 11.94 -14.73
N LEU A 1027 13.22 12.48 -15.42
CA LEU A 1027 14.61 12.16 -15.10
C LEU A 1027 14.93 12.58 -13.68
N ILE A 1028 14.49 13.78 -13.28
CA ILE A 1028 14.76 14.24 -11.93
C ILE A 1028 14.14 13.30 -10.92
N THR A 1029 12.89 12.88 -11.15
CA THR A 1029 12.22 11.98 -10.21
C THR A 1029 12.97 10.66 -10.09
N GLY A 1030 13.34 10.06 -11.22
CA GLY A 1030 14.00 8.76 -11.16
C GLY A 1030 15.35 8.84 -10.45
N ARG A 1031 16.15 9.85 -10.79
CA ARG A 1031 17.46 9.98 -10.16
C ARG A 1031 17.32 10.24 -8.67
N LEU A 1032 16.34 11.04 -8.27
CA LEU A 1032 16.12 11.28 -6.85
C LEU A 1032 15.76 9.99 -6.11
N GLN A 1033 14.91 9.16 -6.73
CA GLN A 1033 14.56 7.90 -6.10
C GLN A 1033 15.78 7.00 -5.93
N SER A 1034 16.63 6.92 -6.96
CA SER A 1034 17.83 6.10 -6.85
C SER A 1034 18.74 6.59 -5.74
N LEU A 1035 18.90 7.91 -5.63
CA LEU A 1035 19.73 8.47 -4.56
C LEU A 1035 19.16 8.10 -3.19
N GLN A 1036 17.84 8.19 -3.04
CA GLN A 1036 17.22 7.81 -1.78
C GLN A 1036 17.51 6.37 -1.42
N THR A 1037 17.38 5.47 -2.39
CA THR A 1037 17.63 4.06 -2.12
C THR A 1037 19.07 3.83 -1.66
N TYR A 1038 20.02 4.44 -2.36
CA TYR A 1038 21.42 4.25 -1.98
C TYR A 1038 21.69 4.77 -0.57
N VAL A 1039 21.15 5.94 -0.24
CA VAL A 1039 21.38 6.51 1.09
C VAL A 1039 20.80 5.59 2.16
N THR A 1040 19.59 5.06 1.92
CA THR A 1040 18.99 4.17 2.89
C THR A 1040 19.84 2.92 3.11
N GLN A 1041 20.37 2.35 2.02
CA GLN A 1041 21.20 1.16 2.16
C GLN A 1041 22.45 1.46 3.00
N GLN A 1042 23.11 2.59 2.72
CA GLN A 1042 24.30 2.92 3.50
C GLN A 1042 23.96 3.13 4.97
N LEU A 1043 22.85 3.82 5.25
CA LEU A 1043 22.45 4.03 6.63
C LEU A 1043 22.20 2.72 7.34
N ILE A 1044 21.59 1.76 6.65
CA ILE A 1044 21.34 0.45 7.25
C ILE A 1044 22.65 -0.24 7.59
N ARG A 1045 23.60 -0.23 6.65
CA ARG A 1045 24.84 -0.98 6.88
C ARG A 1045 25.68 -0.35 8.00
N ALA A 1046 25.58 0.97 8.17
CA ALA A 1046 26.41 1.64 9.18
C ALA A 1046 26.12 1.12 10.58
N ALA A 1047 24.85 0.84 10.89
CA ALA A 1047 24.52 0.37 12.23
C ALA A 1047 25.17 -0.98 12.52
N GLU A 1048 25.14 -1.90 11.55
CA GLU A 1048 25.78 -3.19 11.74
C GLU A 1048 27.27 -3.03 11.96
N ILE A 1049 27.91 -2.18 11.16
CA ILE A 1049 29.35 -2.00 11.32
C ILE A 1049 29.67 -1.40 12.67
N ARG A 1050 28.85 -0.47 13.15
CA ARG A 1050 29.09 0.11 14.47
C ARG A 1050 28.93 -0.93 15.57
N ALA A 1051 27.94 -1.82 15.44
CA ALA A 1051 27.79 -2.88 16.43
C ALA A 1051 29.01 -3.78 16.47
N SER A 1052 29.54 -4.14 15.29
CA SER A 1052 30.74 -4.95 15.26
C SER A 1052 31.92 -4.21 15.88
N ALA A 1053 32.01 -2.90 15.65
CA ALA A 1053 33.09 -2.12 16.24
C ALA A 1053 33.00 -2.10 17.76
N ASN A 1054 31.79 -1.98 18.30
CA ASN A 1054 31.62 -2.02 19.75
C ASN A 1054 32.05 -3.37 20.31
N LEU A 1055 31.68 -4.46 19.63
CA LEU A 1055 32.13 -5.77 20.08
C LEU A 1055 33.65 -5.87 20.06
N ALA A 1056 34.28 -5.34 19.01
CA ALA A 1056 35.73 -5.36 18.94
C ALA A 1056 36.35 -4.56 20.08
N ALA A 1057 35.75 -3.43 20.42
CA ALA A 1057 36.26 -2.63 21.53
C ALA A 1057 36.18 -3.40 22.85
N THR A 1058 35.05 -4.08 23.09
CA THR A 1058 34.94 -4.86 24.32
C THR A 1058 35.96 -5.99 24.36
N LYS A 1059 36.15 -6.68 23.22
CA LYS A 1059 37.15 -7.74 23.18
C LYS A 1059 38.54 -7.19 23.47
N MET A 1060 38.88 -6.04 22.89
CA MET A 1060 40.18 -5.43 23.13
C MET A 1060 40.36 -5.07 24.60
N SER A 1061 39.31 -4.51 25.21
CA SER A 1061 39.41 -4.09 26.60
C SER A 1061 39.56 -5.27 27.54
N GLU A 1062 38.90 -6.39 27.25
CA GLU A 1062 38.88 -7.50 28.21
C GLU A 1062 39.94 -8.55 27.92
N CYS A 1063 40.01 -9.08 26.70
CA CYS A 1063 40.95 -10.18 26.43
C CYS A 1063 42.40 -9.72 26.47
N VAL A 1064 42.67 -8.43 26.27
CA VAL A 1064 44.04 -7.94 26.18
C VAL A 1064 44.53 -7.34 27.49
N LEU A 1065 43.84 -6.30 27.95
CA LEU A 1065 44.29 -5.61 29.16
C LEU A 1065 44.14 -6.43 30.41
N GLY A 1066 43.78 -7.69 30.31
CA GLY A 1066 43.62 -8.52 31.49
C GLY A 1066 43.33 -9.95 31.12
N GLN A 1067 42.91 -10.72 32.12
CA GLN A 1067 42.55 -12.12 31.95
C GLN A 1067 41.06 -12.26 32.18
N SER A 1068 40.36 -12.88 31.25
CA SER A 1068 38.92 -13.05 31.31
C SER A 1068 38.57 -14.52 31.52
N LYS A 1069 37.71 -14.79 32.49
CA LYS A 1069 37.29 -16.14 32.81
C LYS A 1069 36.01 -16.55 32.09
N ARG A 1070 35.46 -15.68 31.24
CA ARG A 1070 34.30 -16.05 30.45
C ARG A 1070 34.68 -17.07 29.41
N VAL A 1071 33.94 -18.18 29.35
CA VAL A 1071 34.29 -19.27 28.45
C VAL A 1071 34.02 -18.86 27.01
N ASP A 1072 34.96 -19.20 26.13
CA ASP A 1072 34.85 -18.97 24.69
C ASP A 1072 34.66 -17.50 24.34
N PHE A 1073 35.20 -16.60 25.15
CA PHE A 1073 35.25 -15.19 24.82
C PHE A 1073 36.63 -14.72 24.39
N CYS A 1074 37.66 -15.53 24.61
CA CYS A 1074 39.00 -15.24 24.15
C CYS A 1074 39.63 -16.49 23.52
N GLY A 1075 38.86 -17.20 22.71
CA GLY A 1075 39.35 -18.38 22.03
C GLY A 1075 38.98 -19.66 22.77
N LYS A 1076 39.05 -20.77 22.04
CA LYS A 1076 38.67 -22.06 22.60
C LYS A 1076 39.62 -22.48 23.72
N GLY A 1077 39.06 -23.05 24.77
CA GLY A 1077 39.84 -23.47 25.91
C GLY A 1077 40.00 -22.36 26.94
N TYR A 1078 40.89 -22.62 27.89
CA TYR A 1078 41.22 -21.64 28.91
C TYR A 1078 42.09 -20.55 28.30
N HIS A 1079 41.92 -19.32 28.78
CA HIS A 1079 42.60 -18.17 28.21
C HIS A 1079 43.78 -17.75 29.07
N LEU A 1080 44.88 -17.37 28.41
CA LEU A 1080 46.07 -16.86 29.07
C LEU A 1080 46.38 -15.42 28.70
N MET A 1081 46.44 -15.09 27.42
CA MET A 1081 46.75 -13.73 27.01
C MET A 1081 46.35 -13.53 25.55
N SER A 1082 46.42 -12.28 25.11
CA SER A 1082 46.03 -11.91 23.77
C SER A 1082 47.00 -10.87 23.22
N PHE A 1083 47.09 -10.83 21.89
CA PHE A 1083 47.93 -9.86 21.20
C PHE A 1083 47.15 -9.24 20.06
N PRO A 1084 47.15 -7.92 19.93
CA PRO A 1084 46.44 -7.28 18.82
C PRO A 1084 47.34 -7.00 17.63
N GLN A 1085 46.72 -6.98 16.45
CA GLN A 1085 47.38 -6.66 15.20
C GLN A 1085 46.42 -5.83 14.35
N SER A 1086 46.97 -4.98 13.51
CA SER A 1086 46.18 -4.08 12.67
C SER A 1086 46.09 -4.65 11.26
N ALA A 1087 44.95 -4.43 10.62
CA ALA A 1087 44.72 -4.84 9.24
C ALA A 1087 43.91 -3.77 8.55
N PRO A 1088 43.99 -3.68 7.22
CA PRO A 1088 43.24 -2.63 6.50
C PRO A 1088 41.76 -2.72 6.82
N HIS A 1089 41.25 -1.69 7.49
CA HIS A 1089 39.86 -1.63 7.91
C HIS A 1089 39.48 -2.83 8.79
N GLY A 1090 40.32 -3.12 9.77
CA GLY A 1090 39.99 -4.20 10.68
C GLY A 1090 41.10 -4.48 11.68
N VAL A 1091 40.76 -5.35 12.63
CA VAL A 1091 41.68 -5.74 13.68
C VAL A 1091 41.76 -7.26 13.72
N VAL A 1092 42.93 -7.77 14.11
CA VAL A 1092 43.20 -9.19 14.20
C VAL A 1092 43.65 -9.49 15.63
N PHE A 1093 43.05 -10.50 16.23
CA PHE A 1093 43.41 -10.91 17.58
C PHE A 1093 44.10 -12.26 17.54
N LEU A 1094 45.19 -12.37 18.30
CA LEU A 1094 45.90 -13.63 18.52
C LEU A 1094 45.66 -14.02 19.97
N HIS A 1095 44.85 -15.05 20.18
CA HIS A 1095 44.58 -15.55 21.52
C HIS A 1095 45.50 -16.74 21.81
N VAL A 1096 46.15 -16.72 22.96
CA VAL A 1096 46.94 -17.86 23.44
C VAL A 1096 46.10 -18.61 24.45
N THR A 1097 45.97 -19.92 24.26
CA THR A 1097 45.11 -20.73 25.10
C THR A 1097 45.85 -21.96 25.60
N TYR A 1098 45.44 -22.42 26.78
CA TYR A 1098 46.02 -23.59 27.43
C TYR A 1098 45.00 -24.72 27.37
N VAL A 1099 45.42 -25.89 26.88
CA VAL A 1099 44.51 -26.99 26.61
C VAL A 1099 45.03 -28.27 27.23
N PRO A 1100 44.28 -28.96 28.08
CA PRO A 1100 44.76 -30.23 28.63
C PRO A 1100 44.86 -31.29 27.55
N ALA A 1101 45.94 -32.07 27.59
CA ALA A 1101 46.25 -32.96 26.48
C ALA A 1101 45.77 -34.38 26.68
N GLN A 1102 46.36 -35.12 27.60
CA GLN A 1102 46.06 -36.53 27.79
C GLN A 1102 45.14 -36.71 28.98
N GLU A 1103 44.81 -37.97 29.26
CA GLU A 1103 43.99 -38.27 30.42
C GLU A 1103 44.18 -39.74 30.80
N LYS A 1104 43.86 -40.04 32.06
CA LYS A 1104 43.98 -41.41 32.56
C LYS A 1104 42.76 -41.76 33.41
N ASN A 1105 42.49 -43.06 33.49
CA ASN A 1105 41.40 -43.57 34.30
C ASN A 1105 41.83 -43.65 35.77
N PHE A 1106 40.89 -43.33 36.67
CA PHE A 1106 41.15 -43.47 38.10
C PHE A 1106 39.84 -43.74 38.81
N THR A 1107 39.94 -44.27 40.03
CA THR A 1107 38.77 -44.50 40.88
C THR A 1107 38.81 -43.55 42.06
N THR A 1108 37.67 -42.93 42.37
CA THR A 1108 37.61 -41.84 43.32
C THR A 1108 36.46 -42.05 44.30
N ALA A 1109 36.59 -41.39 45.46
CA ALA A 1109 35.59 -41.43 46.50
C ALA A 1109 35.34 -40.02 47.03
N PRO A 1110 34.13 -39.72 47.48
CA PRO A 1110 33.85 -38.35 47.91
C PRO A 1110 34.54 -37.95 49.20
N ALA A 1111 34.69 -38.87 50.16
CA ALA A 1111 35.26 -38.51 51.45
C ALA A 1111 35.93 -39.72 52.06
N ILE A 1112 36.61 -39.50 53.18
CA ILE A 1112 37.36 -40.54 53.87
C ILE A 1112 36.93 -40.55 55.34
N CYS A 1113 36.60 -41.72 55.85
CA CYS A 1113 36.33 -41.91 57.27
C CYS A 1113 37.53 -42.60 57.90
N HIS A 1114 38.10 -41.99 58.94
CA HIS A 1114 39.32 -42.47 59.55
C HIS A 1114 39.09 -42.98 60.98
N ASP A 1115 38.57 -42.14 61.86
CA ASP A 1115 38.32 -42.50 63.26
C ASP A 1115 36.90 -42.14 63.65
N GLY A 1116 35.94 -42.45 62.77
CA GLY A 1116 34.59 -41.99 62.97
C GLY A 1116 34.34 -40.57 62.56
N LYS A 1117 35.32 -39.89 61.97
CA LYS A 1117 35.17 -38.53 61.47
C LYS A 1117 35.42 -38.52 59.98
N ALA A 1118 34.59 -37.80 59.25
CA ALA A 1118 34.74 -37.69 57.80
C ALA A 1118 35.78 -36.65 57.47
N HIS A 1119 36.64 -36.95 56.51
CA HIS A 1119 37.67 -36.02 56.04
C HIS A 1119 37.34 -35.58 54.63
N PHE A 1120 37.48 -34.29 54.35
CA PHE A 1120 37.20 -33.72 53.05
C PHE A 1120 38.44 -33.01 52.52
N PRO A 1121 38.62 -32.95 51.21
CA PRO A 1121 39.83 -32.32 50.67
C PRO A 1121 39.73 -30.81 50.71
N ARG A 1122 40.76 -30.16 51.23
CA ARG A 1122 40.79 -28.70 51.27
C ARG A 1122 40.79 -28.12 49.86
N GLU A 1123 41.57 -28.72 48.96
CA GLU A 1123 41.64 -28.27 47.59
C GLU A 1123 42.10 -29.44 46.72
N GLY A 1124 41.23 -29.88 45.81
CA GLY A 1124 41.56 -31.01 44.98
C GLY A 1124 40.54 -32.12 45.02
N VAL A 1125 40.99 -33.35 44.77
CA VAL A 1125 40.10 -34.49 44.69
C VAL A 1125 40.87 -35.74 45.08
N PHE A 1126 40.17 -36.70 45.68
CA PHE A 1126 40.76 -37.97 46.07
C PHE A 1126 40.82 -38.91 44.88
N VAL A 1127 41.96 -39.57 44.70
CA VAL A 1127 42.13 -40.56 43.65
C VAL A 1127 42.81 -41.78 44.24
N SER A 1128 42.70 -42.90 43.54
CA SER A 1128 43.26 -44.16 44.01
C SER A 1128 43.46 -45.09 42.84
N ASN A 1129 44.70 -45.56 42.65
CA ASN A 1129 45.02 -46.47 41.56
C ASN A 1129 44.76 -47.92 41.92
N GLY A 1130 43.86 -48.18 42.86
CA GLY A 1130 43.46 -49.52 43.23
C GLY A 1130 44.13 -50.07 44.46
N THR A 1131 45.23 -49.46 44.91
CA THR A 1131 45.96 -49.95 46.07
C THR A 1131 46.25 -48.88 47.11
N HIS A 1132 46.46 -47.63 46.72
CA HIS A 1132 46.72 -46.56 47.65
C HIS A 1132 45.83 -45.37 47.32
N TRP A 1133 45.79 -44.39 48.22
CA TRP A 1133 44.94 -43.22 48.05
C TRP A 1133 45.77 -41.96 48.12
N PHE A 1134 45.54 -41.04 47.19
CA PHE A 1134 46.21 -39.76 47.15
C PHE A 1134 45.18 -38.66 46.93
N VAL A 1135 45.63 -37.41 47.06
CA VAL A 1135 44.83 -36.24 46.74
C VAL A 1135 45.59 -35.43 45.70
N THR A 1136 44.88 -34.95 44.68
CA THR A 1136 45.53 -34.25 43.59
C THR A 1136 44.71 -33.05 43.16
N GLN A 1137 45.37 -32.09 42.53
CA GLN A 1137 44.68 -30.91 42.04
C GLN A 1137 43.82 -31.25 40.83
N ARG A 1138 42.92 -30.35 40.49
CA ARG A 1138 41.84 -30.66 39.55
C ARG A 1138 42.36 -30.87 38.14
N ASN A 1139 43.21 -29.97 37.65
CA ASN A 1139 43.56 -29.91 36.24
C ASN A 1139 44.93 -30.49 35.93
N PHE A 1140 45.55 -31.20 36.87
CA PHE A 1140 46.85 -31.80 36.62
C PHE A 1140 47.02 -33.00 37.54
N TYR A 1141 47.93 -33.90 37.16
CA TYR A 1141 48.20 -35.09 37.93
C TYR A 1141 49.44 -34.86 38.77
N GLU A 1142 49.29 -34.94 40.08
CA GLU A 1142 50.37 -34.63 41.02
C GLU A 1142 50.06 -35.25 42.37
N PRO A 1143 50.21 -36.56 42.52
CA PRO A 1143 49.76 -37.22 43.75
C PRO A 1143 50.55 -36.78 44.97
N GLN A 1144 49.86 -36.73 46.10
CA GLN A 1144 50.45 -36.35 47.37
C GLN A 1144 49.84 -37.20 48.47
N ILE A 1145 50.53 -37.29 49.59
CA ILE A 1145 50.08 -38.11 50.71
C ILE A 1145 49.05 -37.34 51.53
N ILE A 1146 47.99 -38.03 51.94
CA ILE A 1146 46.92 -37.40 52.70
C ILE A 1146 47.42 -37.07 54.10
N THR A 1147 47.26 -35.81 54.49
CA THR A 1147 47.67 -35.36 55.82
C THR A 1147 46.61 -34.44 56.39
N THR A 1148 46.66 -34.24 57.71
CA THR A 1148 45.76 -33.31 58.36
C THR A 1148 46.03 -31.86 57.98
N ASP A 1149 47.14 -31.58 57.32
CA ASP A 1149 47.42 -30.25 56.79
C ASP A 1149 46.89 -30.07 55.38
N ASN A 1150 46.18 -31.07 54.84
CA ASN A 1150 45.68 -31.02 53.47
C ASN A 1150 44.18 -31.28 53.40
N THR A 1151 43.51 -31.46 54.54
CA THR A 1151 42.11 -31.82 54.58
C THR A 1151 41.42 -31.05 55.69
N PHE A 1152 40.12 -31.27 55.84
CA PHE A 1152 39.40 -30.74 56.99
C PHE A 1152 38.24 -31.66 57.35
N VAL A 1153 37.90 -31.70 58.63
CA VAL A 1153 36.95 -32.67 59.15
C VAL A 1153 35.60 -32.00 59.35
N SER A 1154 34.54 -32.80 59.29
CA SER A 1154 33.18 -32.31 59.49
C SER A 1154 32.26 -33.48 59.77
N GLY A 1155 31.64 -33.50 60.95
CA GLY A 1155 30.67 -34.52 61.27
C GLY A 1155 31.28 -35.90 61.43
N ASN A 1156 30.44 -36.91 61.28
CA ASN A 1156 30.84 -38.30 61.35
C ASN A 1156 30.35 -39.04 60.11
N CYS A 1157 31.09 -40.08 59.73
CA CYS A 1157 30.72 -40.82 58.54
C CYS A 1157 29.46 -41.65 58.82
N ASP A 1158 28.99 -42.32 57.77
CA ASP A 1158 27.71 -43.04 57.57
C ASP A 1158 26.59 -42.10 57.13
N VAL A 1159 26.83 -40.81 56.97
CA VAL A 1159 25.84 -39.89 56.39
C VAL A 1159 26.14 -39.54 54.96
N VAL A 1160 27.34 -39.80 54.49
CA VAL A 1160 27.71 -39.55 53.10
C VAL A 1160 27.36 -40.78 52.27
N ILE A 1161 26.99 -40.57 51.02
CA ILE A 1161 26.44 -41.64 50.20
C ILE A 1161 27.49 -42.70 49.91
N GLY A 1162 28.71 -42.29 49.56
CA GLY A 1162 29.69 -43.25 49.09
C GLY A 1162 31.05 -43.18 49.76
N ILE A 1163 31.07 -42.94 51.08
CA ILE A 1163 32.34 -42.75 51.77
C ILE A 1163 33.11 -44.07 51.82
N VAL A 1164 34.43 -43.96 51.90
CA VAL A 1164 35.33 -45.10 52.01
C VAL A 1164 36.29 -44.83 53.18
N ASN A 1165 36.89 -45.89 53.70
CA ASN A 1165 37.71 -45.81 54.89
C ASN A 1165 39.18 -45.96 54.54
N ASN A 1166 40.03 -45.22 55.25
CA ASN A 1166 41.47 -45.25 55.03
C ASN A 1166 42.16 -44.62 56.24
N THR A 1167 43.44 -44.29 56.07
CA THR A 1167 44.25 -43.71 57.12
C THR A 1167 44.63 -42.27 56.78
N VAL A 1168 45.07 -41.53 57.79
CA VAL A 1168 45.54 -40.15 57.64
C VAL A 1168 46.85 -40.01 58.39
N TYR A 1169 47.80 -39.29 57.80
CA TYR A 1169 49.17 -39.29 58.30
C TYR A 1169 49.29 -38.58 59.65
N ASP A 1170 48.74 -37.37 59.78
CA ASP A 1170 48.91 -36.55 60.98
C ASP A 1170 50.39 -36.26 61.22
N PRO A 1171 50.99 -35.34 60.46
CA PRO A 1171 52.46 -35.22 60.46
C PRO A 1171 53.06 -34.83 61.78
N LEU A 1172 52.29 -34.25 62.71
CA LEU A 1172 52.88 -33.77 63.96
C LEU A 1172 53.34 -34.92 64.86
N GLN A 1173 52.67 -36.07 64.78
CA GLN A 1173 52.93 -37.14 65.73
C GLN A 1173 54.37 -37.65 65.71
N PRO A 1174 54.97 -37.98 64.57
CA PRO A 1174 56.38 -38.43 64.61
C PRO A 1174 57.32 -37.37 65.15
N GLU A 1175 57.07 -36.09 64.87
CA GLU A 1175 57.93 -35.04 65.39
C GLU A 1175 57.75 -34.87 66.89
N LEU A 1176 56.58 -35.21 67.42
CA LEU A 1176 56.38 -35.12 68.86
C LEU A 1176 57.33 -36.05 69.60
N ASP A 1177 57.58 -37.23 69.05
CA ASP A 1177 58.47 -38.20 69.69
C ASP A 1177 59.91 -38.03 69.19
N GLN B 45 13.33 80.66 -21.85
CA GLN B 45 13.20 80.38 -20.43
C GLN B 45 14.38 79.53 -19.94
N CYS B 46 14.66 78.46 -20.67
CA CYS B 46 15.79 77.60 -20.33
C CYS B 46 17.10 78.38 -20.43
N VAL B 47 17.94 78.22 -19.42
CA VAL B 47 19.20 78.97 -19.33
C VAL B 47 20.32 77.98 -19.00
N ASN B 48 21.40 78.04 -19.78
CA ASN B 48 22.55 77.18 -19.54
C ASN B 48 23.38 77.72 -18.37
N LEU B 49 24.27 76.86 -17.86
CA LEU B 49 25.21 77.24 -16.84
C LEU B 49 26.62 76.82 -17.27
N THR B 50 27.60 77.63 -16.91
CA THR B 50 28.99 77.37 -17.23
C THR B 50 29.82 77.64 -15.98
N THR B 51 31.15 77.66 -16.15
CA THR B 51 32.10 77.97 -15.08
C THR B 51 31.94 76.97 -13.92
N ARG B 52 32.26 75.72 -14.24
CA ARG B 52 32.27 74.64 -13.27
C ARG B 52 33.69 74.10 -13.13
N THR B 53 34.18 74.06 -11.91
CA THR B 53 35.54 73.59 -11.67
C THR B 53 35.62 72.08 -11.90
N GLN B 54 36.84 71.57 -11.93
CA GLN B 54 37.09 70.15 -12.17
C GLN B 54 37.30 69.43 -10.84
N LEU B 55 36.63 68.30 -10.69
CA LEU B 55 36.76 67.49 -9.49
C LEU B 55 36.50 66.02 -9.81
N PRO B 56 37.51 65.16 -9.74
CA PRO B 56 37.27 63.75 -9.97
C PRO B 56 36.33 63.18 -8.93
N PRO B 57 35.45 62.26 -9.31
CA PRO B 57 34.54 61.66 -8.34
C PRO B 57 35.29 60.87 -7.29
N ALA B 58 34.76 60.89 -6.07
CA ALA B 58 35.32 60.15 -4.96
C ALA B 58 34.44 58.95 -4.62
N TYR B 59 34.92 58.14 -3.68
CA TYR B 59 34.21 56.93 -3.30
C TYR B 59 34.31 56.76 -1.79
N THR B 60 33.40 55.96 -1.25
CA THR B 60 33.37 55.73 0.19
C THR B 60 32.76 54.36 0.46
N ASN B 61 33.03 53.84 1.66
CA ASN B 61 32.54 52.53 2.05
C ASN B 61 31.04 52.60 2.32
N SER B 62 30.31 51.63 1.78
CA SER B 62 28.86 51.59 1.93
C SER B 62 28.41 51.03 3.27
N PHE B 63 29.28 50.37 4.01
CA PHE B 63 28.94 49.72 5.28
C PHE B 63 27.78 48.77 5.03
N THR B 64 26.89 48.63 6.00
CA THR B 64 25.70 47.78 5.90
C THR B 64 24.46 48.68 5.85
N ARG B 65 24.00 48.99 4.65
CA ARG B 65 22.83 49.82 4.46
C ARG B 65 22.11 49.38 3.19
N GLY B 66 20.83 49.75 3.11
CA GLY B 66 20.05 49.42 1.94
C GLY B 66 19.28 48.12 2.07
N VAL B 67 18.48 48.00 3.12
CA VAL B 67 17.62 46.84 3.34
C VAL B 67 16.17 47.28 3.36
N TYR B 68 15.35 46.66 2.51
CA TYR B 68 13.94 46.99 2.40
C TYR B 68 13.11 45.73 2.56
N TYR B 69 11.90 45.88 3.07
CA TYR B 69 11.02 44.73 3.23
C TYR B 69 10.67 44.16 1.86
N PRO B 70 10.98 42.90 1.61
CA PRO B 70 10.74 42.35 0.26
C PRO B 70 9.28 42.05 0.00
N ASP B 71 8.52 41.78 1.06
CA ASP B 71 7.12 41.44 0.95
C ASP B 71 6.32 42.26 1.95
N LYS B 72 5.00 42.19 1.81
CA LYS B 72 4.08 42.89 2.71
C LYS B 72 3.45 41.94 3.72
N VAL B 73 3.95 40.73 3.85
CA VAL B 73 3.40 39.74 4.77
C VAL B 73 4.12 39.84 6.10
N PHE B 74 3.35 39.96 7.18
CA PHE B 74 3.93 40.14 8.49
C PHE B 74 4.58 38.86 9.00
N ARG B 75 5.73 39.01 9.67
CA ARG B 75 6.42 37.92 10.33
C ARG B 75 7.04 38.45 11.61
N SER B 76 7.38 37.55 12.52
CA SER B 76 8.01 37.97 13.76
C SER B 76 8.83 36.82 14.34
N SER B 77 9.99 37.18 14.91
CA SER B 77 10.84 36.24 15.64
C SER B 77 11.24 35.04 14.77
N VAL B 78 11.47 35.29 13.48
CA VAL B 78 11.90 34.26 12.56
C VAL B 78 13.03 34.79 11.71
N LEU B 79 13.82 33.88 11.16
CA LEU B 79 14.91 34.20 10.26
C LEU B 79 14.55 33.71 8.87
N HIS B 80 14.53 34.62 7.90
CA HIS B 80 14.03 34.30 6.58
C HIS B 80 15.12 34.53 5.53
N SER B 81 15.29 33.56 4.65
CA SER B 81 16.29 33.62 3.59
C SER B 81 15.59 33.76 2.25
N THR B 82 15.99 34.76 1.47
CA THR B 82 15.38 34.97 0.16
C THR B 82 16.38 35.66 -0.75
N GLN B 83 16.16 35.51 -2.06
CA GLN B 83 17.01 36.14 -3.06
C GLN B 83 16.24 37.27 -3.73
N ASP B 84 16.91 38.41 -3.90
CA ASP B 84 16.28 39.61 -4.43
C ASP B 84 17.38 40.62 -4.76
N LEU B 85 16.97 41.77 -5.27
CA LEU B 85 17.92 42.84 -5.58
C LEU B 85 18.31 43.55 -4.29
N PHE B 86 19.61 43.71 -4.07
CA PHE B 86 20.10 44.36 -2.87
C PHE B 86 21.44 45.03 -3.16
N LEU B 87 21.79 45.99 -2.30
CA LEU B 87 23.09 46.65 -2.38
C LEU B 87 24.08 45.84 -1.56
N PRO B 88 25.07 45.19 -2.18
CA PRO B 88 26.02 44.38 -1.41
C PRO B 88 26.82 45.25 -0.46
N PHE B 89 27.13 44.68 0.70
CA PHE B 89 27.84 45.42 1.74
C PHE B 89 29.27 45.72 1.31
N PHE B 90 29.81 46.80 1.87
CA PHE B 90 31.19 47.21 1.65
C PHE B 90 31.48 47.43 0.16
N SER B 91 30.82 48.45 -0.39
CA SER B 91 30.99 48.79 -1.79
C SER B 91 31.24 50.28 -1.94
N ASN B 92 32.08 50.66 -2.90
CA ASN B 92 32.15 52.04 -3.34
C ASN B 92 30.83 52.53 -3.93
N VAL B 93 30.28 53.57 -3.32
CA VAL B 93 29.06 54.19 -3.81
C VAL B 93 29.46 55.51 -4.48
N THR B 94 29.00 55.73 -5.70
CA THR B 94 29.47 56.87 -6.49
C THR B 94 28.98 58.15 -5.83
N TRP B 95 29.90 58.87 -5.22
CA TRP B 95 29.57 60.10 -4.51
C TRP B 95 29.35 61.23 -5.50
N PHE B 96 28.51 62.20 -5.13
CA PHE B 96 28.31 63.39 -5.96
C PHE B 96 27.77 64.50 -5.08
N HIS B 97 28.48 65.61 -5.01
CA HIS B 97 28.03 66.79 -4.29
C HIS B 97 28.18 68.00 -5.20
N ALA B 98 27.06 68.54 -5.67
CA ALA B 98 27.06 69.73 -6.52
C ALA B 98 27.08 70.97 -5.61
N ILE B 99 28.24 71.19 -5.00
CA ILE B 99 28.40 72.27 -4.03
C ILE B 99 29.28 73.35 -4.63
N HIS B 100 29.16 74.55 -4.05
CA HIS B 100 29.95 75.71 -4.46
C HIS B 100 30.78 76.18 -3.28
N VAL B 101 32.09 76.33 -3.49
CA VAL B 101 32.99 76.85 -2.48
C VAL B 101 33.26 78.31 -2.79
N SER B 102 32.94 79.19 -1.85
CA SER B 102 33.18 80.61 -2.03
C SER B 102 34.67 80.91 -1.97
N GLY B 103 35.03 82.08 -2.49
CA GLY B 103 36.42 82.51 -2.50
C GLY B 103 37.16 82.10 -3.77
N THR B 104 38.37 82.63 -3.89
CA THR B 104 39.18 82.37 -5.07
C THR B 104 39.60 80.90 -5.13
N ASN B 105 39.59 80.35 -6.36
CA ASN B 105 40.00 78.98 -6.64
C ASN B 105 39.13 77.95 -5.91
N GLY B 106 37.86 78.28 -5.65
CA GLY B 106 36.95 77.37 -5.01
C GLY B 106 36.30 76.41 -5.97
N THR B 107 35.04 76.07 -5.70
CA THR B 107 34.27 75.19 -6.55
C THR B 107 32.95 75.85 -6.92
N LYS B 108 32.42 75.46 -8.07
CA LYS B 108 31.10 75.91 -8.52
C LYS B 108 30.35 74.72 -9.12
N ARG B 109 30.39 73.59 -8.43
CA ARG B 109 29.88 72.35 -8.97
C ARG B 109 28.37 72.35 -9.06
N PHE B 110 27.84 71.94 -10.21
CA PHE B 110 26.41 71.74 -10.43
C PHE B 110 26.21 70.42 -11.16
N ASP B 111 26.84 69.37 -10.65
CA ASP B 111 26.89 68.08 -11.34
C ASP B 111 25.53 67.41 -11.29
N ASN B 112 24.82 67.45 -12.40
CA ASN B 112 23.58 66.68 -12.58
C ASN B 112 23.62 65.95 -13.93
N PRO B 113 24.55 65.01 -14.09
CA PRO B 113 24.76 64.37 -15.38
C PRO B 113 23.96 63.08 -15.52
N VAL B 114 23.95 62.56 -16.74
CA VAL B 114 23.28 61.30 -17.00
C VAL B 114 24.03 60.16 -16.34
N LEU B 115 23.32 59.32 -15.60
CA LEU B 115 23.90 58.17 -14.93
C LEU B 115 23.04 56.96 -15.32
N PRO B 116 23.64 55.90 -15.86
CA PRO B 116 22.83 54.75 -16.28
C PRO B 116 22.04 54.16 -15.12
N PHE B 117 20.78 53.82 -15.39
CA PHE B 117 19.87 53.37 -14.35
C PHE B 117 20.16 51.93 -13.92
N ASN B 118 20.64 51.10 -14.84
CA ASN B 118 20.84 49.68 -14.58
C ASN B 118 19.55 49.03 -14.09
N ASP B 119 19.65 48.23 -13.04
CA ASP B 119 18.49 47.51 -12.51
C ASP B 119 17.79 48.25 -11.38
N GLY B 120 18.51 49.07 -10.62
CA GLY B 120 17.91 49.84 -9.54
C GLY B 120 18.88 50.89 -9.08
N VAL B 121 18.39 51.79 -8.24
CA VAL B 121 19.20 52.88 -7.72
C VAL B 121 18.98 53.01 -6.23
N TYR B 122 20.07 53.06 -5.47
CA TYR B 122 20.03 53.45 -4.07
C TYR B 122 20.50 54.89 -4.00
N PHE B 123 19.65 55.77 -3.50
CA PHE B 123 19.89 57.20 -3.45
C PHE B 123 19.81 57.66 -2.00
N ALA B 124 20.96 58.03 -1.43
CA ALA B 124 20.99 58.56 -0.09
C ALA B 124 21.56 59.97 -0.15
N SER B 125 20.85 60.92 0.46
CA SER B 125 21.28 62.32 0.44
C SER B 125 21.31 62.86 1.85
N THR B 126 22.36 63.63 2.16
CA THR B 126 22.46 64.29 3.45
C THR B 126 22.05 65.75 3.29
N GLU B 127 21.06 66.19 4.06
CA GLU B 127 20.39 67.44 3.79
C GLU B 127 20.29 68.30 5.04
N LYS B 128 20.36 69.61 4.83
CA LYS B 128 20.06 70.60 5.85
C LYS B 128 19.16 71.72 5.37
N SER B 129 19.03 71.93 4.05
CA SER B 129 18.22 73.02 3.51
C SER B 129 17.32 72.60 2.36
N ASN B 130 17.19 71.30 2.09
CA ASN B 130 16.27 70.79 1.07
C ASN B 130 16.56 71.37 -0.31
N ILE B 131 17.85 71.44 -0.64
CA ILE B 131 18.24 72.00 -1.93
C ILE B 131 17.85 71.07 -3.07
N ILE B 132 18.05 69.77 -2.90
CA ILE B 132 17.62 68.81 -3.90
C ILE B 132 16.11 68.77 -3.95
N ARG B 133 15.57 68.56 -5.14
CA ARG B 133 14.12 68.58 -5.34
C ARG B 133 13.56 67.25 -5.79
N GLY B 134 13.98 66.75 -6.94
CA GLY B 134 13.32 65.61 -7.51
C GLY B 134 14.20 64.86 -8.49
N TRP B 135 13.56 64.02 -9.29
CA TRP B 135 14.28 63.12 -10.18
C TRP B 135 13.63 63.08 -11.56
N ILE B 136 14.47 63.03 -12.59
CA ILE B 136 14.02 62.89 -13.97
C ILE B 136 14.50 61.54 -14.47
N PHE B 137 13.59 60.77 -15.07
CA PHE B 137 13.89 59.42 -15.54
C PHE B 137 13.53 59.38 -17.02
N GLY B 138 14.45 58.88 -17.84
CA GLY B 138 14.18 58.87 -19.27
C GLY B 138 15.14 57.98 -20.03
N THR B 139 14.97 57.97 -21.34
CA THR B 139 15.78 57.16 -22.25
C THR B 139 16.55 58.02 -23.24
N THR B 140 15.90 59.01 -23.85
CA THR B 140 16.56 59.93 -24.76
C THR B 140 16.52 61.37 -24.29
N LEU B 141 15.71 61.68 -23.27
CA LEU B 141 15.69 63.00 -22.64
C LEU B 141 15.30 64.08 -23.65
N ASP B 142 14.12 63.91 -24.26
CA ASP B 142 13.60 64.87 -25.22
C ASP B 142 12.10 64.71 -25.29
N SER B 143 11.46 65.56 -26.10
CA SER B 143 10.03 65.53 -26.32
C SER B 143 9.60 64.40 -27.26
N LYS B 144 10.53 63.55 -27.70
CA LYS B 144 10.21 62.48 -28.64
C LYS B 144 9.97 61.14 -27.97
N THR B 145 10.26 61.03 -26.67
CA THR B 145 10.09 59.78 -25.94
C THR B 145 9.43 60.07 -24.61
N GLN B 146 8.69 59.08 -24.12
CA GLN B 146 8.01 59.20 -22.84
C GLN B 146 9.04 59.21 -21.72
N SER B 147 8.75 59.94 -20.64
CA SER B 147 9.66 60.09 -19.52
C SER B 147 8.87 60.25 -18.25
N LEU B 148 9.54 60.04 -17.12
CA LEU B 148 8.95 60.22 -15.80
C LEU B 148 9.61 61.40 -15.11
N LEU B 149 8.78 62.17 -14.41
CA LEU B 149 9.28 63.34 -13.69
C LEU B 149 8.69 63.36 -12.29
N ILE B 150 9.53 63.62 -11.29
CA ILE B 150 9.09 63.85 -9.93
C ILE B 150 9.71 65.15 -9.44
N VAL B 151 8.88 66.10 -9.07
CA VAL B 151 9.34 67.43 -8.67
C VAL B 151 8.59 67.86 -7.42
N ASN B 152 9.29 68.52 -6.51
CA ASN B 152 8.69 69.14 -5.34
C ASN B 152 8.74 70.65 -5.56
N ASN B 153 7.59 71.24 -5.91
CA ASN B 153 7.48 72.67 -6.19
C ASN B 153 7.01 73.46 -4.97
N ALA B 154 7.34 72.99 -3.76
CA ALA B 154 7.09 73.68 -2.51
C ALA B 154 5.60 73.71 -2.16
N THR B 155 4.75 73.27 -3.09
CA THR B 155 3.32 73.19 -2.87
C THR B 155 2.71 71.88 -3.36
N ASN B 156 3.40 71.13 -4.21
CA ASN B 156 2.84 69.92 -4.81
C ASN B 156 3.93 68.86 -4.90
N VAL B 157 3.49 67.61 -5.04
CA VAL B 157 4.37 66.46 -5.16
C VAL B 157 4.08 65.89 -6.54
N VAL B 158 3.84 66.79 -7.50
CA VAL B 158 3.38 66.41 -8.83
C VAL B 158 4.29 65.35 -9.43
N ILE B 159 3.67 64.32 -9.99
CA ILE B 159 4.36 63.27 -10.73
C ILE B 159 3.72 63.20 -12.10
N LYS B 160 4.43 63.68 -13.13
CA LYS B 160 3.89 63.73 -14.47
C LYS B 160 4.68 62.81 -15.39
N VAL B 161 3.97 62.12 -16.26
CA VAL B 161 4.57 61.23 -17.25
C VAL B 161 4.16 61.74 -18.63
N CYS B 162 5.02 62.54 -19.23
CA CYS B 162 4.81 63.10 -20.55
C CYS B 162 6.09 62.99 -21.37
N GLU B 163 5.96 63.26 -22.67
CA GLU B 163 7.14 63.44 -23.53
C GLU B 163 7.61 64.89 -23.40
N PHE B 164 8.11 65.19 -22.20
CA PHE B 164 8.55 66.54 -21.89
C PHE B 164 9.72 66.93 -22.77
N GLN B 165 9.82 68.23 -23.09
CA GLN B 165 11.01 68.77 -23.72
C GLN B 165 11.82 69.47 -22.65
N PHE B 166 12.65 68.69 -21.95
CA PHE B 166 13.47 69.24 -20.89
C PHE B 166 14.43 70.28 -21.43
N CYS B 167 14.68 71.30 -20.64
CA CYS B 167 15.82 72.18 -20.89
C CYS B 167 17.11 71.39 -20.68
N ASN B 168 18.14 71.76 -21.44
CA ASN B 168 19.43 71.10 -21.28
C ASN B 168 20.02 71.32 -19.90
N ASP B 169 19.59 72.36 -19.19
CA ASP B 169 20.08 72.67 -17.84
C ASP B 169 18.88 72.90 -16.94
N PRO B 170 18.24 71.83 -16.47
CA PRO B 170 17.04 72.00 -15.64
C PRO B 170 17.40 72.35 -14.20
N PHE B 171 16.59 73.22 -13.60
CA PHE B 171 16.78 73.61 -12.21
C PHE B 171 15.53 74.35 -11.74
N LEU B 172 15.54 74.72 -10.46
CA LEU B 172 14.50 75.52 -9.85
C LEU B 172 15.15 76.71 -9.15
N GLY B 173 14.63 77.90 -9.39
CA GLY B 173 15.20 79.10 -8.81
C GLY B 173 14.28 79.84 -7.87
N VAL B 174 14.66 79.91 -6.61
CA VAL B 174 13.93 80.68 -5.61
C VAL B 174 14.56 82.07 -5.52
N TYR B 175 13.72 83.10 -5.55
CA TYR B 175 14.17 84.48 -5.48
C TYR B 175 13.98 84.98 -4.06
N TYR B 176 15.07 85.42 -3.43
CA TYR B 176 15.01 86.00 -2.10
C TYR B 176 14.64 87.47 -2.24
N HIS B 177 13.37 87.78 -2.06
CA HIS B 177 12.86 89.13 -2.31
C HIS B 177 13.25 90.05 -1.18
N LYS B 178 13.76 91.23 -1.53
CA LYS B 178 14.25 92.18 -0.54
C LYS B 178 13.11 92.84 0.23
N ASN B 179 12.05 93.25 -0.47
CA ASN B 179 10.99 94.03 0.16
C ASN B 179 10.27 93.26 1.26
N ASN B 180 10.24 91.93 1.18
CA ASN B 180 9.57 91.13 2.19
C ASN B 180 10.45 90.10 2.87
N LYS B 181 11.72 89.98 2.45
CA LYS B 181 12.71 89.14 3.14
C LYS B 181 12.24 87.70 3.28
N SER B 182 11.74 87.14 2.19
CA SER B 182 11.25 85.77 2.19
C SER B 182 11.70 85.05 0.92
N TRP B 183 11.67 83.72 0.98
CA TRP B 183 12.04 82.87 -0.13
C TRP B 183 10.78 82.26 -0.74
N MET B 184 10.52 82.57 -1.99
CA MET B 184 9.46 81.93 -2.75
C MET B 184 9.96 81.58 -4.13
N GLU B 185 9.46 80.47 -4.69
CA GLU B 185 9.89 80.03 -6.00
C GLU B 185 9.51 81.08 -7.05
N SER B 186 10.47 81.39 -7.93
CA SER B 186 10.26 82.38 -8.98
C SER B 186 10.65 81.90 -10.37
N GLU B 187 11.42 80.83 -10.50
CA GLU B 187 11.89 80.33 -11.79
C GLU B 187 11.68 78.83 -11.85
N PHE B 188 10.84 78.38 -12.79
CA PHE B 188 10.63 76.96 -13.03
C PHE B 188 11.14 76.67 -14.44
N ARG B 189 12.43 76.39 -14.56
CA ARG B 189 13.11 76.20 -15.83
C ARG B 189 13.68 74.79 -15.87
N VAL B 190 12.86 73.84 -16.29
CA VAL B 190 13.28 72.45 -16.42
C VAL B 190 12.92 71.97 -17.81
N TYR B 191 11.68 72.21 -18.22
CA TYR B 191 11.17 71.84 -19.53
C TYR B 191 10.47 73.03 -20.16
N SER B 192 10.27 72.94 -21.47
CA SER B 192 9.58 74.00 -22.20
C SER B 192 8.07 73.85 -22.19
N SER B 193 7.56 72.62 -22.20
CA SER B 193 6.11 72.40 -22.25
C SER B 193 5.78 71.01 -21.73
N ALA B 194 4.53 70.85 -21.32
CA ALA B 194 3.98 69.57 -20.87
C ALA B 194 2.79 69.23 -21.76
N ASN B 195 2.77 68.02 -22.31
CA ASN B 195 1.77 67.65 -23.30
C ASN B 195 1.33 66.20 -23.10
N ASN B 196 0.05 66.01 -22.80
CA ASN B 196 -0.62 64.71 -22.88
C ASN B 196 -0.02 63.71 -21.89
N CYS B 197 -0.15 64.04 -20.61
CA CYS B 197 0.25 63.14 -19.53
C CYS B 197 -0.87 62.16 -19.22
N THR B 198 -0.49 60.93 -18.85
CA THR B 198 -1.47 59.90 -18.52
C THR B 198 -1.74 59.84 -17.03
N PHE B 199 -0.69 59.74 -16.22
CA PHE B 199 -0.82 59.66 -14.77
C PHE B 199 -0.26 60.92 -14.14
N GLU B 200 -1.07 61.60 -13.33
CA GLU B 200 -0.67 62.83 -12.67
C GLU B 200 -1.23 62.83 -11.25
N TYR B 201 -0.47 62.26 -10.32
CA TYR B 201 -0.83 62.27 -8.91
C TYR B 201 -0.42 63.62 -8.35
N VAL B 202 -1.38 64.53 -8.24
CA VAL B 202 -1.15 65.87 -7.69
C VAL B 202 -1.71 65.88 -6.28
N SER B 203 -0.82 66.00 -5.29
CA SER B 203 -1.26 66.01 -3.91
C SER B 203 -1.95 67.32 -3.57
N GLN B 204 -2.58 67.34 -2.41
CA GLN B 204 -3.22 68.55 -1.92
C GLN B 204 -2.17 69.63 -1.66
N PRO B 205 -2.55 70.90 -1.78
CA PRO B 205 -1.57 71.97 -1.52
C PRO B 205 -1.06 71.92 -0.09
N PHE B 206 0.24 72.20 0.07
CA PHE B 206 0.87 72.15 1.38
C PHE B 206 2.00 73.17 1.41
N LEU B 207 2.37 73.55 2.63
CA LEU B 207 3.45 74.49 2.87
C LEU B 207 4.67 73.74 3.39
N MET B 208 5.82 73.99 2.79
CA MET B 208 7.07 73.36 3.20
C MET B 208 8.09 74.44 3.50
N ASP B 209 8.95 74.18 4.49
CA ASP B 209 9.99 75.12 4.84
C ASP B 209 11.11 75.10 3.80
N LEU B 210 11.63 76.28 3.49
CA LEU B 210 12.71 76.41 2.51
C LEU B 210 13.93 77.14 3.05
N GLU B 211 13.80 77.86 4.18
CA GLU B 211 14.92 78.64 4.69
C GLU B 211 16.11 77.73 5.01
N GLY B 212 17.28 78.12 4.52
CA GLY B 212 18.47 77.33 4.75
C GLY B 212 18.99 77.45 6.17
N LYS B 213 19.74 76.43 6.58
CA LYS B 213 20.33 76.37 7.91
C LYS B 213 21.86 76.40 7.78
N GLN B 214 22.53 76.21 8.90
CA GLN B 214 23.99 76.20 8.95
C GLN B 214 24.44 75.01 9.79
N GLY B 215 25.76 74.81 9.84
CA GLY B 215 26.33 73.73 10.64
C GLY B 215 26.20 72.38 9.97
N ASN B 216 26.38 71.34 10.79
CA ASN B 216 26.34 69.98 10.28
C ASN B 216 24.93 69.60 9.85
N PHE B 217 24.85 68.68 8.89
CA PHE B 217 23.55 68.17 8.46
C PHE B 217 22.86 67.45 9.61
N LYS B 218 21.56 67.68 9.75
CA LYS B 218 20.77 67.03 10.78
C LYS B 218 19.77 66.03 10.22
N ASN B 219 19.76 65.82 8.91
CA ASN B 219 18.81 64.93 8.27
C ASN B 219 19.51 64.09 7.21
N LEU B 220 19.23 62.79 7.22
CA LEU B 220 19.66 61.88 6.16
C LEU B 220 18.43 61.24 5.56
N ARG B 221 18.33 61.27 4.23
CA ARG B 221 17.18 60.73 3.51
C ARG B 221 17.67 59.58 2.65
N GLU B 222 17.16 58.38 2.90
CA GLU B 222 17.52 57.20 2.14
C GLU B 222 16.33 56.78 1.29
N PHE B 223 16.59 56.44 0.03
CA PHE B 223 15.54 56.02 -0.88
C PHE B 223 16.06 54.91 -1.77
N VAL B 224 15.15 54.03 -2.17
CA VAL B 224 15.43 52.96 -3.11
C VAL B 224 14.44 53.05 -4.25
N PHE B 225 14.95 53.04 -5.48
CA PHE B 225 14.14 53.19 -6.69
C PHE B 225 14.32 51.93 -7.53
N LYS B 226 13.21 51.28 -7.87
CA LYS B 226 13.25 50.11 -8.73
C LYS B 226 12.18 50.24 -9.80
N ASN B 227 12.39 49.55 -10.91
CA ASN B 227 11.40 49.50 -12.00
C ASN B 227 11.29 48.05 -12.46
N ILE B 228 10.26 47.36 -11.99
CA ILE B 228 10.07 45.94 -12.26
C ILE B 228 8.70 45.74 -12.90
N ASP B 229 8.69 45.14 -14.09
CA ASP B 229 7.45 44.76 -14.78
C ASP B 229 6.53 45.96 -15.01
N GLY B 230 7.12 47.10 -15.37
CA GLY B 230 6.33 48.29 -15.58
C GLY B 230 5.82 48.93 -14.31
N TYR B 231 6.28 48.47 -13.16
CA TYR B 231 5.89 49.03 -11.87
C TYR B 231 7.09 49.77 -11.26
N PHE B 232 6.89 51.03 -10.94
CA PHE B 232 7.92 51.88 -10.38
C PHE B 232 7.75 51.86 -8.86
N LYS B 233 8.73 51.33 -8.15
CA LYS B 233 8.63 51.10 -6.72
C LYS B 233 9.59 52.00 -5.96
N ILE B 234 9.07 52.67 -4.94
CA ILE B 234 9.83 53.63 -4.15
C ILE B 234 9.82 53.18 -2.70
N TYR B 235 11.00 53.16 -2.08
CA TYR B 235 11.12 52.91 -0.64
C TYR B 235 11.85 54.09 -0.01
N SER B 236 11.38 54.54 1.15
CA SER B 236 11.88 55.77 1.75
C SER B 236 12.16 55.59 3.24
N LYS B 237 13.07 56.42 3.75
CA LYS B 237 13.37 56.46 5.18
C LYS B 237 14.06 57.77 5.52
N HIS B 238 13.73 58.33 6.68
CA HIS B 238 14.37 59.53 7.20
C HIS B 238 15.08 59.19 8.50
N THR B 239 16.27 59.76 8.70
CA THR B 239 17.03 59.50 9.91
C THR B 239 17.64 60.81 10.45
N PRO B 240 17.58 61.03 11.76
CA PRO B 240 18.33 62.14 12.35
C PRO B 240 19.80 61.78 12.48
N ILE B 241 20.66 62.69 12.00
CA ILE B 241 22.09 62.44 11.94
C ILE B 241 22.85 63.68 12.44
N ASN B 242 24.16 63.52 12.57
CA ASN B 242 25.06 64.64 12.87
C ASN B 242 26.39 64.33 12.20
N LEU B 243 26.56 64.85 10.99
CA LEU B 243 27.76 64.58 10.20
C LEU B 243 27.91 65.69 9.16
N VAL B 244 29.05 65.68 8.48
CA VAL B 244 29.34 66.68 7.46
C VAL B 244 29.54 65.98 6.11
N ARG B 245 29.97 64.73 6.15
CA ARG B 245 30.23 63.99 4.91
C ARG B 245 30.25 62.50 5.22
N ASP B 246 29.97 61.69 4.19
CA ASP B 246 30.05 60.25 4.21
C ASP B 246 28.95 59.62 5.05
N LEU B 247 28.42 58.49 4.57
CA LEU B 247 27.31 57.83 5.24
C LEU B 247 27.75 57.35 6.62
N PRO B 248 26.86 57.40 7.61
CA PRO B 248 27.17 56.82 8.92
C PRO B 248 27.10 55.30 8.87
N GLN B 249 27.46 54.69 9.99
CA GLN B 249 27.52 53.24 10.10
C GLN B 249 26.22 52.64 10.64
N GLY B 250 25.15 53.43 10.72
CA GLY B 250 23.90 52.92 11.24
C GLY B 250 23.18 52.01 10.27
N PHE B 251 22.16 51.33 10.80
CA PHE B 251 21.37 50.39 10.03
C PHE B 251 19.89 50.67 10.24
N SER B 252 19.09 50.37 9.23
CA SER B 252 17.66 50.59 9.28
C SER B 252 16.98 49.77 8.20
N ALA B 253 15.65 49.79 8.22
CA ALA B 253 14.83 49.10 7.24
C ALA B 253 14.09 50.11 6.39
N LEU B 254 13.67 49.69 5.21
CA LEU B 254 12.99 50.56 4.26
C LEU B 254 11.56 50.08 4.07
N GLU B 255 10.57 50.95 4.37
CA GLU B 255 9.15 50.67 4.25
C GLU B 255 8.64 51.09 2.88
N PRO B 256 7.99 50.21 2.14
CA PRO B 256 7.48 50.60 0.82
C PRO B 256 6.50 51.75 0.92
N LEU B 257 6.56 52.66 -0.04
CA LEU B 257 5.69 53.83 -0.08
C LEU B 257 4.78 53.82 -1.30
N VAL B 258 5.33 53.73 -2.50
CA VAL B 258 4.55 53.85 -3.73
C VAL B 258 4.93 52.74 -4.70
N ASP B 259 3.90 52.14 -5.30
CA ASP B 259 4.00 51.18 -6.40
C ASP B 259 3.20 51.77 -7.57
N LEU B 260 3.87 52.59 -8.37
CA LEU B 260 3.19 53.32 -9.43
C LEU B 260 3.15 52.49 -10.71
N PRO B 261 1.97 52.22 -11.27
CA PRO B 261 1.89 51.42 -12.50
C PRO B 261 2.05 52.23 -13.78
N ILE B 262 3.28 52.44 -14.23
CA ILE B 262 3.56 53.37 -15.33
C ILE B 262 3.65 52.65 -16.68
N GLY B 263 4.51 51.65 -16.80
CA GLY B 263 4.75 51.01 -18.08
C GLY B 263 5.71 51.77 -18.98
N ILE B 264 6.91 52.07 -18.47
CA ILE B 264 7.96 52.73 -19.23
C ILE B 264 9.27 52.04 -18.89
N ASN B 265 10.31 52.30 -19.69
CA ASN B 265 11.63 51.89 -19.24
C ASN B 265 12.36 53.14 -18.79
N ILE B 266 13.34 52.95 -17.92
CA ILE B 266 14.28 54.01 -17.52
C ILE B 266 15.69 53.51 -17.79
N THR B 267 16.47 54.32 -18.48
CA THR B 267 17.87 54.00 -18.71
C THR B 267 18.80 55.04 -18.14
N ARG B 268 18.47 56.33 -18.28
CA ARG B 268 19.27 57.40 -17.73
C ARG B 268 18.41 58.26 -16.82
N PHE B 269 18.96 58.60 -15.66
CA PHE B 269 18.24 59.41 -14.69
C PHE B 269 19.15 60.53 -14.20
N GLN B 270 18.52 61.62 -13.79
CA GLN B 270 19.24 62.77 -13.27
C GLN B 270 18.51 63.34 -12.06
N THR B 271 19.26 64.05 -11.23
CA THR B 271 18.73 64.63 -10.02
C THR B 271 18.42 66.11 -10.24
N LEU B 272 17.20 66.51 -9.86
CA LEU B 272 16.85 67.92 -9.89
C LEU B 272 17.62 68.67 -8.82
N LEU B 273 17.95 69.93 -9.11
CA LEU B 273 18.61 70.80 -8.14
C LEU B 273 17.91 72.14 -8.12
N ALA B 274 17.94 72.79 -6.96
CA ALA B 274 17.36 74.12 -6.79
C ALA B 274 18.49 75.10 -6.46
N LEU B 275 18.96 75.83 -7.47
CA LEU B 275 19.97 76.84 -7.25
C LEU B 275 19.31 78.12 -6.73
N HIS B 276 20.15 79.12 -6.46
CA HIS B 276 19.68 80.40 -5.95
C HIS B 276 20.04 81.51 -6.92
N ARG B 277 19.04 82.27 -7.34
CA ARG B 277 19.23 83.50 -8.10
C ARG B 277 18.62 84.64 -7.31
N SER B 278 19.42 85.67 -7.04
CA SER B 278 18.97 86.81 -6.24
C SER B 278 19.80 88.02 -6.65
N TYR B 279 19.66 89.10 -5.88
CA TYR B 279 20.36 90.34 -6.18
C TYR B 279 21.83 90.29 -5.80
N LEU B 280 22.17 89.58 -4.73
CA LEU B 280 23.58 89.51 -4.32
C LEU B 280 24.43 88.77 -5.35
N THR B 281 23.89 87.72 -5.94
CA THR B 281 24.63 86.97 -6.94
C THR B 281 24.73 87.78 -8.22
N PRO B 282 25.93 88.07 -8.72
CA PRO B 282 26.06 88.86 -9.95
C PRO B 282 26.07 87.97 -11.18
N GLY B 283 25.59 88.54 -12.28
CA GLY B 283 25.52 87.84 -13.55
C GLY B 283 24.11 87.81 -14.11
N ASP B 284 24.02 87.35 -15.35
CA ASP B 284 22.77 87.32 -16.08
C ASP B 284 22.29 85.90 -16.36
N SER B 285 23.09 85.09 -17.05
CA SER B 285 22.66 83.76 -17.43
C SER B 285 23.74 82.69 -17.29
N SER B 286 24.92 83.02 -16.77
CA SER B 286 25.93 82.00 -16.54
C SER B 286 26.68 82.17 -15.22
N SER B 287 26.41 83.22 -14.45
CA SER B 287 27.11 83.42 -13.20
C SER B 287 26.23 83.89 -12.04
N GLY B 288 24.98 84.26 -12.28
CA GLY B 288 24.12 84.74 -11.21
C GLY B 288 23.47 83.62 -10.42
N TRP B 289 24.23 82.57 -10.12
CA TRP B 289 23.71 81.41 -9.43
C TRP B 289 24.77 80.86 -8.47
N THR B 290 24.30 80.25 -7.39
CA THR B 290 25.18 79.59 -6.43
C THR B 290 24.59 78.22 -6.09
N ALA B 291 25.47 77.29 -5.76
CA ALA B 291 25.09 75.90 -5.55
C ALA B 291 25.08 75.59 -4.06
N GLY B 292 24.00 74.95 -3.59
CA GLY B 292 23.90 74.58 -2.21
C GLY B 292 24.82 73.44 -1.83
N ALA B 293 25.06 73.31 -0.52
CA ALA B 293 25.92 72.27 0.02
C ALA B 293 25.10 71.02 0.23
N ALA B 294 24.91 70.26 -0.84
CA ALA B 294 24.14 69.01 -0.79
C ALA B 294 24.99 67.87 -1.33
N ALA B 295 24.91 66.73 -0.66
CA ALA B 295 25.67 65.53 -1.05
C ALA B 295 24.71 64.37 -1.22
N TYR B 296 24.86 63.63 -2.33
CA TYR B 296 24.04 62.47 -2.60
C TYR B 296 24.91 61.37 -3.21
N TYR B 297 24.50 60.14 -2.97
CA TYR B 297 25.28 58.98 -3.35
C TYR B 297 24.45 58.08 -4.26
N VAL B 298 25.09 57.51 -5.27
CA VAL B 298 24.42 56.65 -6.24
C VAL B 298 24.99 55.26 -6.11
N GLY B 299 24.13 54.29 -5.78
CA GLY B 299 24.55 52.91 -5.70
C GLY B 299 23.70 52.03 -6.62
N TYR B 300 24.34 51.02 -7.19
CA TYR B 300 23.69 50.13 -8.14
C TYR B 300 23.26 48.84 -7.47
N LEU B 301 22.18 48.26 -7.96
CA LEU B 301 21.59 47.05 -7.40
C LEU B 301 22.01 45.83 -8.22
N GLN B 302 21.92 44.65 -7.61
CA GLN B 302 22.24 43.41 -8.29
C GLN B 302 21.62 42.26 -7.52
N PRO B 303 21.40 41.11 -8.17
CA PRO B 303 20.71 39.99 -7.50
C PRO B 303 21.62 39.32 -6.48
N ARG B 304 21.18 39.30 -5.22
CA ARG B 304 21.91 38.66 -4.14
C ARG B 304 20.93 37.87 -3.27
N THR B 305 21.45 36.85 -2.60
CA THR B 305 20.67 36.08 -1.64
C THR B 305 20.99 36.59 -0.24
N PHE B 306 19.96 36.97 0.50
CA PHE B 306 20.10 37.58 1.80
C PHE B 306 19.39 36.74 2.86
N LEU B 307 19.85 36.90 4.09
CA LEU B 307 19.18 36.38 5.27
C LEU B 307 18.78 37.55 6.14
N LEU B 308 17.54 37.56 6.59
CA LEU B 308 16.97 38.68 7.34
C LEU B 308 16.46 38.18 8.68
N LYS B 309 16.74 38.94 9.74
CA LYS B 309 16.31 38.60 11.09
C LYS B 309 15.14 39.51 11.47
N TYR B 310 14.01 38.90 11.79
CA TYR B 310 12.82 39.62 12.23
C TYR B 310 12.72 39.57 13.75
N ASN B 311 12.55 40.71 14.38
CA ASN B 311 12.30 40.73 15.81
C ASN B 311 10.83 40.41 16.08
N GLU B 312 10.46 40.37 17.37
CA GLU B 312 9.08 40.05 17.70
C GLU B 312 8.12 41.16 17.30
N ASN B 313 8.61 42.38 17.08
CA ASN B 313 7.78 43.47 16.61
C ASN B 313 7.64 43.51 15.10
N GLY B 314 8.37 42.66 14.38
CA GLY B 314 8.24 42.61 12.93
C GLY B 314 9.07 43.61 12.16
N THR B 315 10.19 44.05 12.73
CA THR B 315 11.08 44.99 12.06
C THR B 315 12.40 44.30 11.74
N ILE B 316 12.91 44.53 10.54
CA ILE B 316 14.20 43.98 10.14
C ILE B 316 15.29 44.72 10.89
N THR B 317 16.02 44.01 11.75
CA THR B 317 17.09 44.60 12.53
C THR B 317 18.48 44.18 12.10
N ASP B 318 18.62 43.03 11.44
CA ASP B 318 19.93 42.56 11.02
C ASP B 318 19.80 41.69 9.78
N ALA B 319 20.89 41.64 9.02
CA ALA B 319 20.90 40.90 7.76
C ALA B 319 22.29 40.32 7.54
N VAL B 320 22.33 39.28 6.72
CA VAL B 320 23.56 38.58 6.38
C VAL B 320 23.58 38.33 4.88
N ASP B 321 24.66 38.73 4.22
CA ASP B 321 24.86 38.40 2.82
C ASP B 321 25.28 36.93 2.71
N CYS B 322 24.92 36.30 1.60
CA CYS B 322 25.27 34.92 1.35
C CYS B 322 26.40 34.76 0.35
N ALA B 323 27.12 35.84 0.02
CA ALA B 323 28.27 35.72 -0.86
C ALA B 323 29.43 36.63 -0.47
N LEU B 324 29.37 37.29 0.68
CA LEU B 324 30.41 38.26 1.03
C LEU B 324 31.76 37.59 1.26
N ASP B 325 31.79 36.55 2.10
CA ASP B 325 33.03 35.92 2.51
C ASP B 325 32.70 34.57 3.12
N PRO B 326 33.70 33.69 3.27
CA PRO B 326 33.38 32.32 3.73
C PRO B 326 32.63 32.27 5.05
N LEU B 327 32.90 33.19 5.98
CA LEU B 327 32.13 33.21 7.22
C LEU B 327 30.66 33.46 6.94
N SER B 328 30.35 34.38 6.04
CA SER B 328 28.96 34.66 5.69
C SER B 328 28.32 33.46 5.01
N GLU B 329 29.06 32.76 4.15
CA GLU B 329 28.52 31.55 3.54
C GLU B 329 28.21 30.50 4.59
N THR B 330 29.08 30.35 5.58
CA THR B 330 28.80 29.40 6.66
C THR B 330 27.56 29.79 7.44
N LYS B 331 27.42 31.08 7.74
CA LYS B 331 26.24 31.54 8.46
C LYS B 331 24.98 31.27 7.65
N CYS B 332 25.02 31.52 6.34
CA CYS B 332 23.86 31.25 5.50
C CYS B 332 23.52 29.78 5.48
N THR B 333 24.53 28.91 5.36
CA THR B 333 24.28 27.48 5.30
C THR B 333 23.68 26.97 6.60
N LEU B 334 24.19 27.44 7.74
CA LEU B 334 23.67 26.99 9.02
C LEU B 334 22.39 27.68 9.44
N LYS B 335 21.99 28.74 8.74
CA LYS B 335 20.78 29.49 9.04
C LYS B 335 20.76 29.94 10.51
N SER B 336 21.88 30.52 10.94
CA SER B 336 21.98 31.02 12.30
C SER B 336 22.95 32.20 12.33
N PHE B 337 22.81 33.02 13.35
CA PHE B 337 23.69 34.16 13.55
C PHE B 337 24.87 33.84 14.46
N THR B 338 24.92 32.64 15.02
CA THR B 338 26.05 32.20 15.81
C THR B 338 26.48 30.82 15.32
N VAL B 339 27.78 30.57 15.40
CA VAL B 339 28.36 29.31 14.94
C VAL B 339 29.41 28.86 15.94
N GLU B 340 29.42 27.57 16.26
CA GLU B 340 30.38 27.01 17.20
C GLU B 340 31.61 26.51 16.45
N LYS B 341 32.66 26.20 17.20
CA LYS B 341 33.90 25.75 16.60
C LYS B 341 33.69 24.41 15.90
N GLY B 342 34.48 24.18 14.87
CA GLY B 342 34.43 22.94 14.12
C GLY B 342 34.66 23.20 12.65
N ILE B 343 34.47 22.16 11.86
CA ILE B 343 34.64 22.22 10.41
C ILE B 343 33.28 22.07 9.76
N TYR B 344 33.00 22.95 8.80
CA TYR B 344 31.73 22.94 8.10
C TYR B 344 31.97 22.90 6.60
N GLN B 345 31.17 22.11 5.90
CA GLN B 345 31.20 22.04 4.45
C GLN B 345 30.06 22.86 3.89
N THR B 346 30.37 23.78 2.96
CA THR B 346 29.40 24.75 2.50
C THR B 346 28.95 24.50 1.07
N SER B 347 29.88 24.44 0.11
CA SER B 347 29.47 24.41 -1.29
C SER B 347 30.60 23.82 -2.14
N ASN B 348 30.50 24.02 -3.44
CA ASN B 348 31.42 23.48 -4.43
C ASN B 348 31.90 24.61 -5.32
N PHE B 349 33.12 24.47 -5.84
CA PHE B 349 33.61 25.38 -6.87
C PHE B 349 33.79 24.59 -8.15
N ARG B 350 33.45 25.23 -9.27
CA ARG B 350 33.67 24.70 -10.60
C ARG B 350 34.38 25.77 -11.43
N VAL B 351 35.30 25.34 -12.27
CA VAL B 351 36.05 26.26 -13.13
C VAL B 351 35.17 26.64 -14.32
N GLN B 352 35.01 27.94 -14.54
CA GLN B 352 34.13 28.39 -15.60
C GLN B 352 34.85 28.40 -16.95
N PRO B 353 34.11 28.17 -18.03
CA PRO B 353 34.68 28.29 -19.38
C PRO B 353 34.51 29.69 -19.94
N THR B 354 35.35 30.02 -20.92
CA THR B 354 35.32 31.33 -21.55
C THR B 354 35.28 31.31 -23.07
N GLU B 355 35.73 30.23 -23.72
CA GLU B 355 35.80 30.18 -25.17
C GLU B 355 34.81 29.16 -25.72
N SER B 356 34.30 29.43 -26.92
CA SER B 356 33.34 28.56 -27.59
C SER B 356 33.86 28.22 -28.98
N ILE B 357 33.81 26.95 -29.33
CA ILE B 357 34.24 26.47 -30.64
C ILE B 357 33.18 25.56 -31.22
N VAL B 358 32.98 25.64 -32.53
CA VAL B 358 32.04 24.81 -33.26
C VAL B 358 32.77 24.13 -34.39
N ARG B 359 32.60 22.81 -34.50
CA ARG B 359 33.29 22.01 -35.51
C ARG B 359 32.27 21.21 -36.30
N PHE B 360 31.73 21.83 -37.35
CA PHE B 360 30.89 21.14 -38.31
C PHE B 360 31.66 20.86 -39.59
N PRO B 361 31.32 19.80 -40.31
CA PRO B 361 31.98 19.55 -41.59
C PRO B 361 31.73 20.67 -42.59
N ASN B 362 32.72 20.93 -43.42
CA ASN B 362 32.65 21.97 -44.44
C ASN B 362 31.99 21.42 -45.70
N ILE B 363 30.72 21.75 -45.89
CA ILE B 363 29.94 21.32 -47.04
C ILE B 363 29.54 22.56 -47.82
N THR B 364 29.62 22.46 -49.15
CA THR B 364 29.40 23.62 -50.02
C THR B 364 28.13 23.52 -50.85
N ASN B 365 27.67 22.30 -51.16
CA ASN B 365 26.55 22.11 -52.08
C ASN B 365 25.23 22.10 -51.31
N LEU B 366 24.24 22.77 -51.87
CA LEU B 366 22.92 22.92 -51.25
C LEU B 366 21.92 22.07 -52.03
N CYS B 367 21.43 21.00 -51.39
CA CYS B 367 20.42 20.17 -52.02
C CYS B 367 19.09 20.91 -52.10
N PRO B 368 18.31 20.68 -53.15
CA PRO B 368 17.03 21.37 -53.31
C PRO B 368 15.95 20.72 -52.47
N PHE B 369 15.57 21.40 -51.38
CA PHE B 369 14.43 20.94 -50.60
C PHE B 369 13.13 21.17 -51.34
N GLY B 370 13.07 22.20 -52.17
CA GLY B 370 11.89 22.50 -52.95
C GLY B 370 11.72 21.67 -54.20
N GLU B 371 12.65 20.75 -54.45
CA GLU B 371 12.52 19.85 -55.60
C GLU B 371 11.24 19.01 -55.49
N VAL B 372 10.95 18.52 -54.28
CA VAL B 372 9.67 17.86 -54.03
C VAL B 372 8.55 18.85 -53.82
N PHE B 373 8.86 20.14 -53.61
CA PHE B 373 7.84 21.16 -53.44
C PHE B 373 7.47 21.86 -54.74
N ASN B 374 8.36 21.84 -55.73
CA ASN B 374 8.08 22.42 -57.03
C ASN B 374 7.71 21.38 -58.09
N ALA B 375 7.54 20.12 -57.70
CA ALA B 375 7.12 19.11 -58.64
C ALA B 375 5.64 19.25 -58.96
N THR B 376 5.30 19.19 -60.25
CA THR B 376 3.93 19.41 -60.69
C THR B 376 3.05 18.18 -60.51
N ARG B 377 3.63 17.00 -60.33
CA ARG B 377 2.88 15.76 -60.20
C ARG B 377 3.18 15.13 -58.84
N PHE B 378 2.15 14.97 -58.03
CA PHE B 378 2.27 14.29 -56.75
C PHE B 378 1.84 12.84 -56.90
N ALA B 379 2.08 12.06 -55.85
CA ALA B 379 1.80 10.63 -55.87
C ALA B 379 0.45 10.33 -55.23
N SER B 380 -0.05 9.12 -55.48
CA SER B 380 -1.27 8.67 -54.85
C SER B 380 -1.02 8.34 -53.38
N VAL B 381 -2.10 8.27 -52.61
CA VAL B 381 -1.98 8.00 -51.19
C VAL B 381 -1.51 6.57 -50.96
N TYR B 382 -2.08 5.61 -51.70
CA TYR B 382 -1.74 4.21 -51.44
C TYR B 382 -0.34 3.88 -51.92
N ALA B 383 0.17 4.60 -52.91
CA ALA B 383 1.52 4.40 -53.44
C ALA B 383 2.23 5.75 -53.44
N TRP B 384 3.08 5.97 -52.45
CA TRP B 384 3.80 7.22 -52.30
C TRP B 384 5.28 7.01 -52.61
N ASN B 385 5.88 7.96 -53.32
CA ASN B 385 7.30 7.90 -53.61
C ASN B 385 8.11 8.36 -52.40
N ARG B 386 9.33 7.84 -52.30
CA ARG B 386 10.22 8.14 -51.20
C ARG B 386 11.52 8.73 -51.73
N LYS B 387 11.99 9.79 -51.07
CA LYS B 387 13.23 10.45 -51.45
C LYS B 387 14.18 10.47 -50.27
N ARG B 388 15.44 10.19 -50.55
CA ARG B 388 16.49 10.18 -49.54
C ARG B 388 17.48 11.31 -49.83
N ILE B 389 17.84 12.05 -48.79
CA ILE B 389 18.76 13.18 -48.90
C ILE B 389 19.96 12.90 -48.00
N SER B 390 21.16 13.03 -48.58
CA SER B 390 22.40 12.85 -47.86
C SER B 390 23.45 13.75 -48.47
N ASN B 391 24.41 14.18 -47.64
CA ASN B 391 25.51 15.06 -48.05
C ASN B 391 24.97 16.35 -48.68
N CYS B 392 24.35 17.14 -47.81
CA CYS B 392 23.70 18.39 -48.19
C CYS B 392 24.09 19.48 -47.21
N VAL B 393 23.53 20.67 -47.44
CA VAL B 393 23.60 21.78 -46.50
C VAL B 393 22.18 22.15 -46.13
N ALA B 394 21.85 21.99 -44.85
CA ALA B 394 20.48 22.24 -44.40
C ALA B 394 20.15 23.72 -44.41
N ASP B 395 18.92 24.05 -44.80
CA ASP B 395 18.42 25.42 -44.72
C ASP B 395 16.92 25.32 -44.46
N TYR B 396 16.55 25.39 -43.17
CA TYR B 396 15.18 25.17 -42.76
C TYR B 396 14.45 26.44 -42.33
N SER B 397 15.17 27.46 -41.88
CA SER B 397 14.52 28.68 -41.43
C SER B 397 13.73 29.33 -42.56
N VAL B 398 14.35 29.45 -43.74
CA VAL B 398 13.65 30.04 -44.88
C VAL B 398 12.53 29.13 -45.35
N LEU B 399 12.76 27.82 -45.32
CA LEU B 399 11.72 26.88 -45.72
C LEU B 399 10.50 26.95 -44.81
N TYR B 400 10.70 27.38 -43.56
CA TYR B 400 9.62 27.32 -42.58
C TYR B 400 8.59 28.41 -42.84
N ASN B 401 9.01 29.58 -43.29
CA ASN B 401 8.12 30.74 -43.33
C ASN B 401 8.02 31.42 -44.70
N SER B 402 8.98 31.24 -45.60
CA SER B 402 8.96 31.98 -46.86
C SER B 402 7.73 31.61 -47.69
N ALA B 403 7.40 30.33 -47.78
CA ALA B 403 6.31 29.88 -48.62
C ALA B 403 4.94 30.02 -47.97
N SER B 404 4.89 30.30 -46.67
CA SER B 404 3.63 30.50 -45.93
C SER B 404 2.71 29.29 -46.06
N PHE B 405 3.18 28.16 -45.54
CA PHE B 405 2.38 26.95 -45.55
C PHE B 405 1.24 27.05 -44.53
N SER B 406 0.19 26.27 -44.77
CA SER B 406 -0.96 26.30 -43.87
C SER B 406 -0.62 25.70 -42.52
N THR B 407 -0.01 24.52 -42.50
CA THR B 407 0.30 23.80 -41.27
C THR B 407 1.72 23.27 -41.33
N PHE B 408 2.50 23.56 -40.28
CA PHE B 408 3.89 23.11 -40.18
C PHE B 408 4.09 22.66 -38.73
N LYS B 409 3.93 21.36 -38.48
CA LYS B 409 4.00 20.83 -37.12
C LYS B 409 5.13 19.82 -37.02
N CYS B 410 6.04 20.03 -36.08
CA CYS B 410 7.20 19.16 -35.89
C CYS B 410 7.02 18.38 -34.59
N TYR B 411 7.23 17.07 -34.67
CA TYR B 411 7.13 16.17 -33.53
C TYR B 411 8.52 15.68 -33.17
N GLY B 412 8.89 15.80 -31.89
CA GLY B 412 10.16 15.36 -31.40
C GLY B 412 11.31 16.34 -31.53
N VAL B 413 11.05 17.56 -31.99
CA VAL B 413 12.10 18.55 -32.17
C VAL B 413 11.45 19.93 -32.28
N SER B 414 12.18 20.96 -31.88
CA SER B 414 11.69 22.33 -31.96
C SER B 414 11.97 22.91 -33.34
N PRO B 415 10.98 23.53 -33.99
CA PRO B 415 11.21 24.07 -35.33
C PRO B 415 12.28 25.15 -35.39
N THR B 416 12.45 25.92 -34.31
CA THR B 416 13.43 27.00 -34.36
C THR B 416 14.86 26.49 -34.29
N LYS B 417 15.08 25.33 -33.66
CA LYS B 417 16.42 24.78 -33.49
C LYS B 417 16.79 23.79 -34.58
N LEU B 418 15.94 23.64 -35.61
CA LEU B 418 16.24 22.70 -36.68
C LEU B 418 17.51 23.08 -37.41
N ASN B 419 17.74 24.38 -37.62
CA ASN B 419 18.85 24.82 -38.46
C ASN B 419 20.18 24.46 -37.84
N ASP B 420 20.33 24.61 -36.53
CA ASP B 420 21.61 24.36 -35.88
C ASP B 420 21.92 22.87 -35.74
N LEU B 421 20.90 22.03 -35.69
CA LEU B 421 21.11 20.61 -35.44
C LEU B 421 21.69 19.91 -36.66
N CYS B 422 22.30 18.75 -36.41
CA CYS B 422 22.86 17.91 -37.47
C CYS B 422 22.09 16.60 -37.54
N PHE B 423 21.74 16.19 -38.76
CA PHE B 423 20.90 15.02 -38.99
C PHE B 423 21.68 13.98 -39.79
N THR B 424 20.99 12.93 -40.20
CA THR B 424 21.56 11.90 -41.06
C THR B 424 20.44 11.16 -41.78
N ASN B 425 20.60 10.97 -43.10
CA ASN B 425 19.66 10.22 -43.92
C ASN B 425 18.24 10.82 -43.86
N VAL B 426 18.14 12.03 -44.40
CA VAL B 426 16.86 12.73 -44.37
C VAL B 426 15.88 12.04 -45.31
N TYR B 427 14.71 11.69 -44.80
CA TYR B 427 13.71 10.99 -45.58
C TYR B 427 12.52 11.91 -45.86
N ALA B 428 11.98 11.82 -47.07
CA ALA B 428 10.84 12.64 -47.45
C ALA B 428 9.89 11.83 -48.32
N ASP B 429 8.62 12.22 -48.29
CA ASP B 429 7.61 11.63 -49.15
C ASP B 429 6.61 12.74 -49.50
N SER B 430 5.56 12.37 -50.24
CA SER B 430 4.59 13.36 -50.69
C SER B 430 3.30 12.67 -51.08
N PHE B 431 2.18 13.30 -50.77
CA PHE B 431 0.88 12.81 -51.21
C PHE B 431 -0.14 13.93 -51.11
N VAL B 432 -1.37 13.63 -51.53
CA VAL B 432 -2.48 14.58 -51.50
C VAL B 432 -3.70 13.88 -50.92
N ILE B 433 -4.35 14.53 -49.95
CA ILE B 433 -5.51 13.98 -49.27
C ILE B 433 -6.52 15.09 -49.04
N ARG B 434 -7.72 14.69 -48.63
CA ARG B 434 -8.78 15.64 -48.37
C ARG B 434 -8.45 16.48 -47.13
N GLY B 435 -9.10 17.65 -47.05
CA GLY B 435 -8.83 18.57 -45.97
C GLY B 435 -9.19 18.00 -44.60
N ASP B 436 -10.24 17.19 -44.55
CA ASP B 436 -10.67 16.63 -43.26
C ASP B 436 -9.80 15.45 -42.82
N GLU B 437 -8.88 15.00 -43.67
CA GLU B 437 -7.98 13.90 -43.32
C GLU B 437 -6.74 14.38 -42.56
N VAL B 438 -6.25 15.58 -42.87
CA VAL B 438 -4.97 16.05 -42.33
C VAL B 438 -5.00 16.05 -40.81
N ARG B 439 -6.18 16.29 -40.22
CA ARG B 439 -6.27 16.39 -38.76
C ARG B 439 -5.93 15.07 -38.07
N GLN B 440 -5.91 13.95 -38.79
CA GLN B 440 -5.55 12.68 -38.18
C GLN B 440 -4.39 11.98 -38.90
N ILE B 441 -3.43 12.74 -39.41
CA ILE B 441 -2.14 12.20 -39.83
C ILE B 441 -1.14 12.66 -38.78
N ALA B 442 -0.92 11.81 -37.78
CA ALA B 442 -0.19 12.20 -36.58
C ALA B 442 0.42 10.96 -35.96
N PRO B 443 1.44 11.12 -35.12
CA PRO B 443 2.08 9.94 -34.49
C PRO B 443 1.08 9.14 -33.67
N GLY B 444 0.89 7.88 -34.06
CA GLY B 444 0.07 6.95 -33.30
C GLY B 444 -1.39 7.33 -33.21
N GLN B 445 -1.94 7.89 -34.29
CA GLN B 445 -3.35 8.26 -34.33
C GLN B 445 -3.98 7.65 -35.57
N THR B 446 -5.06 6.90 -35.37
CA THR B 446 -5.76 6.24 -36.47
C THR B 446 -7.26 6.54 -36.35
N GLY B 447 -7.87 6.89 -37.48
CA GLY B 447 -9.30 7.15 -37.49
C GLY B 447 -10.00 6.70 -38.76
N LYS B 448 -9.27 6.12 -39.70
CA LYS B 448 -9.87 5.67 -40.95
C LYS B 448 -8.90 4.74 -41.66
N ILE B 449 -9.35 4.24 -42.82
CA ILE B 449 -8.53 3.33 -43.61
C ILE B 449 -7.34 4.06 -44.24
N ALA B 450 -7.51 5.32 -44.63
CA ALA B 450 -6.38 6.07 -45.15
C ALA B 450 -5.29 6.24 -44.12
N ASP B 451 -5.62 6.16 -42.84
CA ASP B 451 -4.59 6.10 -41.79
C ASP B 451 -3.86 4.77 -41.83
N TYR B 452 -4.53 3.69 -42.24
CA TYR B 452 -3.86 2.41 -42.46
C TYR B 452 -3.02 2.44 -43.73
N ASN B 453 -3.40 3.28 -44.70
CA ASN B 453 -2.63 3.40 -45.92
C ASN B 453 -1.22 3.92 -45.65
N TYR B 454 -1.10 4.90 -44.77
CA TYR B 454 0.20 5.47 -44.39
C TYR B 454 0.15 5.76 -42.89
N LYS B 455 0.62 4.81 -42.09
CA LYS B 455 0.61 4.92 -40.64
C LYS B 455 1.99 5.27 -40.12
N LEU B 456 2.03 6.19 -39.18
CA LEU B 456 3.28 6.54 -38.54
C LEU B 456 3.53 5.66 -37.31
N PRO B 457 4.79 5.42 -36.95
CA PRO B 457 5.08 4.66 -35.74
C PRO B 457 4.77 5.47 -34.49
N ASP B 458 4.74 4.79 -33.36
CA ASP B 458 4.40 5.45 -32.11
C ASP B 458 5.41 6.52 -31.75
N ASP B 459 6.70 6.25 -31.92
CA ASP B 459 7.76 7.21 -31.63
C ASP B 459 8.26 7.79 -32.95
N PHE B 460 7.73 8.95 -33.31
CA PHE B 460 8.07 9.62 -34.56
C PHE B 460 8.95 10.82 -34.28
N THR B 461 9.93 11.04 -35.16
CA THR B 461 10.84 12.17 -35.05
C THR B 461 10.91 12.85 -36.41
N GLY B 462 10.29 14.02 -36.54
CA GLY B 462 10.30 14.68 -37.84
C GLY B 462 9.31 15.83 -37.86
N CYS B 463 8.82 16.13 -39.05
CA CYS B 463 7.92 17.25 -39.26
C CYS B 463 6.89 16.90 -40.33
N VAL B 464 5.76 17.61 -40.28
CA VAL B 464 4.65 17.45 -41.21
C VAL B 464 4.30 18.82 -41.77
N ILE B 465 4.25 18.92 -43.09
CA ILE B 465 3.92 20.16 -43.79
C ILE B 465 2.68 19.91 -44.64
N ALA B 466 1.61 20.63 -44.36
CA ALA B 466 0.35 20.48 -45.09
C ALA B 466 -0.09 21.84 -45.61
N TRP B 467 -0.45 21.91 -46.89
CA TRP B 467 -0.96 23.15 -47.46
C TRP B 467 -2.12 22.81 -48.38
N ASN B 468 -2.80 23.84 -48.88
CA ASN B 468 -3.99 23.69 -49.69
C ASN B 468 -3.65 23.82 -51.17
N SER B 469 -4.50 23.23 -52.01
CA SER B 469 -4.32 23.30 -53.45
C SER B 469 -5.68 23.26 -54.11
N ASN B 470 -6.03 24.33 -54.83
CA ASN B 470 -7.31 24.41 -55.53
C ASN B 470 -7.15 24.70 -57.01
N ASN B 471 -5.91 24.76 -57.50
CA ASN B 471 -5.67 25.09 -58.91
C ASN B 471 -4.68 24.14 -59.56
N LEU B 472 -4.29 23.06 -58.89
CA LEU B 472 -3.38 22.08 -59.46
C LEU B 472 -4.02 20.71 -59.62
N ASP B 473 -4.63 20.19 -58.57
CA ASP B 473 -5.35 18.92 -58.63
C ASP B 473 -6.85 19.10 -58.77
N SER B 474 -7.32 20.33 -58.95
CA SER B 474 -8.75 20.61 -59.10
C SER B 474 -9.06 20.87 -60.56
N LYS B 475 -10.10 20.20 -61.06
CA LYS B 475 -10.52 20.35 -62.46
C LYS B 475 -12.00 20.68 -62.53
N VAL B 476 -12.35 21.50 -63.51
CA VAL B 476 -13.74 21.94 -63.66
C VAL B 476 -14.63 20.77 -64.06
N GLY B 477 -14.12 19.87 -64.91
CA GLY B 477 -14.91 18.73 -65.33
C GLY B 477 -14.96 17.58 -64.35
N GLY B 478 -14.17 17.66 -63.28
CA GLY B 478 -14.15 16.60 -62.28
C GLY B 478 -12.98 15.64 -62.48
N ASN B 479 -11.97 15.75 -61.63
CA ASN B 479 -10.79 14.91 -61.73
C ASN B 479 -11.02 13.60 -60.99
N TYR B 480 -10.88 12.49 -61.70
CA TYR B 480 -10.90 11.16 -61.10
C TYR B 480 -9.55 10.52 -61.41
N ASN B 481 -8.54 10.88 -60.61
CA ASN B 481 -7.19 10.36 -60.82
C ASN B 481 -6.50 9.94 -59.54
N TYR B 482 -6.99 10.31 -58.37
CA TYR B 482 -6.31 10.05 -57.11
C TYR B 482 -6.98 8.89 -56.40
N LEU B 483 -6.17 7.92 -55.97
CA LEU B 483 -6.67 6.66 -55.47
C LEU B 483 -6.30 6.47 -54.00
N TYR B 484 -7.17 5.77 -53.28
CA TYR B 484 -6.91 5.41 -51.90
C TYR B 484 -7.63 4.09 -51.61
N ARG B 485 -7.17 3.40 -50.58
CA ARG B 485 -7.70 2.09 -50.26
C ARG B 485 -9.07 2.22 -49.64
N LEU B 486 -10.07 1.57 -50.24
CA LEU B 486 -11.42 1.59 -49.69
C LEU B 486 -11.62 0.49 -48.66
N PHE B 487 -11.17 -0.72 -48.97
CA PHE B 487 -11.32 -1.89 -48.10
C PHE B 487 -9.95 -2.45 -47.81
N ARG B 488 -9.68 -2.73 -46.52
CA ARG B 488 -8.40 -3.27 -46.09
C ARG B 488 -8.64 -4.53 -45.28
N LYS B 489 -8.07 -5.64 -45.71
CA LYS B 489 -8.30 -6.92 -45.02
C LYS B 489 -7.56 -6.97 -43.69
N SER B 490 -6.30 -6.55 -43.66
CA SER B 490 -5.49 -6.63 -42.46
C SER B 490 -4.72 -5.34 -42.26
N ASN B 491 -4.48 -5.00 -40.99
CA ASN B 491 -3.80 -3.77 -40.65
C ASN B 491 -2.37 -3.78 -41.18
N LEU B 492 -1.85 -2.59 -41.48
CA LEU B 492 -0.53 -2.45 -42.07
C LEU B 492 0.47 -1.94 -41.03
N LYS B 493 1.68 -2.48 -41.09
CA LYS B 493 2.77 -2.01 -40.25
C LYS B 493 3.13 -0.57 -40.65
N PRO B 494 3.39 0.32 -39.70
CA PRO B 494 3.84 1.66 -40.06
C PRO B 494 5.11 1.64 -40.88
N PHE B 495 5.25 2.64 -41.75
CA PHE B 495 6.32 2.70 -42.75
C PHE B 495 6.34 1.45 -43.62
N GLU B 496 5.17 0.99 -44.02
CA GLU B 496 5.04 -0.10 -44.98
C GLU B 496 4.06 0.33 -46.07
N ARG B 497 4.47 0.19 -47.32
CA ARG B 497 3.66 0.60 -48.45
C ARG B 497 2.94 -0.58 -49.07
N ASP B 498 1.76 -0.32 -49.60
CA ASP B 498 0.96 -1.34 -50.28
C ASP B 498 0.98 -1.05 -51.77
N ILE B 499 1.47 -2.03 -52.55
CA ILE B 499 1.65 -1.86 -53.98
C ILE B 499 0.81 -2.92 -54.69
N SER B 500 0.68 -2.76 -56.00
CA SER B 500 -0.08 -3.67 -56.86
C SER B 500 -1.54 -3.64 -56.42
N THR B 501 -2.29 -4.71 -56.71
CA THR B 501 -3.68 -4.79 -56.32
C THR B 501 -4.03 -6.24 -56.01
N GLU B 502 -5.01 -6.43 -55.14
CA GLU B 502 -5.47 -7.75 -54.76
C GLU B 502 -6.99 -7.78 -54.85
N ILE B 503 -7.53 -8.89 -55.35
CA ILE B 503 -8.97 -9.04 -55.46
C ILE B 503 -9.56 -9.20 -54.07
N TYR B 504 -10.20 -8.15 -53.56
CA TYR B 504 -10.73 -8.18 -52.21
C TYR B 504 -11.87 -9.19 -52.11
N GLN B 505 -11.88 -9.93 -51.01
CA GLN B 505 -12.85 -11.00 -50.77
C GLN B 505 -13.55 -10.73 -49.45
N ALA B 506 -14.83 -10.38 -49.50
CA ALA B 506 -15.62 -10.13 -48.31
C ALA B 506 -16.78 -11.10 -48.13
N GLY B 507 -17.06 -11.94 -49.13
CA GLY B 507 -18.12 -12.91 -49.05
C GLY B 507 -17.63 -14.27 -48.60
N SER B 508 -18.41 -15.29 -48.93
CA SER B 508 -18.05 -16.66 -48.61
C SER B 508 -17.33 -17.34 -49.77
N THR B 509 -17.96 -17.38 -50.94
CA THR B 509 -17.36 -18.00 -52.10
C THR B 509 -16.30 -17.09 -52.70
N PRO B 510 -15.06 -17.56 -52.89
CA PRO B 510 -14.04 -16.72 -53.53
C PRO B 510 -14.38 -16.41 -54.98
N CYS B 511 -14.66 -15.14 -55.27
CA CYS B 511 -14.99 -14.74 -56.63
C CYS B 511 -13.81 -14.98 -57.57
N ASN B 512 -12.60 -14.65 -57.14
CA ASN B 512 -11.40 -14.79 -57.95
C ASN B 512 -11.52 -13.98 -59.25
N GLY B 513 -11.83 -12.69 -59.09
CA GLY B 513 -11.93 -11.78 -60.21
C GLY B 513 -13.33 -11.64 -60.78
N VAL B 514 -14.29 -12.44 -60.33
CA VAL B 514 -15.65 -12.34 -60.84
C VAL B 514 -16.28 -11.01 -60.46
N GLU B 515 -15.98 -10.51 -59.25
CA GLU B 515 -16.57 -9.27 -58.73
C GLU B 515 -18.10 -9.40 -58.68
N GLY B 516 -18.55 -10.34 -57.85
CA GLY B 516 -19.96 -10.62 -57.74
C GLY B 516 -20.54 -10.30 -56.38
N PHE B 517 -21.26 -11.26 -55.80
CA PHE B 517 -21.92 -11.05 -54.52
C PHE B 517 -20.89 -10.90 -53.41
N ASN B 518 -21.00 -9.80 -52.66
CA ASN B 518 -20.10 -9.47 -51.55
C ASN B 518 -18.64 -9.39 -51.96
N CYS B 519 -18.36 -9.30 -53.26
CA CYS B 519 -17.01 -9.19 -53.78
C CYS B 519 -16.78 -7.77 -54.26
N TYR B 520 -15.68 -7.16 -53.83
CA TYR B 520 -15.45 -5.75 -54.05
C TYR B 520 -14.02 -5.52 -54.55
N PHE B 521 -13.84 -4.39 -55.23
CA PHE B 521 -12.52 -3.99 -55.70
C PHE B 521 -11.96 -2.95 -54.74
N PRO B 522 -10.88 -3.24 -54.03
CA PRO B 522 -10.40 -2.33 -52.97
C PRO B 522 -9.69 -1.11 -53.53
N LEU B 523 -10.48 -0.21 -54.13
CA LEU B 523 -9.94 1.03 -54.69
C LEU B 523 -11.07 2.01 -54.87
N GLN B 524 -10.76 3.30 -54.71
CA GLN B 524 -11.71 4.37 -54.91
C GLN B 524 -10.98 5.55 -55.55
N SER B 525 -11.69 6.31 -56.37
CA SER B 525 -11.14 7.47 -57.05
C SER B 525 -11.75 8.74 -56.49
N TYR B 526 -10.90 9.69 -56.11
CA TYR B 526 -11.37 10.96 -55.61
C TYR B 526 -12.00 11.79 -56.73
N GLY B 527 -12.88 12.70 -56.34
CA GLY B 527 -13.47 13.64 -57.29
C GLY B 527 -13.21 15.08 -56.87
N PHE B 528 -12.40 15.79 -57.64
CA PHE B 528 -11.95 17.12 -57.28
C PHE B 528 -12.47 18.15 -58.28
N GLN B 529 -13.15 19.16 -57.78
CA GLN B 529 -13.72 20.24 -58.57
C GLN B 529 -13.54 21.55 -57.82
N PRO B 530 -13.49 22.68 -58.54
CA PRO B 530 -13.44 23.98 -57.85
C PRO B 530 -14.64 24.23 -56.96
N THR B 531 -15.81 23.73 -57.34
CA THR B 531 -17.03 23.90 -56.56
C THR B 531 -17.08 23.02 -55.32
N ASN B 532 -16.14 22.10 -55.17
CA ASN B 532 -16.12 21.25 -53.99
C ASN B 532 -15.82 22.07 -52.75
N GLY B 533 -16.32 21.60 -51.61
CA GLY B 533 -16.15 22.31 -50.37
C GLY B 533 -14.73 22.28 -49.86
N VAL B 534 -14.46 23.15 -48.89
CA VAL B 534 -13.13 23.20 -48.28
C VAL B 534 -12.82 21.89 -47.57
N GLY B 535 -13.81 21.32 -46.89
CA GLY B 535 -13.62 20.04 -46.24
C GLY B 535 -13.31 18.91 -47.20
N TYR B 536 -13.67 19.06 -48.47
CA TYR B 536 -13.34 18.09 -49.51
C TYR B 536 -12.19 18.55 -50.39
N GLN B 537 -11.54 19.66 -50.03
CA GLN B 537 -10.49 20.21 -50.87
C GLN B 537 -9.26 19.30 -50.88
N PRO B 538 -8.62 19.11 -52.03
CA PRO B 538 -7.42 18.27 -52.07
C PRO B 538 -6.16 18.96 -51.56
N TYR B 539 -5.93 18.91 -50.25
CA TYR B 539 -4.71 19.43 -49.67
C TYR B 539 -3.53 18.52 -50.04
N ARG B 540 -2.33 19.09 -49.98
CA ARG B 540 -1.09 18.39 -50.26
C ARG B 540 -0.24 18.33 -48.99
N VAL B 541 0.23 17.13 -48.67
CA VAL B 541 0.93 16.86 -47.41
C VAL B 541 2.26 16.19 -47.71
N VAL B 542 3.30 16.61 -46.98
CA VAL B 542 4.64 16.06 -47.07
C VAL B 542 5.15 15.79 -45.66
N VAL B 543 5.75 14.63 -45.47
CA VAL B 543 6.25 14.19 -44.16
C VAL B 543 7.76 14.02 -44.25
N LEU B 544 8.48 14.66 -43.34
CA LEU B 544 9.92 14.49 -43.22
C LEU B 544 10.22 13.73 -41.94
N SER B 545 11.08 12.73 -42.03
CA SER B 545 11.53 11.97 -40.87
C SER B 545 13.04 12.06 -40.73
N PHE B 546 13.52 11.95 -39.51
CA PHE B 546 14.94 12.08 -39.21
C PHE B 546 15.39 10.93 -38.33
N GLU B 547 16.69 10.67 -38.36
CA GLU B 547 17.31 9.69 -37.48
C GLU B 547 18.66 10.21 -37.03
N LEU B 548 18.96 10.04 -35.74
CA LEU B 548 20.16 10.60 -35.13
C LEU B 548 21.02 9.49 -34.55
N LEU B 549 22.34 9.69 -34.60
CA LEU B 549 23.32 8.80 -33.97
C LEU B 549 23.19 7.37 -34.48
N HIS B 550 23.45 7.21 -35.78
CA HIS B 550 23.62 5.89 -36.36
C HIS B 550 24.77 5.82 -37.35
N ALA B 551 25.46 6.94 -37.60
CA ALA B 551 26.53 7.03 -38.58
C ALA B 551 27.17 8.42 -38.44
N PRO B 552 28.28 8.69 -39.13
CA PRO B 552 28.75 10.08 -39.21
C PRO B 552 27.69 10.98 -39.83
N ALA B 553 27.57 12.19 -39.30
CA ALA B 553 26.53 13.11 -39.74
C ALA B 553 26.73 13.51 -41.20
N THR B 554 25.63 13.78 -41.88
CA THR B 554 25.67 14.14 -43.29
C THR B 554 24.84 15.35 -43.67
N VAL B 555 23.92 15.82 -42.82
CA VAL B 555 23.10 16.99 -43.11
C VAL B 555 23.21 17.95 -41.93
N CYS B 556 23.64 19.17 -42.20
CA CYS B 556 23.85 20.15 -41.13
C CYS B 556 23.54 21.54 -41.67
N GLY B 557 23.27 22.46 -40.74
CA GLY B 557 22.97 23.83 -41.10
C GLY B 557 24.21 24.63 -41.36
N PRO B 558 24.01 25.87 -41.81
CA PRO B 558 25.14 26.76 -42.18
C PRO B 558 25.74 27.47 -40.98
N LYS B 559 26.37 26.70 -40.10
CA LYS B 559 27.10 27.24 -38.95
C LYS B 559 28.58 27.20 -39.27
N LYS B 560 29.23 28.37 -39.22
CA LYS B 560 30.65 28.43 -39.56
C LYS B 560 31.48 27.73 -38.49
N SER B 561 32.49 27.01 -38.94
CA SER B 561 33.40 26.32 -38.02
C SER B 561 34.29 27.34 -37.31
N THR B 562 34.98 26.85 -36.29
CA THR B 562 35.87 27.66 -35.46
C THR B 562 37.23 26.99 -35.36
N ASN B 563 38.27 27.80 -35.18
CA ASN B 563 39.61 27.25 -35.00
C ASN B 563 39.68 26.41 -33.74
N LEU B 564 40.41 25.30 -33.82
CA LEU B 564 40.53 24.39 -32.69
C LEU B 564 41.34 25.02 -31.57
N VAL B 565 40.93 24.74 -30.34
CA VAL B 565 41.63 25.22 -29.15
C VAL B 565 41.77 24.06 -28.17
N LYS B 566 42.91 24.00 -27.49
CA LYS B 566 43.20 22.93 -26.54
C LYS B 566 43.58 23.54 -25.19
N ASN B 567 43.35 22.76 -24.13
CA ASN B 567 43.64 23.15 -22.75
C ASN B 567 42.72 24.28 -22.31
N LYS B 568 42.63 24.53 -21.01
CA LYS B 568 41.78 25.60 -20.49
C LYS B 568 40.33 25.36 -20.88
N CYS B 569 39.70 24.37 -20.25
CA CYS B 569 38.41 23.82 -20.69
C CYS B 569 37.47 24.87 -21.26
N VAL B 570 36.91 24.57 -22.44
CA VAL B 570 36.03 25.48 -23.17
C VAL B 570 34.78 24.71 -23.57
N ASN B 571 33.73 25.47 -23.90
CA ASN B 571 32.55 24.88 -24.50
C ASN B 571 32.84 24.47 -25.93
N PHE B 572 32.31 23.32 -26.33
CA PHE B 572 32.58 22.78 -27.65
C PHE B 572 31.27 22.34 -28.30
N ASN B 573 31.37 22.01 -29.60
CA ASN B 573 30.21 21.50 -30.33
C ASN B 573 30.75 20.67 -31.50
N PHE B 574 30.68 19.35 -31.37
CA PHE B 574 31.13 18.43 -32.41
C PHE B 574 29.90 17.75 -32.98
N ASN B 575 29.45 18.21 -34.16
CA ASN B 575 28.32 17.61 -34.87
C ASN B 575 27.06 17.59 -34.01
N GLY B 576 26.87 18.63 -33.21
CA GLY B 576 25.74 18.70 -32.30
C GLY B 576 25.98 18.11 -30.94
N LEU B 577 27.13 17.46 -30.72
CA LEU B 577 27.48 16.89 -29.41
C LEU B 577 28.04 18.02 -28.56
N THR B 578 27.21 18.57 -27.68
CA THR B 578 27.62 19.67 -26.82
C THR B 578 28.42 19.12 -25.64
N GLY B 579 28.68 19.97 -24.66
CA GLY B 579 29.38 19.57 -23.46
C GLY B 579 30.39 20.61 -23.06
N THR B 580 31.20 20.29 -22.06
CA THR B 580 32.21 21.20 -21.54
C THR B 580 33.36 20.39 -20.98
N GLY B 581 34.58 20.81 -21.27
CA GLY B 581 35.74 20.14 -20.71
C GLY B 581 37.00 20.48 -21.47
N VAL B 582 38.12 20.11 -20.86
CA VAL B 582 39.43 20.29 -21.49
C VAL B 582 39.55 19.34 -22.67
N LEU B 583 39.96 19.88 -23.82
CA LEU B 583 40.25 19.10 -25.00
C LEU B 583 41.77 18.97 -25.11
N THR B 584 42.26 17.73 -25.09
CA THR B 584 43.69 17.46 -25.10
C THR B 584 44.02 16.47 -26.20
N GLU B 585 45.30 16.42 -26.54
CA GLU B 585 45.77 15.43 -27.50
C GLU B 585 45.57 14.03 -26.96
N SER B 586 45.14 13.11 -27.83
CA SER B 586 44.74 11.78 -27.43
C SER B 586 45.82 10.76 -27.80
N ASN B 587 46.17 9.91 -26.85
CA ASN B 587 47.12 8.83 -27.08
C ASN B 587 46.44 7.52 -27.47
N LYS B 588 45.11 7.50 -27.55
CA LYS B 588 44.38 6.28 -27.84
C LYS B 588 44.52 5.92 -29.32
N LYS B 589 44.00 4.74 -29.66
CA LYS B 589 44.04 4.23 -31.03
C LYS B 589 42.62 3.96 -31.50
N PHE B 590 42.24 4.57 -32.62
CA PHE B 590 40.96 4.31 -33.26
C PHE B 590 41.18 3.57 -34.57
N LEU B 591 40.38 2.55 -34.81
CA LEU B 591 40.34 1.95 -36.13
C LEU B 591 39.69 2.94 -37.10
N PRO B 592 40.13 2.96 -38.36
CA PRO B 592 39.69 4.04 -39.26
C PRO B 592 38.28 3.86 -39.77
N PHE B 593 37.36 3.50 -38.88
CA PHE B 593 35.93 3.52 -39.20
C PHE B 593 35.08 3.97 -38.01
N GLN B 594 35.69 4.33 -36.88
CA GLN B 594 34.97 4.63 -35.66
C GLN B 594 34.93 6.13 -35.43
N GLN B 595 33.73 6.67 -35.25
CA GLN B 595 33.58 8.12 -35.13
C GLN B 595 34.11 8.62 -33.81
N PHE B 596 33.52 8.18 -32.70
CA PHE B 596 33.94 8.64 -31.39
C PHE B 596 33.64 7.57 -30.36
N GLY B 597 34.57 7.39 -29.43
CA GLY B 597 34.42 6.41 -28.37
C GLY B 597 33.92 7.03 -27.09
N ARG B 598 33.48 6.20 -26.14
CA ARG B 598 32.99 6.69 -24.86
C ARG B 598 33.49 5.76 -23.77
N ASP B 599 32.93 5.91 -22.58
CA ASP B 599 33.31 5.09 -21.44
C ASP B 599 32.10 4.39 -20.84
N ILE B 600 32.30 3.74 -19.69
CA ILE B 600 31.30 2.87 -19.10
C ILE B 600 30.29 3.66 -18.26
N ALA B 601 30.33 4.99 -18.38
CA ALA B 601 29.41 5.85 -17.66
C ALA B 601 28.53 6.67 -18.59
N ASP B 602 28.45 6.29 -19.86
CA ASP B 602 27.73 7.06 -20.88
C ASP B 602 28.21 8.52 -20.92
N THR B 603 29.53 8.68 -20.85
CA THR B 603 30.17 10.00 -20.91
C THR B 603 31.20 9.95 -22.03
N THR B 604 30.89 10.61 -23.15
CA THR B 604 31.80 10.62 -24.28
C THR B 604 33.13 11.22 -23.86
N ASP B 605 34.22 10.51 -24.16
CA ASP B 605 35.55 10.91 -23.74
C ASP B 605 36.48 11.25 -24.88
N ALA B 606 36.40 10.54 -25.99
CA ALA B 606 37.25 10.78 -27.15
C ALA B 606 36.38 11.11 -28.35
N VAL B 607 36.73 12.16 -29.08
CA VAL B 607 35.97 12.59 -30.24
C VAL B 607 36.94 12.78 -31.39
N ARG B 608 36.41 12.80 -32.62
CA ARG B 608 37.22 13.02 -33.81
C ARG B 608 36.81 14.31 -34.48
N ASP B 609 37.80 15.12 -34.83
CA ASP B 609 37.54 16.40 -35.48
C ASP B 609 37.07 16.16 -36.91
N PRO B 610 35.91 16.68 -37.31
CA PRO B 610 35.41 16.41 -38.66
C PRO B 610 36.11 17.20 -39.75
N GLN B 611 37.22 17.86 -39.41
CA GLN B 611 37.96 18.65 -40.38
C GLN B 611 39.42 18.21 -40.55
N THR B 612 40.08 17.78 -39.48
CA THR B 612 41.46 17.36 -39.56
C THR B 612 41.67 15.89 -39.24
N LEU B 613 40.61 15.16 -38.93
CA LEU B 613 40.68 13.71 -38.67
C LEU B 613 41.67 13.41 -37.55
N GLU B 614 41.49 14.09 -36.43
CA GLU B 614 42.35 13.92 -35.25
C GLU B 614 41.50 13.57 -34.04
N ILE B 615 42.08 12.78 -33.15
CA ILE B 615 41.41 12.33 -31.93
C ILE B 615 41.71 13.28 -30.78
N LEU B 616 40.67 13.66 -30.05
CA LEU B 616 40.78 14.59 -28.95
C LEU B 616 40.13 13.98 -27.72
N ASP B 617 40.85 14.01 -26.60
CA ASP B 617 40.35 13.55 -25.32
C ASP B 617 39.65 14.68 -24.59
N ILE B 618 38.52 14.36 -23.96
CA ILE B 618 37.74 15.34 -23.19
C ILE B 618 37.83 14.96 -21.72
N THR B 619 38.33 15.88 -20.91
CA THR B 619 38.36 15.69 -19.46
C THR B 619 37.78 16.94 -18.81
N PRO B 620 36.65 16.83 -18.12
CA PRO B 620 35.94 18.03 -17.64
C PRO B 620 36.78 18.85 -16.67
N CYS B 621 36.34 20.08 -16.46
CA CYS B 621 37.11 21.06 -15.71
C CYS B 621 37.30 20.60 -14.25
N SER B 622 38.29 21.20 -13.60
CA SER B 622 38.53 20.92 -12.20
C SER B 622 37.41 21.50 -11.34
N PHE B 623 37.12 20.81 -10.24
CA PHE B 623 36.06 21.21 -9.34
C PHE B 623 36.30 20.54 -8.00
N GLY B 624 35.64 21.05 -6.97
CA GLY B 624 35.78 20.42 -5.67
C GLY B 624 34.99 21.11 -4.58
N GLY B 625 34.83 20.38 -3.47
CA GLY B 625 34.13 20.92 -2.32
C GLY B 625 34.95 21.92 -1.54
N VAL B 626 34.26 22.73 -0.75
CA VAL B 626 34.89 23.79 0.04
C VAL B 626 34.48 23.62 1.49
N SER B 627 35.45 23.68 2.40
CA SER B 627 35.18 23.61 3.82
C SER B 627 35.76 24.82 4.53
N VAL B 628 35.09 25.24 5.60
CA VAL B 628 35.48 26.44 6.35
C VAL B 628 35.85 26.01 7.76
N ILE B 629 37.04 26.43 8.21
CA ILE B 629 37.51 26.17 9.55
C ILE B 629 37.36 27.46 10.36
N THR B 630 36.62 27.39 11.46
CA THR B 630 36.42 28.54 12.32
C THR B 630 36.41 28.11 13.79
N PRO B 631 37.07 28.89 14.66
CA PRO B 631 37.07 28.59 16.09
C PRO B 631 35.91 29.24 16.84
N GLY B 632 34.71 29.10 16.30
CA GLY B 632 33.53 29.66 16.93
C GLY B 632 33.42 31.16 16.76
N THR B 633 32.22 31.67 16.48
CA THR B 633 32.04 33.09 16.33
C THR B 633 32.02 33.84 17.66
N ASN B 634 31.89 33.11 18.77
CA ASN B 634 31.88 33.73 20.09
C ASN B 634 33.25 34.25 20.49
N THR B 635 34.32 33.64 19.99
CA THR B 635 35.67 34.00 20.38
C THR B 635 36.33 34.94 19.38
N SER B 636 36.21 34.65 18.08
CA SER B 636 36.86 35.45 17.07
C SER B 636 36.11 35.28 15.75
N ASN B 637 36.66 35.86 14.69
CA ASN B 637 36.06 35.77 13.37
C ASN B 637 37.01 35.31 12.28
N GLN B 638 38.31 35.14 12.57
CA GLN B 638 39.24 34.66 11.57
C GLN B 638 38.87 33.23 11.17
N VAL B 639 38.96 32.94 9.88
CA VAL B 639 38.58 31.65 9.34
C VAL B 639 39.67 31.18 8.36
N ALA B 640 39.62 29.89 8.04
CA ALA B 640 40.53 29.31 7.08
C ALA B 640 39.74 28.48 6.08
N VAL B 641 40.27 28.36 4.87
CA VAL B 641 39.59 27.68 3.77
C VAL B 641 40.31 26.37 3.49
N LEU B 642 39.53 25.33 3.20
CA LEU B 642 40.06 24.03 2.83
C LEU B 642 39.44 23.60 1.51
N TYR B 643 40.29 23.37 0.52
CA TYR B 643 39.88 22.83 -0.77
C TYR B 643 40.17 21.34 -0.80
N GLN B 644 39.21 20.56 -1.28
CA GLN B 644 39.20 19.13 -1.00
C GLN B 644 40.26 18.37 -1.80
N ASP B 645 40.13 18.34 -3.12
CA ASP B 645 40.93 17.42 -3.93
C ASP B 645 41.91 18.15 -4.83
N VAL B 646 42.42 19.30 -4.40
CA VAL B 646 43.20 20.19 -5.26
C VAL B 646 44.48 20.58 -4.54
N ASN B 647 45.62 20.32 -5.19
CA ASN B 647 46.90 20.90 -4.79
C ASN B 647 46.97 22.41 -5.05
N CYS B 648 47.75 23.09 -4.23
CA CYS B 648 48.02 24.51 -4.40
C CYS B 648 49.46 24.79 -4.79
N TRP B 664 47.77 26.29 -6.94
CA TRP B 664 48.22 25.90 -8.27
C TRP B 664 47.02 25.97 -9.20
N ARG B 665 45.83 25.81 -8.63
CA ARG B 665 44.58 25.88 -9.36
C ARG B 665 43.58 26.83 -8.73
N VAL B 666 43.89 27.38 -7.55
CA VAL B 666 42.96 28.23 -6.81
C VAL B 666 42.91 29.62 -7.42
N TYR B 667 41.92 30.41 -7.02
CA TYR B 667 41.73 31.75 -7.54
C TYR B 667 42.14 32.85 -6.57
N SER B 668 42.03 32.61 -5.26
CA SER B 668 42.41 33.58 -4.23
C SER B 668 43.56 32.99 -3.42
N THR B 669 44.68 33.69 -3.38
CA THR B 669 45.84 33.26 -2.61
C THR B 669 46.40 34.46 -1.84
N GLY B 670 46.65 34.25 -0.55
CA GLY B 670 47.25 35.28 0.28
C GLY B 670 48.62 34.89 0.78
N SER B 671 48.69 34.50 2.04
CA SER B 671 49.94 34.07 2.66
C SER B 671 49.68 32.80 3.47
N ASN B 672 50.77 32.05 3.68
CA ASN B 672 50.73 30.81 4.46
C ASN B 672 49.78 29.80 3.84
N VAL B 673 50.13 29.36 2.64
CA VAL B 673 49.40 28.30 1.93
C VAL B 673 50.04 26.97 2.27
N PHE B 674 49.22 26.00 2.68
CA PHE B 674 49.71 24.69 3.08
C PHE B 674 49.08 23.63 2.21
N GLN B 675 49.82 22.56 1.97
CA GLN B 675 49.36 21.42 1.18
C GLN B 675 49.45 20.16 2.02
N THR B 676 48.32 19.47 2.18
CA THR B 676 48.27 18.21 2.92
C THR B 676 47.81 17.11 1.99
N ARG B 677 47.81 15.88 2.51
CA ARG B 677 47.23 14.78 1.76
C ARG B 677 45.73 14.96 1.60
N ALA B 678 45.10 15.71 2.49
CA ALA B 678 43.67 15.95 2.43
C ALA B 678 43.30 17.08 1.48
N GLY B 679 44.27 17.80 0.93
CA GLY B 679 43.97 18.86 0.00
C GLY B 679 44.79 20.12 0.21
N CYS B 680 44.15 21.28 0.07
CA CYS B 680 44.84 22.56 0.22
C CYS B 680 44.22 23.33 1.37
N LEU B 681 45.06 24.00 2.15
CA LEU B 681 44.63 24.81 3.28
C LEU B 681 45.15 26.23 3.12
N ILE B 682 44.25 27.20 3.20
CA ILE B 682 44.60 28.60 3.01
C ILE B 682 44.20 29.36 4.26
N GLY B 683 45.15 30.12 4.81
CA GLY B 683 44.89 30.94 5.98
C GLY B 683 45.20 30.23 7.28
N ALA B 684 46.37 29.61 7.37
CA ALA B 684 46.77 28.90 8.58
C ALA B 684 48.27 28.71 8.58
N GLU B 685 48.94 29.21 9.61
CA GLU B 685 50.38 29.01 9.73
C GLU B 685 50.70 27.58 10.11
N HIS B 686 51.80 27.06 9.58
CA HIS B 686 52.25 25.71 9.86
C HIS B 686 53.37 25.74 10.89
N VAL B 687 53.28 24.88 11.91
CA VAL B 687 54.23 24.86 13.00
C VAL B 687 54.76 23.45 13.20
N ASN B 688 55.89 23.36 13.90
CA ASN B 688 56.54 22.08 14.13
C ASN B 688 56.00 21.38 15.37
N ASN B 689 55.74 22.13 16.43
CA ASN B 689 55.33 21.53 17.69
C ASN B 689 53.99 20.82 17.54
N SER B 690 53.89 19.63 18.14
CA SER B 690 52.72 18.78 18.03
C SER B 690 51.98 18.76 19.35
N TYR B 691 50.66 18.97 19.30
CA TYR B 691 49.81 18.91 20.48
C TYR B 691 48.66 17.93 20.20
N GLU B 692 47.73 17.85 21.15
CA GLU B 692 46.56 17.00 20.98
C GLU B 692 45.61 17.61 19.97
N CYS B 693 44.86 16.73 19.28
CA CYS B 693 43.97 17.19 18.22
C CYS B 693 42.79 17.96 18.79
N ASP B 694 42.42 19.04 18.12
CA ASP B 694 41.33 19.91 18.54
C ASP B 694 40.22 20.03 17.51
N ILE B 695 40.57 20.14 16.23
CA ILE B 695 39.60 20.16 15.15
C ILE B 695 40.14 19.29 14.02
N PRO B 696 39.48 18.19 13.67
CA PRO B 696 40.06 17.28 12.67
C PRO B 696 40.04 17.86 11.27
N ILE B 697 41.00 17.41 10.46
CA ILE B 697 41.05 17.76 9.05
C ILE B 697 41.08 16.48 8.22
N GLY B 698 42.10 15.68 8.42
CA GLY B 698 42.30 14.44 7.69
C GLY B 698 43.77 14.13 7.56
N ALA B 699 44.07 12.84 7.47
CA ALA B 699 45.43 12.36 7.32
C ALA B 699 46.34 12.86 8.44
N GLY B 700 45.80 12.89 9.66
CA GLY B 700 46.59 13.25 10.81
C GLY B 700 47.05 14.68 10.89
N ILE B 701 46.21 15.63 10.47
CA ILE B 701 46.48 17.05 10.62
C ILE B 701 45.31 17.67 11.38
N CYS B 702 45.60 18.43 12.42
CA CYS B 702 44.58 19.10 13.19
C CYS B 702 44.93 20.57 13.33
N ALA B 703 43.90 21.42 13.28
CA ALA B 703 44.09 22.86 13.32
C ALA B 703 43.29 23.46 14.45
N SER B 704 43.86 24.49 15.07
CA SER B 704 43.23 25.15 16.20
C SER B 704 43.74 26.57 16.30
N TYR B 705 42.96 27.40 17.00
CA TYR B 705 43.27 28.81 17.17
C TYR B 705 43.99 29.01 18.49
N GLN B 706 45.17 29.64 18.45
CA GLN B 706 46.03 29.71 19.61
C GLN B 706 46.40 31.16 19.92
N THR B 707 46.78 31.38 21.17
CA THR B 707 47.21 32.70 21.62
C THR B 707 48.73 32.79 21.67
N SER B 720 50.85 35.57 18.35
CA SER B 720 49.65 36.32 18.71
C SER B 720 48.39 35.47 18.54
N GLN B 721 47.44 35.96 17.76
CA GLN B 721 46.16 35.30 17.55
C GLN B 721 46.12 34.77 16.11
N SER B 722 46.19 33.46 15.96
CA SER B 722 46.18 32.86 14.63
C SER B 722 45.77 31.40 14.73
N ILE B 723 45.43 30.83 13.57
CA ILE B 723 45.07 29.43 13.44
C ILE B 723 46.29 28.65 12.96
N ILE B 724 46.61 27.56 13.64
CA ILE B 724 47.77 26.75 13.32
C ILE B 724 47.31 25.33 13.01
N ALA B 725 47.95 24.71 12.03
CA ALA B 725 47.70 23.33 11.65
C ALA B 725 48.96 22.52 11.87
N TYR B 726 48.82 21.37 12.53
CA TYR B 726 49.97 20.60 12.96
C TYR B 726 49.63 19.12 12.96
N THR B 727 50.67 18.30 12.94
CA THR B 727 50.49 16.87 13.12
C THR B 727 50.05 16.59 14.54
N MET B 728 48.96 15.82 14.68
CA MET B 728 48.42 15.56 16.01
C MET B 728 49.35 14.64 16.80
N SER B 729 49.41 14.88 18.11
CA SER B 729 50.30 14.14 19.00
C SER B 729 49.53 13.05 19.72
N LEU B 730 50.08 11.85 19.73
CA LEU B 730 49.40 10.67 20.25
C LEU B 730 49.54 10.52 21.75
N GLY B 731 50.39 11.30 22.40
CA GLY B 731 50.59 11.23 23.83
C GLY B 731 52.07 11.16 24.20
N ALA B 732 52.33 11.45 25.47
CA ALA B 732 53.69 11.45 25.98
C ALA B 732 54.27 10.04 25.98
N GLU B 733 55.54 9.94 25.63
CA GLU B 733 56.24 8.66 25.54
C GLU B 733 57.07 8.42 26.79
N ASN B 734 56.92 7.22 27.36
CA ASN B 734 57.73 6.83 28.51
C ASN B 734 58.21 5.40 28.30
N SER B 735 59.34 5.08 28.91
CA SER B 735 59.96 3.76 28.80
C SER B 735 59.90 3.05 30.13
N VAL B 736 59.75 1.74 30.08
CA VAL B 736 59.69 0.91 31.29
C VAL B 736 61.08 0.41 31.60
N ALA B 737 61.35 0.15 32.88
CA ALA B 737 62.67 -0.29 33.35
C ALA B 737 62.73 -1.80 33.53
N TYR B 738 62.08 -2.54 32.62
CA TYR B 738 62.00 -3.98 32.75
C TYR B 738 63.38 -4.63 32.81
N SER B 739 63.56 -5.53 33.77
CA SER B 739 64.78 -6.31 33.90
C SER B 739 64.41 -7.65 34.49
N ASN B 740 65.27 -8.64 34.27
CA ASN B 740 64.88 -10.02 34.54
C ASN B 740 64.83 -10.37 36.03
N ASN B 741 65.25 -9.47 36.92
CA ASN B 741 65.08 -9.72 38.35
C ASN B 741 64.67 -8.46 39.10
N SER B 742 63.88 -7.59 38.48
CA SER B 742 63.42 -6.36 39.11
C SER B 742 61.90 -6.31 39.10
N ILE B 743 61.32 -5.86 40.22
CA ILE B 743 59.88 -5.75 40.36
C ILE B 743 59.57 -4.42 41.02
N ALA B 744 58.31 -3.98 40.90
CA ALA B 744 57.87 -2.73 41.48
C ALA B 744 56.57 -2.96 42.21
N ILE B 745 56.47 -2.41 43.43
CA ILE B 745 55.34 -2.70 44.32
C ILE B 745 54.70 -1.40 44.80
N PRO B 746 53.38 -1.28 44.78
CA PRO B 746 52.74 -0.08 45.32
C PRO B 746 52.90 0.00 46.84
N THR B 747 52.79 1.23 47.35
CA THR B 747 52.85 1.47 48.78
C THR B 747 51.66 2.25 49.31
N ASN B 748 50.79 2.78 48.46
CA ASN B 748 49.65 3.57 48.87
C ASN B 748 48.50 3.29 47.92
N PHE B 749 47.42 4.05 48.04
CA PHE B 749 46.27 3.84 47.19
C PHE B 749 45.42 5.10 47.16
N THR B 750 44.40 5.08 46.31
CA THR B 750 43.55 6.26 46.13
C THR B 750 42.17 5.82 45.66
N ILE B 751 41.14 6.36 46.29
CA ILE B 751 39.76 6.14 45.87
C ILE B 751 39.38 7.22 44.88
N SER B 752 38.71 6.84 43.80
CA SER B 752 38.28 7.80 42.79
C SER B 752 36.82 7.54 42.44
N VAL B 753 36.15 8.58 41.95
CA VAL B 753 34.75 8.51 41.54
C VAL B 753 34.65 9.01 40.11
N THR B 754 34.01 8.22 39.24
CA THR B 754 33.86 8.58 37.84
C THR B 754 32.39 8.54 37.44
N THR B 755 32.05 9.30 36.40
CA THR B 755 30.68 9.44 35.95
C THR B 755 30.52 8.83 34.56
N GLU B 756 29.33 8.27 34.33
CA GLU B 756 28.96 7.76 33.01
C GLU B 756 27.54 8.20 32.70
N ILE B 757 27.28 8.58 31.46
CA ILE B 757 25.98 9.06 31.01
C ILE B 757 25.46 8.13 29.94
N LEU B 758 24.21 7.69 30.08
CA LEU B 758 23.64 6.81 29.07
C LEU B 758 22.22 7.22 28.72
N PRO B 759 21.93 7.49 27.44
CA PRO B 759 20.55 7.75 27.04
C PRO B 759 19.75 6.45 27.03
N VAL B 760 18.50 6.54 27.45
CA VAL B 760 17.66 5.36 27.62
C VAL B 760 16.41 5.40 26.74
N SER B 761 15.80 6.57 26.58
CA SER B 761 14.59 6.65 25.77
C SER B 761 14.44 8.05 25.21
N MET B 762 13.72 8.16 24.09
CA MET B 762 13.46 9.42 23.44
C MET B 762 11.97 9.75 23.54
N THR B 763 11.61 10.93 23.07
CA THR B 763 10.23 11.38 23.15
C THR B 763 9.35 10.59 22.18
N LYS B 764 8.07 10.54 22.49
CA LYS B 764 7.09 9.80 21.70
C LYS B 764 6.26 10.78 20.89
N THR B 765 6.20 10.56 19.57
CA THR B 765 5.42 11.40 18.68
C THR B 765 4.48 10.55 17.85
N SER B 766 3.35 11.14 17.47
CA SER B 766 2.39 10.49 16.61
C SER B 766 1.91 11.47 15.55
N VAL B 767 1.78 10.99 14.32
CA VAL B 767 1.29 11.80 13.21
C VAL B 767 -0.02 11.19 12.72
N ASP B 768 -0.61 11.79 11.69
CA ASP B 768 -1.86 11.28 11.14
C ASP B 768 -1.93 11.65 9.67
N CYS B 769 -2.15 10.64 8.82
CA CYS B 769 -2.17 10.89 7.38
C CYS B 769 -3.28 11.87 6.99
N THR B 770 -4.51 11.59 7.41
CA THR B 770 -5.63 12.36 6.90
C THR B 770 -5.51 13.83 7.28
N MET B 771 -5.12 14.10 8.52
CA MET B 771 -4.98 15.49 8.96
C MET B 771 -3.75 16.16 8.37
N TYR B 772 -2.76 15.39 7.94
CA TYR B 772 -1.52 15.99 7.44
C TYR B 772 -1.57 16.21 5.93
N ILE B 773 -1.73 15.14 5.16
CA ILE B 773 -1.69 15.25 3.70
C ILE B 773 -2.87 16.08 3.20
N CYS B 774 -4.07 15.80 3.69
CA CYS B 774 -5.27 16.40 3.12
C CYS B 774 -5.90 17.46 4.01
N GLY B 775 -5.56 17.50 5.28
CA GLY B 775 -6.21 18.47 6.16
C GLY B 775 -7.67 18.12 6.35
N ASP B 776 -8.54 19.08 6.05
CA ASP B 776 -9.98 18.91 6.27
C ASP B 776 -10.78 18.75 5.00
N SER B 777 -10.13 18.63 3.84
CA SER B 777 -10.86 18.46 2.59
C SER B 777 -11.47 17.07 2.50
N THR B 778 -12.52 16.95 1.68
CA THR B 778 -13.22 15.68 1.51
C THR B 778 -12.76 14.94 0.26
N GLU B 779 -12.81 15.61 -0.89
CA GLU B 779 -12.34 14.98 -2.12
C GLU B 779 -10.86 14.63 -2.05
N CYS B 780 -10.07 15.35 -1.26
CA CYS B 780 -8.69 14.94 -1.04
C CYS B 780 -8.63 13.59 -0.35
N SER B 781 -9.47 13.37 0.65
CA SER B 781 -9.54 12.06 1.29
C SER B 781 -10.00 10.99 0.31
N ASN B 782 -10.96 11.34 -0.55
CA ASN B 782 -11.41 10.38 -1.56
C ASN B 782 -10.27 9.98 -2.48
N LEU B 783 -9.46 10.95 -2.91
CA LEU B 783 -8.30 10.63 -3.74
C LEU B 783 -7.28 9.79 -2.97
N LEU B 784 -7.02 10.14 -1.72
CA LEU B 784 -6.06 9.38 -0.92
C LEU B 784 -6.52 7.94 -0.74
N LEU B 785 -7.83 7.70 -0.74
CA LEU B 785 -8.34 6.35 -0.53
C LEU B 785 -7.85 5.38 -1.60
N GLN B 786 -7.45 5.87 -2.76
CA GLN B 786 -7.01 4.98 -3.83
C GLN B 786 -5.74 4.21 -3.46
N TYR B 787 -4.78 4.88 -2.82
CA TYR B 787 -3.60 4.20 -2.29
C TYR B 787 -3.83 3.70 -0.87
N GLY B 788 -5.08 3.36 -0.54
CA GLY B 788 -5.52 3.17 0.83
C GLY B 788 -4.81 2.08 1.60
N SER B 789 -3.89 1.36 0.97
CA SER B 789 -3.17 0.29 1.66
C SER B 789 -1.89 0.78 2.33
N PHE B 790 -1.60 2.08 2.29
CA PHE B 790 -0.35 2.59 2.82
C PHE B 790 -0.47 3.01 4.28
N CYS B 791 -1.36 3.97 4.57
CA CYS B 791 -1.33 4.66 5.84
C CYS B 791 -1.64 3.78 7.04
N THR B 792 -2.22 2.60 6.85
CA THR B 792 -2.45 1.71 7.97
C THR B 792 -1.12 1.30 8.61
N GLN B 793 -0.20 0.77 7.80
CA GLN B 793 1.08 0.35 8.36
C GLN B 793 1.94 1.54 8.76
N LEU B 794 1.82 2.65 8.04
CA LEU B 794 2.59 3.84 8.40
C LEU B 794 2.18 4.34 9.77
N ASN B 795 0.88 4.32 10.07
CA ASN B 795 0.43 4.72 11.39
C ASN B 795 0.72 3.65 12.44
N ARG B 796 0.81 2.39 12.03
CA ARG B 796 1.14 1.33 12.99
C ARG B 796 2.60 1.40 13.44
N ALA B 797 3.50 1.82 12.55
CA ALA B 797 4.91 1.84 12.89
C ALA B 797 5.20 2.77 14.07
N LEU B 798 4.58 3.95 14.09
CA LEU B 798 4.83 4.88 15.18
C LEU B 798 4.29 4.36 16.50
N THR B 799 3.15 3.66 16.46
CA THR B 799 2.64 3.04 17.68
C THR B 799 3.61 2.00 18.20
N GLY B 800 4.17 1.18 17.30
CA GLY B 800 5.18 0.23 17.73
C GLY B 800 6.38 0.91 18.36
N ILE B 801 6.81 2.02 17.77
CA ILE B 801 7.94 2.77 18.33
C ILE B 801 7.61 3.29 19.72
N ALA B 802 6.39 3.79 19.91
CA ALA B 802 6.01 4.31 21.22
C ALA B 802 6.02 3.22 22.29
N VAL B 803 5.45 2.06 21.97
CA VAL B 803 5.41 1.00 22.98
C VAL B 803 6.83 0.50 23.28
N GLU B 804 7.69 0.44 22.27
CA GLU B 804 9.09 0.08 22.51
C GLU B 804 9.77 1.11 23.41
N GLN B 805 9.50 2.40 23.18
CA GLN B 805 10.07 3.44 24.02
C GLN B 805 9.68 3.26 25.46
N ASP B 806 8.41 2.92 25.71
CA ASP B 806 8.01 2.64 27.09
C ASP B 806 8.73 1.42 27.65
N LYS B 807 8.84 0.36 26.86
CA LYS B 807 9.44 -0.88 27.34
C LYS B 807 10.90 -0.67 27.74
N ASN B 808 11.61 0.23 27.06
CA ASN B 808 13.00 0.48 27.42
C ASN B 808 13.13 0.95 28.87
N THR B 809 12.40 2.00 29.23
CA THR B 809 12.45 2.51 30.59
C THR B 809 11.88 1.49 31.58
N GLN B 810 10.93 0.69 31.13
CA GLN B 810 10.43 -0.38 32.00
C GLN B 810 11.55 -1.36 32.34
N GLU B 811 12.38 -1.71 31.37
CA GLU B 811 13.42 -2.71 31.60
C GLU B 811 14.57 -2.15 32.43
N VAL B 812 14.98 -0.92 32.14
CA VAL B 812 16.26 -0.44 32.69
C VAL B 812 16.16 -0.22 34.20
N PHE B 813 15.04 0.30 34.69
CA PHE B 813 15.00 0.77 36.08
C PHE B 813 14.33 -0.23 37.02
N ALA B 814 13.08 -0.59 36.74
CA ALA B 814 12.27 -1.35 37.70
C ALA B 814 12.77 -2.79 37.74
N GLN B 815 13.86 -2.99 38.48
CA GLN B 815 14.42 -4.31 38.69
C GLN B 815 14.33 -4.78 40.13
N VAL B 816 14.17 -3.86 41.07
CA VAL B 816 13.98 -4.24 42.48
C VAL B 816 12.50 -4.50 42.72
N LYS B 817 12.22 -5.49 43.55
CA LYS B 817 10.86 -5.94 43.81
C LYS B 817 10.22 -5.28 45.03
N GLN B 818 10.94 -4.41 45.72
CA GLN B 818 10.43 -3.78 46.93
C GLN B 818 10.77 -2.30 46.89
N ILE B 819 10.48 -1.59 47.97
CA ILE B 819 10.89 -0.21 48.16
C ILE B 819 11.55 -0.12 49.53
N TYR B 820 12.85 0.18 49.54
CA TYR B 820 13.63 0.26 50.76
C TYR B 820 13.87 1.72 51.11
N LYS B 821 13.70 2.06 52.38
CA LYS B 821 13.94 3.41 52.86
C LYS B 821 15.14 3.43 53.80
N THR B 822 15.89 4.52 53.75
CA THR B 822 17.09 4.65 54.57
C THR B 822 16.72 4.80 56.04
N PRO B 823 17.44 4.13 56.94
CA PRO B 823 17.19 4.33 58.36
C PRO B 823 17.45 5.78 58.75
N PRO B 824 16.71 6.31 59.73
CA PRO B 824 16.85 7.72 60.07
C PRO B 824 18.25 8.11 60.53
N ILE B 825 18.94 7.23 61.23
CA ILE B 825 20.28 7.54 61.74
C ILE B 825 21.28 7.48 60.61
N LYS B 826 22.35 8.24 60.75
CA LYS B 826 23.44 8.29 59.76
C LYS B 826 24.75 8.01 60.48
N ASP B 827 25.06 6.72 60.63
CA ASP B 827 26.30 6.28 61.27
C ASP B 827 26.88 5.14 60.43
N PHE B 828 27.70 5.51 59.45
CA PHE B 828 28.31 4.56 58.53
C PHE B 828 29.82 4.44 58.72
N GLY B 829 30.36 4.92 59.84
CA GLY B 829 31.78 4.86 60.09
C GLY B 829 32.57 6.04 59.58
N GLY B 830 31.94 6.97 58.87
CA GLY B 830 32.64 8.14 58.40
C GLY B 830 32.23 8.57 57.01
N PHE B 831 31.69 7.64 56.22
CA PHE B 831 31.26 7.98 54.87
C PHE B 831 30.07 8.92 54.92
N ASN B 832 29.95 9.75 53.88
CA ASN B 832 28.94 10.81 53.83
C ASN B 832 28.14 10.67 52.55
N PHE B 833 26.83 10.48 52.68
CA PHE B 833 25.94 10.30 51.54
C PHE B 833 24.87 11.37 51.48
N SER B 834 25.14 12.55 52.04
CA SER B 834 24.15 13.62 52.03
C SER B 834 23.98 14.25 50.65
N GLN B 835 24.84 13.92 49.70
CA GLN B 835 24.76 14.52 48.37
C GLN B 835 23.98 13.68 47.37
N ILE B 836 23.56 12.47 47.74
CA ILE B 836 22.80 11.61 46.82
C ILE B 836 21.52 11.06 47.41
N LEU B 837 21.36 11.03 48.73
CA LEU B 837 20.13 10.51 49.31
C LEU B 837 19.01 11.54 49.19
N PRO B 838 17.77 11.09 49.11
CA PRO B 838 16.64 12.03 49.01
C PRO B 838 16.53 12.90 50.25
N ASP B 839 16.66 14.20 50.07
CA ASP B 839 16.47 15.17 51.15
C ASP B 839 15.13 15.85 50.97
N PRO B 840 14.17 15.64 51.86
CA PRO B 840 12.84 16.24 51.66
C PRO B 840 12.84 17.74 51.95
N SER B 841 12.83 18.54 50.88
CA SER B 841 12.69 19.98 51.00
C SER B 841 11.86 20.58 49.87
N LYS B 842 11.33 19.77 48.98
CA LYS B 842 10.58 20.24 47.82
C LYS B 842 9.53 19.19 47.49
N PRO B 843 8.54 19.52 46.65
CA PRO B 843 7.54 18.50 46.27
C PRO B 843 8.16 17.25 45.67
N SER B 844 9.24 17.39 44.90
CA SER B 844 9.94 16.20 44.43
C SER B 844 10.84 15.66 45.54
N LYS B 845 11.26 14.41 45.37
CA LYS B 845 12.11 13.74 46.33
C LYS B 845 13.55 13.63 45.85
N ARG B 846 13.99 14.56 45.00
CA ARG B 846 15.31 14.48 44.42
C ARG B 846 16.38 14.95 45.40
N SER B 847 17.62 14.57 45.11
CA SER B 847 18.77 15.00 45.87
C SER B 847 19.50 16.09 45.10
N PHE B 848 20.66 16.50 45.62
CA PHE B 848 21.39 17.63 45.02
C PHE B 848 21.81 17.32 43.59
N ILE B 849 22.35 16.13 43.35
CA ILE B 849 22.87 15.78 42.04
C ILE B 849 21.74 15.74 41.01
N GLU B 850 20.58 15.21 41.39
CA GLU B 850 19.46 15.14 40.46
C GLU B 850 19.00 16.53 40.04
N ASP B 851 18.94 17.47 40.99
CA ASP B 851 18.58 18.84 40.65
C ASP B 851 19.60 19.47 39.72
N LEU B 852 20.89 19.27 40.01
CA LEU B 852 21.92 19.80 39.12
C LEU B 852 21.81 19.20 37.73
N LEU B 853 21.37 17.95 37.63
CA LEU B 853 21.22 17.32 36.32
C LEU B 853 20.03 17.89 35.57
N PHE B 854 18.89 18.05 36.24
CA PHE B 854 17.72 18.62 35.56
C PHE B 854 17.99 20.04 35.09
N ASN B 855 18.61 20.87 35.93
CA ASN B 855 18.79 22.25 35.51
C ASN B 855 19.82 22.43 34.41
N LYS B 856 20.59 21.38 34.07
CA LYS B 856 21.61 21.48 33.04
C LYS B 856 21.10 21.17 31.65
N VAL B 857 19.86 20.73 31.50
CA VAL B 857 19.31 20.35 30.21
C VAL B 857 18.16 21.29 29.87
N THR B 858 18.22 21.89 28.69
CA THR B 858 17.22 22.85 28.23
C THR B 858 16.47 22.26 27.04
N LEU B 859 15.15 22.24 27.14
CA LEU B 859 14.30 21.73 26.06
C LEU B 859 13.73 22.89 25.25
N ASP B 879 5.28 29.49 19.77
CA ASP B 879 6.04 28.31 20.19
C ASP B 879 6.03 27.25 19.11
N LEU B 880 7.10 26.44 19.07
CA LEU B 880 7.18 25.37 18.08
C LEU B 880 6.10 24.32 18.32
N ILE B 881 5.83 24.00 19.58
CA ILE B 881 4.90 22.91 19.91
C ILE B 881 3.50 23.22 19.41
N CYS B 882 3.05 24.46 19.58
CA CYS B 882 1.70 24.83 19.14
C CYS B 882 1.58 24.72 17.62
N ALA B 883 2.60 25.22 16.90
CA ALA B 883 2.57 25.14 15.44
C ALA B 883 2.57 23.69 14.98
N GLN B 884 3.37 22.85 15.63
CA GLN B 884 3.40 21.43 15.28
C GLN B 884 2.05 20.78 15.56
N LYS B 885 1.42 21.12 16.68
CA LYS B 885 0.10 20.57 17.00
C LYS B 885 -0.95 21.03 15.99
N PHE B 886 -0.75 22.21 15.42
CA PHE B 886 -1.70 22.72 14.43
C PHE B 886 -1.80 21.82 13.20
N ASN B 887 -0.76 21.05 12.91
CA ASN B 887 -0.72 20.21 11.71
C ASN B 887 -0.99 18.74 12.00
N GLY B 888 -1.43 18.41 13.21
CA GLY B 888 -1.70 17.03 13.56
C GLY B 888 -0.55 16.29 14.22
N LEU B 889 0.46 16.99 14.70
CA LEU B 889 1.61 16.38 15.36
C LEU B 889 1.39 16.47 16.86
N THR B 890 1.17 15.32 17.50
CA THR B 890 0.95 15.26 18.94
C THR B 890 2.11 14.53 19.61
N VAL B 891 2.20 14.71 20.93
CA VAL B 891 3.23 14.06 21.75
C VAL B 891 2.53 13.33 22.88
N LEU B 892 2.65 12.02 22.90
CA LEU B 892 2.04 11.24 23.98
C LEU B 892 2.92 11.29 25.22
N PRO B 893 2.38 11.62 26.39
CA PRO B 893 3.22 11.73 27.58
C PRO B 893 3.74 10.37 27.99
N PRO B 894 4.92 10.32 28.63
CA PRO B 894 5.46 9.04 29.07
C PRO B 894 4.63 8.44 30.19
N LEU B 895 4.67 7.10 30.29
CA LEU B 895 3.89 6.42 31.31
C LEU B 895 4.45 6.69 32.71
N LEU B 896 5.77 6.65 32.87
CA LEU B 896 6.41 6.85 34.16
C LEU B 896 6.86 8.30 34.27
N THR B 897 6.35 9.00 35.28
CA THR B 897 6.71 10.38 35.52
C THR B 897 8.03 10.44 36.27
N ASP B 898 8.48 11.66 36.59
CA ASP B 898 9.77 11.82 37.24
C ASP B 898 9.75 11.34 38.68
N GLU B 899 8.62 11.50 39.39
CA GLU B 899 8.58 11.13 40.79
C GLU B 899 8.77 9.62 40.97
N MET B 900 8.11 8.82 40.13
CA MET B 900 8.27 7.38 40.24
C MET B 900 9.69 6.94 39.93
N ILE B 901 10.31 7.55 38.92
CA ILE B 901 11.67 7.14 38.55
C ILE B 901 12.65 7.54 39.65
N ALA B 902 12.44 8.70 40.27
CA ALA B 902 13.28 9.10 41.39
C ALA B 902 13.09 8.18 42.58
N GLN B 903 11.85 7.76 42.82
CA GLN B 903 11.59 6.80 43.89
C GLN B 903 12.30 5.49 43.64
N TYR B 904 12.30 5.02 42.39
CA TYR B 904 13.01 3.78 42.07
C TYR B 904 14.51 3.93 42.31
N THR B 905 15.09 5.05 41.88
CA THR B 905 16.52 5.25 42.10
C THR B 905 16.85 5.30 43.58
N SER B 906 16.01 5.98 44.37
CA SER B 906 16.24 6.03 45.80
C SER B 906 16.13 4.64 46.41
N ALA B 907 15.19 3.82 45.94
CA ALA B 907 15.07 2.46 46.45
C ALA B 907 16.33 1.66 46.18
N LEU B 908 16.83 1.72 44.95
CA LEU B 908 18.06 0.99 44.62
C LEU B 908 19.23 1.48 45.46
N LEU B 909 19.38 2.80 45.59
CA LEU B 909 20.51 3.34 46.33
C LEU B 909 20.43 3.00 47.81
N ALA B 910 19.24 2.96 48.38
CA ALA B 910 19.12 2.58 49.78
C ALA B 910 19.30 1.08 49.96
N GLY B 911 19.01 0.30 48.93
CA GLY B 911 19.23 -1.13 49.02
C GLY B 911 20.68 -1.53 48.88
N THR B 912 21.47 -0.74 48.15
CA THR B 912 22.85 -1.12 47.89
C THR B 912 23.82 -0.69 48.97
N ILE B 913 23.37 -0.01 50.04
CA ILE B 913 24.28 0.40 51.10
C ILE B 913 24.00 -0.28 52.42
N THR B 914 22.91 -1.04 52.53
CA THR B 914 22.60 -1.74 53.77
C THR B 914 22.55 -3.25 53.63
N SER B 915 22.74 -3.80 52.43
CA SER B 915 22.68 -5.24 52.24
C SER B 915 23.70 -5.77 51.24
N GLY B 916 24.56 -4.91 50.71
CA GLY B 916 25.52 -5.38 49.72
C GLY B 916 24.83 -5.87 48.47
N TRP B 917 25.29 -7.01 47.97
CA TRP B 917 24.71 -7.62 46.79
C TRP B 917 23.66 -8.68 47.11
N THR B 918 23.41 -8.94 48.39
CA THR B 918 22.46 -9.98 48.75
C THR B 918 21.04 -9.63 48.32
N PHE B 919 20.65 -8.37 48.47
CA PHE B 919 19.27 -8.00 48.18
C PHE B 919 18.92 -8.15 46.72
N GLY B 920 19.91 -8.23 45.84
CA GLY B 920 19.62 -8.48 44.43
C GLY B 920 19.24 -9.89 44.10
N ALA B 921 19.45 -10.83 45.03
CA ALA B 921 19.12 -12.24 44.79
C ALA B 921 18.69 -12.82 46.14
N GLY B 922 17.38 -12.78 46.40
CA GLY B 922 16.85 -13.24 47.66
C GLY B 922 16.27 -12.13 48.50
N ALA B 923 16.56 -12.15 49.81
CA ALA B 923 16.01 -11.17 50.73
C ALA B 923 17.14 -10.30 51.28
N ALA B 924 16.82 -9.02 51.48
CA ALA B 924 17.82 -8.07 51.97
C ALA B 924 18.29 -8.47 53.37
N LEU B 925 19.60 -8.37 53.59
CA LEU B 925 20.21 -8.77 54.85
C LEU B 925 21.09 -7.63 55.33
N GLN B 926 20.76 -7.07 56.50
CA GLN B 926 21.51 -5.93 56.99
C GLN B 926 22.92 -6.35 57.38
N ILE B 927 23.86 -5.41 57.24
CA ILE B 927 25.27 -5.66 57.54
C ILE B 927 25.98 -4.31 57.61
N PRO B 928 26.84 -4.08 58.60
CA PRO B 928 27.48 -2.77 58.72
C PRO B 928 28.34 -2.44 57.51
N PHE B 929 28.39 -1.15 57.16
CA PHE B 929 29.07 -0.72 55.95
C PHE B 929 30.57 -1.05 56.00
N ALA B 930 31.20 -0.78 57.14
CA ALA B 930 32.64 -0.99 57.24
C ALA B 930 33.04 -2.43 57.03
N MET B 931 32.08 -3.35 57.12
CA MET B 931 32.37 -4.76 56.89
C MET B 931 32.20 -5.16 55.43
N GLN B 932 31.18 -4.63 54.76
CA GLN B 932 31.06 -4.97 53.35
C GLN B 932 32.15 -4.30 52.54
N MET B 933 32.70 -3.18 53.02
CA MET B 933 33.89 -2.66 52.35
C MET B 933 35.05 -3.63 52.47
N ALA B 934 35.21 -4.28 53.62
CA ALA B 934 36.25 -5.29 53.73
C ALA B 934 35.99 -6.45 52.77
N TYR B 935 34.74 -6.91 52.68
CA TYR B 935 34.45 -7.98 51.74
C TYR B 935 34.72 -7.56 50.31
N ARG B 936 34.48 -6.29 49.98
CA ARG B 936 34.76 -5.83 48.63
C ARG B 936 36.27 -5.74 48.38
N PHE B 937 37.06 -5.40 49.40
CA PHE B 937 38.51 -5.52 49.23
C PHE B 937 38.97 -6.95 49.05
N ASN B 938 38.29 -7.93 49.64
CA ASN B 938 38.66 -9.30 49.33
C ASN B 938 38.49 -9.62 47.85
N GLY B 939 37.63 -8.89 47.15
CA GLY B 939 37.47 -9.13 45.72
C GLY B 939 38.59 -8.58 44.86
N ILE B 940 39.29 -7.56 45.34
CA ILE B 940 40.37 -6.96 44.56
C ILE B 940 41.69 -7.68 44.73
N GLY B 941 41.89 -8.39 45.83
CA GLY B 941 43.15 -9.03 46.11
C GLY B 941 43.94 -8.38 47.22
N VAL B 942 43.29 -7.61 48.09
CA VAL B 942 43.94 -6.99 49.25
C VAL B 942 43.29 -7.54 50.49
N THR B 943 44.11 -8.02 51.42
CA THR B 943 43.58 -8.64 52.64
C THR B 943 42.77 -7.62 53.44
N GLN B 944 41.96 -8.15 54.36
CA GLN B 944 41.01 -7.31 55.07
C GLN B 944 41.69 -6.21 55.88
N ASN B 945 42.74 -6.58 56.63
CA ASN B 945 43.27 -5.70 57.67
C ASN B 945 43.57 -4.31 57.16
N VAL B 946 44.06 -4.19 55.92
CA VAL B 946 44.37 -2.88 55.36
C VAL B 946 43.24 -1.90 55.62
N LEU B 947 42.02 -2.26 55.21
CA LEU B 947 40.90 -1.35 55.38
C LEU B 947 40.71 -0.96 56.84
N TYR B 948 40.72 -1.95 57.74
CA TYR B 948 40.43 -1.64 59.14
C TYR B 948 41.51 -0.78 59.77
N GLU B 949 42.64 -0.61 59.10
CA GLU B 949 43.69 0.23 59.64
C GLU B 949 43.82 1.55 58.92
N ASN B 950 42.97 1.81 57.92
CA ASN B 950 43.04 3.06 57.17
C ASN B 950 41.65 3.70 57.06
N GLN B 951 40.70 3.22 57.85
CA GLN B 951 39.31 3.59 57.66
C GLN B 951 39.12 5.10 57.63
N LYS B 952 39.62 5.79 58.65
CA LYS B 952 39.57 7.25 58.67
C LYS B 952 39.99 7.81 57.32
N LEU B 953 41.22 7.52 56.90
CA LEU B 953 41.72 8.03 55.63
C LEU B 953 40.73 7.76 54.52
N ILE B 954 40.29 6.50 54.39
CA ILE B 954 39.37 6.14 53.32
C ILE B 954 38.22 7.14 53.27
N ALA B 955 37.53 7.31 54.40
CA ALA B 955 36.35 8.17 54.42
C ALA B 955 36.69 9.53 53.84
N ASN B 956 37.76 10.16 54.34
CA ASN B 956 38.09 11.49 53.87
C ASN B 956 38.23 11.51 52.36
N GLN B 957 39.05 10.60 51.82
CA GLN B 957 39.23 10.57 50.37
C GLN B 957 37.89 10.45 49.68
N PHE B 958 37.09 9.47 50.09
CA PHE B 958 35.79 9.28 49.48
C PHE B 958 35.00 10.58 49.48
N ASN B 959 34.89 11.20 50.66
CA ASN B 959 34.10 12.42 50.76
C ASN B 959 34.61 13.47 49.81
N SER B 960 35.93 13.69 49.80
CA SER B 960 36.48 14.72 48.93
C SER B 960 36.11 14.46 47.49
N ALA B 961 36.20 13.19 47.06
CA ALA B 961 35.86 12.86 45.69
C ALA B 961 34.45 13.33 45.35
N ILE B 962 33.49 13.06 46.23
CA ILE B 962 32.12 13.46 45.96
C ILE B 962 32.04 14.95 45.68
N GLY B 963 32.73 15.74 46.51
CA GLY B 963 32.69 17.18 46.31
C GLY B 963 33.09 17.58 44.91
N LYS B 964 34.17 16.97 44.40
CA LYS B 964 34.66 17.34 43.08
C LYS B 964 33.55 17.15 42.04
N ILE B 965 32.79 16.06 42.16
CA ILE B 965 31.73 15.81 41.19
C ILE B 965 30.72 16.95 41.19
N GLN B 966 30.28 17.37 42.38
CA GLN B 966 29.25 18.40 42.41
C GLN B 966 29.81 19.74 41.99
N ASP B 967 31.14 19.84 41.84
CA ASP B 967 31.70 21.01 41.19
C ASP B 967 31.88 20.78 39.70
N SER B 968 32.29 19.57 39.31
CA SER B 968 32.48 19.28 37.90
C SER B 968 31.18 19.42 37.14
N LEU B 969 30.08 18.92 37.71
CA LEU B 969 28.78 19.11 37.10
C LEU B 969 28.29 20.55 37.24
N SER B 970 28.78 21.28 38.26
CA SER B 970 28.37 22.67 38.43
C SER B 970 29.01 23.59 37.41
N SER B 971 30.10 23.15 36.78
CA SER B 971 30.75 23.93 35.73
C SER B 971 29.99 23.73 34.42
N THR B 972 30.61 24.13 33.31
CA THR B 972 29.97 23.95 32.01
C THR B 972 29.74 22.48 31.71
N ALA B 973 28.63 22.19 31.04
CA ALA B 973 28.28 20.81 30.72
C ALA B 973 29.20 20.29 29.64
N SER B 974 30.07 19.36 30.01
CA SER B 974 31.04 18.78 29.08
C SER B 974 30.77 17.34 28.71
N ALA B 975 29.94 16.63 29.47
CA ALA B 975 29.59 15.25 29.16
C ALA B 975 28.13 15.05 28.82
N LEU B 976 27.27 16.02 29.08
CA LEU B 976 25.85 15.89 28.80
C LEU B 976 25.50 16.10 27.35
N GLY B 977 26.48 16.39 26.49
CA GLY B 977 26.19 16.55 25.08
C GLY B 977 25.62 15.29 24.46
N LYS B 978 26.07 14.13 24.93
CA LYS B 978 25.51 12.87 24.44
C LYS B 978 24.02 12.79 24.72
N LEU B 979 23.58 13.36 25.85
CA LEU B 979 22.16 13.37 26.17
C LEU B 979 21.40 14.44 25.39
N GLN B 980 22.07 15.54 25.04
CA GLN B 980 21.43 16.61 24.28
C GLN B 980 21.28 16.27 22.80
N ASP B 981 22.13 15.40 22.28
CA ASP B 981 22.16 15.13 20.85
C ASP B 981 20.84 14.53 20.37
N VAL B 982 20.26 13.61 21.13
CA VAL B 982 19.02 12.97 20.70
C VAL B 982 17.89 13.99 20.61
N VAL B 983 17.78 14.87 21.61
CA VAL B 983 16.75 15.89 21.58
C VAL B 983 16.94 16.81 20.39
N ASN B 984 18.19 17.23 20.15
CA ASN B 984 18.44 18.12 19.02
C ASN B 984 18.07 17.46 17.70
N GLN B 985 18.43 16.17 17.54
CA GLN B 985 18.12 15.49 16.29
C GLN B 985 16.62 15.35 16.08
N ASN B 986 15.87 15.01 17.13
CA ASN B 986 14.43 14.89 16.99
C ASN B 986 13.79 16.22 16.62
N ALA B 987 14.22 17.31 17.28
CA ALA B 987 13.66 18.61 16.97
C ALA B 987 13.96 19.01 15.52
N GLN B 988 15.19 18.77 15.07
CA GLN B 988 15.55 19.11 13.70
C GLN B 988 14.72 18.29 12.71
N ALA B 989 14.51 17.01 12.98
CA ALA B 989 13.71 16.18 12.08
C ALA B 989 12.27 16.70 12.00
N LEU B 990 11.69 17.06 13.15
CA LEU B 990 10.33 17.60 13.11
C LEU B 990 10.25 18.89 12.32
N ASN B 991 11.21 19.79 12.52
CA ASN B 991 11.18 21.05 11.79
C ASN B 991 11.32 20.83 10.29
N THR B 992 12.21 19.92 9.88
CA THR B 992 12.35 19.62 8.47
C THR B 992 11.06 19.04 7.90
N LEU B 993 10.41 18.15 8.66
CA LEU B 993 9.15 17.59 8.18
C LEU B 993 8.10 18.68 8.00
N VAL B 994 8.01 19.61 8.94
CA VAL B 994 6.98 20.64 8.85
C VAL B 994 7.26 21.57 7.68
N LYS B 995 8.53 21.85 7.40
CA LYS B 995 8.86 22.79 6.34
C LYS B 995 8.43 22.29 4.96
N GLN B 996 8.10 20.99 4.84
CA GLN B 996 7.76 20.43 3.53
C GLN B 996 6.42 20.90 3.02
N LEU B 997 5.57 21.48 3.86
CA LEU B 997 4.25 21.91 3.41
C LEU B 997 4.30 23.16 2.53
N SER B 998 5.45 23.82 2.44
CA SER B 998 5.58 25.06 1.68
C SER B 998 6.30 24.86 0.35
N SER B 999 6.09 23.73 -0.30
CA SER B 999 6.74 23.43 -1.57
C SER B 999 5.70 23.14 -2.64
N ASN B 1000 5.94 23.65 -3.85
CA ASN B 1000 4.97 23.50 -4.93
C ASN B 1000 4.86 22.07 -5.41
N PHE B 1001 5.95 21.31 -5.37
CA PHE B 1001 5.99 19.92 -5.85
C PHE B 1001 5.58 19.82 -7.32
N GLY B 1002 5.74 20.91 -8.06
CA GLY B 1002 5.32 20.95 -9.45
C GLY B 1002 3.91 21.44 -9.68
N ALA B 1003 3.14 21.69 -8.63
CA ALA B 1003 1.80 22.20 -8.77
C ALA B 1003 1.83 23.70 -9.03
N ILE B 1004 0.65 24.32 -9.10
CA ILE B 1004 0.57 25.76 -9.33
C ILE B 1004 0.50 26.55 -8.02
N SER B 1005 0.22 25.90 -6.90
CA SER B 1005 0.23 26.56 -5.60
C SER B 1005 0.35 25.50 -4.52
N SER B 1006 0.80 25.94 -3.34
CA SER B 1006 1.04 25.05 -2.22
C SER B 1006 -0.11 25.03 -1.22
N VAL B 1007 -1.20 25.73 -1.51
CA VAL B 1007 -2.36 25.78 -0.63
C VAL B 1007 -3.47 24.99 -1.28
N LEU B 1008 -3.96 23.96 -0.57
CA LEU B 1008 -4.99 23.10 -1.14
C LEU B 1008 -6.30 23.86 -1.32
N ASN B 1009 -6.62 24.75 -0.37
CA ASN B 1009 -7.84 25.55 -0.49
C ASN B 1009 -7.79 26.44 -1.71
N ASP B 1010 -6.62 26.97 -2.04
CA ASP B 1010 -6.49 27.79 -3.24
C ASP B 1010 -6.85 26.98 -4.49
N ILE B 1011 -6.34 25.76 -4.58
CA ILE B 1011 -6.63 24.93 -5.75
C ILE B 1011 -8.11 24.58 -5.79
N LEU B 1012 -8.70 24.26 -4.64
CA LEU B 1012 -10.13 23.95 -4.63
C LEU B 1012 -10.98 25.16 -4.96
N SER B 1013 -10.48 26.36 -4.68
CA SER B 1013 -11.27 27.57 -4.89
C SER B 1013 -11.17 28.13 -6.30
N ARG B 1014 -9.99 28.05 -6.93
CA ARG B 1014 -9.78 28.68 -8.22
C ARG B 1014 -9.85 27.71 -9.39
N LEU B 1015 -10.37 26.50 -9.17
CA LEU B 1015 -10.44 25.53 -10.25
C LEU B 1015 -11.61 24.58 -10.03
N ASP B 1016 -11.96 23.87 -11.09
CA ASP B 1016 -12.95 22.80 -11.12
C ASP B 1016 -12.27 21.45 -10.93
N PRO B 1017 -13.01 20.45 -10.47
CA PRO B 1017 -12.39 19.12 -10.20
C PRO B 1017 -11.68 18.54 -11.41
N PRO B 1018 -12.25 18.60 -12.63
CA PRO B 1018 -11.57 17.96 -13.76
C PRO B 1018 -10.18 18.52 -14.03
N GLU B 1019 -9.94 19.79 -13.74
CA GLU B 1019 -8.62 20.36 -13.90
C GLU B 1019 -7.80 20.36 -12.61
N ALA B 1020 -8.46 20.27 -11.45
CA ALA B 1020 -7.75 20.21 -10.19
C ALA B 1020 -7.27 18.81 -9.84
N GLU B 1021 -7.69 17.81 -10.60
CA GLU B 1021 -7.35 16.43 -10.28
C GLU B 1021 -5.83 16.22 -10.25
N VAL B 1022 -5.16 16.48 -11.36
CA VAL B 1022 -3.71 16.25 -11.43
C VAL B 1022 -2.97 17.16 -10.47
N GLN B 1023 -3.45 18.39 -10.28
CA GLN B 1023 -2.80 19.31 -9.35
C GLN B 1023 -2.81 18.76 -7.94
N ILE B 1024 -3.94 18.20 -7.50
CA ILE B 1024 -3.98 17.59 -6.18
C ILE B 1024 -3.15 16.32 -6.15
N ASP B 1025 -3.16 15.56 -7.25
CA ASP B 1025 -2.48 14.27 -7.26
C ASP B 1025 -0.97 14.42 -7.06
N ARG B 1026 -0.37 15.37 -7.77
CA ARG B 1026 1.08 15.55 -7.64
C ARG B 1026 1.47 15.95 -6.22
N LEU B 1027 0.73 16.87 -5.63
CA LEU B 1027 1.02 17.31 -4.27
C LEU B 1027 0.87 16.16 -3.28
N ILE B 1028 -0.17 15.33 -3.47
CA ILE B 1028 -0.36 14.18 -2.60
C ILE B 1028 0.85 13.24 -2.69
N THR B 1029 1.32 12.98 -3.91
CA THR B 1029 2.46 12.09 -4.07
C THR B 1029 3.68 12.63 -3.35
N GLY B 1030 3.95 13.92 -3.50
CA GLY B 1030 5.12 14.50 -2.85
C GLY B 1030 5.05 14.41 -1.34
N ARG B 1031 3.90 14.78 -0.77
CA ARG B 1031 3.77 14.74 0.68
C ARG B 1031 3.90 13.31 1.20
N LEU B 1032 3.32 12.35 0.48
CA LEU B 1032 3.42 10.95 0.91
C LEU B 1032 4.88 10.49 0.94
N GLN B 1033 5.65 10.86 -0.10
CA GLN B 1033 7.06 10.47 -0.11
C GLN B 1033 7.81 11.08 1.07
N SER B 1034 7.55 12.35 1.37
CA SER B 1034 8.23 12.98 2.49
C SER B 1034 7.92 12.27 3.81
N LEU B 1035 6.64 11.94 4.02
CA LEU B 1035 6.27 11.24 5.25
C LEU B 1035 6.94 9.88 5.33
N GLN B 1036 7.04 9.17 4.20
CA GLN B 1036 7.72 7.88 4.20
C GLN B 1036 9.16 8.02 4.66
N THR B 1037 9.87 9.02 4.13
CA THR B 1037 11.26 9.21 4.54
C THR B 1037 11.35 9.48 6.04
N TYR B 1038 10.46 10.32 6.57
CA TYR B 1038 10.54 10.61 7.99
C TYR B 1038 10.33 9.35 8.83
N VAL B 1039 9.35 8.52 8.46
CA VAL B 1039 9.09 7.31 9.24
C VAL B 1039 10.28 6.37 9.19
N THR B 1040 10.90 6.24 8.02
CA THR B 1040 12.09 5.39 7.94
C THR B 1040 13.19 5.88 8.85
N GLN B 1041 13.42 7.19 8.89
CA GLN B 1041 14.44 7.73 9.78
C GLN B 1041 14.14 7.40 11.24
N GLN B 1042 12.88 7.55 11.64
CA GLN B 1042 12.53 7.25 13.04
C GLN B 1042 12.77 5.78 13.35
N LEU B 1043 12.39 4.88 12.45
CA LEU B 1043 12.63 3.47 12.68
C LEU B 1043 14.11 3.17 12.82
N ILE B 1044 14.95 3.85 12.02
CA ILE B 1044 16.39 3.64 12.13
C ILE B 1044 16.89 4.06 13.50
N ARG B 1045 16.45 5.24 13.97
CA ARG B 1045 16.96 5.73 15.25
C ARG B 1045 16.49 4.87 16.43
N ALA B 1046 15.31 4.26 16.31
CA ALA B 1046 14.79 3.47 17.40
C ALA B 1046 15.72 2.32 17.76
N ALA B 1047 16.33 1.68 16.75
CA ALA B 1047 17.22 0.56 17.02
C ALA B 1047 18.45 1.00 17.80
N GLU B 1048 19.02 2.15 17.45
CA GLU B 1048 20.15 2.67 18.20
C GLU B 1048 19.80 2.92 19.65
N ILE B 1049 18.65 3.56 19.89
CA ILE B 1049 18.25 3.81 21.27
C ILE B 1049 18.02 2.49 22.01
N ARG B 1050 17.47 1.48 21.32
CA ARG B 1050 17.25 0.19 21.94
C ARG B 1050 18.56 -0.45 22.36
N ALA B 1051 19.56 -0.40 21.49
CA ALA B 1051 20.86 -0.97 21.84
C ALA B 1051 21.47 -0.26 23.03
N SER B 1052 21.39 1.07 23.05
CA SER B 1052 21.92 1.82 24.19
C SER B 1052 21.19 1.44 25.47
N ALA B 1053 19.87 1.29 25.41
CA ALA B 1053 19.10 0.92 26.59
C ALA B 1053 19.46 -0.46 27.10
N ASN B 1054 19.68 -1.41 26.18
CA ASN B 1054 20.10 -2.75 26.60
C ASN B 1054 21.44 -2.70 27.31
N LEU B 1055 22.39 -1.94 26.75
CA LEU B 1055 23.69 -1.80 27.41
C LEU B 1055 23.54 -1.18 28.79
N ALA B 1056 22.69 -0.15 28.91
CA ALA B 1056 22.48 0.47 30.20
C ALA B 1056 21.87 -0.50 31.20
N ALA B 1057 20.94 -1.33 30.75
CA ALA B 1057 20.33 -2.31 31.64
C ALA B 1057 21.36 -3.30 32.15
N THR B 1058 22.23 -3.79 31.26
CA THR B 1058 23.27 -4.71 31.71
C THR B 1058 24.22 -4.04 32.70
N LYS B 1059 24.60 -2.80 32.41
CA LYS B 1059 25.50 -2.09 33.33
C LYS B 1059 24.85 -1.90 34.69
N MET B 1060 23.56 -1.57 34.71
CA MET B 1060 22.87 -1.41 35.98
C MET B 1060 22.80 -2.72 36.74
N SER B 1061 22.53 -3.82 36.04
CA SER B 1061 22.39 -5.10 36.73
C SER B 1061 23.72 -5.63 37.23
N GLU B 1062 24.83 -5.24 36.61
CA GLU B 1062 26.13 -5.74 37.05
C GLU B 1062 26.87 -4.80 37.99
N CYS B 1063 27.10 -3.56 37.58
CA CYS B 1063 27.93 -2.66 38.37
C CYS B 1063 27.27 -2.15 39.64
N VAL B 1064 25.97 -2.40 39.84
CA VAL B 1064 25.25 -1.90 41.01
C VAL B 1064 24.85 -3.04 41.93
N LEU B 1065 24.10 -4.01 41.43
CA LEU B 1065 23.64 -5.12 42.26
C LEU B 1065 24.74 -6.10 42.60
N GLY B 1066 26.00 -5.75 42.37
CA GLY B 1066 27.09 -6.63 42.72
C GLY B 1066 28.41 -6.02 42.31
N GLN B 1067 29.47 -6.81 42.50
CA GLN B 1067 30.81 -6.45 42.06
C GLN B 1067 31.17 -7.28 40.84
N SER B 1068 31.69 -6.63 39.80
CA SER B 1068 32.09 -7.30 38.58
C SER B 1068 33.59 -7.22 38.42
N LYS B 1069 34.17 -8.27 37.85
CA LYS B 1069 35.62 -8.40 37.69
C LYS B 1069 36.03 -8.37 36.22
N ARG B 1070 35.38 -7.51 35.43
CA ARG B 1070 35.73 -7.31 34.04
C ARG B 1070 36.40 -5.96 33.90
N VAL B 1071 37.61 -5.95 33.36
CA VAL B 1071 38.43 -4.75 33.36
C VAL B 1071 37.81 -3.70 32.45
N ASP B 1072 37.77 -2.46 32.93
CA ASP B 1072 37.29 -1.31 32.15
C ASP B 1072 35.85 -1.49 31.69
N PHE B 1073 35.04 -2.22 32.45
CA PHE B 1073 33.60 -2.26 32.22
C PHE B 1073 32.86 -1.35 33.19
N CYS B 1074 33.04 -1.57 34.48
CA CYS B 1074 32.45 -0.73 35.51
C CYS B 1074 33.54 0.24 35.98
N GLY B 1075 33.60 1.41 35.37
CA GLY B 1075 34.59 2.40 35.74
C GLY B 1075 35.96 2.07 35.16
N LYS B 1076 36.94 2.85 35.60
CA LYS B 1076 38.32 2.72 35.16
C LYS B 1076 39.19 2.25 36.33
N GLY B 1077 39.93 1.17 36.11
CA GLY B 1077 40.71 0.57 37.18
C GLY B 1077 39.94 -0.52 37.88
N TYR B 1078 40.37 -0.89 39.08
CA TYR B 1078 39.67 -1.90 39.86
C TYR B 1078 38.35 -1.32 40.34
N HIS B 1079 37.30 -2.14 40.35
CA HIS B 1079 35.96 -1.67 40.66
C HIS B 1079 35.51 -2.12 42.03
N LEU B 1080 34.81 -1.24 42.74
CA LEU B 1080 34.28 -1.53 44.07
C LEU B 1080 32.76 -1.55 44.10
N MET B 1081 32.11 -0.50 43.62
CA MET B 1081 30.65 -0.42 43.59
C MET B 1081 30.26 0.79 42.75
N SER B 1082 28.95 1.03 42.67
CA SER B 1082 28.44 2.14 41.88
C SER B 1082 27.14 2.65 42.49
N PHE B 1083 26.79 3.87 42.11
CA PHE B 1083 25.55 4.50 42.56
C PHE B 1083 24.80 5.06 41.36
N PRO B 1084 23.50 4.80 41.23
CA PRO B 1084 22.75 5.32 40.10
C PRO B 1084 22.05 6.64 40.40
N GLN B 1085 21.82 7.40 39.34
CA GLN B 1085 21.07 8.64 39.40
C GLN B 1085 20.27 8.78 38.12
N SER B 1086 19.16 9.52 38.19
CA SER B 1086 18.28 9.71 37.06
C SER B 1086 18.51 11.08 36.43
N ALA B 1087 18.44 11.14 35.11
CA ALA B 1087 18.57 12.36 34.33
C ALA B 1087 17.48 12.36 33.28
N PRO B 1088 17.11 13.53 32.74
CA PRO B 1088 16.01 13.56 31.76
C PRO B 1088 16.34 12.68 30.56
N HIS B 1089 15.53 11.64 30.39
CA HIS B 1089 15.73 10.66 29.31
C HIS B 1089 17.09 9.98 29.40
N GLY B 1090 17.54 9.68 30.62
CA GLY B 1090 18.85 9.05 30.72
C GLY B 1090 19.20 8.66 32.14
N VAL B 1091 20.30 7.94 32.26
CA VAL B 1091 20.78 7.48 33.55
C VAL B 1091 22.24 7.89 33.71
N VAL B 1092 22.63 8.15 34.96
CA VAL B 1092 23.99 8.58 35.28
C VAL B 1092 24.54 7.64 36.34
N PHE B 1093 25.71 7.09 36.07
CA PHE B 1093 26.37 6.17 36.99
C PHE B 1093 27.57 6.84 37.64
N LEU B 1094 27.70 6.65 38.95
CA LEU B 1094 28.88 7.06 39.71
C LEU B 1094 29.61 5.78 40.11
N HIS B 1095 30.67 5.45 39.39
CA HIS B 1095 31.51 4.32 39.76
C HIS B 1095 32.53 4.74 40.81
N VAL B 1096 32.77 3.86 41.78
CA VAL B 1096 33.82 4.02 42.77
C VAL B 1096 34.93 3.04 42.43
N THR B 1097 36.15 3.55 42.30
CA THR B 1097 37.27 2.74 41.85
C THR B 1097 38.47 2.91 42.78
N TYR B 1098 39.29 1.87 42.84
CA TYR B 1098 40.48 1.80 43.67
C TYR B 1098 41.70 1.80 42.76
N VAL B 1099 42.59 2.78 42.93
CA VAL B 1099 43.72 2.99 42.04
C VAL B 1099 44.99 2.96 42.87
N PRO B 1100 46.00 2.18 42.50
CA PRO B 1100 47.27 2.21 43.25
C PRO B 1100 47.98 3.54 43.14
N ALA B 1101 49.10 3.68 43.82
CA ALA B 1101 49.74 4.98 44.01
C ALA B 1101 51.25 4.78 44.00
N GLN B 1102 51.98 5.74 44.58
CA GLN B 1102 53.44 5.72 44.62
C GLN B 1102 54.00 4.33 44.89
N GLU B 1103 54.92 3.90 44.04
CA GLU B 1103 55.46 2.56 44.07
C GLU B 1103 56.95 2.60 44.37
N LYS B 1104 57.52 1.43 44.64
CA LYS B 1104 58.91 1.33 45.02
C LYS B 1104 59.57 0.17 44.28
N ASN B 1105 60.86 0.32 44.01
CA ASN B 1105 61.66 -0.71 43.39
C ASN B 1105 61.96 -1.85 44.36
N PHE B 1106 62.17 -3.04 43.81
CA PHE B 1106 62.55 -4.19 44.61
C PHE B 1106 63.22 -5.21 43.71
N THR B 1107 63.99 -6.11 44.32
CA THR B 1107 64.59 -7.24 43.63
C THR B 1107 63.91 -8.52 44.09
N THR B 1108 63.49 -9.34 43.14
CA THR B 1108 62.66 -10.51 43.42
C THR B 1108 63.30 -11.77 42.88
N ALA B 1109 62.89 -12.90 43.45
CA ALA B 1109 63.35 -14.22 43.05
C ALA B 1109 62.16 -15.16 42.99
N PRO B 1110 62.19 -16.16 42.10
CA PRO B 1110 61.03 -17.05 41.96
C PRO B 1110 60.88 -18.05 43.09
N ALA B 1111 61.97 -18.63 43.57
CA ALA B 1111 61.87 -19.70 44.56
C ALA B 1111 63.07 -19.66 45.49
N ILE B 1112 62.91 -20.26 46.66
CA ILE B 1112 63.95 -20.32 47.68
C ILE B 1112 64.31 -21.78 47.93
N CYS B 1113 65.60 -22.10 47.87
CA CYS B 1113 66.10 -23.43 48.19
C CYS B 1113 66.75 -23.36 49.57
N HIS B 1114 66.16 -24.06 50.54
CA HIS B 1114 66.59 -24.02 51.93
C HIS B 1114 67.55 -25.16 52.27
N ASP B 1115 67.09 -26.40 52.15
CA ASP B 1115 67.88 -27.58 52.50
C ASP B 1115 67.85 -28.59 51.36
N GLY B 1116 68.02 -28.12 50.13
CA GLY B 1116 67.88 -28.97 48.98
C GLY B 1116 66.46 -29.15 48.49
N LYS B 1117 65.48 -28.60 49.19
CA LYS B 1117 64.09 -28.65 48.79
C LYS B 1117 63.62 -27.25 48.40
N ALA B 1118 63.01 -27.14 47.22
CA ALA B 1118 62.54 -25.86 46.74
C ALA B 1118 61.35 -25.39 47.55
N HIS B 1119 61.20 -24.07 47.65
CA HIS B 1119 60.09 -23.43 48.35
C HIS B 1119 59.36 -22.47 47.42
N PHE B 1120 58.05 -22.46 47.51
CA PHE B 1120 57.22 -21.55 46.72
C PHE B 1120 56.25 -20.83 47.62
N PRO B 1121 55.99 -19.55 47.35
CA PRO B 1121 55.03 -18.80 48.17
C PRO B 1121 53.61 -19.32 47.95
N ARG B 1122 52.91 -19.58 49.06
CA ARG B 1122 51.53 -20.05 48.96
C ARG B 1122 50.63 -18.99 48.34
N GLU B 1123 50.80 -17.74 48.73
CA GLU B 1123 50.06 -16.64 48.13
C GLU B 1123 50.86 -15.37 48.36
N GLY B 1124 51.37 -14.79 47.28
CA GLY B 1124 52.22 -13.63 47.34
C GLY B 1124 53.50 -13.84 46.56
N VAL B 1125 54.38 -12.86 46.65
CA VAL B 1125 55.64 -12.88 45.92
C VAL B 1125 56.77 -12.55 46.88
N PHE B 1126 57.96 -13.05 46.57
CA PHE B 1126 59.14 -12.78 47.37
C PHE B 1126 59.77 -11.46 46.95
N VAL B 1127 60.14 -10.65 47.94
CA VAL B 1127 60.86 -9.41 47.71
C VAL B 1127 62.04 -9.36 48.67
N SER B 1128 62.98 -8.48 48.37
CA SER B 1128 64.18 -8.34 49.19
C SER B 1128 64.69 -6.93 49.04
N ASN B 1129 64.69 -6.18 50.15
CA ASN B 1129 65.13 -4.79 50.08
C ASN B 1129 66.61 -4.65 49.77
N GLY B 1130 67.37 -5.74 49.83
CA GLY B 1130 68.77 -5.69 49.49
C GLY B 1130 69.65 -6.57 50.36
N THR B 1131 69.20 -6.84 51.58
CA THR B 1131 69.95 -7.65 52.51
C THR B 1131 69.17 -8.88 52.99
N HIS B 1132 67.91 -8.72 53.36
CA HIS B 1132 67.07 -9.79 53.84
C HIS B 1132 65.96 -10.05 52.83
N TRP B 1133 65.14 -11.06 53.12
CA TRP B 1133 64.06 -11.45 52.21
C TRP B 1133 62.75 -11.58 52.97
N PHE B 1134 61.67 -11.20 52.31
CA PHE B 1134 60.32 -11.29 52.86
C PHE B 1134 59.38 -11.77 51.78
N VAL B 1135 58.16 -12.14 52.18
CA VAL B 1135 57.09 -12.46 51.26
C VAL B 1135 55.95 -11.47 51.49
N THR B 1136 55.45 -10.89 50.41
CA THR B 1136 54.44 -9.85 50.50
C THR B 1136 53.34 -10.08 49.47
N GLN B 1137 52.15 -9.57 49.77
CA GLN B 1137 51.05 -9.69 48.84
C GLN B 1137 51.28 -8.80 47.62
N ARG B 1138 50.58 -9.13 46.54
CA ARG B 1138 50.90 -8.56 45.24
C ARG B 1138 50.45 -7.11 45.08
N ASN B 1139 49.30 -6.75 45.65
CA ASN B 1139 48.70 -5.45 45.39
C ASN B 1139 49.00 -4.41 46.46
N PHE B 1140 49.80 -4.75 47.46
CA PHE B 1140 50.15 -3.80 48.51
C PHE B 1140 51.46 -4.23 49.13
N TYR B 1141 52.12 -3.29 49.79
CA TYR B 1141 53.41 -3.56 50.43
C TYR B 1141 53.20 -3.79 51.91
N GLU B 1142 53.52 -5.00 52.38
CA GLU B 1142 53.37 -5.37 53.78
C GLU B 1142 54.28 -6.56 54.08
N PRO B 1143 55.56 -6.32 54.34
CA PRO B 1143 56.49 -7.44 54.46
C PRO B 1143 56.21 -8.31 55.67
N GLN B 1144 56.49 -9.61 55.50
CA GLN B 1144 56.37 -10.59 56.57
C GLN B 1144 57.59 -11.51 56.52
N ILE B 1145 58.03 -11.96 57.69
CA ILE B 1145 59.15 -12.88 57.74
C ILE B 1145 58.71 -14.24 57.21
N ILE B 1146 59.50 -14.80 56.29
CA ILE B 1146 59.12 -16.03 55.62
C ILE B 1146 59.23 -17.20 56.59
N THR B 1147 58.19 -18.04 56.61
CA THR B 1147 58.15 -19.23 57.46
C THR B 1147 57.56 -20.36 56.63
N THR B 1148 57.17 -21.43 57.29
CA THR B 1148 56.57 -22.58 56.61
C THR B 1148 55.06 -22.45 56.46
N ASP B 1149 54.46 -21.36 56.92
CA ASP B 1149 53.04 -21.13 56.71
C ASP B 1149 52.75 -20.34 55.44
N ASN B 1150 53.78 -19.81 54.78
CA ASN B 1150 53.59 -19.08 53.54
C ASN B 1150 54.14 -19.81 52.32
N THR B 1151 54.89 -20.89 52.52
CA THR B 1151 55.52 -21.61 51.43
C THR B 1151 55.13 -23.07 51.47
N PHE B 1152 55.07 -23.68 50.30
CA PHE B 1152 54.85 -25.12 50.19
C PHE B 1152 55.98 -25.73 49.36
N VAL B 1153 56.49 -26.86 49.82
CA VAL B 1153 57.64 -27.50 49.19
C VAL B 1153 57.19 -28.24 47.94
N SER B 1154 58.11 -28.40 46.99
CA SER B 1154 57.80 -29.10 45.75
C SER B 1154 59.10 -29.63 45.16
N GLY B 1155 59.34 -30.92 45.34
CA GLY B 1155 60.52 -31.55 44.75
C GLY B 1155 61.82 -31.05 45.39
N ASN B 1156 62.87 -31.04 44.58
CA ASN B 1156 64.18 -30.56 44.99
C ASN B 1156 64.64 -29.47 44.04
N CYS B 1157 65.44 -28.53 44.55
CA CYS B 1157 65.85 -27.39 43.75
C CYS B 1157 66.93 -27.81 42.77
N ASP B 1158 67.47 -26.82 42.05
CA ASP B 1158 68.41 -26.82 40.93
C ASP B 1158 67.70 -26.98 39.59
N VAL B 1159 66.38 -27.20 39.61
CA VAL B 1159 65.62 -27.30 38.36
C VAL B 1159 64.83 -26.04 38.06
N VAL B 1160 64.70 -25.13 39.01
CA VAL B 1160 64.09 -23.83 38.78
C VAL B 1160 65.17 -22.89 38.28
N ILE B 1161 64.76 -21.90 37.49
CA ILE B 1161 65.74 -21.07 36.78
C ILE B 1161 66.55 -20.22 37.75
N GLY B 1162 65.87 -19.51 38.65
CA GLY B 1162 66.55 -18.47 39.40
C GLY B 1162 66.46 -18.55 40.90
N ILE B 1163 66.58 -19.77 41.47
CA ILE B 1163 66.51 -19.91 42.91
C ILE B 1163 67.64 -19.12 43.57
N VAL B 1164 67.40 -18.67 44.80
CA VAL B 1164 68.39 -17.98 45.59
C VAL B 1164 68.48 -18.65 46.95
N ASN B 1165 69.61 -18.46 47.61
CA ASN B 1165 69.89 -19.13 48.87
C ASN B 1165 69.40 -18.29 50.03
N ASN B 1166 68.67 -18.92 50.95
CA ASN B 1166 68.17 -18.25 52.14
C ASN B 1166 67.68 -19.31 53.11
N THR B 1167 67.49 -18.90 54.36
CA THR B 1167 66.97 -19.79 55.38
C THR B 1167 65.49 -19.57 55.60
N VAL B 1168 64.84 -20.57 56.20
CA VAL B 1168 63.42 -20.53 56.51
C VAL B 1168 63.25 -20.72 58.01
N TYR B 1169 62.47 -19.83 58.63
CA TYR B 1169 62.41 -19.78 60.08
C TYR B 1169 61.79 -21.06 60.66
N ASP B 1170 60.54 -21.35 60.28
CA ASP B 1170 59.70 -22.40 60.85
C ASP B 1170 59.32 -22.05 62.28
N PRO B 1171 58.04 -22.17 62.66
CA PRO B 1171 57.60 -21.68 63.97
C PRO B 1171 57.59 -22.72 65.08
N LEU B 1172 57.70 -24.01 64.76
CA LEU B 1172 57.52 -25.06 65.76
C LEU B 1172 58.79 -25.39 66.53
N GLN B 1173 59.94 -25.40 65.86
CA GLN B 1173 61.18 -25.76 66.53
C GLN B 1173 61.53 -24.83 67.68
N PRO B 1174 61.46 -23.50 67.55
CA PRO B 1174 61.78 -22.65 68.72
C PRO B 1174 60.88 -22.91 69.91
N GLU B 1175 59.58 -23.18 69.67
CA GLU B 1175 58.68 -23.46 70.78
C GLU B 1175 59.03 -24.79 71.45
N LEU B 1176 59.37 -25.80 70.66
CA LEU B 1176 59.70 -27.11 71.22
C LEU B 1176 60.95 -27.02 72.09
N ASP B 1177 61.94 -26.26 71.66
CA ASP B 1177 63.17 -26.11 72.43
C ASP B 1177 63.60 -24.65 72.50
N GLN C 45 -61.47 4.94 -15.47
CA GLN C 45 -61.88 4.48 -14.15
C GLN C 45 -61.35 5.40 -13.06
N CYS C 46 -62.16 5.62 -12.03
CA CYS C 46 -61.76 6.41 -10.87
C CYS C 46 -62.80 6.23 -9.78
N VAL C 47 -62.34 6.09 -8.55
CA VAL C 47 -63.22 5.86 -7.40
C VAL C 47 -62.71 6.70 -6.23
N ASN C 48 -63.64 7.33 -5.52
CA ASN C 48 -63.32 8.07 -4.31
C ASN C 48 -63.91 7.38 -3.08
N LEU C 49 -63.15 7.40 -2.00
CA LEU C 49 -63.57 6.88 -0.71
C LEU C 49 -63.44 7.99 0.33
N THR C 50 -64.40 8.05 1.26
CA THR C 50 -64.42 9.19 2.16
C THR C 50 -63.36 9.02 3.24
N THR C 51 -63.55 8.04 4.14
CA THR C 51 -62.48 7.43 4.94
C THR C 51 -61.34 8.37 5.32
N ARG C 52 -61.65 9.53 5.88
CA ARG C 52 -60.64 10.54 6.21
C ARG C 52 -60.29 10.55 7.70
N THR C 53 -60.72 9.54 8.45
CA THR C 53 -60.38 9.46 9.88
C THR C 53 -58.87 9.31 10.05
N GLN C 54 -58.22 10.37 10.55
CA GLN C 54 -56.78 10.44 10.62
C GLN C 54 -56.26 10.03 12.00
N LEU C 55 -54.97 9.71 12.05
CA LEU C 55 -54.27 9.36 13.28
C LEU C 55 -52.76 9.31 13.02
N PRO C 56 -51.93 9.65 13.99
CA PRO C 56 -50.47 9.64 13.77
C PRO C 56 -49.92 8.23 13.69
N PRO C 57 -48.75 8.05 13.08
CA PRO C 57 -48.13 6.72 13.00
C PRO C 57 -47.49 6.27 14.29
N ALA C 58 -46.80 5.12 14.26
CA ALA C 58 -46.15 4.55 15.43
C ALA C 58 -44.75 4.10 15.05
N TYR C 59 -43.86 4.03 16.03
CA TYR C 59 -42.45 3.74 15.79
C TYR C 59 -42.00 2.49 16.55
N THR C 60 -41.04 1.78 15.97
CA THR C 60 -40.45 0.59 16.59
C THR C 60 -38.95 0.55 16.30
N ASN C 61 -38.32 -0.56 16.70
CA ASN C 61 -36.91 -0.81 16.43
C ASN C 61 -36.71 -1.83 15.33
N SER C 62 -35.69 -1.61 14.51
CA SER C 62 -35.26 -2.59 13.53
C SER C 62 -34.34 -3.65 14.14
N PHE C 63 -33.81 -3.40 15.34
CA PHE C 63 -32.92 -4.33 16.02
C PHE C 63 -31.73 -4.70 15.16
N THR C 64 -31.76 -5.88 14.53
CA THR C 64 -30.62 -6.33 13.76
C THR C 64 -30.99 -6.95 12.42
N ARG C 65 -32.09 -6.51 11.80
CA ARG C 65 -32.49 -7.03 10.50
C ARG C 65 -32.01 -6.11 9.39
N GLY C 66 -32.05 -6.61 8.16
CA GLY C 66 -31.71 -5.81 7.01
C GLY C 66 -30.28 -5.98 6.55
N VAL C 67 -29.84 -7.22 6.37
CA VAL C 67 -28.53 -7.53 5.83
C VAL C 67 -28.71 -8.41 4.60
N TYR C 68 -28.12 -7.98 3.48
CA TYR C 68 -28.30 -8.66 2.20
C TYR C 68 -26.95 -8.84 1.53
N TYR C 69 -26.85 -9.88 0.72
CA TYR C 69 -25.60 -10.18 0.03
C TYR C 69 -25.27 -9.05 -0.93
N PRO C 70 -24.13 -8.40 -0.80
CA PRO C 70 -23.85 -7.24 -1.67
C PRO C 70 -23.37 -7.61 -3.05
N ASP C 71 -22.71 -8.76 -3.20
CA ASP C 71 -22.14 -9.18 -4.48
C ASP C 71 -22.51 -10.62 -4.75
N LYS C 72 -22.08 -11.12 -5.90
CA LYS C 72 -22.24 -12.52 -6.27
C LYS C 72 -21.05 -13.35 -5.84
N VAL C 73 -20.12 -12.76 -5.09
CA VAL C 73 -18.90 -13.44 -4.66
C VAL C 73 -19.22 -14.39 -3.52
N PHE C 74 -18.57 -15.54 -3.52
CA PHE C 74 -18.71 -16.54 -2.47
C PHE C 74 -17.42 -16.63 -1.67
N ARG C 75 -17.56 -16.76 -0.35
CA ARG C 75 -16.42 -16.86 0.56
C ARG C 75 -16.74 -17.90 1.61
N SER C 76 -15.71 -18.36 2.32
CA SER C 76 -15.88 -19.42 3.31
C SER C 76 -15.06 -19.10 4.55
N SER C 77 -15.73 -19.01 5.70
CA SER C 77 -15.07 -18.91 7.01
C SER C 77 -14.10 -17.74 7.08
N VAL C 78 -14.49 -16.60 6.52
CA VAL C 78 -13.68 -15.39 6.59
C VAL C 78 -14.58 -14.23 6.98
N LEU C 79 -13.94 -13.14 7.43
CA LEU C 79 -14.64 -11.92 7.79
C LEU C 79 -14.36 -10.88 6.72
N HIS C 80 -15.42 -10.24 6.22
CA HIS C 80 -15.31 -9.31 5.12
C HIS C 80 -15.84 -7.94 5.53
N SER C 81 -15.10 -6.90 5.18
CA SER C 81 -15.49 -5.52 5.46
C SER C 81 -15.95 -4.87 4.16
N THR C 82 -17.10 -4.19 4.22
CA THR C 82 -17.66 -3.59 3.02
C THR C 82 -18.30 -2.25 3.37
N GLN C 83 -18.48 -1.43 2.35
CA GLN C 83 -19.13 -0.13 2.48
C GLN C 83 -20.25 -0.04 1.45
N ASP C 84 -21.48 0.18 1.92
CA ASP C 84 -22.63 0.17 1.03
C ASP C 84 -23.84 0.70 1.81
N LEU C 85 -24.98 0.76 1.13
CA LEU C 85 -26.22 1.19 1.73
C LEU C 85 -26.81 0.07 2.58
N PHE C 86 -27.23 0.39 3.80
CA PHE C 86 -27.78 -0.60 4.71
C PHE C 86 -28.78 0.08 5.63
N LEU C 87 -29.40 -0.71 6.51
CA LEU C 87 -30.31 -0.20 7.52
C LEU C 87 -29.60 -0.17 8.85
N PRO C 88 -29.33 1.01 9.43
CA PRO C 88 -28.63 1.05 10.71
C PRO C 88 -29.41 0.34 11.81
N PHE C 89 -28.69 -0.34 12.69
CA PHE C 89 -29.31 -1.14 13.73
C PHE C 89 -30.04 -0.25 14.73
N PHE C 90 -31.14 -0.77 15.27
CA PHE C 90 -31.92 -0.08 16.30
C PHE C 90 -32.39 1.28 15.80
N SER C 91 -33.21 1.26 14.75
CA SER C 91 -33.52 2.46 13.98
C SER C 91 -34.92 2.99 14.30
N ASN C 92 -35.31 4.00 13.53
CA ASN C 92 -36.50 4.84 13.68
C ASN C 92 -37.43 4.53 12.51
N VAL C 93 -38.21 3.46 12.63
CA VAL C 93 -38.95 2.89 11.52
C VAL C 93 -40.44 3.14 11.73
N THR C 94 -41.12 3.49 10.65
CA THR C 94 -42.53 3.83 10.70
C THR C 94 -43.38 2.56 10.57
N TRP C 95 -44.58 2.60 11.16
CA TRP C 95 -45.49 1.46 11.14
C TRP C 95 -46.88 1.96 10.76
N PHE C 96 -47.38 1.52 9.61
CA PHE C 96 -48.62 2.05 9.04
C PHE C 96 -49.79 1.11 9.38
N HIS C 97 -50.29 1.20 10.60
CA HIS C 97 -51.52 0.50 10.98
C HIS C 97 -52.71 1.45 10.99
N ALA C 98 -53.11 1.99 9.84
CA ALA C 98 -54.19 2.96 9.80
C ALA C 98 -55.30 2.48 8.87
N ILE C 99 -56.18 1.62 9.38
CA ILE C 99 -57.42 1.25 8.71
C ILE C 99 -58.48 0.96 9.77
N HIS C 100 -59.70 0.68 9.32
CA HIS C 100 -60.85 0.51 10.21
C HIS C 100 -60.60 -0.58 11.24
N VAL C 101 -60.84 -0.25 12.51
CA VAL C 101 -60.68 -1.23 13.59
C VAL C 101 -62.01 -1.92 13.84
N SER C 102 -61.95 -3.19 14.25
CA SER C 102 -63.15 -4.01 14.39
C SER C 102 -64.00 -3.52 15.55
N GLY C 103 -64.96 -2.65 15.26
CA GLY C 103 -65.84 -2.10 16.27
C GLY C 103 -66.86 -1.15 15.68
N THR C 104 -67.35 -0.21 16.49
CA THR C 104 -68.34 0.77 16.06
C THR C 104 -67.60 1.95 15.46
N ASN C 105 -67.56 2.02 14.13
CA ASN C 105 -66.89 3.08 13.38
C ASN C 105 -65.43 3.22 13.84
N GLY C 106 -64.73 2.08 13.85
CA GLY C 106 -63.39 2.01 14.37
C GLY C 106 -62.32 2.64 13.49
N THR C 107 -62.44 3.94 13.24
CA THR C 107 -61.41 4.72 12.56
C THR C 107 -61.12 4.15 11.16
N LYS C 108 -62.12 4.23 10.28
CA LYS C 108 -61.97 3.75 8.91
C LYS C 108 -61.09 4.71 8.11
N ARG C 109 -60.15 4.15 7.36
CA ARG C 109 -59.20 4.95 6.59
C ARG C 109 -58.63 4.11 5.46
N PHE C 110 -58.07 4.80 4.47
CA PHE C 110 -57.29 4.17 3.41
C PHE C 110 -55.82 4.43 3.74
N ASP C 111 -55.05 3.37 3.89
CA ASP C 111 -53.68 3.49 4.40
C ASP C 111 -52.71 3.37 3.23
N ASN C 112 -52.52 4.47 2.50
CA ASN C 112 -51.60 4.46 1.38
C ASN C 112 -51.16 5.85 0.95
N PRO C 113 -50.46 6.60 1.79
CA PRO C 113 -49.88 7.86 1.34
C PRO C 113 -48.60 7.62 0.56
N VAL C 114 -48.28 8.56 -0.32
CA VAL C 114 -47.04 8.49 -1.08
C VAL C 114 -45.88 8.86 -0.17
N LEU C 115 -44.73 8.24 -0.40
CA LEU C 115 -43.57 8.46 0.44
C LEU C 115 -42.33 8.68 -0.41
N PRO C 116 -41.37 9.45 0.09
CA PRO C 116 -40.11 9.64 -0.65
C PRO C 116 -39.31 8.36 -0.72
N PHE C 117 -38.51 8.26 -1.79
CA PHE C 117 -37.74 7.06 -2.09
C PHE C 117 -36.28 7.20 -1.72
N ASN C 118 -35.69 8.37 -1.92
CA ASN C 118 -34.29 8.62 -1.60
C ASN C 118 -33.37 7.61 -2.27
N ASP C 119 -32.61 6.86 -1.47
CA ASP C 119 -31.61 5.95 -2.00
C ASP C 119 -32.00 4.48 -1.88
N GLY C 120 -32.86 4.12 -0.93
CA GLY C 120 -33.27 2.75 -0.77
C GLY C 120 -34.36 2.57 0.26
N VAL C 121 -35.24 1.61 0.05
CA VAL C 121 -36.37 1.37 0.92
C VAL C 121 -36.38 -0.08 1.37
N TYR C 122 -36.62 -0.29 2.66
CA TYR C 122 -36.79 -1.60 3.26
C TYR C 122 -38.26 -1.75 3.63
N PHE C 123 -38.92 -2.75 3.05
CA PHE C 123 -40.35 -2.94 3.18
C PHE C 123 -40.60 -4.25 3.91
N ALA C 124 -41.35 -4.19 5.01
CA ALA C 124 -41.63 -5.37 5.81
C ALA C 124 -43.13 -5.52 6.00
N SER C 125 -43.61 -6.75 5.86
CA SER C 125 -45.02 -7.06 5.94
C SER C 125 -45.27 -8.10 7.02
N THR C 126 -46.47 -8.07 7.59
CA THR C 126 -46.95 -9.13 8.47
C THR C 126 -48.44 -9.28 8.14
N GLU C 127 -48.74 -10.15 7.19
CA GLU C 127 -50.08 -10.26 6.66
C GLU C 127 -50.27 -11.64 6.04
N LYS C 128 -51.45 -12.20 6.24
CA LYS C 128 -51.72 -13.60 5.90
C LYS C 128 -52.71 -13.78 4.77
N SER C 129 -53.73 -12.93 4.66
CA SER C 129 -54.83 -13.13 3.72
C SER C 129 -54.63 -12.40 2.40
N ASN C 130 -53.40 -11.96 2.11
CA ASN C 130 -53.05 -11.36 0.83
C ASN C 130 -53.87 -10.10 0.55
N ILE C 131 -53.64 -9.09 1.39
CA ILE C 131 -54.30 -7.80 1.20
C ILE C 131 -53.46 -6.86 0.33
N ILE C 132 -52.14 -6.90 0.45
CA ILE C 132 -51.25 -6.08 -0.37
C ILE C 132 -50.86 -6.88 -1.60
N ARG C 133 -50.85 -6.22 -2.75
CA ARG C 133 -50.49 -6.90 -3.99
C ARG C 133 -49.18 -6.41 -4.60
N GLY C 134 -49.08 -5.12 -4.90
CA GLY C 134 -47.91 -4.66 -5.62
C GLY C 134 -47.59 -3.23 -5.29
N TRP C 135 -46.81 -2.61 -6.18
CA TRP C 135 -46.28 -1.27 -5.93
C TRP C 135 -46.15 -0.50 -7.23
N ILE C 136 -46.02 0.82 -7.07
CA ILE C 136 -45.84 1.75 -8.17
C ILE C 136 -44.66 2.65 -7.83
N PHE C 137 -43.65 2.67 -8.70
CA PHE C 137 -42.46 3.48 -8.49
C PHE C 137 -42.33 4.49 -9.61
N GLY C 138 -42.28 5.77 -9.26
CA GLY C 138 -42.21 6.79 -10.28
C GLY C 138 -41.69 8.10 -9.72
N THR C 139 -41.74 9.12 -10.57
CA THR C 139 -41.32 10.47 -10.22
C THR C 139 -42.49 11.43 -10.09
N THR C 140 -43.39 11.44 -11.08
CA THR C 140 -44.58 12.27 -11.03
C THR C 140 -45.87 11.46 -11.10
N LEU C 141 -45.79 10.16 -11.38
CA LEU C 141 -46.93 9.25 -11.47
C LEU C 141 -48.13 9.90 -12.15
N ASP C 142 -47.89 10.41 -13.36
CA ASP C 142 -48.92 11.11 -14.12
C ASP C 142 -48.80 10.67 -15.58
N SER C 143 -49.42 11.44 -16.47
CA SER C 143 -49.35 11.20 -17.90
C SER C 143 -48.19 11.95 -18.57
N LYS C 144 -47.16 12.32 -17.81
CA LYS C 144 -46.02 13.03 -18.35
C LYS C 144 -44.69 12.29 -18.19
N THR C 145 -44.60 11.30 -17.33
CA THR C 145 -43.37 10.56 -17.10
C THR C 145 -43.67 9.08 -16.98
N GLN C 146 -42.64 8.26 -17.18
CA GLN C 146 -42.79 6.82 -17.03
C GLN C 146 -42.83 6.43 -15.55
N SER C 147 -43.40 5.26 -15.29
CA SER C 147 -43.52 4.75 -13.93
C SER C 147 -43.58 3.24 -13.98
N LEU C 148 -42.76 2.58 -13.17
CA LEU C 148 -42.73 1.13 -13.13
C LEU C 148 -43.83 0.61 -12.22
N LEU C 149 -44.46 -0.49 -12.65
CA LEU C 149 -45.55 -1.09 -11.89
C LEU C 149 -45.25 -2.55 -11.64
N ILE C 150 -45.53 -3.01 -10.43
CA ILE C 150 -45.39 -4.42 -10.06
C ILE C 150 -46.72 -4.87 -9.50
N VAL C 151 -47.27 -5.96 -10.03
CA VAL C 151 -48.54 -6.46 -9.53
C VAL C 151 -48.54 -7.98 -9.57
N ASN C 152 -49.05 -8.60 -8.51
CA ASN C 152 -49.19 -10.04 -8.41
C ASN C 152 -50.66 -10.41 -8.57
N ASN C 153 -50.92 -11.62 -9.06
CA ASN C 153 -52.27 -12.08 -9.35
C ASN C 153 -52.48 -13.51 -8.90
N ALA C 154 -51.97 -13.86 -7.72
CA ALA C 154 -52.02 -15.20 -7.16
C ALA C 154 -51.36 -16.24 -8.05
N THR C 155 -50.69 -15.80 -9.11
CA THR C 155 -49.96 -16.62 -10.06
C THR C 155 -48.76 -15.80 -10.52
N ASN C 156 -48.19 -16.16 -11.66
CA ASN C 156 -47.05 -15.42 -12.21
C ASN C 156 -47.29 -13.91 -12.16
N VAL C 157 -46.20 -13.17 -11.97
CA VAL C 157 -46.27 -11.74 -11.68
C VAL C 157 -46.35 -10.96 -12.98
N VAL C 158 -46.84 -9.72 -12.88
CA VAL C 158 -46.88 -8.80 -14.00
C VAL C 158 -45.99 -7.61 -13.66
N ILE C 159 -45.01 -7.35 -14.53
CA ILE C 159 -44.04 -6.28 -14.38
C ILE C 159 -44.01 -5.50 -15.67
N LYS C 160 -44.07 -4.17 -15.58
CA LYS C 160 -43.92 -3.35 -16.77
C LYS C 160 -43.58 -1.92 -16.40
N VAL C 161 -42.76 -1.30 -17.23
CA VAL C 161 -42.57 0.15 -17.20
C VAL C 161 -43.33 0.76 -18.37
N CYS C 162 -44.08 1.80 -18.09
CA CYS C 162 -45.01 2.38 -19.07
C CYS C 162 -45.32 3.80 -18.61
N GLU C 163 -46.36 4.38 -19.20
CA GLU C 163 -46.83 5.71 -18.81
C GLU C 163 -48.33 5.62 -18.53
N PHE C 164 -48.69 5.37 -17.29
CA PHE C 164 -50.08 5.20 -16.89
C PHE C 164 -50.66 6.54 -16.43
N GLN C 165 -51.99 6.56 -16.30
CA GLN C 165 -52.72 7.68 -15.71
C GLN C 165 -53.41 7.12 -14.47
N PHE C 166 -52.69 7.15 -13.36
CA PHE C 166 -53.21 6.58 -12.11
C PHE C 166 -54.39 7.40 -11.60
N CYS C 167 -55.29 6.73 -10.89
CA CYS C 167 -56.43 7.40 -10.29
C CYS C 167 -55.98 8.21 -9.07
N ASN C 168 -56.94 8.95 -8.50
CA ASN C 168 -56.66 9.71 -7.29
C ASN C 168 -56.32 8.77 -6.13
N ASP C 169 -57.04 7.65 -6.01
CA ASP C 169 -56.82 6.68 -4.96
C ASP C 169 -56.57 5.33 -5.64
N PRO C 170 -55.34 5.05 -6.04
CA PRO C 170 -55.06 3.79 -6.74
C PRO C 170 -55.42 2.59 -5.88
N PHE C 171 -56.03 1.60 -6.51
CA PHE C 171 -56.38 0.35 -5.86
C PHE C 171 -56.90 -0.60 -6.94
N LEU C 172 -56.90 -1.89 -6.60
CA LEU C 172 -57.58 -2.89 -7.42
C LEU C 172 -58.45 -3.71 -6.50
N GLY C 173 -59.72 -3.84 -6.87
CA GLY C 173 -60.68 -4.51 -6.01
C GLY C 173 -61.29 -5.73 -6.66
N VAL C 174 -61.27 -6.86 -5.95
CA VAL C 174 -61.76 -8.12 -6.48
C VAL C 174 -62.74 -8.74 -5.50
N TYR C 175 -63.61 -9.60 -6.04
CA TYR C 175 -64.59 -10.30 -5.23
C TYR C 175 -64.94 -11.62 -5.89
N TYR C 176 -65.20 -12.63 -5.06
CA TYR C 176 -65.58 -13.96 -5.52
C TYR C 176 -67.08 -14.11 -5.33
N HIS C 177 -67.82 -14.16 -6.42
CA HIS C 177 -69.27 -14.32 -6.35
C HIS C 177 -69.73 -15.15 -7.54
N LYS C 178 -70.52 -16.17 -7.26
CA LYS C 178 -71.06 -17.02 -8.31
C LYS C 178 -72.12 -16.26 -9.09
N ASN C 179 -71.77 -15.84 -10.31
CA ASN C 179 -72.66 -15.07 -11.17
C ASN C 179 -73.07 -15.86 -12.40
N ASN C 180 -72.11 -16.35 -13.16
CA ASN C 180 -72.31 -17.29 -14.25
C ASN C 180 -71.89 -18.70 -13.89
N LYS C 181 -70.76 -18.84 -13.20
CA LYS C 181 -70.39 -20.09 -12.56
C LYS C 181 -69.64 -19.73 -11.28
N SER C 182 -69.57 -20.69 -10.36
CA SER C 182 -69.11 -20.41 -9.01
C SER C 182 -67.60 -20.18 -8.95
N TRP C 183 -67.21 -19.16 -8.18
CA TRP C 183 -65.84 -18.95 -7.72
C TRP C 183 -64.86 -18.74 -8.89
N MET C 184 -65.03 -17.60 -9.54
CA MET C 184 -64.00 -17.02 -10.40
C MET C 184 -63.82 -15.56 -10.06
N GLU C 185 -63.18 -14.83 -10.98
CA GLU C 185 -63.17 -13.36 -11.12
C GLU C 185 -61.80 -12.76 -10.87
N SER C 186 -61.32 -12.02 -11.86
CA SER C 186 -60.24 -11.06 -11.71
C SER C 186 -60.78 -9.69 -12.07
N GLU C 187 -60.07 -8.65 -11.63
CA GLU C 187 -60.57 -7.29 -11.80
C GLU C 187 -59.40 -6.38 -12.16
N PHE C 188 -59.72 -5.11 -12.42
CA PHE C 188 -58.71 -4.11 -12.71
C PHE C 188 -59.32 -2.73 -12.52
N ARG C 189 -58.72 -1.92 -11.64
CA ARG C 189 -59.22 -0.58 -11.40
C ARG C 189 -58.08 0.41 -11.18
N VAL C 190 -56.82 0.03 -11.43
CA VAL C 190 -55.68 0.80 -10.96
C VAL C 190 -55.62 2.16 -11.65
N TYR C 191 -55.72 2.18 -12.97
CA TYR C 191 -55.55 3.41 -13.74
C TYR C 191 -56.69 3.55 -14.75
N SER C 192 -56.65 4.66 -15.48
CA SER C 192 -57.64 4.92 -16.53
C SER C 192 -57.06 4.65 -17.91
N SER C 193 -55.85 5.11 -18.18
CA SER C 193 -55.21 4.95 -19.48
C SER C 193 -53.75 4.56 -19.29
N ALA C 194 -53.17 3.99 -20.35
CA ALA C 194 -51.77 3.57 -20.32
C ALA C 194 -51.19 3.73 -21.72
N ASN C 195 -50.13 4.52 -21.84
CA ASN C 195 -49.47 4.81 -23.10
C ASN C 195 -47.99 4.48 -22.99
N ASN C 196 -47.41 4.02 -24.11
CA ASN C 196 -45.98 3.78 -24.24
C ASN C 196 -45.49 2.74 -23.22
N CYS C 197 -46.02 1.52 -23.34
CA CYS C 197 -45.58 0.42 -22.50
C CYS C 197 -44.37 -0.24 -23.15
N THR C 198 -43.18 0.14 -22.69
CA THR C 198 -41.93 -0.18 -23.37
C THR C 198 -41.25 -1.44 -22.83
N PHE C 199 -41.88 -2.16 -21.91
CA PHE C 199 -41.25 -3.36 -21.38
C PHE C 199 -42.33 -4.27 -20.80
N GLU C 200 -42.05 -5.57 -20.85
CA GLU C 200 -42.97 -6.59 -20.34
C GLU C 200 -42.16 -7.74 -19.79
N TYR C 201 -42.63 -8.32 -18.68
CA TYR C 201 -41.90 -9.39 -18.02
C TYR C 201 -42.88 -10.17 -17.15
N VAL C 202 -43.09 -11.45 -17.45
CA VAL C 202 -43.95 -12.33 -16.67
C VAL C 202 -43.15 -13.61 -16.42
N SER C 203 -42.65 -13.78 -15.21
CA SER C 203 -41.86 -14.96 -14.88
C SER C 203 -42.47 -15.87 -13.83
N GLN C 204 -42.73 -15.38 -12.62
CA GLN C 204 -43.11 -16.23 -11.50
C GLN C 204 -44.01 -15.49 -10.52
N PRO C 205 -44.68 -16.20 -9.60
CA PRO C 205 -45.55 -15.50 -8.64
C PRO C 205 -44.79 -14.82 -7.51
N PHE C 206 -43.47 -14.67 -7.63
CA PHE C 206 -42.61 -14.18 -6.55
C PHE C 206 -42.57 -15.16 -5.38
N LEU C 207 -41.63 -14.96 -4.48
CA LEU C 207 -41.53 -15.82 -3.32
C LEU C 207 -42.62 -15.53 -2.30
N MET C 208 -43.43 -14.49 -2.53
CA MET C 208 -44.59 -14.25 -1.69
C MET C 208 -45.47 -15.48 -1.58
N ASP C 209 -45.60 -16.25 -2.66
CA ASP C 209 -46.34 -17.50 -2.65
C ASP C 209 -45.37 -18.66 -2.39
N LEU C 210 -45.88 -19.88 -2.58
CA LEU C 210 -45.09 -21.10 -2.42
C LEU C 210 -44.55 -21.24 -1.00
N GLU C 211 -45.44 -21.34 -0.03
CA GLU C 211 -45.08 -21.65 1.35
C GLU C 211 -44.60 -23.09 1.45
N GLY C 212 -43.88 -23.39 2.53
CA GLY C 212 -43.35 -24.73 2.73
C GLY C 212 -44.30 -25.65 3.46
N LYS C 213 -43.87 -26.16 4.62
CA LYS C 213 -44.67 -27.12 5.37
C LYS C 213 -44.52 -26.78 6.85
N GLN C 214 -45.51 -27.23 7.64
CA GLN C 214 -45.68 -26.80 9.02
C GLN C 214 -45.65 -25.28 9.06
N GLY C 215 -44.88 -24.70 9.98
CA GLY C 215 -44.66 -23.26 9.96
C GLY C 215 -45.95 -22.47 9.93
N ASN C 216 -46.26 -21.95 8.74
CA ASN C 216 -47.54 -21.41 8.29
C ASN C 216 -47.47 -19.89 8.18
N PHE C 217 -47.94 -19.18 9.20
CA PHE C 217 -47.97 -17.73 9.08
C PHE C 217 -46.55 -17.20 9.14
N LYS C 218 -45.89 -17.21 7.98
CA LYS C 218 -44.51 -16.74 7.92
C LYS C 218 -44.44 -15.25 8.23
N ASN C 219 -45.30 -14.47 7.57
CA ASN C 219 -45.57 -13.07 7.93
C ASN C 219 -44.31 -12.27 8.17
N LEU C 220 -43.23 -12.66 7.48
CA LEU C 220 -42.02 -11.84 7.51
C LEU C 220 -41.48 -11.63 6.11
N ARG C 221 -42.36 -11.34 5.16
CA ARG C 221 -41.93 -11.07 3.80
C ARG C 221 -41.15 -9.76 3.80
N GLU C 222 -39.82 -9.86 3.76
CA GLU C 222 -38.96 -8.68 3.78
C GLU C 222 -38.41 -8.42 2.39
N PHE C 223 -38.48 -7.17 1.97
CA PHE C 223 -38.02 -6.76 0.65
C PHE C 223 -37.12 -5.55 0.80
N VAL C 224 -36.09 -5.45 -0.04
CA VAL C 224 -35.26 -4.26 -0.12
C VAL C 224 -35.17 -3.86 -1.59
N PHE C 225 -35.42 -2.59 -1.87
CA PHE C 225 -35.41 -2.09 -3.24
C PHE C 225 -34.26 -1.12 -3.41
N LYS C 226 -33.50 -1.28 -4.50
CA LYS C 226 -32.41 -0.36 -4.82
C LYS C 226 -32.47 0.03 -6.28
N ASN C 227 -32.05 1.25 -6.58
CA ASN C 227 -32.00 1.76 -7.95
C ASN C 227 -30.62 2.36 -8.17
N ILE C 228 -29.76 1.62 -8.87
CA ILE C 228 -28.38 2.05 -9.11
C ILE C 228 -28.06 1.87 -10.59
N ASP C 229 -27.59 2.95 -11.22
CA ASP C 229 -27.06 2.90 -12.58
C ASP C 229 -28.09 2.33 -13.57
N GLY C 230 -29.32 2.81 -13.49
CA GLY C 230 -30.35 2.33 -14.38
C GLY C 230 -30.80 0.91 -14.12
N TYR C 231 -30.33 0.30 -13.05
CA TYR C 231 -30.69 -1.07 -12.69
C TYR C 231 -31.53 -1.04 -11.41
N PHE C 232 -32.69 -1.69 -11.48
CA PHE C 232 -33.58 -1.82 -10.35
C PHE C 232 -33.38 -3.21 -9.74
N LYS C 233 -32.73 -3.26 -8.58
CA LYS C 233 -32.44 -4.52 -7.91
C LYS C 233 -33.43 -4.73 -6.77
N ILE C 234 -33.94 -5.96 -6.67
CA ILE C 234 -34.94 -6.31 -5.67
C ILE C 234 -34.42 -7.51 -4.88
N TYR C 235 -34.48 -7.42 -3.56
CA TYR C 235 -34.11 -8.53 -2.69
C TYR C 235 -35.33 -8.98 -1.90
N SER C 236 -35.33 -10.25 -1.50
CA SER C 236 -36.48 -10.82 -0.81
C SER C 236 -36.01 -11.85 0.21
N LYS C 237 -36.81 -12.01 1.26
CA LYS C 237 -36.54 -13.04 2.26
C LYS C 237 -37.82 -13.36 3.01
N HIS C 238 -37.98 -14.63 3.36
CA HIS C 238 -39.13 -15.11 4.11
C HIS C 238 -38.63 -15.86 5.34
N THR C 239 -39.30 -15.70 6.47
CA THR C 239 -38.87 -16.31 7.73
C THR C 239 -40.07 -16.54 8.65
N PRO C 240 -40.27 -17.76 9.15
CA PRO C 240 -41.41 -18.01 10.03
C PRO C 240 -41.23 -17.33 11.39
N ILE C 241 -42.36 -17.05 12.03
CA ILE C 241 -42.40 -16.37 13.31
C ILE C 241 -43.32 -17.12 14.25
N ASN C 242 -43.36 -16.66 15.51
CA ASN C 242 -44.22 -17.24 16.53
C ASN C 242 -44.88 -16.16 17.37
N LEU C 243 -45.12 -14.99 16.78
CA LEU C 243 -45.76 -13.90 17.49
C LEU C 243 -46.70 -13.17 16.54
N VAL C 244 -47.72 -12.53 17.11
CA VAL C 244 -48.74 -11.89 16.29
C VAL C 244 -48.16 -10.73 15.49
N ARG C 245 -47.38 -9.87 16.13
CA ARG C 245 -46.72 -8.77 15.45
C ARG C 245 -45.57 -8.25 16.31
N ASP C 246 -44.34 -8.44 15.84
CA ASP C 246 -43.10 -7.86 16.35
C ASP C 246 -41.95 -8.28 15.45
N LEU C 247 -40.88 -7.48 15.43
CA LEU C 247 -39.68 -7.86 14.70
C LEU C 247 -38.81 -8.70 15.63
N PRO C 248 -38.62 -9.98 15.34
CA PRO C 248 -37.80 -10.81 16.24
C PRO C 248 -36.33 -10.41 16.18
N GLN C 249 -35.63 -10.72 17.26
CA GLN C 249 -34.22 -10.35 17.38
C GLN C 249 -33.29 -11.26 16.59
N GLY C 250 -33.82 -12.25 15.88
CA GLY C 250 -32.98 -13.17 15.13
C GLY C 250 -32.29 -12.48 13.96
N PHE C 251 -31.38 -13.22 13.34
CA PHE C 251 -30.59 -12.72 12.23
C PHE C 251 -30.89 -13.51 10.97
N SER C 252 -31.02 -12.81 9.86
CA SER C 252 -31.34 -13.44 8.59
C SER C 252 -30.68 -12.67 7.46
N ALA C 253 -30.52 -13.33 6.32
CA ALA C 253 -29.90 -12.74 5.14
C ALA C 253 -30.91 -12.61 4.02
N LEU C 254 -30.73 -11.60 3.18
CA LEU C 254 -31.62 -11.33 2.07
C LEU C 254 -30.89 -11.59 0.76
N GLU C 255 -31.49 -12.46 -0.08
CA GLU C 255 -30.96 -12.93 -1.36
C GLU C 255 -31.32 -11.98 -2.50
N PRO C 256 -30.52 -11.97 -3.56
CA PRO C 256 -30.91 -11.21 -4.75
C PRO C 256 -31.94 -11.98 -5.55
N LEU C 257 -32.99 -11.28 -5.98
CA LEU C 257 -34.07 -11.90 -6.73
C LEU C 257 -34.05 -11.51 -8.21
N VAL C 258 -34.14 -10.21 -8.51
CA VAL C 258 -34.12 -9.73 -9.89
C VAL C 258 -33.35 -8.41 -9.95
N ASP C 259 -32.82 -8.14 -11.14
CA ASP C 259 -32.14 -6.89 -11.45
C ASP C 259 -32.66 -6.43 -12.82
N LEU C 260 -33.73 -5.67 -12.81
CA LEU C 260 -34.37 -5.23 -14.04
C LEU C 260 -33.60 -4.07 -14.65
N PRO C 261 -33.24 -4.12 -15.93
CA PRO C 261 -32.56 -2.99 -16.61
C PRO C 261 -33.57 -1.96 -17.15
N ILE C 262 -34.10 -1.14 -16.24
CA ILE C 262 -35.13 -0.18 -16.62
C ILE C 262 -34.53 1.18 -16.94
N GLY C 263 -33.90 1.83 -15.96
CA GLY C 263 -33.28 3.10 -16.22
C GLY C 263 -34.17 4.31 -16.09
N ILE C 264 -35.28 4.22 -15.38
CA ILE C 264 -36.14 5.35 -15.13
C ILE C 264 -35.85 5.89 -13.74
N ASN C 265 -36.24 7.14 -13.52
CA ASN C 265 -35.96 7.85 -12.28
C ASN C 265 -37.11 7.69 -11.30
N ILE C 266 -36.78 7.28 -10.07
CA ILE C 266 -37.76 7.08 -9.01
C ILE C 266 -37.45 8.04 -7.87
N THR C 267 -38.45 8.80 -7.45
CA THR C 267 -38.34 9.66 -6.28
C THR C 267 -39.44 9.43 -5.25
N ARG C 268 -40.55 8.81 -5.63
CA ARG C 268 -41.64 8.53 -4.70
C ARG C 268 -42.25 7.19 -5.09
N PHE C 269 -42.91 6.55 -4.13
CA PHE C 269 -43.57 5.27 -4.39
C PHE C 269 -44.85 5.17 -3.57
N GLN C 270 -45.65 4.17 -3.90
CA GLN C 270 -46.94 3.96 -3.27
C GLN C 270 -47.31 2.49 -3.37
N THR C 271 -47.91 1.96 -2.31
CA THR C 271 -48.31 0.56 -2.29
C THR C 271 -49.70 0.37 -2.87
N LEU C 272 -50.02 -0.89 -3.20
CA LEU C 272 -51.30 -1.26 -3.80
C LEU C 272 -51.99 -2.28 -2.92
N LEU C 273 -53.22 -1.97 -2.53
CA LEU C 273 -54.00 -2.82 -1.64
C LEU C 273 -55.09 -3.54 -2.41
N ALA C 274 -55.19 -4.86 -2.22
CA ALA C 274 -56.22 -5.66 -2.87
C ALA C 274 -57.54 -5.46 -2.13
N LEU C 275 -58.30 -4.48 -2.60
CA LEU C 275 -59.56 -4.17 -1.95
C LEU C 275 -60.55 -5.31 -2.18
N HIS C 276 -61.33 -5.61 -1.14
CA HIS C 276 -62.36 -6.62 -1.20
C HIS C 276 -63.71 -5.92 -1.36
N ARG C 277 -64.45 -6.32 -2.39
CA ARG C 277 -65.74 -5.73 -2.69
C ARG C 277 -66.83 -6.62 -2.10
N SER C 278 -67.45 -6.15 -1.02
CA SER C 278 -68.60 -6.82 -0.42
C SER C 278 -69.81 -6.46 -1.28
N TYR C 279 -69.99 -7.21 -2.36
CA TYR C 279 -70.97 -6.85 -3.40
C TYR C 279 -72.38 -7.17 -2.92
N LEU C 280 -72.79 -6.46 -1.87
CA LEU C 280 -74.16 -6.50 -1.39
C LEU C 280 -74.84 -5.15 -1.52
N THR C 281 -74.19 -4.18 -2.14
CA THR C 281 -74.73 -2.85 -2.38
C THR C 281 -74.52 -2.48 -3.84
N PRO C 282 -75.39 -1.65 -4.41
CA PRO C 282 -75.25 -1.26 -5.82
C PRO C 282 -74.19 -0.21 -6.10
N GLY C 283 -73.43 0.22 -5.09
CA GLY C 283 -72.38 1.19 -5.27
C GLY C 283 -71.01 0.62 -5.53
N ASP C 284 -70.93 -0.69 -5.86
CA ASP C 284 -69.68 -1.40 -6.12
C ASP C 284 -68.57 -1.03 -5.16
N SER C 285 -67.34 -0.96 -5.65
CA SER C 285 -66.19 -0.66 -4.80
C SER C 285 -66.18 0.78 -4.31
N SER C 286 -67.13 1.60 -4.77
CA SER C 286 -67.30 2.98 -4.31
C SER C 286 -68.32 3.08 -3.18
N SER C 287 -68.52 2.00 -2.44
CA SER C 287 -69.56 1.93 -1.43
C SER C 287 -69.06 1.04 -0.29
N GLY C 288 -69.98 0.56 0.55
CA GLY C 288 -69.64 -0.26 1.68
C GLY C 288 -68.85 -1.51 1.34
N TRP C 289 -67.75 -1.72 2.05
CA TRP C 289 -66.91 -2.90 1.90
C TRP C 289 -66.26 -3.21 3.24
N THR C 290 -65.60 -4.36 3.30
CA THR C 290 -64.92 -4.79 4.52
C THR C 290 -63.70 -5.63 4.16
N ALA C 291 -62.65 -5.48 4.95
CA ALA C 291 -61.41 -6.22 4.74
C ALA C 291 -60.76 -6.43 6.10
N GLY C 292 -59.48 -6.82 6.09
CA GLY C 292 -58.77 -7.17 7.30
C GLY C 292 -58.09 -6.00 7.97
N ALA C 293 -57.02 -6.30 8.69
CA ALA C 293 -56.29 -5.29 9.45
C ALA C 293 -54.83 -5.22 9.00
N ALA C 294 -54.59 -5.19 7.69
CA ALA C 294 -53.24 -5.23 7.16
C ALA C 294 -52.46 -3.98 7.53
N ALA C 295 -51.14 -4.14 7.67
CA ALA C 295 -50.24 -3.05 8.01
C ALA C 295 -48.84 -3.42 7.54
N TYR C 296 -47.96 -2.43 7.48
CA TYR C 296 -46.61 -2.68 7.01
C TYR C 296 -45.65 -1.63 7.55
N TYR C 297 -44.36 -1.93 7.45
CA TYR C 297 -43.29 -1.08 7.95
C TYR C 297 -42.37 -0.68 6.81
N VAL C 298 -41.94 0.58 6.82
CA VAL C 298 -41.04 1.12 5.82
C VAL C 298 -39.85 1.77 6.52
N GLY C 299 -38.65 1.46 6.06
CA GLY C 299 -37.44 2.04 6.61
C GLY C 299 -36.53 2.53 5.50
N TYR C 300 -35.65 3.46 5.81
CA TYR C 300 -34.77 4.06 4.83
C TYR C 300 -33.33 3.59 5.05
N LEU C 301 -32.45 3.96 4.12
CA LEU C 301 -31.07 3.51 4.14
C LEU C 301 -30.11 4.69 4.01
N GLN C 302 -28.93 4.53 4.60
CA GLN C 302 -27.83 5.48 4.50
C GLN C 302 -26.54 4.71 4.36
N PRO C 303 -25.52 5.30 3.73
CA PRO C 303 -24.25 4.58 3.55
C PRO C 303 -23.61 4.26 4.88
N ARG C 304 -23.13 3.02 5.01
CA ARG C 304 -22.51 2.53 6.23
C ARG C 304 -21.44 1.52 5.87
N THR C 305 -20.55 1.28 6.83
CA THR C 305 -19.52 0.25 6.71
C THR C 305 -19.87 -0.91 7.63
N PHE C 306 -19.92 -2.11 7.07
CA PHE C 306 -20.36 -3.29 7.80
C PHE C 306 -19.32 -4.39 7.74
N LEU C 307 -19.24 -5.16 8.82
CA LEU C 307 -18.41 -6.35 8.89
C LEU C 307 -19.32 -7.57 8.84
N LEU C 308 -19.00 -8.51 7.96
CA LEU C 308 -19.84 -9.67 7.71
C LEU C 308 -19.04 -10.94 8.00
N LYS C 309 -19.68 -11.90 8.67
CA LYS C 309 -19.05 -13.17 8.97
C LYS C 309 -19.67 -14.25 8.10
N TYR C 310 -18.86 -14.88 7.26
CA TYR C 310 -19.30 -15.99 6.43
C TYR C 310 -19.03 -17.30 7.16
N ASN C 311 -20.00 -18.19 7.15
CA ASN C 311 -19.83 -19.51 7.76
C ASN C 311 -19.04 -20.40 6.80
N GLU C 312 -19.01 -21.69 7.09
CA GLU C 312 -18.22 -22.61 6.28
C GLU C 312 -18.93 -23.07 5.01
N ASN C 313 -20.17 -22.66 4.79
CA ASN C 313 -20.87 -22.96 3.56
C ASN C 313 -20.98 -21.77 2.62
N GLY C 314 -21.02 -20.55 3.15
CA GLY C 314 -21.13 -19.36 2.33
C GLY C 314 -22.39 -18.56 2.57
N THR C 315 -22.91 -18.61 3.79
CA THR C 315 -24.10 -17.86 4.18
C THR C 315 -23.75 -16.92 5.32
N ILE C 316 -24.18 -15.67 5.21
CA ILE C 316 -23.89 -14.68 6.25
C ILE C 316 -24.62 -15.06 7.53
N THR C 317 -23.88 -15.10 8.64
CA THR C 317 -24.44 -15.49 9.92
C THR C 317 -24.41 -14.41 10.98
N ASP C 318 -23.55 -13.39 10.85
CA ASP C 318 -23.53 -12.32 11.84
C ASP C 318 -22.83 -11.11 11.25
N ALA C 319 -23.40 -9.93 11.52
CA ALA C 319 -22.89 -8.68 11.00
C ALA C 319 -22.65 -7.72 12.15
N VAL C 320 -21.70 -6.82 11.95
CA VAL C 320 -21.32 -5.82 12.94
C VAL C 320 -21.32 -4.46 12.26
N ASP C 321 -22.07 -3.52 12.84
CA ASP C 321 -22.17 -2.16 12.32
C ASP C 321 -21.03 -1.32 12.87
N CYS C 322 -20.29 -0.66 11.99
CA CYS C 322 -19.08 0.03 12.41
C CYS C 322 -19.39 1.28 13.24
N ALA C 323 -20.43 2.04 12.86
CA ALA C 323 -20.67 3.34 13.45
C ALA C 323 -21.69 3.31 14.59
N LEU C 324 -21.76 2.21 15.33
CA LEU C 324 -22.74 2.11 16.42
C LEU C 324 -22.22 2.74 17.71
N ASP C 325 -21.16 2.17 18.27
CA ASP C 325 -20.70 2.53 19.60
C ASP C 325 -19.24 2.13 19.72
N PRO C 326 -18.55 2.53 20.81
CA PRO C 326 -17.11 2.24 20.90
C PRO C 326 -16.74 0.78 20.70
N LEU C 327 -17.52 -0.15 21.25
CA LEU C 327 -17.23 -1.56 21.02
C LEU C 327 -17.28 -1.89 19.54
N SER C 328 -18.29 -1.37 18.85
CA SER C 328 -18.40 -1.60 17.41
C SER C 328 -17.22 -0.98 16.66
N GLU C 329 -16.81 0.22 17.07
CA GLU C 329 -15.67 0.85 16.42
C GLU C 329 -14.40 0.01 16.58
N THR C 330 -14.15 -0.48 17.79
CA THR C 330 -12.98 -1.32 18.01
C THR C 330 -13.06 -2.62 17.22
N LYS C 331 -14.23 -3.26 17.21
CA LYS C 331 -14.37 -4.52 16.49
C LYS C 331 -14.24 -4.32 14.98
N CYS C 332 -14.59 -3.14 14.48
CA CYS C 332 -14.34 -2.84 13.07
C CYS C 332 -12.88 -2.51 12.82
N THR C 333 -12.17 -1.96 13.82
CA THR C 333 -10.78 -1.58 13.63
C THR C 333 -9.91 -2.79 13.27
N LEU C 334 -9.98 -3.84 14.06
CA LEU C 334 -9.29 -5.08 13.78
C LEU C 334 -10.32 -6.17 13.53
N LYS C 335 -10.08 -7.00 12.51
CA LYS C 335 -11.07 -7.98 12.08
C LYS C 335 -11.17 -9.08 13.13
N SER C 336 -12.18 -8.97 13.99
CA SER C 336 -12.43 -9.96 15.03
C SER C 336 -13.77 -9.67 15.67
N PHE C 337 -14.44 -10.72 16.09
CA PHE C 337 -15.68 -10.59 16.87
C PHE C 337 -15.42 -10.65 18.37
N THR C 338 -14.19 -10.91 18.79
CA THR C 338 -13.82 -10.90 20.19
C THR C 338 -12.55 -10.08 20.36
N VAL C 339 -12.45 -9.40 21.49
CA VAL C 339 -11.33 -8.51 21.76
C VAL C 339 -10.80 -8.79 23.15
N GLU C 340 -9.50 -8.58 23.34
CA GLU C 340 -8.82 -8.79 24.60
C GLU C 340 -8.55 -7.45 25.28
N LYS C 341 -8.01 -7.52 26.49
CA LYS C 341 -7.75 -6.32 27.27
C LYS C 341 -6.67 -5.48 26.62
N GLY C 342 -6.55 -4.24 27.10
CA GLY C 342 -5.58 -3.29 26.61
C GLY C 342 -6.25 -1.99 26.24
N ILE C 343 -5.53 -1.15 25.52
CA ILE C 343 -6.05 0.12 25.03
C ILE C 343 -5.85 0.15 23.52
N TYR C 344 -6.90 0.53 22.80
CA TYR C 344 -6.90 0.47 21.35
C TYR C 344 -7.15 1.85 20.76
N GLN C 345 -6.73 2.01 19.50
CA GLN C 345 -6.83 3.27 18.79
C GLN C 345 -8.00 3.24 17.83
N THR C 346 -8.69 4.38 17.71
CA THR C 346 -9.84 4.50 16.83
C THR C 346 -9.74 5.75 15.97
N SER C 347 -10.84 6.13 15.33
CA SER C 347 -10.85 7.30 14.47
C SER C 347 -10.63 8.58 15.28
N ASN C 348 -10.29 9.64 14.57
CA ASN C 348 -9.99 10.92 15.20
C ASN C 348 -11.29 11.64 15.59
N PHE C 349 -11.13 12.80 16.22
CA PHE C 349 -12.25 13.60 16.68
C PHE C 349 -11.94 15.06 16.48
N ARG C 350 -12.87 15.79 15.85
CA ARG C 350 -12.72 17.21 15.61
C ARG C 350 -14.06 17.92 15.75
N VAL C 351 -14.00 19.19 16.10
CA VAL C 351 -15.21 19.98 16.31
C VAL C 351 -15.66 20.55 14.97
N GLN C 352 -16.90 20.23 14.59
CA GLN C 352 -17.42 20.69 13.31
C GLN C 352 -17.77 22.17 13.36
N PRO C 353 -17.58 22.89 12.26
CA PRO C 353 -17.97 24.30 12.22
C PRO C 353 -19.49 24.46 12.29
N THR C 354 -19.91 25.60 12.83
CA THR C 354 -21.33 25.86 13.03
C THR C 354 -21.90 26.95 12.14
N GLU C 355 -21.05 27.82 11.58
CA GLU C 355 -21.55 28.98 10.85
C GLU C 355 -20.46 29.49 9.92
N SER C 356 -20.88 30.13 8.84
CA SER C 356 -19.95 30.62 7.82
C SER C 356 -20.20 32.10 7.53
N ILE C 357 -19.12 32.88 7.49
CA ILE C 357 -19.19 34.33 7.27
C ILE C 357 -18.33 34.70 6.07
N VAL C 358 -18.67 35.84 5.47
CA VAL C 358 -17.94 36.38 4.33
C VAL C 358 -17.73 37.87 4.56
N ARG C 359 -16.50 38.35 4.34
CA ARG C 359 -16.15 39.75 4.53
C ARG C 359 -15.41 40.25 3.29
N PHE C 360 -16.05 41.13 2.54
CA PHE C 360 -15.44 41.85 1.42
C PHE C 360 -15.50 43.36 1.68
N PRO C 361 -14.58 44.14 1.11
CA PRO C 361 -14.58 45.58 1.34
C PRO C 361 -15.84 46.24 0.79
N ASN C 362 -16.22 47.35 1.43
CA ASN C 362 -17.41 48.10 1.07
C ASN C 362 -17.12 48.94 -0.18
N ILE C 363 -17.63 48.48 -1.32
CA ILE C 363 -17.53 49.23 -2.57
C ILE C 363 -18.71 48.84 -3.46
N THR C 364 -19.36 49.85 -4.06
CA THR C 364 -20.58 49.61 -4.80
C THR C 364 -20.58 50.19 -6.21
N ASN C 365 -19.72 51.16 -6.52
CA ASN C 365 -19.74 51.78 -7.84
C ASN C 365 -19.32 50.76 -8.90
N LEU C 366 -20.11 50.67 -9.96
CA LEU C 366 -19.83 49.74 -11.04
C LEU C 366 -18.85 50.34 -12.02
N CYS C 367 -17.84 49.56 -12.37
CA CYS C 367 -16.84 50.05 -13.29
C CYS C 367 -17.38 50.09 -14.72
N PRO C 368 -16.85 50.96 -15.56
CA PRO C 368 -17.20 50.91 -16.98
C PRO C 368 -16.57 49.70 -17.64
N PHE C 369 -17.39 48.69 -17.92
CA PHE C 369 -16.89 47.43 -18.46
C PHE C 369 -17.30 47.20 -19.90
N GLY C 370 -18.51 47.62 -20.29
CA GLY C 370 -18.95 47.45 -21.65
C GLY C 370 -18.31 48.41 -22.64
N GLU C 371 -17.60 49.42 -22.15
CA GLU C 371 -16.94 50.36 -23.06
C GLU C 371 -15.85 49.65 -23.86
N VAL C 372 -15.11 48.74 -23.24
CA VAL C 372 -14.07 48.02 -23.94
C VAL C 372 -14.63 47.00 -24.91
N PHE C 373 -15.88 46.59 -24.73
CA PHE C 373 -16.52 45.62 -25.62
C PHE C 373 -17.40 46.26 -26.68
N ASN C 374 -18.07 47.37 -26.33
CA ASN C 374 -18.84 48.15 -27.29
C ASN C 374 -18.03 49.30 -27.86
N ALA C 375 -16.71 49.15 -27.93
CA ALA C 375 -15.84 50.24 -28.37
C ALA C 375 -16.09 50.60 -29.82
N THR C 376 -16.01 51.89 -30.12
CA THR C 376 -16.24 52.36 -31.48
C THR C 376 -15.15 51.87 -32.43
N ARG C 377 -13.89 51.96 -32.01
CA ARG C 377 -12.78 51.61 -32.88
C ARG C 377 -11.73 50.83 -32.07
N PHE C 378 -11.18 49.79 -32.67
CA PHE C 378 -10.11 49.02 -32.06
C PHE C 378 -8.76 49.47 -32.59
N ALA C 379 -7.71 49.03 -31.90
CA ALA C 379 -6.35 49.38 -32.28
C ALA C 379 -5.72 48.30 -33.14
N SER C 380 -4.57 48.63 -33.71
CA SER C 380 -3.86 47.69 -34.56
C SER C 380 -3.21 46.60 -33.73
N VAL C 381 -2.90 45.48 -34.40
CA VAL C 381 -2.27 44.35 -33.72
C VAL C 381 -0.89 44.73 -33.21
N TYR C 382 -0.10 45.39 -34.07
CA TYR C 382 1.24 45.80 -33.66
C TYR C 382 1.21 46.94 -32.66
N ALA C 383 0.08 47.60 -32.50
CA ALA C 383 -0.05 48.70 -31.55
C ALA C 383 -1.25 48.46 -30.64
N TRP C 384 -1.36 47.26 -30.08
CA TRP C 384 -2.51 46.93 -29.24
C TRP C 384 -2.59 47.86 -28.03
N ASN C 385 -3.81 48.26 -27.71
CA ASN C 385 -4.06 49.16 -26.60
C ASN C 385 -4.26 48.36 -25.32
N ARG C 386 -3.77 48.91 -24.21
CA ARG C 386 -3.87 48.28 -22.90
C ARG C 386 -4.67 49.17 -21.97
N LYS C 387 -5.64 48.58 -21.26
CA LYS C 387 -6.45 49.31 -20.31
C LYS C 387 -6.43 48.59 -18.96
N ARG C 388 -6.68 49.35 -17.90
CA ARG C 388 -6.69 48.82 -16.54
C ARG C 388 -8.05 49.08 -15.92
N ILE C 389 -8.55 48.10 -15.18
CA ILE C 389 -9.82 48.22 -14.46
C ILE C 389 -9.52 48.23 -12.97
N SER C 390 -10.08 49.22 -12.27
CA SER C 390 -9.84 49.36 -10.84
C SER C 390 -11.08 49.94 -10.17
N ASN C 391 -11.22 49.68 -8.88
CA ASN C 391 -12.31 50.19 -8.06
C ASN C 391 -13.67 49.83 -8.67
N CYS C 392 -13.92 48.52 -8.73
CA CYS C 392 -15.06 47.99 -9.43
C CYS C 392 -15.57 46.74 -8.74
N VAL C 393 -16.80 46.36 -9.07
CA VAL C 393 -17.36 45.07 -8.71
C VAL C 393 -17.91 44.46 -10.00
N ALA C 394 -17.06 43.74 -10.73
CA ALA C 394 -17.39 43.28 -12.07
C ALA C 394 -18.07 41.92 -12.01
N ASP C 395 -19.19 41.79 -12.70
CA ASP C 395 -19.93 40.52 -12.78
C ASP C 395 -19.52 39.81 -14.06
N TYR C 396 -18.95 38.61 -13.91
CA TYR C 396 -18.46 37.83 -15.03
C TYR C 396 -19.40 36.73 -15.47
N SER C 397 -20.24 36.21 -14.56
CA SER C 397 -21.18 35.17 -14.94
C SER C 397 -22.18 35.68 -15.97
N VAL C 398 -22.65 36.92 -15.80
CA VAL C 398 -23.58 37.51 -16.77
C VAL C 398 -22.90 37.71 -18.12
N LEU C 399 -21.64 38.15 -18.11
CA LEU C 399 -20.90 38.33 -19.35
C LEU C 399 -20.60 37.01 -20.04
N TYR C 400 -20.54 35.91 -19.27
CA TYR C 400 -20.17 34.61 -19.84
C TYR C 400 -21.14 34.19 -20.93
N ASN C 401 -22.40 34.63 -20.85
CA ASN C 401 -23.42 34.24 -21.82
C ASN C 401 -24.30 35.39 -22.27
N SER C 402 -23.97 36.63 -21.90
CA SER C 402 -24.80 37.77 -22.31
C SER C 402 -24.76 37.96 -23.81
N ALA C 403 -23.58 37.86 -24.42
CA ALA C 403 -23.42 38.11 -25.85
C ALA C 403 -23.17 36.83 -26.65
N SER C 404 -23.03 35.69 -25.99
CA SER C 404 -22.76 34.42 -26.66
C SER C 404 -21.56 34.52 -27.60
N PHE C 405 -20.41 34.83 -27.00
CA PHE C 405 -19.19 35.00 -27.78
C PHE C 405 -18.78 33.69 -28.44
N SER C 406 -18.14 33.81 -29.61
CA SER C 406 -17.74 32.63 -30.37
C SER C 406 -16.71 31.82 -29.60
N THR C 407 -15.70 32.48 -29.04
CA THR C 407 -14.62 31.81 -28.32
C THR C 407 -14.47 32.44 -26.94
N PHE C 408 -14.41 31.59 -25.91
CA PHE C 408 -14.30 32.05 -24.52
C PHE C 408 -13.62 30.95 -23.73
N LYS C 409 -12.33 31.12 -23.44
CA LYS C 409 -11.60 30.10 -22.71
C LYS C 409 -10.69 30.74 -21.68
N CYS C 410 -10.64 30.15 -20.48
CA CYS C 410 -9.89 30.71 -19.37
C CYS C 410 -8.80 29.75 -18.92
N TYR C 411 -7.62 30.30 -18.66
CA TYR C 411 -6.46 29.54 -18.18
C TYR C 411 -6.12 30.00 -16.78
N GLY C 412 -5.91 29.04 -15.89
CA GLY C 412 -5.59 29.32 -14.50
C GLY C 412 -6.79 29.56 -13.61
N VAL C 413 -8.00 29.57 -14.17
CA VAL C 413 -9.21 29.81 -13.39
C VAL C 413 -10.39 29.29 -14.19
N SER C 414 -11.41 28.82 -13.49
CA SER C 414 -12.59 28.34 -14.19
C SER C 414 -13.58 29.47 -14.42
N PRO C 415 -14.23 29.51 -15.59
CA PRO C 415 -15.13 30.62 -15.89
C PRO C 415 -16.27 30.77 -14.90
N THR C 416 -16.79 29.66 -14.38
CA THR C 416 -17.87 29.72 -13.41
C THR C 416 -17.41 30.12 -12.02
N LYS C 417 -16.11 30.11 -11.76
CA LYS C 417 -15.57 30.47 -10.46
C LYS C 417 -15.10 31.91 -10.38
N LEU C 418 -15.32 32.70 -11.44
CA LEU C 418 -14.86 34.08 -11.44
C LEU C 418 -15.70 34.99 -10.55
N ASN C 419 -16.79 34.48 -9.99
CA ASN C 419 -17.70 35.30 -9.20
C ASN C 419 -17.36 35.34 -7.72
N ASP C 420 -16.28 34.68 -7.29
CA ASP C 420 -15.91 34.63 -5.88
C ASP C 420 -14.53 35.21 -5.59
N LEU C 421 -13.55 34.94 -6.43
CA LEU C 421 -12.18 35.37 -6.17
C LEU C 421 -12.06 36.89 -6.29
N CYS C 422 -11.11 37.45 -5.56
CA CYS C 422 -10.82 38.87 -5.60
C CYS C 422 -9.42 39.10 -6.13
N PHE C 423 -9.30 39.98 -7.12
CA PHE C 423 -8.08 40.18 -7.89
C PHE C 423 -7.50 41.56 -7.64
N THR C 424 -6.39 41.84 -8.32
CA THR C 424 -5.71 43.12 -8.25
C THR C 424 -5.28 43.52 -9.64
N ASN C 425 -5.53 44.77 -10.03
CA ASN C 425 -5.01 45.37 -11.26
C ASN C 425 -5.34 44.50 -12.47
N VAL C 426 -6.63 44.42 -12.76
CA VAL C 426 -7.09 43.68 -13.93
C VAL C 426 -6.70 44.43 -15.20
N TYR C 427 -6.04 43.72 -16.12
CA TYR C 427 -5.65 44.30 -17.40
C TYR C 427 -6.58 43.82 -18.51
N ALA C 428 -6.65 44.61 -19.57
CA ALA C 428 -7.44 44.24 -20.75
C ALA C 428 -6.70 44.70 -22.00
N ASP C 429 -6.60 43.80 -22.97
CA ASP C 429 -5.99 44.11 -24.25
C ASP C 429 -6.96 43.74 -25.36
N SER C 430 -6.90 44.48 -26.46
CA SER C 430 -7.83 44.29 -27.55
C SER C 430 -7.10 44.40 -28.88
N PHE C 431 -7.54 43.61 -29.86
CA PHE C 431 -7.08 43.78 -31.23
C PHE C 431 -8.04 43.07 -32.17
N VAL C 432 -7.74 43.13 -33.46
CA VAL C 432 -8.50 42.44 -34.48
C VAL C 432 -7.54 41.63 -35.35
N ILE C 433 -7.80 40.33 -35.48
CA ILE C 433 -6.94 39.42 -36.22
C ILE C 433 -7.80 38.51 -37.07
N ARG C 434 -7.15 37.86 -38.04
CA ARG C 434 -7.85 36.93 -38.91
C ARG C 434 -8.26 35.68 -38.13
N GLY C 435 -9.11 34.87 -38.75
CA GLY C 435 -9.65 33.70 -38.08
C GLY C 435 -8.59 32.69 -37.69
N ASP C 436 -7.63 32.45 -38.58
CA ASP C 436 -6.60 31.44 -38.31
C ASP C 436 -5.72 31.83 -37.13
N GLU C 437 -5.40 33.12 -37.02
CA GLU C 437 -4.48 33.57 -35.98
C GLU C 437 -5.08 33.50 -34.58
N VAL C 438 -6.40 33.30 -34.47
CA VAL C 438 -7.03 33.20 -33.17
C VAL C 438 -6.50 31.99 -32.41
N ARG C 439 -6.38 30.85 -33.09
CA ARG C 439 -5.87 29.63 -32.45
C ARG C 439 -4.41 29.75 -32.03
N GLN C 440 -3.69 30.75 -32.52
CA GLN C 440 -2.28 30.93 -32.19
C GLN C 440 -2.06 31.99 -31.12
N ILE C 441 -3.13 32.52 -30.52
CA ILE C 441 -2.98 33.53 -29.47
C ILE C 441 -2.87 32.91 -28.09
N ALA C 442 -3.18 31.63 -27.93
CA ALA C 442 -3.09 30.99 -26.64
C ALA C 442 -1.63 30.96 -26.16
N PRO C 443 -1.40 31.13 -24.86
CA PRO C 443 -0.03 31.10 -24.35
C PRO C 443 0.59 29.72 -24.51
N GLY C 444 1.90 29.71 -24.72
CA GLY C 444 2.60 28.48 -24.99
C GLY C 444 2.51 28.00 -26.42
N GLN C 445 2.03 28.83 -27.33
CA GLN C 445 1.89 28.46 -28.74
C GLN C 445 2.80 29.33 -29.58
N THR C 446 3.22 28.78 -30.72
CA THR C 446 4.10 29.47 -31.66
C THR C 446 3.37 29.76 -32.95
N GLY C 447 3.70 30.91 -33.56
CA GLY C 447 3.03 31.32 -34.78
C GLY C 447 3.72 32.44 -35.50
N LYS C 448 2.94 33.35 -36.09
CA LYS C 448 3.50 34.44 -36.87
C LYS C 448 4.10 35.51 -35.95
N ILE C 449 5.02 36.29 -36.52
CA ILE C 449 5.60 37.42 -35.79
C ILE C 449 4.52 38.43 -35.45
N ALA C 450 3.47 38.52 -36.26
CA ALA C 450 2.33 39.36 -35.92
C ALA C 450 1.66 38.87 -34.64
N ASP C 451 1.52 37.55 -34.50
CA ASP C 451 1.07 36.99 -33.24
C ASP C 451 2.08 37.28 -32.14
N TYR C 452 3.36 37.25 -32.46
CA TYR C 452 4.42 37.53 -31.50
C TYR C 452 4.46 38.99 -31.07
N ASN C 453 3.76 39.87 -31.79
CA ASN C 453 3.67 41.26 -31.36
C ASN C 453 2.98 41.36 -30.01
N TYR C 454 1.95 40.56 -29.79
CA TYR C 454 1.30 40.45 -28.49
C TYR C 454 1.57 39.02 -28.00
N LYS C 455 2.68 38.85 -27.30
CA LYS C 455 3.10 37.54 -26.81
C LYS C 455 2.59 37.31 -25.40
N LEU C 456 2.16 36.07 -25.14
CA LEU C 456 1.66 35.69 -23.82
C LEU C 456 2.67 34.80 -23.11
N PRO C 457 2.96 35.05 -21.84
CA PRO C 457 3.87 34.17 -21.11
C PRO C 457 3.23 32.81 -20.83
N ASP C 458 4.10 31.82 -20.62
CA ASP C 458 3.62 30.47 -20.35
C ASP C 458 2.82 30.41 -19.06
N ASP C 459 3.21 31.18 -18.04
CA ASP C 459 2.48 31.24 -16.79
C ASP C 459 1.49 32.40 -16.88
N PHE C 460 0.40 32.15 -17.59
CA PHE C 460 -0.65 33.14 -17.81
C PHE C 460 -1.89 32.77 -17.00
N THR C 461 -2.49 33.79 -16.39
CA THR C 461 -3.70 33.62 -15.58
C THR C 461 -4.74 34.62 -16.09
N GLY C 462 -5.80 34.13 -16.72
CA GLY C 462 -6.81 35.02 -17.24
C GLY C 462 -7.76 34.29 -18.17
N CYS C 463 -8.35 35.07 -19.09
CA CYS C 463 -9.30 34.55 -20.05
C CYS C 463 -9.07 35.21 -21.40
N VAL C 464 -9.54 34.52 -22.44
CA VAL C 464 -9.47 34.99 -23.82
C VAL C 464 -10.86 34.89 -24.42
N ILE C 465 -11.31 35.99 -25.04
CA ILE C 465 -12.61 36.09 -25.68
C ILE C 465 -12.41 36.53 -27.11
N ALA C 466 -13.18 35.97 -28.03
CA ALA C 466 -13.03 36.30 -29.45
C ALA C 466 -14.39 36.18 -30.13
N TRP C 467 -14.72 37.18 -30.95
CA TRP C 467 -15.96 37.16 -31.72
C TRP C 467 -15.68 37.55 -33.16
N ASN C 468 -16.63 37.24 -34.04
CA ASN C 468 -16.49 37.55 -35.44
C ASN C 468 -17.00 38.96 -35.74
N SER C 469 -16.40 39.58 -36.75
CA SER C 469 -16.77 40.93 -37.17
C SER C 469 -17.18 40.87 -38.64
N ASN C 470 -18.47 40.97 -38.91
CA ASN C 470 -18.98 40.91 -40.26
C ASN C 470 -19.63 42.20 -40.72
N ASN C 471 -20.59 42.73 -39.96
CA ASN C 471 -21.32 43.92 -40.33
C ASN C 471 -20.67 45.20 -39.81
N LEU C 472 -19.63 45.07 -38.97
CA LEU C 472 -18.97 46.22 -38.39
C LEU C 472 -17.58 46.48 -38.94
N ASP C 473 -16.91 45.45 -39.46
CA ASP C 473 -15.57 45.58 -40.00
C ASP C 473 -15.47 45.31 -41.49
N SER C 474 -16.12 44.26 -41.98
CA SER C 474 -16.08 43.95 -43.40
C SER C 474 -16.78 45.04 -44.20
N LYS C 475 -16.08 45.57 -45.21
CA LYS C 475 -16.61 46.66 -46.03
C LYS C 475 -16.61 46.22 -47.49
N VAL C 476 -17.77 46.37 -48.14
CA VAL C 476 -17.91 45.93 -49.53
C VAL C 476 -16.90 46.64 -50.43
N GLY C 477 -16.55 47.88 -50.08
CA GLY C 477 -15.50 48.58 -50.79
C GLY C 477 -14.10 48.17 -50.40
N GLY C 478 -13.96 47.27 -49.42
CA GLY C 478 -12.65 46.84 -48.97
C GLY C 478 -12.19 47.56 -47.73
N ASN C 479 -11.64 46.83 -46.77
CA ASN C 479 -11.12 47.41 -45.54
C ASN C 479 -9.61 47.24 -45.54
N TYR C 480 -8.89 48.35 -45.41
CA TYR C 480 -7.43 48.36 -45.47
C TYR C 480 -6.86 49.23 -44.36
N ASN C 481 -7.64 49.47 -43.31
CA ASN C 481 -7.24 50.35 -42.22
C ASN C 481 -6.48 49.61 -41.12
N TYR C 482 -6.25 48.31 -41.27
CA TYR C 482 -5.51 47.54 -40.29
C TYR C 482 -4.18 47.09 -40.88
N LEU C 483 -3.16 47.10 -40.04
CA LEU C 483 -1.82 46.73 -40.46
C LEU C 483 -1.21 45.80 -39.41
N TYR C 484 -0.22 45.03 -39.85
CA TYR C 484 0.47 44.09 -38.98
C TYR C 484 1.96 44.09 -39.31
N ARG C 485 2.76 43.65 -38.34
CA ARG C 485 4.19 43.57 -38.54
C ARG C 485 4.57 42.26 -39.20
N LEU C 486 5.52 42.34 -40.15
CA LEU C 486 6.02 41.16 -40.82
C LEU C 486 7.13 40.54 -39.97
N PHE C 487 7.88 39.60 -40.53
CA PHE C 487 8.98 38.97 -39.81
C PHE C 487 10.01 40.01 -39.39
N ARG C 488 10.55 39.83 -38.20
CA ARG C 488 11.49 40.77 -37.62
C ARG C 488 12.84 40.09 -37.38
N LYS C 489 13.82 40.90 -37.00
CA LYS C 489 15.17 40.41 -36.72
C LYS C 489 15.32 39.91 -35.28
N SER C 490 14.33 40.13 -34.42
CA SER C 490 14.41 39.67 -33.04
C SER C 490 12.98 39.49 -32.52
N ASN C 491 12.69 38.30 -32.00
CA ASN C 491 11.36 38.02 -31.49
C ASN C 491 11.09 38.79 -30.21
N LEU C 492 9.82 38.95 -29.89
CA LEU C 492 9.41 39.75 -28.74
C LEU C 492 9.10 38.86 -27.54
N LYS C 493 9.43 39.37 -26.36
CA LYS C 493 9.07 38.76 -25.11
C LYS C 493 7.61 39.05 -24.79
N PRO C 494 7.00 38.29 -23.89
CA PRO C 494 5.59 38.55 -23.54
C PRO C 494 5.38 39.96 -23.04
N PHE C 495 4.25 40.55 -23.42
CA PHE C 495 3.86 41.90 -23.05
C PHE C 495 4.92 42.91 -23.49
N GLU C 496 5.18 42.90 -24.80
CA GLU C 496 6.11 43.83 -25.42
C GLU C 496 5.45 44.41 -26.66
N ARG C 497 5.76 45.68 -26.95
CA ARG C 497 5.19 46.37 -28.09
C ARG C 497 6.25 47.23 -28.75
N ASP C 498 6.11 47.42 -30.06
CA ASP C 498 7.01 48.27 -30.83
C ASP C 498 6.21 49.07 -31.85
N ILE C 499 6.68 50.29 -32.10
CA ILE C 499 5.99 51.19 -33.02
C ILE C 499 7.00 51.74 -34.03
N SER C 500 8.18 51.14 -34.08
CA SER C 500 9.22 51.63 -34.97
C SER C 500 8.83 51.39 -36.43
N THR C 501 8.92 52.45 -37.23
CA THR C 501 8.59 52.39 -38.65
C THR C 501 9.83 52.36 -39.53
N GLU C 502 11.00 52.17 -38.95
CA GLU C 502 12.24 52.16 -39.72
C GLU C 502 12.25 50.98 -40.68
N ILE C 503 12.81 51.20 -41.88
CA ILE C 503 12.91 50.16 -42.88
C ILE C 503 13.85 49.06 -42.39
N TYR C 504 13.58 47.83 -42.82
CA TYR C 504 14.40 46.70 -42.42
C TYR C 504 15.80 46.82 -43.01
N GLN C 505 16.80 46.43 -42.22
CA GLN C 505 18.20 46.45 -42.62
C GLN C 505 18.73 45.03 -42.45
N ALA C 506 18.56 44.20 -43.49
CA ALA C 506 18.96 42.81 -43.43
C ALA C 506 19.89 42.38 -44.55
N GLY C 507 20.13 43.22 -45.56
CA GLY C 507 21.02 42.88 -46.64
C GLY C 507 22.40 43.51 -46.45
N SER C 508 23.29 43.17 -47.38
CA SER C 508 24.63 43.74 -47.37
C SER C 508 24.59 45.25 -47.60
N THR C 509 23.75 45.69 -48.53
CA THR C 509 23.66 47.11 -48.85
C THR C 509 22.88 47.83 -47.75
N PRO C 510 23.47 48.84 -47.10
CA PRO C 510 22.69 49.68 -46.20
C PRO C 510 21.60 50.41 -46.96
N CYS C 511 20.43 50.53 -46.31
CA CYS C 511 19.25 51.07 -46.98
C CYS C 511 19.02 52.54 -46.67
N ASN C 512 18.83 52.87 -45.38
CA ASN C 512 18.41 54.21 -44.95
C ASN C 512 17.09 54.59 -45.61
N GLY C 513 16.45 53.61 -46.25
CA GLY C 513 15.23 53.77 -47.02
C GLY C 513 15.57 53.88 -48.49
N VAL C 514 15.55 52.75 -49.19
CA VAL C 514 15.83 52.74 -50.62
C VAL C 514 14.84 51.81 -51.31
N GLU C 515 14.15 50.99 -50.53
CA GLU C 515 13.29 49.92 -51.04
C GLU C 515 14.08 48.98 -51.96
N GLY C 516 15.32 48.70 -51.56
CA GLY C 516 16.20 47.90 -52.39
C GLY C 516 16.46 46.51 -51.85
N PHE C 517 17.75 46.14 -51.78
CA PHE C 517 18.13 44.78 -51.38
C PHE C 517 17.86 44.59 -49.89
N ASN C 518 16.85 43.79 -49.57
CA ASN C 518 16.43 43.55 -48.19
C ASN C 518 16.13 44.85 -47.46
N CYS C 519 15.39 45.73 -48.13
CA CYS C 519 14.95 47.01 -47.57
C CYS C 519 13.43 47.04 -47.67
N TYR C 520 12.76 46.58 -46.61
CA TYR C 520 11.32 46.43 -46.60
C TYR C 520 10.70 47.28 -45.49
N PHE C 521 9.55 47.87 -45.79
CA PHE C 521 8.78 48.58 -44.79
C PHE C 521 8.27 47.60 -43.74
N PRO C 522 8.30 47.96 -42.46
CA PRO C 522 7.89 47.00 -41.42
C PRO C 522 6.41 46.65 -41.46
N LEU C 523 5.55 47.66 -41.48
CA LEU C 523 4.11 47.44 -41.39
C LEU C 523 3.56 47.05 -42.76
N GLN C 524 2.61 46.13 -42.77
CA GLN C 524 1.93 45.68 -43.98
C GLN C 524 0.43 45.79 -43.76
N SER C 525 -0.27 46.37 -44.74
CA SER C 525 -1.70 46.58 -44.63
C SER C 525 -2.46 45.25 -44.72
N TYR C 526 -3.53 45.15 -43.95
CA TYR C 526 -4.40 43.98 -44.01
C TYR C 526 -5.41 44.13 -45.14
N GLY C 527 -5.90 42.99 -45.62
CA GLY C 527 -6.96 42.98 -46.60
C GLY C 527 -8.22 42.32 -46.07
N PHE C 528 -9.27 43.11 -45.82
CA PHE C 528 -10.53 42.61 -45.28
C PHE C 528 -11.66 43.05 -46.17
N GLN C 529 -12.42 42.08 -46.69
CA GLN C 529 -13.59 42.30 -47.52
C GLN C 529 -14.62 41.25 -47.19
N PRO C 530 -15.91 41.58 -47.31
CA PRO C 530 -16.95 40.57 -47.04
C PRO C 530 -16.92 39.42 -48.04
N THR C 531 -16.33 39.62 -49.21
CA THR C 531 -16.19 38.55 -50.19
C THR C 531 -15.09 37.56 -49.83
N ASN C 532 -14.26 37.87 -48.84
CA ASN C 532 -13.23 36.94 -48.41
C ASN C 532 -13.84 35.79 -47.61
N GLY C 533 -13.09 34.71 -47.51
CA GLY C 533 -13.56 33.54 -46.80
C GLY C 533 -13.56 33.73 -45.29
N VAL C 534 -14.15 32.75 -44.61
CA VAL C 534 -14.19 32.78 -43.16
C VAL C 534 -12.77 32.76 -42.59
N GLY C 535 -11.88 32.00 -43.24
CA GLY C 535 -10.48 32.02 -42.84
C GLY C 535 -9.83 33.39 -42.96
N TYR C 536 -10.38 34.26 -43.80
CA TYR C 536 -9.95 35.64 -43.89
C TYR C 536 -10.96 36.62 -43.32
N GLN C 537 -12.07 36.13 -42.78
CA GLN C 537 -13.05 37.01 -42.14
C GLN C 537 -12.43 37.61 -40.88
N PRO C 538 -12.47 38.93 -40.72
CA PRO C 538 -11.85 39.53 -39.53
C PRO C 538 -12.57 39.15 -38.24
N TYR C 539 -11.78 39.10 -37.16
CA TYR C 539 -12.27 38.79 -35.83
C TYR C 539 -11.74 39.83 -34.85
N ARG C 540 -12.52 40.08 -33.80
CA ARG C 540 -12.11 40.96 -32.72
C ARG C 540 -11.86 40.12 -31.46
N VAL C 541 -10.67 40.29 -30.88
CA VAL C 541 -10.19 39.47 -29.77
C VAL C 541 -9.86 40.38 -28.59
N VAL C 542 -10.35 39.99 -27.41
CA VAL C 542 -10.08 40.68 -26.16
C VAL C 542 -9.48 39.69 -25.17
N VAL C 543 -8.33 40.05 -24.61
CA VAL C 543 -7.64 39.22 -23.63
C VAL C 543 -7.69 39.90 -22.28
N LEU C 544 -8.13 39.17 -21.26
CA LEU C 544 -8.27 39.68 -19.91
C LEU C 544 -7.27 38.96 -19.02
N SER C 545 -6.49 39.72 -18.25
CA SER C 545 -5.46 39.15 -17.40
C SER C 545 -5.62 39.63 -15.96
N PHE C 546 -5.46 38.70 -15.03
CA PHE C 546 -5.53 38.95 -13.60
C PHE C 546 -4.22 38.58 -12.94
N GLU C 547 -4.07 39.00 -11.68
CA GLU C 547 -3.01 38.51 -10.81
C GLU C 547 -3.58 38.32 -9.42
N LEU C 548 -3.21 37.22 -8.77
CA LEU C 548 -3.83 36.82 -7.50
C LEU C 548 -2.87 37.03 -6.34
N LEU C 549 -3.40 37.56 -5.25
CA LEU C 549 -2.67 37.74 -3.99
C LEU C 549 -1.42 38.59 -4.20
N HIS C 550 -1.66 39.85 -4.59
CA HIS C 550 -0.60 40.80 -4.86
C HIS C 550 -0.70 42.08 -4.04
N ALA C 551 -1.87 42.41 -3.50
CA ALA C 551 -2.09 43.68 -2.84
C ALA C 551 -3.38 43.63 -2.02
N PRO C 552 -3.74 44.67 -1.28
CA PRO C 552 -5.08 44.70 -0.66
C PRO C 552 -6.17 44.85 -1.71
N ALA C 553 -6.55 43.71 -2.30
CA ALA C 553 -7.46 43.66 -3.44
C ALA C 553 -8.70 44.52 -3.23
N THR C 554 -9.18 45.09 -4.33
CA THR C 554 -10.34 45.98 -4.30
C THR C 554 -11.35 45.74 -5.42
N VAL C 555 -11.11 44.78 -6.31
CA VAL C 555 -12.00 44.54 -7.44
C VAL C 555 -12.35 43.06 -7.46
N CYS C 556 -13.64 42.75 -7.31
CA CYS C 556 -14.14 41.38 -7.43
C CYS C 556 -15.66 41.38 -7.45
N GLY C 557 -16.22 40.17 -7.58
CA GLY C 557 -17.61 39.98 -7.88
C GLY C 557 -18.54 40.37 -6.75
N PRO C 558 -19.84 40.44 -7.05
CA PRO C 558 -20.84 40.90 -6.07
C PRO C 558 -21.36 39.81 -5.14
N LYS C 559 -20.56 39.49 -4.14
CA LYS C 559 -20.99 38.62 -3.04
C LYS C 559 -21.23 39.46 -1.80
N LYS C 560 -22.44 39.37 -1.27
CA LYS C 560 -22.83 40.21 -0.15
C LYS C 560 -22.07 39.80 1.12
N SER C 561 -21.70 40.80 1.92
CA SER C 561 -21.00 40.55 3.17
C SER C 561 -21.97 39.98 4.20
N THR C 562 -21.47 39.78 5.42
CA THR C 562 -22.27 39.19 6.48
C THR C 562 -21.76 39.72 7.82
N ASN C 563 -22.62 39.63 8.83
CA ASN C 563 -22.27 40.05 10.18
C ASN C 563 -21.06 39.29 10.68
N LEU C 564 -20.18 40.01 11.39
CA LEU C 564 -18.95 39.42 11.89
C LEU C 564 -19.19 38.71 13.22
N VAL C 565 -18.60 37.52 13.35
CA VAL C 565 -18.67 36.75 14.59
C VAL C 565 -17.26 36.26 14.91
N LYS C 566 -17.02 36.03 16.20
CA LYS C 566 -15.70 35.60 16.67
C LYS C 566 -15.87 34.65 17.85
N ASN C 567 -14.74 34.12 18.31
CA ASN C 567 -14.65 33.27 19.50
C ASN C 567 -15.42 31.95 19.34
N LYS C 568 -15.71 31.55 18.10
CA LYS C 568 -16.38 30.28 17.84
C LYS C 568 -15.74 29.62 16.63
N CYS C 569 -15.78 28.28 16.62
CA CYS C 569 -15.21 27.52 15.52
C CYS C 569 -16.08 27.66 14.28
N VAL C 570 -15.74 28.62 13.41
CA VAL C 570 -16.55 28.96 12.26
C VAL C 570 -15.68 28.97 11.01
N ASN C 571 -16.33 28.94 9.86
CA ASN C 571 -15.64 29.15 8.59
C ASN C 571 -15.35 30.64 8.41
N PHE C 572 -14.59 30.97 7.38
CA PHE C 572 -14.36 32.36 7.06
C PHE C 572 -14.03 32.49 5.59
N ASN C 573 -14.14 33.72 5.08
CA ASN C 573 -13.83 34.02 3.69
C ASN C 573 -13.45 35.50 3.62
N PHE C 574 -12.14 35.77 3.57
CA PHE C 574 -11.61 37.13 3.53
C PHE C 574 -10.92 37.34 2.20
N ASN C 575 -11.59 38.06 1.29
CA ASN C 575 -11.02 38.38 -0.02
C ASN C 575 -10.55 37.13 -0.75
N GLY C 576 -11.40 36.12 -0.75
CA GLY C 576 -11.05 34.86 -1.41
C GLY C 576 -10.17 33.94 -0.60
N LEU C 577 -9.76 34.36 0.60
CA LEU C 577 -9.00 33.51 1.51
C LEU C 577 -10.01 32.70 2.30
N THR C 578 -10.05 31.39 2.06
CA THR C 578 -10.99 30.52 2.74
C THR C 578 -10.32 29.84 3.93
N GLY C 579 -11.06 28.98 4.60
CA GLY C 579 -10.56 28.24 5.74
C GLY C 579 -11.54 28.25 6.90
N THR C 580 -11.19 27.47 7.92
CA THR C 580 -11.99 27.34 9.12
C THR C 580 -11.10 27.60 10.33
N GLY C 581 -11.73 27.96 11.44
CA GLY C 581 -10.99 28.15 12.67
C GLY C 581 -11.77 29.02 13.64
N VAL C 582 -11.08 29.43 14.69
CA VAL C 582 -11.63 30.31 15.71
C VAL C 582 -10.94 31.65 15.61
N LEU C 583 -11.73 32.71 15.54
CA LEU C 583 -11.24 34.07 15.41
C LEU C 583 -11.29 34.76 16.76
N THR C 584 -10.22 35.48 17.09
CA THR C 584 -10.14 36.20 18.35
C THR C 584 -9.32 37.46 18.16
N GLU C 585 -9.46 38.37 19.11
CA GLU C 585 -8.76 39.64 19.04
C GLU C 585 -7.26 39.43 19.14
N SER C 586 -6.50 40.28 18.44
CA SER C 586 -5.06 40.12 18.31
C SER C 586 -4.32 41.25 19.03
N ASN C 587 -3.27 40.88 19.75
CA ASN C 587 -2.40 41.84 20.41
C ASN C 587 -1.24 42.27 19.54
N LYS C 588 -1.14 41.77 18.32
CA LYS C 588 -0.06 42.17 17.43
C LYS C 588 -0.31 43.58 16.90
N LYS C 589 0.66 44.09 16.15
CA LYS C 589 0.52 45.36 15.45
C LYS C 589 1.11 45.23 14.06
N PHE C 590 0.42 45.81 13.08
CA PHE C 590 0.84 45.76 11.69
C PHE C 590 1.30 47.13 11.23
N LEU C 591 2.31 47.14 10.36
CA LEU C 591 2.65 48.36 9.65
C LEU C 591 1.50 48.75 8.73
N PRO C 592 1.24 50.05 8.53
CA PRO C 592 0.02 50.44 7.82
C PRO C 592 0.11 50.26 6.31
N PHE C 593 0.69 49.14 5.88
CA PHE C 593 0.61 48.73 4.49
C PHE C 593 0.45 47.21 4.34
N GLN C 594 0.48 46.46 5.42
CA GLN C 594 0.49 45.00 5.37
C GLN C 594 -0.93 44.47 5.38
N GLN C 595 -1.15 43.38 4.65
CA GLN C 595 -2.48 42.81 4.57
C GLN C 595 -2.70 41.73 5.63
N PHE C 596 -1.83 40.73 5.69
CA PHE C 596 -2.02 39.63 6.61
C PHE C 596 -0.68 38.96 6.89
N GLY C 597 -0.64 38.19 7.97
CA GLY C 597 0.57 37.50 8.37
C GLY C 597 0.46 35.99 8.38
N ARG C 598 1.59 35.31 8.21
CA ARG C 598 1.59 33.85 8.22
C ARG C 598 2.68 33.32 9.15
N ASP C 599 2.89 32.01 9.13
CA ASP C 599 3.84 31.36 10.02
C ASP C 599 4.86 30.53 9.25
N ILE C 600 5.66 29.74 9.97
CA ILE C 600 6.70 28.96 9.33
C ILE C 600 6.15 27.85 8.45
N ALA C 601 4.89 27.46 8.65
CA ALA C 601 4.28 26.39 7.88
C ALA C 601 3.52 26.91 6.66
N ASP C 602 3.61 28.21 6.39
CA ASP C 602 2.89 28.86 5.29
C ASP C 602 1.38 28.64 5.48
N THR C 603 0.88 29.10 6.63
CA THR C 603 -0.55 29.15 6.90
C THR C 603 -0.88 30.51 7.50
N THR C 604 -1.89 31.17 6.95
CA THR C 604 -2.30 32.47 7.46
C THR C 604 -2.70 32.35 8.92
N ASP C 605 -2.20 33.26 9.75
CA ASP C 605 -2.54 33.24 11.16
C ASP C 605 -3.13 34.55 11.67
N ALA C 606 -2.88 35.66 10.99
CA ALA C 606 -3.49 36.94 11.34
C ALA C 606 -4.06 37.57 10.08
N VAL C 607 -5.29 38.05 10.17
CA VAL C 607 -5.98 38.63 9.01
C VAL C 607 -6.60 39.96 9.43
N ARG C 608 -6.50 40.95 8.55
CA ARG C 608 -7.09 42.26 8.78
C ARG C 608 -8.48 42.31 8.16
N ASP C 609 -9.45 42.76 8.93
CA ASP C 609 -10.83 42.86 8.44
C ASP C 609 -10.92 43.93 7.36
N PRO C 610 -11.41 43.60 6.17
CA PRO C 610 -11.45 44.61 5.09
C PRO C 610 -12.28 45.84 5.43
N GLN C 611 -13.37 45.68 6.18
CA GLN C 611 -14.28 46.78 6.41
C GLN C 611 -13.87 47.69 7.57
N THR C 612 -13.67 47.13 8.76
CA THR C 612 -13.35 47.93 9.94
C THR C 612 -11.86 48.00 10.22
N LEU C 613 -11.02 47.42 9.36
CA LEU C 613 -9.57 47.49 9.49
C LEU C 613 -9.11 47.00 10.87
N GLU C 614 -9.63 45.84 11.26
CA GLU C 614 -9.30 45.22 12.53
C GLU C 614 -8.54 43.92 12.30
N ILE C 615 -7.57 43.64 13.16
CA ILE C 615 -6.76 42.43 13.06
C ILE C 615 -7.42 41.34 13.90
N LEU C 616 -7.39 40.12 13.38
CA LEU C 616 -7.93 38.95 14.07
C LEU C 616 -6.97 37.79 13.92
N ASP C 617 -6.72 37.08 15.01
CA ASP C 617 -5.93 35.86 14.95
C ASP C 617 -6.81 34.70 14.53
N ILE C 618 -6.15 33.62 14.11
CA ILE C 618 -6.82 32.40 13.71
C ILE C 618 -6.23 31.24 14.50
N THR C 619 -7.09 30.47 15.15
CA THR C 619 -6.64 29.30 15.90
C THR C 619 -7.38 28.07 15.37
N PRO C 620 -6.67 27.01 15.00
CA PRO C 620 -7.37 25.80 14.54
C PRO C 620 -8.27 25.23 15.63
N CYS C 621 -9.43 24.75 15.21
CA CYS C 621 -10.38 24.17 16.16
C CYS C 621 -9.79 22.91 16.77
N SER C 622 -10.14 22.66 18.03
CA SER C 622 -9.53 21.57 18.79
C SER C 622 -9.83 20.23 18.14
N PHE C 623 -8.79 19.40 18.03
CA PHE C 623 -8.91 18.07 17.49
C PHE C 623 -7.92 17.16 18.20
N GLY C 624 -8.22 15.87 18.21
CA GLY C 624 -7.33 14.91 18.84
C GLY C 624 -7.79 13.50 18.55
N GLY C 625 -6.91 12.55 18.89
CA GLY C 625 -7.23 11.15 18.73
C GLY C 625 -8.16 10.63 19.82
N VAL C 626 -8.71 9.45 19.56
CA VAL C 626 -9.65 8.80 20.46
C VAL C 626 -9.12 7.41 20.77
N SER C 627 -9.10 7.04 22.05
CA SER C 627 -8.65 5.73 22.47
C SER C 627 -9.75 5.04 23.25
N VAL C 628 -9.75 3.71 23.22
CA VAL C 628 -10.77 2.91 23.86
C VAL C 628 -10.12 1.97 24.85
N ILE C 629 -10.59 1.98 26.09
CA ILE C 629 -10.15 1.05 27.12
C ILE C 629 -11.25 0.02 27.32
N THR C 630 -10.91 -1.26 27.18
CA THR C 630 -11.87 -2.33 27.34
C THR C 630 -11.27 -3.46 28.16
N PRO C 631 -12.07 -4.14 28.97
CA PRO C 631 -11.59 -5.32 29.69
C PRO C 631 -11.74 -6.63 28.93
N GLY C 632 -12.00 -6.58 27.63
CA GLY C 632 -12.22 -7.79 26.86
C GLY C 632 -13.67 -8.21 26.91
N THR C 633 -14.27 -8.46 25.75
CA THR C 633 -15.68 -8.84 25.72
C THR C 633 -15.95 -10.20 26.35
N ASN C 634 -14.90 -10.90 26.79
CA ASN C 634 -15.07 -12.19 27.45
C ASN C 634 -15.63 -12.06 28.85
N THR C 635 -15.74 -10.84 29.38
CA THR C 635 -16.26 -10.63 30.73
C THR C 635 -17.48 -9.72 30.77
N SER C 636 -17.48 -8.62 30.01
CA SER C 636 -18.61 -7.70 30.00
C SER C 636 -18.47 -6.79 28.79
N ASN C 637 -19.36 -5.80 28.71
CA ASN C 637 -19.39 -4.86 27.59
C ASN C 637 -19.06 -3.43 28.01
N GLN C 638 -18.71 -3.20 29.27
CA GLN C 638 -18.33 -1.86 29.70
C GLN C 638 -17.05 -1.44 28.99
N VAL C 639 -16.97 -0.15 28.64
CA VAL C 639 -15.80 0.42 27.98
C VAL C 639 -15.54 1.80 28.56
N ALA C 640 -14.44 2.41 28.13
CA ALA C 640 -14.08 3.74 28.60
C ALA C 640 -13.41 4.49 27.45
N VAL C 641 -14.05 5.55 26.98
CA VAL C 641 -13.46 6.35 25.92
C VAL C 641 -12.51 7.39 26.53
N LEU C 642 -11.41 7.64 25.83
CA LEU C 642 -10.39 8.59 26.27
C LEU C 642 -10.06 9.53 25.13
N TYR C 643 -10.04 10.82 25.42
CA TYR C 643 -9.67 11.83 24.44
C TYR C 643 -8.25 12.31 24.72
N GLN C 644 -7.45 12.36 23.65
CA GLN C 644 -6.00 12.47 23.80
C GLN C 644 -5.58 13.78 24.45
N ASP C 645 -6.05 14.92 23.93
CA ASP C 645 -5.64 16.21 24.44
C ASP C 645 -6.80 17.17 24.70
N VAL C 646 -8.04 16.76 24.44
CA VAL C 646 -9.16 17.67 24.61
C VAL C 646 -9.41 17.90 26.09
N ASN C 647 -9.57 19.17 26.47
CA ASN C 647 -9.84 19.57 27.83
C ASN C 647 -11.34 19.46 28.09
N CYS C 648 -11.71 18.84 29.22
CA CYS C 648 -13.10 18.79 29.62
C CYS C 648 -13.40 19.81 30.70
N TRP C 664 -14.81 17.09 23.65
CA TRP C 664 -15.44 18.10 24.48
C TRP C 664 -16.81 17.62 24.94
N ARG C 665 -17.75 17.55 23.99
CA ARG C 665 -19.08 17.07 24.30
C ARG C 665 -19.07 15.56 24.51
N VAL C 666 -20.09 15.08 25.23
CA VAL C 666 -20.20 13.64 25.50
C VAL C 666 -20.55 12.91 24.21
N TYR C 667 -20.13 11.64 24.14
CA TYR C 667 -20.38 10.82 22.96
C TYR C 667 -21.87 10.56 22.81
N SER C 668 -22.45 9.84 23.76
CA SER C 668 -23.89 9.62 23.80
C SER C 668 -24.41 9.86 25.22
N THR C 669 -23.54 9.64 26.20
CA THR C 669 -23.88 9.79 27.62
C THR C 669 -22.58 9.69 28.41
N GLY C 670 -22.69 9.90 29.72
CA GLY C 670 -21.54 9.80 30.57
C GLY C 670 -21.94 9.63 32.02
N SER C 671 -21.01 9.07 32.80
CA SER C 671 -21.21 8.85 34.22
C SER C 671 -20.36 9.77 35.07
N ASN C 672 -19.05 9.76 34.88
CA ASN C 672 -18.15 10.63 35.61
C ASN C 672 -17.07 11.15 34.67
N VAL C 673 -16.82 12.45 34.74
CA VAL C 673 -15.83 13.10 33.89
C VAL C 673 -14.59 13.31 34.74
N PHE C 674 -13.60 12.45 34.54
CA PHE C 674 -12.32 12.56 35.25
C PHE C 674 -11.48 13.64 34.57
N GLN C 675 -10.22 13.75 34.99
CA GLN C 675 -9.30 14.70 34.36
C GLN C 675 -7.88 14.27 34.68
N THR C 676 -7.12 13.92 33.64
CA THR C 676 -5.73 13.52 33.80
C THR C 676 -4.84 14.42 32.97
N ARG C 677 -3.53 14.26 33.14
CA ARG C 677 -2.58 14.96 32.29
C ARG C 677 -2.69 14.49 30.85
N ALA C 678 -3.01 13.21 30.64
CA ALA C 678 -3.13 12.66 29.29
C ALA C 678 -4.57 12.78 28.77
N GLY C 679 -5.11 13.99 28.83
CA GLY C 679 -6.41 14.26 28.24
C GLY C 679 -7.58 14.10 29.18
N CYS C 680 -8.72 13.71 28.62
CA CYS C 680 -9.98 13.60 29.36
C CYS C 680 -10.52 12.19 29.26
N LEU C 681 -11.04 11.68 30.37
CA LEU C 681 -11.53 10.31 30.45
C LEU C 681 -13.01 10.33 30.83
N ILE C 682 -13.80 9.52 30.13
CA ILE C 682 -15.24 9.45 30.33
C ILE C 682 -15.64 7.99 30.55
N GLY C 683 -16.43 7.76 31.58
CA GLY C 683 -16.95 6.43 31.84
C GLY C 683 -16.16 5.60 32.83
N ALA C 684 -15.24 6.21 33.57
CA ALA C 684 -14.43 5.49 34.54
C ALA C 684 -14.52 6.18 35.88
N GLU C 685 -14.80 5.40 36.93
CA GLU C 685 -14.91 5.92 38.28
C GLU C 685 -13.52 6.12 38.87
N HIS C 686 -13.35 7.21 39.61
CA HIS C 686 -12.07 7.52 40.22
C HIS C 686 -12.05 7.06 41.68
N VAL C 687 -10.93 6.45 42.08
CA VAL C 687 -10.71 6.04 43.46
C VAL C 687 -9.37 6.60 43.91
N ASN C 688 -9.17 6.64 45.22
CA ASN C 688 -7.96 7.20 45.81
C ASN C 688 -7.09 6.16 46.50
N ASN C 689 -7.32 4.89 46.23
CA ASN C 689 -6.42 3.83 46.64
C ASN C 689 -5.57 3.39 45.45
N SER C 690 -4.54 2.60 45.74
CA SER C 690 -3.56 2.25 44.73
C SER C 690 -3.27 0.75 44.71
N TYR C 691 -3.10 0.21 43.51
CA TYR C 691 -2.59 -1.15 43.32
C TYR C 691 -1.56 -1.10 42.21
N GLU C 692 -1.15 -2.27 41.73
CA GLU C 692 -0.26 -2.34 40.59
C GLU C 692 -1.00 -1.99 39.30
N CYS C 693 -0.24 -1.68 38.26
CA CYS C 693 -0.82 -1.28 36.99
C CYS C 693 -1.30 -2.50 36.21
N ASP C 694 -2.46 -2.37 35.58
CA ASP C 694 -3.04 -3.44 34.77
C ASP C 694 -3.20 -3.03 33.32
N ILE C 695 -3.88 -1.93 33.04
CA ILE C 695 -3.99 -1.40 31.68
C ILE C 695 -3.47 0.03 31.69
N PRO C 696 -2.29 0.28 31.14
CA PRO C 696 -1.70 1.63 31.24
C PRO C 696 -2.48 2.66 30.43
N ILE C 697 -2.41 3.90 30.89
CA ILE C 697 -2.96 5.03 30.16
C ILE C 697 -1.87 6.05 29.89
N GLY C 698 -1.28 6.57 30.95
CA GLY C 698 -0.23 7.56 30.85
C GLY C 698 -0.19 8.42 32.09
N ALA C 699 0.89 9.21 32.20
CA ALA C 699 1.08 10.15 33.31
C ALA C 699 0.94 9.46 34.66
N GLY C 700 1.29 8.18 34.73
CA GLY C 700 1.16 7.45 35.96
C GLY C 700 -0.27 7.20 36.41
N ILE C 701 -1.17 6.94 35.48
CA ILE C 701 -2.54 6.54 35.80
C ILE C 701 -2.80 5.19 35.13
N CYS C 702 -3.32 4.24 35.90
CA CYS C 702 -3.62 2.92 35.40
C CYS C 702 -5.04 2.56 35.78
N ALA C 703 -5.79 1.97 34.86
CA ALA C 703 -7.19 1.66 35.05
C ALA C 703 -7.44 0.18 34.81
N SER C 704 -8.42 -0.36 35.52
CA SER C 704 -8.68 -1.80 35.49
C SER C 704 -10.11 -2.07 35.87
N TYR C 705 -10.56 -3.29 35.56
CA TYR C 705 -11.93 -3.72 35.76
C TYR C 705 -11.97 -4.67 36.96
N GLN C 706 -12.77 -4.35 37.96
CA GLN C 706 -12.85 -5.13 39.18
C GLN C 706 -14.30 -5.35 39.56
N THR C 707 -14.52 -6.40 40.36
CA THR C 707 -15.85 -6.73 40.86
C THR C 707 -15.77 -7.39 42.23
N SER C 720 -19.27 -3.84 42.70
CA SER C 720 -20.06 -4.22 41.54
C SER C 720 -19.22 -4.21 40.28
N GLN C 721 -19.80 -3.80 39.17
CA GLN C 721 -19.13 -3.77 37.88
C GLN C 721 -18.77 -2.33 37.55
N SER C 722 -17.47 -2.06 37.39
CA SER C 722 -17.02 -0.71 37.08
C SER C 722 -15.60 -0.76 36.56
N ILE C 723 -15.14 0.36 36.02
CA ILE C 723 -13.77 0.55 35.59
C ILE C 723 -13.17 1.62 36.49
N ILE C 724 -12.13 1.27 37.23
CA ILE C 724 -11.52 2.15 38.21
C ILE C 724 -10.18 2.64 37.67
N ALA C 725 -9.91 3.93 37.83
CA ALA C 725 -8.65 4.54 37.47
C ALA C 725 -7.94 4.97 38.74
N TYR C 726 -6.64 4.68 38.84
CA TYR C 726 -5.91 4.95 40.06
C TYR C 726 -4.44 5.17 39.74
N THR C 727 -3.75 5.82 40.68
CA THR C 727 -2.31 5.95 40.58
C THR C 727 -1.64 4.60 40.85
N MET C 728 -0.72 4.21 39.98
CA MET C 728 -0.10 2.90 40.11
C MET C 728 0.76 2.84 41.36
N SER C 729 0.92 1.64 41.89
CA SER C 729 1.79 1.39 43.04
C SER C 729 3.11 0.79 42.58
N LEU C 730 4.10 0.86 43.46
CA LEU C 730 5.44 0.37 43.17
C LEU C 730 5.84 -0.76 44.10
N GLY C 731 4.87 -1.59 44.49
CA GLY C 731 5.14 -2.72 45.37
C GLY C 731 5.11 -2.34 46.83
N ALA C 732 5.19 -3.37 47.68
CA ALA C 732 5.16 -3.17 49.11
C ALA C 732 6.42 -2.44 49.58
N GLU C 733 6.27 -1.70 50.67
CA GLU C 733 7.35 -0.91 51.23
C GLU C 733 7.79 -1.51 52.56
N ASN C 734 9.09 -1.75 52.71
CA ASN C 734 9.65 -2.22 53.96
C ASN C 734 10.97 -1.50 54.22
N SER C 735 11.37 -1.47 55.48
CA SER C 735 12.62 -0.84 55.89
C SER C 735 13.52 -1.90 56.53
N VAL C 736 14.78 -1.91 56.13
CA VAL C 736 15.74 -2.85 56.70
C VAL C 736 16.08 -2.39 58.12
N ALA C 737 16.70 -3.30 58.89
CA ALA C 737 17.01 -3.06 60.30
C ALA C 737 18.48 -2.72 60.50
N TYR C 738 19.03 -1.91 59.62
CA TYR C 738 20.46 -1.62 59.64
C TYR C 738 20.90 -1.08 61.00
N SER C 739 22.02 -1.59 61.48
CA SER C 739 22.64 -1.12 62.72
C SER C 739 24.12 -1.41 62.62
N ASN C 740 24.91 -0.74 63.45
CA ASN C 740 26.35 -0.80 63.29
C ASN C 740 26.99 -2.02 63.95
N ASN C 741 26.22 -2.90 64.58
CA ASN C 741 26.78 -4.15 65.09
C ASN C 741 25.82 -5.32 64.92
N SER C 742 25.04 -5.32 63.85
CA SER C 742 24.06 -6.37 63.59
C SER C 742 24.31 -7.01 62.23
N ILE C 743 23.97 -8.29 62.12
CA ILE C 743 24.16 -9.05 60.89
C ILE C 743 23.05 -10.08 60.78
N ALA C 744 22.81 -10.54 59.54
CA ALA C 744 21.81 -11.56 59.26
C ALA C 744 22.47 -12.70 58.52
N ILE C 745 22.14 -13.93 58.93
CA ILE C 745 22.76 -15.11 58.32
C ILE C 745 21.67 -16.09 57.88
N PRO C 746 21.72 -16.60 56.65
CA PRO C 746 20.77 -17.63 56.23
C PRO C 746 21.04 -18.95 56.94
N THR C 747 20.01 -19.79 57.01
CA THR C 747 20.14 -21.11 57.61
C THR C 747 19.55 -22.22 56.75
N ASN C 748 18.98 -21.89 55.59
CA ASN C 748 18.38 -22.89 54.72
C ASN C 748 18.37 -22.34 53.31
N PHE C 749 18.31 -23.25 52.34
CA PHE C 749 18.46 -22.89 50.93
C PHE C 749 17.40 -23.59 50.09
N THR C 750 17.09 -22.98 48.95
CA THR C 750 16.07 -23.45 48.04
C THR C 750 16.61 -23.43 46.62
N ILE C 751 16.33 -24.50 45.87
CA ILE C 751 16.74 -24.61 44.48
C ILE C 751 15.53 -24.26 43.61
N SER C 752 15.76 -23.41 42.61
CA SER C 752 14.69 -22.96 41.73
C SER C 752 15.08 -23.19 40.28
N VAL C 753 14.06 -23.29 39.42
CA VAL C 753 14.25 -23.46 37.99
C VAL C 753 13.51 -22.34 37.27
N THR C 754 14.21 -21.62 36.40
CA THR C 754 13.62 -20.54 35.64
C THR C 754 13.76 -20.81 34.14
N THR C 755 12.90 -20.17 33.35
CA THR C 755 12.88 -20.38 31.91
C THR C 755 13.15 -19.07 31.18
N GLU C 756 13.80 -19.19 30.02
CA GLU C 756 14.04 -18.05 29.14
C GLU C 756 13.74 -18.47 27.71
N ILE C 757 13.10 -17.58 26.95
CA ILE C 757 12.72 -17.86 25.57
C ILE C 757 13.42 -16.85 24.67
N LEU C 758 14.01 -17.34 23.57
CA LEU C 758 14.71 -16.45 22.66
C LEU C 758 14.47 -16.84 21.21
N PRO C 759 14.08 -15.89 20.35
CA PRO C 759 13.96 -16.20 18.92
C PRO C 759 15.34 -16.23 18.27
N VAL C 760 15.49 -17.13 17.29
CA VAL C 760 16.79 -17.34 16.69
C VAL C 760 16.79 -17.00 15.20
N SER C 761 15.66 -17.20 14.53
CA SER C 761 15.60 -17.00 13.09
C SER C 761 14.16 -16.83 12.65
N MET C 762 13.99 -16.41 11.40
CA MET C 762 12.68 -16.19 10.81
C MET C 762 12.63 -16.80 9.42
N THR C 763 11.41 -16.89 8.88
CA THR C 763 11.20 -17.56 7.61
C THR C 763 11.90 -16.84 6.47
N LYS C 764 12.35 -17.61 5.49
CA LYS C 764 13.06 -17.06 4.33
C LYS C 764 12.12 -17.00 3.14
N THR C 765 11.96 -15.80 2.59
CA THR C 765 11.07 -15.57 1.45
C THR C 765 11.87 -14.99 0.29
N SER C 766 11.26 -15.06 -0.88
CA SER C 766 11.85 -14.46 -2.08
C SER C 766 10.72 -13.98 -2.97
N VAL C 767 11.02 -12.95 -3.77
CA VAL C 767 10.04 -12.32 -4.65
C VAL C 767 10.44 -12.62 -6.07
N ASP C 768 9.65 -12.11 -7.01
CA ASP C 768 9.97 -12.18 -8.43
C ASP C 768 9.19 -11.07 -9.14
N CYS C 769 9.89 -10.00 -9.50
CA CYS C 769 9.22 -8.80 -10.00
C CYS C 769 8.39 -9.09 -11.24
N THR C 770 9.01 -9.69 -12.26
CA THR C 770 8.37 -9.78 -13.56
C THR C 770 7.05 -10.52 -13.50
N MET C 771 6.93 -11.52 -12.64
CA MET C 771 5.65 -12.16 -12.44
C MET C 771 4.82 -11.49 -11.35
N TYR C 772 5.38 -10.56 -10.60
CA TYR C 772 4.60 -9.84 -9.60
C TYR C 772 4.07 -8.53 -10.14
N ILE C 773 4.97 -7.62 -10.53
CA ILE C 773 4.54 -6.30 -10.99
C ILE C 773 3.78 -6.40 -12.30
N CYS C 774 4.29 -7.21 -13.23
CA CYS C 774 3.75 -7.27 -14.58
C CYS C 774 2.86 -8.48 -14.82
N GLY C 775 2.76 -9.40 -13.87
CA GLY C 775 1.97 -10.59 -14.08
C GLY C 775 2.49 -11.41 -15.26
N ASP C 776 1.73 -11.42 -16.35
CA ASP C 776 2.13 -12.13 -17.57
C ASP C 776 1.70 -11.27 -18.76
N SER C 777 2.61 -10.44 -19.24
CA SER C 777 2.34 -9.58 -20.38
C SER C 777 3.66 -9.22 -21.03
N THR C 778 3.59 -8.78 -22.28
CA THR C 778 4.77 -8.37 -23.02
C THR C 778 5.01 -6.87 -22.97
N GLU C 779 3.95 -6.07 -23.12
CA GLU C 779 4.10 -4.63 -23.08
C GLU C 779 4.55 -4.16 -21.70
N CYS C 780 4.04 -4.80 -20.65
CA CYS C 780 4.43 -4.42 -19.29
C CYS C 780 5.92 -4.61 -19.06
N SER C 781 6.47 -5.73 -19.54
CA SER C 781 7.90 -5.96 -19.39
C SER C 781 8.71 -4.93 -20.17
N ASN C 782 8.26 -4.58 -21.37
CA ASN C 782 8.95 -3.58 -22.16
C ASN C 782 8.97 -2.23 -21.46
N LEU C 783 7.83 -1.86 -20.85
CA LEU C 783 7.82 -0.63 -20.05
C LEU C 783 8.75 -0.73 -18.86
N LEU C 784 8.78 -1.89 -18.19
CA LEU C 784 9.65 -2.07 -17.03
C LEU C 784 11.11 -1.95 -17.41
N LEU C 785 11.45 -2.32 -18.65
CA LEU C 785 12.85 -2.25 -19.07
C LEU C 785 13.44 -0.85 -18.98
N GLN C 786 12.58 0.19 -19.00
CA GLN C 786 13.10 1.55 -18.90
C GLN C 786 13.73 1.81 -17.54
N TYR C 787 13.10 1.36 -16.45
CA TYR C 787 13.71 1.43 -15.14
C TYR C 787 14.90 0.48 -15.11
N GLY C 788 16.09 1.02 -14.89
CA GLY C 788 17.30 0.31 -15.23
C GLY C 788 17.54 -1.01 -14.50
N SER C 789 17.84 -0.94 -13.21
CA SER C 789 18.26 -2.12 -12.47
C SER C 789 17.70 -2.13 -11.07
N PHE C 790 16.41 -1.82 -10.93
CA PHE C 790 15.79 -1.83 -9.61
C PHE C 790 15.63 -3.26 -9.10
N CYS C 791 14.86 -4.06 -9.83
CA CYS C 791 14.52 -5.38 -9.33
C CYS C 791 15.72 -6.32 -9.23
N THR C 792 16.71 -6.15 -10.09
CA THR C 792 17.95 -6.91 -9.93
C THR C 792 18.62 -6.61 -8.60
N GLN C 793 18.50 -5.36 -8.12
CA GLN C 793 19.02 -5.01 -6.81
C GLN C 793 18.15 -5.58 -5.70
N LEU C 794 16.83 -5.51 -5.87
CA LEU C 794 15.94 -5.99 -4.82
C LEU C 794 16.11 -7.48 -4.59
N ASN C 795 16.20 -8.25 -5.68
CA ASN C 795 16.41 -9.69 -5.55
C ASN C 795 17.78 -10.03 -5.02
N ARG C 796 18.77 -9.16 -5.20
CA ARG C 796 20.09 -9.37 -4.62
C ARG C 796 20.14 -9.00 -3.15
N ALA C 797 19.25 -8.12 -2.69
CA ALA C 797 19.17 -7.81 -1.26
C ALA C 797 18.36 -8.82 -0.47
N LEU C 798 17.26 -9.33 -1.03
CA LEU C 798 16.48 -10.32 -0.30
C LEU C 798 17.23 -11.61 -0.09
N THR C 799 18.00 -12.07 -1.08
CA THR C 799 18.82 -13.26 -0.87
C THR C 799 19.89 -13.02 0.18
N GLY C 800 20.42 -11.79 0.26
CA GLY C 800 21.36 -11.47 1.32
C GLY C 800 20.72 -11.55 2.69
N ILE C 801 19.47 -11.11 2.80
CA ILE C 801 18.75 -11.31 4.06
C ILE C 801 18.58 -12.80 4.34
N ALA C 802 18.20 -13.57 3.33
CA ALA C 802 17.85 -14.97 3.54
C ALA C 802 19.06 -15.79 3.97
N VAL C 803 20.23 -15.49 3.42
CA VAL C 803 21.40 -16.34 3.69
C VAL C 803 21.82 -16.28 5.14
N GLU C 804 21.49 -15.19 5.85
CA GLU C 804 21.91 -15.06 7.24
C GLU C 804 21.10 -15.94 8.18
N GLN C 805 19.88 -16.30 7.79
CA GLN C 805 19.05 -17.14 8.66
C GLN C 805 19.61 -18.55 8.78
N ASP C 806 20.33 -19.03 7.77
CA ASP C 806 20.98 -20.32 7.85
C ASP C 806 22.32 -20.26 8.57
N LYS C 807 22.84 -19.06 8.85
CA LYS C 807 24.06 -18.92 9.60
C LYS C 807 23.81 -18.64 11.08
N ASN C 808 22.70 -18.00 11.41
CA ASN C 808 22.40 -17.72 12.82
C ASN C 808 22.24 -19.02 13.61
N THR C 809 21.44 -19.95 13.10
CA THR C 809 21.24 -21.21 13.82
C THR C 809 22.53 -22.00 13.93
N GLN C 810 23.36 -21.96 12.89
CA GLN C 810 24.65 -22.64 12.95
C GLN C 810 25.56 -22.01 13.99
N GLU C 811 25.53 -20.68 14.13
CA GLU C 811 26.34 -20.03 15.14
C GLU C 811 25.84 -20.30 16.55
N VAL C 812 24.54 -20.49 16.73
CA VAL C 812 23.99 -20.68 18.06
C VAL C 812 24.09 -22.13 18.51
N PHE C 813 23.68 -23.07 17.66
CA PHE C 813 23.58 -24.46 18.08
C PHE C 813 24.87 -25.25 17.85
N ALA C 814 25.47 -25.13 16.68
CA ALA C 814 26.60 -25.96 16.30
C ALA C 814 27.85 -25.48 17.05
N GLN C 815 27.94 -25.90 18.31
CA GLN C 815 29.10 -25.57 19.14
C GLN C 815 29.73 -26.81 19.75
N VAL C 816 29.51 -27.97 19.16
CA VAL C 816 30.15 -29.21 19.61
C VAL C 816 30.75 -29.90 18.39
N LYS C 817 32.00 -30.35 18.53
CA LYS C 817 32.70 -31.03 17.47
C LYS C 817 32.47 -32.53 17.48
N GLN C 818 31.74 -33.05 18.45
CA GLN C 818 31.43 -34.47 18.55
C GLN C 818 29.92 -34.65 18.69
N ILE C 819 29.51 -35.90 18.87
CA ILE C 819 28.12 -36.23 19.19
C ILE C 819 28.16 -37.21 20.35
N TYR C 820 27.75 -36.75 21.53
CA TYR C 820 27.83 -37.56 22.74
C TYR C 820 26.54 -38.34 22.93
N LYS C 821 26.66 -39.50 23.56
CA LYS C 821 25.53 -40.39 23.80
C LYS C 821 25.45 -40.69 25.29
N THR C 822 24.25 -40.57 25.84
CA THR C 822 24.05 -40.84 27.26
C THR C 822 24.21 -42.34 27.53
N PRO C 823 24.79 -42.72 28.66
CA PRO C 823 24.95 -44.14 28.96
C PRO C 823 23.65 -44.74 29.44
N PRO C 824 23.48 -46.06 29.32
CA PRO C 824 22.27 -46.70 29.86
C PRO C 824 22.16 -46.61 31.37
N ILE C 825 23.27 -46.35 32.07
CA ILE C 825 23.24 -46.25 33.52
C ILE C 825 22.55 -44.96 33.93
N LYS C 826 21.60 -45.06 34.85
CA LYS C 826 20.78 -43.92 35.26
C LYS C 826 20.80 -43.74 36.77
N ASP C 827 21.99 -43.78 37.36
CA ASP C 827 22.16 -43.54 38.79
C ASP C 827 22.90 -42.21 38.96
N PHE C 828 22.13 -41.11 38.97
CA PHE C 828 22.69 -39.77 39.08
C PHE C 828 22.55 -39.22 40.50
N GLY C 829 22.73 -40.06 41.51
CA GLY C 829 22.71 -39.62 42.88
C GLY C 829 21.34 -39.28 43.42
N GLY C 830 20.29 -39.41 42.61
CA GLY C 830 18.96 -39.06 43.06
C GLY C 830 18.25 -38.16 42.07
N PHE C 831 19.02 -37.45 41.24
CA PHE C 831 18.43 -36.57 40.26
C PHE C 831 17.74 -37.36 39.15
N ASN C 832 16.89 -36.68 38.41
CA ASN C 832 15.99 -37.33 37.45
C ASN C 832 15.81 -36.42 36.24
N PHE C 833 16.50 -36.73 35.15
CA PHE C 833 16.42 -35.96 33.92
C PHE C 833 15.53 -36.62 32.88
N SER C 834 14.51 -37.36 33.30
CA SER C 834 13.70 -38.10 32.34
C SER C 834 12.83 -37.18 31.49
N GLN C 835 12.51 -35.99 31.99
CA GLN C 835 11.63 -35.09 31.26
C GLN C 835 12.32 -34.38 30.10
N ILE C 836 13.64 -34.29 30.11
CA ILE C 836 14.35 -33.56 29.06
C ILE C 836 15.29 -34.43 28.25
N LEU C 837 15.66 -35.61 28.73
CA LEU C 837 16.47 -36.51 27.92
C LEU C 837 15.64 -37.02 26.74
N PRO C 838 16.28 -37.30 25.60
CA PRO C 838 15.53 -37.79 24.44
C PRO C 838 14.86 -39.12 24.73
N ASP C 839 13.66 -39.29 24.20
CA ASP C 839 12.87 -40.50 24.40
C ASP C 839 12.86 -41.33 23.13
N PRO C 840 13.48 -42.51 23.12
CA PRO C 840 13.50 -43.36 21.92
C PRO C 840 12.23 -44.18 21.75
N SER C 841 11.11 -43.49 21.57
CA SER C 841 9.83 -44.16 21.37
C SER C 841 9.03 -43.59 20.21
N LYS C 842 9.47 -42.49 19.61
CA LYS C 842 8.79 -41.90 18.46
C LYS C 842 9.80 -41.64 17.36
N PRO C 843 9.38 -41.71 16.09
CA PRO C 843 10.34 -41.49 15.00
C PRO C 843 11.05 -40.15 15.06
N SER C 844 10.34 -39.09 15.44
CA SER C 844 10.95 -37.78 15.64
C SER C 844 11.41 -37.72 17.09
N LYS C 845 12.61 -38.26 17.35
CA LYS C 845 13.09 -38.41 18.70
C LYS C 845 13.29 -37.06 19.38
N ARG C 846 12.38 -36.71 20.29
CA ARG C 846 12.44 -35.47 21.02
C ARG C 846 12.02 -35.72 22.46
N SER C 847 12.39 -34.81 23.35
CA SER C 847 11.99 -34.94 24.73
C SER C 847 10.54 -34.47 24.92
N PHE C 848 10.00 -34.75 26.10
CA PHE C 848 8.61 -34.42 26.39
C PHE C 848 8.36 -32.92 26.31
N ILE C 849 9.24 -32.13 26.93
CA ILE C 849 9.04 -30.69 26.96
C ILE C 849 9.14 -30.09 25.57
N GLU C 850 10.00 -30.63 24.71
CA GLU C 850 10.05 -30.17 23.33
C GLU C 850 8.73 -30.45 22.61
N ASP C 851 8.11 -31.60 22.89
CA ASP C 851 6.80 -31.88 22.31
C ASP C 851 5.76 -30.87 22.77
N LEU C 852 5.76 -30.55 24.06
CA LEU C 852 4.83 -29.52 24.54
C LEU C 852 5.10 -28.18 23.87
N LEU C 853 6.36 -27.82 23.69
CA LEU C 853 6.68 -26.56 23.02
C LEU C 853 6.18 -26.55 21.59
N PHE C 854 6.36 -27.65 20.86
CA PHE C 854 5.90 -27.70 19.48
C PHE C 854 4.38 -27.63 19.40
N ASN C 855 3.69 -28.29 20.33
CA ASN C 855 2.22 -28.30 20.28
C ASN C 855 1.63 -26.95 20.65
N LYS C 856 2.34 -26.16 21.46
CA LYS C 856 1.81 -24.88 21.92
C LYS C 856 2.03 -23.75 20.93
N VAL C 857 2.68 -24.00 19.80
CA VAL C 857 2.86 -22.99 18.76
C VAL C 857 2.18 -23.49 17.49
N THR C 858 1.21 -22.73 17.01
CA THR C 858 0.43 -23.10 15.83
C THR C 858 0.80 -22.18 14.68
N LEU C 859 1.21 -22.77 13.56
CA LEU C 859 1.59 -22.00 12.38
C LEU C 859 0.36 -21.45 11.67
N ASP C 879 -4.85 -21.90 0.22
CA ASP C 879 -3.51 -21.99 0.79
C ASP C 879 -2.74 -20.68 0.61
N LEU C 880 -2.00 -20.30 1.65
CA LEU C 880 -1.18 -19.10 1.58
C LEU C 880 -0.07 -19.26 0.53
N ILE C 881 0.56 -20.44 0.50
CA ILE C 881 1.63 -20.68 -0.48
C ILE C 881 1.09 -20.60 -1.89
N CYS C 882 -0.11 -21.11 -2.13
CA CYS C 882 -0.73 -20.98 -3.43
C CYS C 882 -1.04 -19.52 -3.76
N ALA C 883 -1.46 -18.75 -2.76
CA ALA C 883 -1.69 -17.33 -2.98
C ALA C 883 -0.42 -16.63 -3.43
N GLN C 884 0.71 -16.97 -2.81
CA GLN C 884 2.00 -16.44 -3.28
C GLN C 884 2.33 -16.94 -4.68
N LYS C 885 2.03 -18.21 -4.97
CA LYS C 885 2.34 -18.75 -6.29
C LYS C 885 1.58 -18.02 -7.39
N PHE C 886 0.45 -17.39 -7.03
CA PHE C 886 -0.24 -16.52 -7.99
C PHE C 886 0.65 -15.36 -8.42
N ASN C 887 1.57 -14.95 -7.56
CA ASN C 887 2.33 -13.72 -7.76
C ASN C 887 3.83 -13.92 -7.75
N GLY C 888 4.30 -15.16 -7.77
CA GLY C 888 5.72 -15.42 -7.85
C GLY C 888 6.46 -15.39 -6.53
N LEU C 889 5.79 -15.04 -5.43
CA LEU C 889 6.42 -15.08 -4.12
C LEU C 889 6.64 -16.53 -3.71
N THR C 890 7.75 -16.79 -3.04
CA THR C 890 8.11 -18.16 -2.69
C THR C 890 8.77 -18.18 -1.32
N VAL C 891 8.74 -19.36 -0.70
CA VAL C 891 9.31 -19.60 0.62
C VAL C 891 10.38 -20.68 0.49
N LEU C 892 11.55 -20.42 1.06
CA LEU C 892 12.62 -21.40 0.97
C LEU C 892 12.81 -22.13 2.29
N PRO C 893 13.04 -23.44 2.25
CA PRO C 893 13.16 -24.22 3.50
C PRO C 893 14.50 -23.96 4.16
N PRO C 894 14.59 -24.09 5.48
CA PRO C 894 15.86 -23.90 6.17
C PRO C 894 16.81 -25.05 5.88
N LEU C 895 18.11 -24.77 6.02
CA LEU C 895 19.11 -25.79 5.73
C LEU C 895 19.09 -26.92 6.76
N LEU C 896 18.99 -26.57 8.04
CA LEU C 896 19.01 -27.58 9.11
C LEU C 896 17.58 -27.99 9.44
N THR C 897 17.28 -29.27 9.24
CA THR C 897 15.98 -29.80 9.61
C THR C 897 15.88 -29.93 11.13
N ASP C 898 14.63 -30.02 11.61
CA ASP C 898 14.40 -30.01 13.05
C ASP C 898 14.99 -31.23 13.73
N GLU C 899 15.12 -32.34 13.01
CA GLU C 899 15.77 -33.52 13.59
C GLU C 899 17.21 -33.21 13.95
N MET C 900 17.93 -32.49 13.09
CA MET C 900 19.31 -32.13 13.38
C MET C 900 19.40 -31.25 14.61
N ILE C 901 18.48 -30.30 14.75
CA ILE C 901 18.48 -29.43 15.93
C ILE C 901 18.22 -30.24 17.18
N ALA C 902 17.29 -31.19 17.11
CA ALA C 902 17.03 -32.04 18.26
C ALA C 902 18.28 -32.84 18.64
N GLN C 903 18.99 -33.36 17.64
CA GLN C 903 20.22 -34.10 17.92
C GLN C 903 21.27 -33.20 18.58
N TYR C 904 21.42 -31.97 18.07
CA TYR C 904 22.38 -31.05 18.67
C TYR C 904 22.04 -30.75 20.12
N THR C 905 20.77 -30.50 20.41
CA THR C 905 20.38 -30.20 21.78
C THR C 905 20.60 -31.41 22.67
N SER C 906 20.30 -32.61 22.18
CA SER C 906 20.55 -33.80 22.97
C SER C 906 22.05 -33.96 23.27
N ALA C 907 22.90 -33.68 22.28
CA ALA C 907 24.33 -33.78 22.51
C ALA C 907 24.80 -32.79 23.56
N LEU C 908 24.35 -31.54 23.45
CA LEU C 908 24.74 -30.53 24.44
C LEU C 908 24.27 -30.91 25.83
N LEU C 909 23.04 -31.40 25.95
CA LEU C 909 22.53 -31.77 27.26
C LEU C 909 23.29 -32.95 27.83
N ALA C 910 23.61 -33.94 26.99
CA ALA C 910 24.35 -35.10 27.48
C ALA C 910 25.79 -34.75 27.83
N GLY C 911 26.33 -33.68 27.28
CA GLY C 911 27.68 -33.29 27.64
C GLY C 911 27.81 -32.88 29.10
N THR C 912 26.89 -32.03 29.57
CA THR C 912 27.00 -31.51 30.93
C THR C 912 26.65 -32.55 31.98
N ILE C 913 25.86 -33.55 31.61
CA ILE C 913 25.48 -34.58 32.58
C ILE C 913 26.70 -35.42 32.98
N THR C 914 27.49 -35.84 31.99
CA THR C 914 28.55 -36.81 32.23
C THR C 914 29.95 -36.26 32.07
N SER C 915 30.11 -34.95 31.82
CA SER C 915 31.45 -34.40 31.71
C SER C 915 31.61 -33.05 32.41
N GLY C 916 30.62 -32.62 33.17
CA GLY C 916 30.72 -31.31 33.81
C GLY C 916 30.79 -30.22 32.78
N TRP C 917 31.82 -29.39 32.87
CA TRP C 917 32.06 -28.33 31.89
C TRP C 917 33.39 -28.49 31.18
N THR C 918 34.07 -29.62 31.35
CA THR C 918 35.36 -29.79 30.69
C THR C 918 35.22 -30.06 29.21
N PHE C 919 34.11 -30.66 28.77
CA PHE C 919 33.97 -31.03 27.37
C PHE C 919 33.93 -29.83 26.46
N GLY C 920 33.58 -28.66 26.97
CA GLY C 920 33.55 -27.47 26.13
C GLY C 920 34.87 -26.79 25.92
N ALA C 921 35.95 -27.29 26.52
CA ALA C 921 37.27 -26.69 26.42
C ALA C 921 38.33 -27.75 26.21
N GLY C 922 38.11 -28.66 25.26
CA GLY C 922 39.07 -29.70 24.98
C GLY C 922 38.44 -31.07 24.81
N ALA C 923 38.96 -32.06 25.52
CA ALA C 923 38.41 -33.41 25.49
C ALA C 923 37.37 -33.58 26.59
N ALA C 924 36.62 -34.67 26.50
CA ALA C 924 35.56 -34.95 27.47
C ALA C 924 36.11 -35.87 28.56
N LEU C 925 35.90 -35.48 29.82
CA LEU C 925 36.35 -36.24 30.97
C LEU C 925 35.16 -36.54 31.87
N GLN C 926 34.94 -37.81 32.15
CA GLN C 926 33.79 -38.21 32.96
C GLN C 926 34.06 -37.96 34.43
N ILE C 927 32.97 -37.79 35.18
CA ILE C 927 33.04 -37.49 36.61
C ILE C 927 31.66 -37.71 37.23
N PRO C 928 31.56 -38.35 38.39
CA PRO C 928 30.24 -38.58 38.98
C PRO C 928 29.50 -37.28 39.24
N PHE C 929 28.18 -37.33 39.12
CA PHE C 929 27.38 -36.11 39.16
C PHE C 929 27.48 -35.43 40.52
N ALA C 930 27.54 -36.20 41.60
CA ALA C 930 27.58 -35.62 42.93
C ALA C 930 28.80 -34.73 43.11
N MET C 931 29.97 -35.20 42.68
CA MET C 931 31.17 -34.40 42.81
C MET C 931 31.12 -33.17 41.93
N GLN C 932 30.49 -33.25 40.76
CA GLN C 932 30.33 -32.06 39.94
C GLN C 932 29.48 -31.02 40.63
N MET C 933 28.37 -31.45 41.24
CA MET C 933 27.54 -30.48 41.95
C MET C 933 28.29 -29.89 43.15
N ALA C 934 29.09 -30.72 43.82
CA ALA C 934 29.90 -30.20 44.93
C ALA C 934 30.88 -29.15 44.44
N TYR C 935 31.54 -29.40 43.30
CA TYR C 935 32.41 -28.39 42.71
C TYR C 935 31.65 -27.11 42.42
N ARG C 936 30.44 -27.24 41.88
CA ARG C 936 29.67 -26.06 41.52
C ARG C 936 29.30 -25.24 42.75
N PHE C 937 28.89 -25.89 43.85
CA PHE C 937 28.71 -25.14 45.08
C PHE C 937 30.01 -24.49 45.55
N ASN C 938 31.14 -25.17 45.37
CA ASN C 938 32.40 -24.58 45.82
C ASN C 938 32.66 -23.23 45.16
N GLY C 939 32.10 -23.00 43.97
CA GLY C 939 32.33 -21.77 43.25
C GLY C 939 31.43 -20.61 43.61
N ILE C 940 30.44 -20.81 44.47
CA ILE C 940 29.54 -19.73 44.88
C ILE C 940 29.69 -19.37 46.35
N GLY C 941 30.76 -19.82 46.99
CA GLY C 941 31.02 -19.42 48.36
C GLY C 941 30.50 -20.33 49.43
N VAL C 942 30.10 -21.56 49.09
CA VAL C 942 29.67 -22.55 50.07
C VAL C 942 30.62 -23.74 49.97
N THR C 943 31.12 -24.18 51.13
CA THR C 943 32.05 -25.30 51.15
C THR C 943 31.33 -26.59 50.77
N GLN C 944 32.11 -27.61 50.43
CA GLN C 944 31.54 -28.83 49.87
C GLN C 944 30.70 -29.58 50.91
N ASN C 945 31.10 -29.53 52.18
CA ASN C 945 30.52 -30.43 53.17
C ASN C 945 29.02 -30.21 53.35
N VAL C 946 28.49 -29.09 52.89
CA VAL C 946 27.04 -28.89 52.93
C VAL C 946 26.34 -29.91 52.04
N LEU C 947 26.81 -30.03 50.78
CA LEU C 947 26.09 -30.82 49.78
C LEU C 947 25.88 -32.25 50.23
N TYR C 948 26.97 -32.92 50.65
CA TYR C 948 26.84 -34.33 50.99
C TYR C 948 25.99 -34.56 52.23
N GLU C 949 25.68 -33.51 52.99
CA GLU C 949 24.81 -33.64 54.13
C GLU C 949 23.36 -33.31 53.79
N ASN C 950 23.07 -33.01 52.53
CA ASN C 950 21.71 -32.68 52.11
C ASN C 950 21.36 -33.30 50.76
N GLN C 951 21.90 -34.48 50.44
CA GLN C 951 21.75 -35.04 49.10
C GLN C 951 20.30 -35.26 48.74
N LYS C 952 19.56 -35.97 49.60
CA LYS C 952 18.16 -36.26 49.32
C LYS C 952 17.33 -34.99 49.29
N LEU C 953 17.60 -34.05 50.20
CA LEU C 953 16.83 -32.82 50.25
C LEU C 953 16.99 -31.99 48.99
N ILE C 954 18.20 -31.94 48.44
CA ILE C 954 18.41 -31.22 47.18
C ILE C 954 17.77 -31.98 46.03
N ALA C 955 17.88 -33.31 46.04
CA ALA C 955 17.34 -34.09 44.93
C ALA C 955 15.83 -33.93 44.83
N ASN C 956 15.13 -34.01 45.95
CA ASN C 956 13.68 -33.86 45.93
C ASN C 956 13.26 -32.48 45.45
N GLN C 957 13.94 -31.44 45.92
CA GLN C 957 13.61 -30.09 45.48
C GLN C 957 13.84 -29.92 43.98
N PHE C 958 14.95 -30.43 43.46
CA PHE C 958 15.20 -30.33 42.03
C PHE C 958 14.13 -31.07 41.23
N ASN C 959 13.75 -32.27 41.68
CA ASN C 959 12.74 -33.04 40.96
C ASN C 959 11.40 -32.32 40.95
N SER C 960 10.99 -31.78 42.09
CA SER C 960 9.73 -31.04 42.14
C SER C 960 9.77 -29.81 41.26
N ALA C 961 10.91 -29.09 41.27
CA ALA C 961 11.03 -27.91 40.43
C ALA C 961 10.91 -28.27 38.95
N ILE C 962 11.55 -29.37 38.52
CA ILE C 962 11.41 -29.80 37.14
C ILE C 962 9.96 -30.16 36.84
N GLY C 963 9.31 -30.87 37.77
CA GLY C 963 7.92 -31.24 37.55
C GLY C 963 6.99 -30.07 37.39
N LYS C 964 7.27 -28.95 38.08
CA LYS C 964 6.39 -27.78 37.97
C LYS C 964 6.38 -27.18 36.57
N ILE C 965 7.49 -27.27 35.83
CA ILE C 965 7.62 -26.54 34.57
C ILE C 965 6.62 -27.07 33.54
N GLN C 966 6.51 -28.39 33.40
CA GLN C 966 5.61 -28.94 32.40
C GLN C 966 4.16 -28.58 32.70
N ASP C 967 3.79 -28.60 33.98
CA ASP C 967 2.45 -28.17 34.35
C ASP C 967 2.24 -26.70 34.02
N SER C 968 3.25 -25.87 34.25
CA SER C 968 3.14 -24.46 33.90
C SER C 968 2.95 -24.27 32.40
N LEU C 969 3.68 -25.05 31.60
CA LEU C 969 3.56 -24.94 30.14
C LEU C 969 2.32 -25.64 29.60
N SER C 970 1.70 -26.51 30.38
CA SER C 970 0.50 -27.22 29.96
C SER C 970 -0.79 -26.51 30.36
N SER C 971 -0.69 -25.34 30.98
CA SER C 971 -1.84 -24.57 31.43
C SER C 971 -1.93 -23.24 30.70
N THR C 972 -1.68 -23.26 29.38
CA THR C 972 -1.80 -22.09 28.51
C THR C 972 -0.91 -20.95 29.01
N ALA C 973 0.39 -21.20 28.94
CA ALA C 973 1.38 -20.20 29.31
C ALA C 973 1.32 -19.03 28.33
N SER C 974 1.42 -17.81 28.87
CA SER C 974 1.37 -16.59 28.09
C SER C 974 2.75 -16.04 27.77
N ALA C 975 3.81 -16.75 28.14
CA ALA C 975 5.17 -16.29 27.87
C ALA C 975 5.63 -16.63 26.46
N LEU C 976 5.09 -17.70 25.87
CA LEU C 976 5.49 -18.11 24.53
C LEU C 976 5.08 -17.11 23.46
N GLY C 977 4.21 -16.15 23.79
CA GLY C 977 3.76 -15.20 22.79
C GLY C 977 4.89 -14.43 22.14
N LYS C 978 5.97 -14.16 22.89
CA LYS C 978 7.12 -13.49 22.31
C LYS C 978 7.68 -14.27 21.14
N LEU C 979 7.75 -15.60 21.27
CA LEU C 979 8.15 -16.43 20.14
C LEU C 979 7.08 -16.44 19.04
N GLN C 980 5.81 -16.36 19.42
CA GLN C 980 4.73 -16.30 18.44
C GLN C 980 4.68 -14.99 17.70
N ASP C 981 4.83 -13.87 18.42
CA ASP C 981 4.55 -12.55 17.85
C ASP C 981 5.27 -12.36 16.53
N VAL C 982 6.57 -12.65 16.48
CA VAL C 982 7.36 -12.40 15.28
C VAL C 982 6.71 -13.07 14.07
N VAL C 983 6.34 -14.35 14.20
CA VAL C 983 5.73 -15.05 13.08
C VAL C 983 4.51 -14.28 12.59
N ASN C 984 3.62 -13.93 13.53
CA ASN C 984 2.43 -13.18 13.16
C ASN C 984 2.81 -11.96 12.33
N GLN C 985 3.77 -11.18 12.82
CA GLN C 985 4.14 -9.95 12.12
C GLN C 985 4.46 -10.26 10.66
N ASN C 986 5.31 -11.25 10.42
CA ASN C 986 5.68 -11.57 9.05
C ASN C 986 4.44 -11.81 8.22
N ALA C 987 3.58 -12.72 8.68
CA ALA C 987 2.37 -13.02 7.92
C ALA C 987 1.61 -11.74 7.62
N GLN C 988 1.40 -10.91 8.64
CA GLN C 988 0.65 -9.67 8.43
C GLN C 988 1.25 -8.89 7.28
N ALA C 989 2.56 -8.62 7.34
CA ALA C 989 3.17 -7.82 6.29
C ALA C 989 2.97 -8.47 4.94
N LEU C 990 3.21 -9.78 4.86
CA LEU C 990 3.07 -10.46 3.58
C LEU C 990 1.66 -10.28 3.05
N ASN C 991 0.65 -10.46 3.90
CA ASN C 991 -0.72 -10.27 3.44
C ASN C 991 -0.91 -8.88 2.86
N THR C 992 -0.43 -7.86 3.56
CA THR C 992 -0.58 -6.50 3.07
C THR C 992 -0.07 -6.41 1.63
N LEU C 993 1.10 -7.00 1.37
CA LEU C 993 1.68 -6.93 0.04
C LEU C 993 0.69 -7.40 -1.01
N VAL C 994 0.09 -8.57 -0.81
CA VAL C 994 -0.85 -9.09 -1.80
C VAL C 994 -2.04 -8.16 -1.93
N LYS C 995 -2.56 -7.67 -0.80
CA LYS C 995 -3.71 -6.78 -0.87
C LYS C 995 -3.38 -5.50 -1.63
N GLN C 996 -2.11 -5.11 -1.64
CA GLN C 996 -1.73 -3.90 -2.37
C GLN C 996 -2.06 -4.02 -3.84
N LEU C 997 -2.15 -5.25 -4.36
CA LEU C 997 -2.44 -5.44 -5.77
C LEU C 997 -3.86 -5.08 -6.14
N SER C 998 -4.75 -4.87 -5.16
CA SER C 998 -6.16 -4.59 -5.45
C SER C 998 -6.49 -3.11 -5.39
N SER C 999 -5.55 -2.23 -5.73
CA SER C 999 -5.77 -0.80 -5.73
C SER C 999 -5.47 -0.22 -7.11
N ASN C 1000 -6.32 0.70 -7.56
CA ASN C 1000 -6.20 1.25 -8.90
C ASN C 1000 -5.09 2.27 -9.05
N PHE C 1001 -4.59 2.82 -7.94
CA PHE C 1001 -3.51 3.81 -7.96
C PHE C 1001 -3.85 5.01 -8.83
N GLY C 1002 -5.13 5.34 -8.95
CA GLY C 1002 -5.55 6.45 -9.76
C GLY C 1002 -5.75 6.14 -11.23
N ALA C 1003 -5.64 4.87 -11.63
CA ALA C 1003 -5.90 4.49 -13.01
C ALA C 1003 -7.37 4.14 -13.19
N ILE C 1004 -7.73 3.67 -14.38
CA ILE C 1004 -9.11 3.28 -14.63
C ILE C 1004 -9.46 2.02 -13.87
N SER C 1005 -8.59 1.02 -13.90
CA SER C 1005 -8.86 -0.23 -13.20
C SER C 1005 -7.53 -0.90 -12.84
N SER C 1006 -7.60 -1.81 -11.88
CA SER C 1006 -6.42 -2.53 -11.40
C SER C 1006 -6.15 -3.79 -12.18
N VAL C 1007 -6.96 -4.11 -13.18
CA VAL C 1007 -6.74 -5.29 -14.01
C VAL C 1007 -5.83 -4.90 -15.17
N LEU C 1008 -4.72 -5.62 -15.32
CA LEU C 1008 -3.75 -5.27 -16.36
C LEU C 1008 -4.30 -5.54 -17.75
N ASN C 1009 -4.93 -6.69 -17.96
CA ASN C 1009 -5.43 -7.03 -19.28
C ASN C 1009 -6.63 -6.18 -19.68
N ASP C 1010 -7.41 -5.74 -18.71
CA ASP C 1010 -8.58 -4.91 -19.02
C ASP C 1010 -8.18 -3.60 -19.67
N ILE C 1011 -7.10 -2.97 -19.17
CA ILE C 1011 -6.65 -1.71 -19.75
C ILE C 1011 -6.22 -1.91 -21.19
N LEU C 1012 -5.48 -2.98 -21.46
CA LEU C 1012 -5.08 -3.28 -22.84
C LEU C 1012 -6.26 -3.67 -23.71
N SER C 1013 -7.34 -4.15 -23.12
CA SER C 1013 -8.49 -4.63 -23.89
C SER C 1013 -9.54 -3.56 -24.13
N ARG C 1014 -9.33 -2.33 -23.66
CA ARG C 1014 -10.33 -1.28 -23.85
C ARG C 1014 -9.76 0.06 -24.24
N LEU C 1015 -8.47 0.16 -24.55
CA LEU C 1015 -7.87 1.43 -24.92
C LEU C 1015 -6.75 1.19 -25.93
N ASP C 1016 -6.41 2.24 -26.66
CA ASP C 1016 -5.29 2.19 -27.58
C ASP C 1016 -3.97 2.16 -26.79
N PRO C 1017 -2.97 1.48 -27.31
CA PRO C 1017 -1.68 1.37 -26.59
C PRO C 1017 -1.08 2.73 -26.28
N PRO C 1018 -1.05 3.69 -27.21
CA PRO C 1018 -0.46 5.00 -26.88
C PRO C 1018 -1.18 5.72 -25.76
N GLU C 1019 -2.46 5.43 -25.53
CA GLU C 1019 -3.18 5.99 -24.40
C GLU C 1019 -3.13 5.09 -23.17
N ALA C 1020 -2.98 3.78 -23.36
CA ALA C 1020 -2.89 2.87 -22.22
C ALA C 1020 -1.54 2.90 -21.55
N GLU C 1021 -0.51 3.39 -22.25
CA GLU C 1021 0.84 3.37 -21.68
C GLU C 1021 0.92 4.20 -20.40
N VAL C 1022 0.19 5.31 -20.32
CA VAL C 1022 0.27 6.16 -19.14
C VAL C 1022 -0.35 5.47 -17.93
N GLN C 1023 -1.49 4.80 -18.13
CA GLN C 1023 -2.07 4.03 -17.04
C GLN C 1023 -1.15 2.90 -16.60
N ILE C 1024 -0.52 2.23 -17.58
CA ILE C 1024 0.44 1.19 -17.23
C ILE C 1024 1.57 1.78 -16.40
N ASP C 1025 2.05 2.96 -16.77
CA ASP C 1025 3.15 3.58 -16.04
C ASP C 1025 2.74 3.92 -14.61
N ARG C 1026 1.52 4.45 -14.43
CA ARG C 1026 1.06 4.74 -13.07
C ARG C 1026 1.00 3.48 -12.23
N LEU C 1027 0.45 2.40 -12.79
CA LEU C 1027 0.36 1.15 -12.04
C LEU C 1027 1.75 0.63 -11.69
N ILE C 1028 2.69 0.70 -12.63
CA ILE C 1028 4.05 0.23 -12.39
C ILE C 1028 4.68 1.01 -11.25
N THR C 1029 4.54 2.33 -11.28
CA THR C 1029 5.14 3.16 -10.23
C THR C 1029 4.58 2.78 -8.87
N GLY C 1030 3.26 2.65 -8.77
CA GLY C 1030 2.67 2.31 -7.49
C GLY C 1030 3.15 0.98 -6.95
N ARG C 1031 3.13 -0.05 -7.79
CA ARG C 1031 3.52 -1.38 -7.34
C ARG C 1031 5.00 -1.40 -6.93
N LEU C 1032 5.84 -0.70 -7.70
CA LEU C 1032 7.26 -0.65 -7.36
C LEU C 1032 7.48 0.01 -6.01
N GLN C 1033 6.77 1.10 -5.74
CA GLN C 1033 6.92 1.76 -4.45
C GLN C 1033 6.50 0.83 -3.31
N SER C 1034 5.40 0.11 -3.50
CA SER C 1034 4.97 -0.83 -2.46
C SER C 1034 6.03 -1.90 -2.20
N LEU C 1035 6.62 -2.44 -3.27
CA LEU C 1035 7.65 -3.46 -3.10
C LEU C 1035 8.85 -2.90 -2.35
N GLN C 1036 9.25 -1.67 -2.66
CA GLN C 1036 10.38 -1.06 -1.96
C GLN C 1036 10.09 -0.95 -0.47
N THR C 1037 8.88 -0.50 -0.12
CA THR C 1037 8.55 -0.37 1.29
C THR C 1037 8.59 -1.72 2.00
N TYR C 1038 8.06 -2.76 1.37
CA TYR C 1038 8.08 -4.07 2.01
C TYR C 1038 9.51 -4.55 2.24
N VAL C 1039 10.37 -4.40 1.24
CA VAL C 1039 11.74 -4.89 1.39
C VAL C 1039 12.47 -4.12 2.48
N THR C 1040 12.24 -2.81 2.56
CA THR C 1040 12.87 -2.03 3.62
C THR C 1040 12.41 -2.50 5.00
N GLN C 1041 11.12 -2.82 5.14
CA GLN C 1041 10.64 -3.35 6.41
C GLN C 1041 11.36 -4.66 6.77
N GLN C 1042 11.50 -5.55 5.79
CA GLN C 1042 12.21 -6.80 6.05
C GLN C 1042 13.64 -6.55 6.50
N LEU C 1043 14.33 -5.62 5.83
CA LEU C 1043 15.70 -5.31 6.19
C LEU C 1043 15.77 -4.77 7.62
N ILE C 1044 14.80 -3.94 8.02
CA ILE C 1044 14.81 -3.39 9.37
C ILE C 1044 14.65 -4.52 10.39
N ARG C 1045 13.72 -5.44 10.15
CA ARG C 1045 13.46 -6.48 11.15
C ARG C 1045 14.61 -7.49 11.26
N ALA C 1046 15.32 -7.72 10.15
CA ALA C 1046 16.39 -8.70 10.17
C ALA C 1046 17.45 -8.34 11.21
N ALA C 1047 17.74 -7.05 11.36
CA ALA C 1047 18.78 -6.64 12.31
C ALA C 1047 18.40 -6.99 13.74
N GLU C 1048 17.15 -6.74 14.12
CA GLU C 1048 16.72 -7.10 15.47
C GLU C 1048 16.80 -8.59 15.69
N ILE C 1049 16.37 -9.38 14.71
CA ILE C 1049 16.45 -10.83 14.88
C ILE C 1049 17.89 -11.27 15.03
N ARG C 1050 18.80 -10.70 14.25
CA ARG C 1050 20.20 -11.09 14.33
C ARG C 1050 20.81 -10.71 15.67
N ALA C 1051 20.45 -9.54 16.21
CA ALA C 1051 20.94 -9.17 17.54
C ALA C 1051 20.46 -10.15 18.59
N SER C 1052 19.18 -10.53 18.52
CA SER C 1052 18.68 -11.52 19.47
C SER C 1052 19.43 -12.85 19.32
N ALA C 1053 19.72 -13.25 18.09
CA ALA C 1053 20.45 -14.50 17.88
C ALA C 1053 21.85 -14.44 18.49
N ASN C 1054 22.54 -13.33 18.33
CA ASN C 1054 23.87 -13.20 18.93
C ASN C 1054 23.79 -13.26 20.45
N LEU C 1055 22.79 -12.59 21.04
CA LEU C 1055 22.63 -12.67 22.49
C LEU C 1055 22.38 -14.11 22.93
N ALA C 1056 21.55 -14.84 22.19
CA ALA C 1056 21.28 -16.22 22.53
C ALA C 1056 22.54 -17.07 22.44
N ALA C 1057 23.36 -16.82 21.43
CA ALA C 1057 24.61 -17.57 21.30
C ALA C 1057 25.53 -17.30 22.49
N THR C 1058 25.61 -16.04 22.92
CA THR C 1058 26.44 -15.72 24.08
C THR C 1058 25.94 -16.44 25.32
N LYS C 1059 24.61 -16.42 25.53
CA LYS C 1059 24.05 -17.12 26.68
C LYS C 1059 24.34 -18.61 26.61
N MET C 1060 24.20 -19.20 25.42
CA MET C 1060 24.46 -20.62 25.26
C MET C 1060 25.92 -20.96 25.58
N SER C 1061 26.85 -20.14 25.11
CA SER C 1061 28.26 -20.44 25.34
C SER C 1061 28.65 -20.23 26.79
N GLU C 1062 28.04 -19.28 27.49
CA GLU C 1062 28.49 -19.00 28.85
C GLU C 1062 27.72 -19.80 29.90
N CYS C 1063 26.39 -19.75 29.89
CA CYS C 1063 25.62 -20.35 30.96
C CYS C 1063 25.62 -21.88 30.89
N VAL C 1064 25.73 -22.46 29.71
CA VAL C 1064 25.60 -23.92 29.57
C VAL C 1064 26.94 -24.61 29.69
N LEU C 1065 27.92 -24.22 28.87
CA LEU C 1065 29.22 -24.86 28.86
C LEU C 1065 30.08 -24.49 30.06
N GLY C 1066 29.50 -23.83 31.06
CA GLY C 1066 30.26 -23.47 32.24
C GLY C 1066 29.36 -22.79 33.25
N GLN C 1067 29.99 -22.22 34.26
CA GLN C 1067 29.29 -21.48 35.31
C GLN C 1067 29.73 -20.03 35.25
N SER C 1068 28.76 -19.11 35.24
CA SER C 1068 29.03 -17.70 35.07
C SER C 1068 28.80 -16.95 36.36
N LYS C 1069 29.81 -16.20 36.81
CA LYS C 1069 29.69 -15.40 38.02
C LYS C 1069 29.03 -14.05 37.79
N ARG C 1070 28.69 -13.73 36.54
CA ARG C 1070 27.94 -12.51 36.28
C ARG C 1070 26.57 -12.59 36.92
N VAL C 1071 26.12 -11.49 37.51
CA VAL C 1071 24.87 -11.48 38.26
C VAL C 1071 23.71 -11.22 37.30
N ASP C 1072 22.65 -12.02 37.43
CA ASP C 1072 21.42 -11.85 36.65
C ASP C 1072 21.67 -11.97 35.15
N PHE C 1073 22.64 -12.80 34.76
CA PHE C 1073 22.87 -13.10 33.35
C PHE C 1073 22.51 -14.53 32.99
N CYS C 1074 22.43 -15.43 33.97
CA CYS C 1074 21.98 -16.80 33.77
C CYS C 1074 20.94 -17.16 34.81
N GLY C 1075 19.96 -16.28 34.99
CA GLY C 1075 18.91 -16.50 35.96
C GLY C 1075 19.03 -15.54 37.14
N LYS C 1076 17.99 -15.57 37.98
CA LYS C 1076 17.90 -14.68 39.13
C LYS C 1076 18.42 -15.43 40.36
N GLY C 1077 19.64 -15.09 40.79
CA GLY C 1077 20.26 -15.69 41.94
C GLY C 1077 21.65 -16.17 41.59
N TYR C 1078 22.21 -17.03 42.45
CA TYR C 1078 23.51 -17.63 42.21
C TYR C 1078 23.34 -18.77 41.21
N HIS C 1079 24.08 -18.69 40.11
CA HIS C 1079 23.88 -19.64 39.01
C HIS C 1079 24.56 -20.97 39.29
N LEU C 1080 23.88 -22.06 38.94
CA LEU C 1080 24.43 -23.40 39.09
C LEU C 1080 24.66 -24.08 37.75
N MET C 1081 23.64 -24.19 36.91
CA MET C 1081 23.85 -24.65 35.54
C MET C 1081 22.61 -24.31 34.73
N SER C 1082 22.59 -24.79 33.48
CA SER C 1082 21.46 -24.54 32.61
C SER C 1082 21.37 -25.68 31.60
N PHE C 1083 20.18 -25.86 31.06
CA PHE C 1083 19.95 -26.85 30.02
C PHE C 1083 19.21 -26.22 28.86
N PRO C 1084 19.57 -26.58 27.62
CA PRO C 1084 18.90 -26.03 26.45
C PRO C 1084 17.78 -26.94 25.95
N GLN C 1085 16.85 -26.30 25.24
CA GLN C 1085 15.75 -26.98 24.57
C GLN C 1085 15.45 -26.26 23.27
N SER C 1086 15.11 -27.01 22.24
CA SER C 1086 14.80 -26.44 20.93
C SER C 1086 13.30 -26.23 20.80
N ALA C 1087 12.90 -25.11 20.22
CA ALA C 1087 11.51 -24.75 20.00
C ALA C 1087 11.39 -24.22 18.58
N PRO C 1088 10.17 -24.22 18.02
CA PRO C 1088 10.02 -23.77 16.63
C PRO C 1088 10.61 -22.37 16.41
N HIS C 1089 11.68 -22.32 15.62
CA HIS C 1089 12.38 -21.07 15.31
C HIS C 1089 12.84 -20.35 16.58
N GLY C 1090 13.31 -21.10 17.56
CA GLY C 1090 13.76 -20.47 18.79
C GLY C 1090 14.36 -21.46 19.75
N VAL C 1091 14.87 -20.92 20.86
CA VAL C 1091 15.53 -21.73 21.88
C VAL C 1091 14.96 -21.37 23.25
N VAL C 1092 14.99 -22.34 24.15
CA VAL C 1092 14.48 -22.20 25.51
C VAL C 1092 15.55 -22.66 26.48
N PHE C 1093 15.87 -21.81 27.45
CA PHE C 1093 16.87 -22.11 28.45
C PHE C 1093 16.20 -22.40 29.79
N LEU C 1094 16.72 -23.42 30.49
CA LEU C 1094 16.28 -23.76 31.83
C LEU C 1094 17.46 -23.52 32.77
N HIS C 1095 17.37 -22.48 33.59
CA HIS C 1095 18.42 -22.13 34.54
C HIS C 1095 18.10 -22.72 35.90
N VAL C 1096 19.09 -23.38 36.52
CA VAL C 1096 18.98 -23.88 37.88
C VAL C 1096 19.70 -22.90 38.79
N THR C 1097 19.05 -22.52 39.88
CA THR C 1097 19.55 -21.41 40.69
C THR C 1097 19.42 -21.75 42.18
N TYR C 1098 20.32 -21.19 42.98
CA TYR C 1098 20.41 -21.42 44.41
C TYR C 1098 20.05 -20.14 45.14
N VAL C 1099 19.16 -20.24 46.13
CA VAL C 1099 18.67 -19.05 46.81
C VAL C 1099 18.56 -19.27 48.32
N PRO C 1100 19.16 -18.41 49.15
CA PRO C 1100 18.99 -18.56 50.60
C PRO C 1100 17.55 -18.32 51.03
N ALA C 1101 17.16 -18.98 52.12
CA ALA C 1101 15.74 -19.04 52.49
C ALA C 1101 15.41 -18.30 53.77
N GLN C 1102 15.95 -18.72 54.91
CA GLN C 1102 15.49 -18.23 56.21
C GLN C 1102 16.65 -17.59 56.97
N GLU C 1103 16.53 -16.31 57.25
CA GLU C 1103 17.60 -15.56 57.89
C GLU C 1103 17.37 -15.45 59.38
N LYS C 1104 18.47 -15.34 60.11
CA LYS C 1104 18.45 -15.17 61.56
C LYS C 1104 19.38 -14.04 61.94
N ASN C 1105 19.03 -13.37 63.05
CA ASN C 1105 19.79 -12.24 63.57
C ASN C 1105 21.02 -12.71 64.32
N PHE C 1106 22.06 -11.89 64.28
CA PHE C 1106 23.27 -12.12 65.07
C PHE C 1106 23.96 -10.79 65.32
N THR C 1107 24.78 -10.75 66.35
CA THR C 1107 25.61 -9.58 66.61
C THR C 1107 27.04 -9.87 66.21
N THR C 1108 27.64 -8.92 65.49
CA THR C 1108 28.94 -9.12 64.87
C THR C 1108 29.98 -8.22 65.51
N ALA C 1109 31.21 -8.37 65.03
CA ALA C 1109 32.34 -7.56 65.47
C ALA C 1109 33.44 -7.71 64.44
N PRO C 1110 34.15 -6.63 64.10
CA PRO C 1110 35.18 -6.77 63.05
C PRO C 1110 36.31 -7.71 63.43
N ALA C 1111 36.93 -7.53 64.59
CA ALA C 1111 38.12 -8.29 64.94
C ALA C 1111 38.09 -8.66 66.42
N ILE C 1112 39.04 -9.52 66.80
CA ILE C 1112 39.21 -9.96 68.18
C ILE C 1112 40.66 -9.76 68.56
N CYS C 1113 40.91 -9.21 69.75
CA CYS C 1113 42.26 -9.16 70.28
C CYS C 1113 42.29 -9.83 71.64
N HIS C 1114 43.26 -10.74 71.81
CA HIS C 1114 43.33 -11.62 72.97
C HIS C 1114 44.57 -11.39 73.79
N ASP C 1115 45.76 -11.40 73.18
CA ASP C 1115 47.03 -11.25 73.89
C ASP C 1115 47.72 -9.96 73.48
N GLY C 1116 46.96 -8.88 73.34
CA GLY C 1116 47.50 -7.62 72.90
C GLY C 1116 47.63 -7.49 71.39
N LYS C 1117 47.26 -8.51 70.63
CA LYS C 1117 47.33 -8.47 69.18
C LYS C 1117 45.96 -8.77 68.60
N ALA C 1118 45.58 -8.01 67.58
CA ALA C 1118 44.28 -8.19 66.94
C ALA C 1118 44.29 -9.40 66.02
N HIS C 1119 43.25 -10.22 66.10
CA HIS C 1119 43.06 -11.36 65.24
C HIS C 1119 41.97 -11.05 64.21
N PHE C 1120 42.29 -11.21 62.94
CA PHE C 1120 41.27 -11.08 61.92
C PHE C 1120 40.91 -12.46 61.38
N PRO C 1121 39.65 -12.68 61.01
CA PRO C 1121 39.23 -14.01 60.56
C PRO C 1121 39.74 -14.29 59.15
N ARG C 1122 40.42 -15.43 58.99
CA ARG C 1122 40.94 -15.81 57.68
C ARG C 1122 39.83 -16.11 56.69
N GLU C 1123 38.63 -16.45 57.18
CA GLU C 1123 37.50 -16.74 56.32
C GLU C 1123 36.22 -16.43 57.07
N GLY C 1124 35.15 -16.23 56.31
CA GLY C 1124 33.85 -16.07 56.92
C GLY C 1124 33.72 -14.78 57.71
N VAL C 1125 33.08 -14.89 58.88
CA VAL C 1125 32.69 -13.73 59.66
C VAL C 1125 32.54 -14.15 61.12
N PHE C 1126 32.85 -13.24 62.03
CA PHE C 1126 32.62 -13.48 63.45
C PHE C 1126 31.16 -13.21 63.80
N VAL C 1127 30.56 -14.13 64.56
CA VAL C 1127 29.20 -13.97 65.06
C VAL C 1127 29.19 -14.43 66.51
N SER C 1128 28.09 -14.14 67.19
CA SER C 1128 27.92 -14.55 68.57
C SER C 1128 26.43 -14.56 68.90
N ASN C 1129 25.99 -15.63 69.54
CA ASN C 1129 24.60 -15.76 69.92
C ASN C 1129 24.28 -15.04 71.22
N GLY C 1130 25.27 -14.44 71.87
CA GLY C 1130 25.07 -13.67 73.07
C GLY C 1130 25.92 -14.09 74.26
N THR C 1131 26.55 -15.26 74.20
CA THR C 1131 27.38 -15.71 75.32
C THR C 1131 28.75 -16.18 74.84
N HIS C 1132 28.83 -16.63 73.59
CA HIS C 1132 30.06 -17.19 73.06
C HIS C 1132 30.23 -16.76 71.62
N TRP C 1133 31.48 -16.78 71.15
CA TRP C 1133 31.82 -16.25 69.84
C TRP C 1133 32.26 -17.38 68.90
N PHE C 1134 31.76 -17.35 67.67
CA PHE C 1134 32.09 -18.34 66.67
C PHE C 1134 32.44 -17.62 65.37
N VAL C 1135 33.05 -18.36 64.46
CA VAL C 1135 33.34 -17.88 63.11
C VAL C 1135 32.62 -18.80 62.14
N THR C 1136 31.92 -18.22 61.18
CA THR C 1136 31.13 -19.01 60.25
C THR C 1136 31.26 -18.47 58.84
N GLN C 1137 31.10 -19.37 57.88
CA GLN C 1137 31.12 -19.02 56.47
C GLN C 1137 29.92 -18.14 56.13
N ARG C 1138 30.10 -17.28 55.13
CA ARG C 1138 29.20 -16.15 54.94
C ARG C 1138 27.80 -16.58 54.53
N ASN C 1139 27.69 -17.58 53.67
CA ASN C 1139 26.41 -17.91 53.05
C ASN C 1139 25.65 -19.03 53.74
N PHE C 1140 26.15 -19.54 54.87
CA PHE C 1140 25.43 -20.58 55.59
C PHE C 1140 25.87 -20.56 57.04
N TYR C 1141 24.95 -20.84 57.95
CA TYR C 1141 25.25 -20.83 59.37
C TYR C 1141 25.88 -22.16 59.77
N GLU C 1142 27.10 -22.11 60.29
CA GLU C 1142 27.79 -23.30 60.74
C GLU C 1142 28.87 -22.92 61.73
N PRO C 1143 28.58 -22.93 63.03
CA PRO C 1143 29.53 -22.42 64.01
C PRO C 1143 30.75 -23.32 64.15
N GLN C 1144 31.88 -22.69 64.48
CA GLN C 1144 33.13 -23.38 64.77
C GLN C 1144 33.83 -22.63 65.89
N ILE C 1145 34.66 -23.35 66.63
CA ILE C 1145 35.40 -22.73 67.73
C ILE C 1145 36.57 -21.94 67.17
N ILE C 1146 36.82 -20.77 67.73
CA ILE C 1146 37.86 -19.88 67.25
C ILE C 1146 39.22 -20.43 67.67
N THR C 1147 40.04 -20.80 66.68
CA THR C 1147 41.39 -21.30 66.93
C THR C 1147 42.37 -20.50 66.08
N THR C 1148 43.63 -20.91 66.13
CA THR C 1148 44.67 -20.23 65.36
C THR C 1148 44.75 -20.73 63.93
N ASP C 1149 43.91 -21.68 63.53
CA ASP C 1149 43.82 -22.11 62.15
C ASP C 1149 42.74 -21.37 61.38
N ASN C 1150 42.06 -20.42 62.01
CA ASN C 1150 40.99 -19.66 61.37
C ASN C 1150 41.29 -18.17 61.28
N THR C 1151 42.32 -17.67 61.94
CA THR C 1151 42.58 -16.25 62.02
C THR C 1151 44.05 -15.97 61.74
N PHE C 1152 44.36 -14.68 61.62
CA PHE C 1152 45.74 -14.24 61.48
C PHE C 1152 45.93 -12.93 62.21
N VAL C 1153 47.13 -12.70 62.72
CA VAL C 1153 47.41 -11.55 63.58
C VAL C 1153 47.87 -10.38 62.74
N SER C 1154 47.59 -9.16 63.22
CA SER C 1154 48.03 -7.95 62.53
C SER C 1154 48.05 -6.81 63.54
N GLY C 1155 49.26 -6.45 64.00
CA GLY C 1155 49.41 -5.31 64.89
C GLY C 1155 48.82 -5.55 66.28
N ASN C 1156 48.54 -4.44 66.95
CA ASN C 1156 47.95 -4.44 68.28
C ASN C 1156 46.61 -3.71 68.26
N CYS C 1157 45.68 -4.14 69.10
CA CYS C 1157 44.31 -3.62 69.04
C CYS C 1157 44.28 -2.23 69.68
N ASP C 1158 44.62 -1.24 68.86
CA ASP C 1158 44.44 0.16 69.22
C ASP C 1158 43.85 1.00 68.10
N VAL C 1159 43.73 0.45 66.88
CA VAL C 1159 43.25 1.21 65.74
C VAL C 1159 41.96 0.68 65.16
N VAL C 1160 41.59 -0.58 65.42
CA VAL C 1160 40.31 -1.08 64.95
C VAL C 1160 39.19 -0.40 65.72
N ILE C 1161 38.07 -0.14 65.04
CA ILE C 1161 37.01 0.67 65.63
C ILE C 1161 36.26 -0.11 66.69
N GLY C 1162 35.87 -1.35 66.40
CA GLY C 1162 34.97 -2.07 67.27
C GLY C 1162 35.44 -3.40 67.80
N ILE C 1163 36.73 -3.49 68.14
CA ILE C 1163 37.28 -4.76 68.59
C ILE C 1163 36.74 -5.09 69.99
N VAL C 1164 36.91 -6.35 70.40
CA VAL C 1164 36.30 -6.85 71.64
C VAL C 1164 37.14 -7.99 72.22
N ASN C 1165 37.17 -8.07 73.55
CA ASN C 1165 37.92 -9.13 74.23
C ASN C 1165 37.36 -10.51 73.90
N ASN C 1166 38.25 -11.50 73.82
CA ASN C 1166 37.86 -12.91 73.80
C ASN C 1166 39.13 -13.76 73.86
N THR C 1167 39.02 -15.09 73.83
CA THR C 1167 40.14 -15.99 73.99
C THR C 1167 40.26 -16.92 72.79
N VAL C 1168 41.49 -17.14 72.33
CA VAL C 1168 41.77 -17.97 71.16
C VAL C 1168 42.36 -19.29 71.63
N TYR C 1169 41.91 -20.40 71.02
CA TYR C 1169 42.15 -21.73 71.57
C TYR C 1169 43.63 -22.11 71.53
N ASP C 1170 44.26 -21.99 70.35
CA ASP C 1170 45.64 -22.42 70.13
C ASP C 1170 45.81 -23.91 70.42
N PRO C 1171 45.36 -24.79 69.52
CA PRO C 1171 45.25 -26.21 69.86
C PRO C 1171 46.56 -26.91 70.16
N LEU C 1172 47.70 -26.37 69.75
CA LEU C 1172 48.97 -27.09 69.92
C LEU C 1172 49.33 -27.28 71.38
N GLN C 1173 49.07 -26.27 72.21
CA GLN C 1173 49.46 -26.34 73.61
C GLN C 1173 48.80 -27.50 74.37
N PRO C 1174 47.49 -27.77 74.24
CA PRO C 1174 46.95 -28.98 74.88
C PRO C 1174 47.60 -30.27 74.38
N GLU C 1175 47.94 -30.32 73.09
CA GLU C 1175 48.56 -31.53 72.55
C GLU C 1175 49.94 -31.76 73.15
N LEU C 1176 50.74 -30.71 73.27
CA LEU C 1176 52.07 -30.87 73.82
C LEU C 1176 52.06 -31.14 75.32
N ASP C 1177 50.96 -30.79 75.99
CA ASP C 1177 50.86 -30.98 77.43
C ASP C 1177 50.85 -32.45 77.81
N GLU D 20 -74.48 -23.44 -9.96
CA GLU D 20 -74.85 -24.83 -9.68
C GLU D 20 -73.63 -25.64 -9.25
N VAL D 21 -73.47 -25.84 -7.95
CA VAL D 21 -72.38 -26.62 -7.40
C VAL D 21 -72.98 -27.85 -6.72
N GLN D 22 -72.62 -29.03 -7.21
CA GLN D 22 -73.15 -30.28 -6.68
C GLN D 22 -72.02 -31.10 -6.09
N LEU D 23 -72.25 -31.64 -4.89
CA LEU D 23 -71.30 -32.52 -4.20
C LEU D 23 -71.99 -33.86 -3.98
N VAL D 24 -71.78 -34.79 -4.91
CA VAL D 24 -72.42 -36.10 -4.83
C VAL D 24 -71.56 -36.98 -3.93
N GLU D 25 -72.13 -37.43 -2.81
CA GLU D 25 -71.39 -38.18 -1.81
C GLU D 25 -71.97 -39.58 -1.65
N SER D 26 -71.09 -40.53 -1.32
CA SER D 26 -71.48 -41.92 -1.11
C SER D 26 -70.38 -42.59 -0.30
N GLY D 27 -70.70 -43.78 0.21
CA GLY D 27 -69.75 -44.56 0.99
C GLY D 27 -70.18 -44.87 2.40
N GLY D 28 -71.35 -44.41 2.85
CA GLY D 28 -71.81 -44.72 4.18
C GLY D 28 -72.30 -46.16 4.30
N GLY D 29 -72.46 -46.60 5.54
CA GLY D 29 -72.94 -47.93 5.80
C GLY D 29 -72.57 -48.36 7.21
N LEU D 30 -72.94 -49.60 7.54
CA LEU D 30 -72.67 -50.18 8.84
C LEU D 30 -71.73 -51.36 8.66
N VAL D 31 -70.63 -51.36 9.43
CA VAL D 31 -69.60 -52.39 9.36
C VAL D 31 -69.22 -52.80 10.78
N LYS D 32 -68.57 -53.96 10.87
CA LYS D 32 -67.97 -54.59 12.04
C LYS D 32 -66.66 -53.89 12.38
N PRO D 33 -66.33 -53.73 13.66
CA PRO D 33 -65.10 -53.01 14.04
C PRO D 33 -63.87 -53.59 13.36
N GLY D 34 -63.04 -52.70 12.83
CA GLY D 34 -61.87 -53.10 12.07
C GLY D 34 -62.09 -53.19 10.58
N GLY D 35 -63.28 -52.86 10.08
CA GLY D 35 -63.54 -52.90 8.66
C GLY D 35 -63.01 -51.69 7.94
N SER D 36 -63.12 -51.73 6.62
CA SER D 36 -62.66 -50.65 5.76
C SER D 36 -63.77 -50.25 4.81
N LEU D 37 -63.85 -48.96 4.50
CA LEU D 37 -64.89 -48.42 3.65
C LEU D 37 -64.27 -47.48 2.63
N ARG D 38 -65.07 -47.09 1.65
CA ARG D 38 -64.63 -46.30 0.50
C ARG D 38 -65.57 -45.11 0.38
N LEU D 39 -65.19 -44.00 1.01
CA LEU D 39 -65.96 -42.75 0.89
C LEU D 39 -65.57 -42.06 -0.40
N SER D 40 -66.56 -41.46 -1.05
CA SER D 40 -66.32 -40.72 -2.29
C SER D 40 -67.30 -39.57 -2.37
N CYS D 41 -66.83 -38.41 -2.81
CA CYS D 41 -67.74 -37.35 -3.23
C CYS D 41 -67.15 -36.62 -4.43
N ALA D 42 -67.96 -36.50 -5.48
CA ALA D 42 -67.58 -35.85 -6.72
C ALA D 42 -68.14 -34.45 -6.75
N ALA D 43 -67.32 -33.49 -7.15
CA ALA D 43 -67.74 -32.10 -7.29
C ALA D 43 -68.01 -31.81 -8.76
N SER D 44 -69.21 -31.31 -9.04
CA SER D 44 -69.61 -30.96 -10.39
C SER D 44 -70.15 -29.54 -10.43
N GLY D 45 -69.67 -28.78 -11.40
CA GLY D 45 -70.14 -27.42 -11.61
C GLY D 45 -69.12 -26.33 -11.40
N PHE D 46 -67.86 -26.66 -11.15
CA PHE D 46 -66.82 -25.65 -10.98
C PHE D 46 -65.46 -26.28 -11.23
N SER D 47 -64.42 -25.46 -11.16
CA SER D 47 -63.05 -25.91 -11.39
C SER D 47 -62.57 -26.68 -10.16
N PHE D 48 -62.84 -27.98 -10.16
CA PHE D 48 -62.49 -28.81 -9.01
C PHE D 48 -60.99 -28.83 -8.78
N SER D 49 -60.20 -28.87 -9.86
CA SER D 49 -58.75 -28.93 -9.70
C SER D 49 -58.19 -27.62 -9.17
N SER D 50 -58.76 -26.48 -9.58
CA SER D 50 -58.23 -25.19 -9.15
C SER D 50 -58.35 -24.98 -7.64
N TYR D 51 -59.49 -25.35 -7.06
CA TYR D 51 -59.75 -25.15 -5.63
C TYR D 51 -59.31 -26.38 -4.86
N SER D 52 -59.44 -26.31 -3.54
CA SER D 52 -59.13 -27.43 -2.66
C SER D 52 -60.35 -27.83 -1.84
N MET D 53 -60.44 -29.11 -1.54
CA MET D 53 -61.47 -29.68 -0.67
C MET D 53 -60.96 -29.81 0.76
N ASN D 54 -61.87 -30.22 1.64
CA ASN D 54 -61.54 -30.48 3.04
C ASN D 54 -62.61 -31.40 3.61
N TRP D 55 -62.27 -32.07 4.71
CA TRP D 55 -63.17 -33.04 5.33
C TRP D 55 -63.45 -32.68 6.78
N VAL D 56 -64.68 -32.98 7.22
CA VAL D 56 -65.07 -32.74 8.61
C VAL D 56 -66.15 -33.74 8.99
N ARG D 57 -66.04 -34.29 10.19
CA ARG D 57 -67.00 -35.27 10.69
C ARG D 57 -67.68 -34.77 11.96
N GLN D 58 -68.85 -35.35 12.23
CA GLN D 58 -69.72 -34.94 13.33
C GLN D 58 -70.31 -36.19 13.96
N ALA D 59 -70.03 -36.39 15.24
CA ALA D 59 -70.69 -37.46 15.98
C ALA D 59 -72.09 -37.02 16.40
N PRO D 60 -72.99 -37.98 16.64
CA PRO D 60 -74.36 -37.62 17.07
C PRO D 60 -74.34 -36.80 18.35
N GLY D 61 -74.85 -35.58 18.26
CA GLY D 61 -74.88 -34.69 19.41
C GLY D 61 -73.54 -34.06 19.74
N LYS D 62 -72.59 -34.10 18.82
CA LYS D 62 -71.25 -33.58 19.05
C LYS D 62 -70.94 -32.53 17.99
N GLY D 63 -69.91 -31.73 18.25
CA GLY D 63 -69.47 -30.71 17.31
C GLY D 63 -68.83 -31.28 16.05
N LEU D 64 -68.12 -30.43 15.32
CA LEU D 64 -67.50 -30.78 14.05
C LEU D 64 -65.99 -30.78 14.20
N GLU D 65 -65.34 -31.79 13.63
CA GLU D 65 -63.90 -31.92 13.73
C GLU D 65 -63.30 -32.20 12.37
N TRP D 66 -62.19 -31.53 12.07
CA TRP D 66 -61.47 -31.74 10.83
C TRP D 66 -60.86 -33.13 10.79
N VAL D 67 -60.74 -33.68 9.59
CA VAL D 67 -60.26 -35.04 9.37
C VAL D 67 -58.95 -35.05 8.58
N SER D 68 -58.99 -34.58 7.34
CA SER D 68 -57.81 -34.60 6.49
C SER D 68 -57.92 -33.46 5.48
N SER D 69 -56.85 -33.28 4.70
CA SER D 69 -56.81 -32.26 3.67
C SER D 69 -55.89 -32.71 2.55
N ILE D 70 -56.09 -32.15 1.36
CA ILE D 70 -55.36 -32.60 0.18
C ILE D 70 -54.74 -31.41 -0.55
N SER D 71 -55.09 -30.20 -0.13
CA SER D 71 -54.62 -28.97 -0.77
C SER D 71 -55.10 -28.99 -2.23
N SER D 72 -54.30 -28.43 -3.14
CA SER D 72 -54.69 -28.31 -4.54
C SER D 72 -53.93 -29.24 -5.46
N ASN D 73 -52.60 -29.18 -5.45
CA ASN D 73 -51.76 -30.03 -6.27
C ASN D 73 -51.33 -31.29 -5.53
N SER D 74 -51.91 -31.54 -4.36
CA SER D 74 -51.54 -32.66 -3.49
C SER D 74 -50.09 -32.58 -3.04
N ASN D 75 -49.50 -31.39 -3.09
CA ASN D 75 -48.11 -31.22 -2.66
C ASN D 75 -47.98 -31.26 -1.14
N TYR D 76 -48.98 -30.75 -0.43
CA TYR D 76 -49.00 -30.76 1.03
C TYR D 76 -50.24 -31.49 1.50
N ILE D 77 -50.06 -32.47 2.38
CA ILE D 77 -51.14 -33.32 2.86
C ILE D 77 -51.17 -33.24 4.39
N TYR D 78 -52.35 -33.01 4.94
CA TYR D 78 -52.54 -32.90 6.38
C TYR D 78 -53.50 -33.97 6.87
N TYR D 79 -53.16 -34.59 8.00
CA TYR D 79 -53.99 -35.60 8.63
C TYR D 79 -54.26 -35.22 10.07
N ALA D 80 -55.41 -35.68 10.58
CA ALA D 80 -55.74 -35.43 11.98
C ALA D 80 -54.81 -36.20 12.90
N ASP D 81 -54.40 -35.56 14.00
CA ASP D 81 -53.51 -36.21 14.95
C ASP D 81 -54.16 -37.44 15.58
N SER D 82 -55.45 -37.34 15.89
CA SER D 82 -56.15 -38.46 16.53
C SER D 82 -56.29 -39.65 15.58
N MET D 83 -56.32 -39.40 14.28
CA MET D 83 -56.49 -40.45 13.28
C MET D 83 -55.27 -40.57 12.38
N LYS D 84 -54.07 -40.38 12.94
CA LYS D 84 -52.85 -40.46 12.16
C LYS D 84 -52.62 -41.87 11.65
N GLY D 85 -52.25 -41.98 10.37
CA GLY D 85 -51.96 -43.28 9.78
C GLY D 85 -53.14 -44.22 9.74
N ARG D 86 -54.34 -43.70 9.53
CA ARG D 86 -55.55 -44.51 9.48
C ARG D 86 -56.36 -44.29 8.21
N PHE D 87 -56.40 -43.07 7.69
CA PHE D 87 -57.21 -42.73 6.53
C PHE D 87 -56.32 -42.36 5.35
N THR D 88 -56.75 -42.75 4.15
CA THR D 88 -56.05 -42.39 2.93
C THR D 88 -56.95 -41.49 2.10
N ILE D 89 -56.41 -40.34 1.68
CA ILE D 89 -57.17 -39.37 0.92
C ILE D 89 -56.53 -39.21 -0.46
N SER D 90 -57.36 -39.12 -1.49
CA SER D 90 -56.87 -38.93 -2.84
C SER D 90 -57.93 -38.19 -3.64
N ARG D 91 -57.52 -37.65 -4.78
CA ARG D 91 -58.43 -36.96 -5.68
C ARG D 91 -58.06 -37.30 -7.12
N ASP D 92 -59.04 -37.20 -8.00
CA ASP D 92 -58.84 -37.48 -9.42
C ASP D 92 -59.47 -36.36 -10.23
N ASN D 93 -58.63 -35.58 -10.91
CA ASN D 93 -59.10 -34.51 -11.77
C ASN D 93 -59.54 -35.02 -13.14
N ALA D 94 -59.17 -36.25 -13.49
CA ALA D 94 -59.61 -36.82 -14.77
C ALA D 94 -61.13 -36.92 -14.83
N LYS D 95 -61.75 -37.38 -13.75
CA LYS D 95 -63.21 -37.39 -13.64
C LYS D 95 -63.70 -36.60 -12.44
N ASN D 96 -62.86 -35.76 -11.84
CA ASN D 96 -63.28 -34.73 -10.89
C ASN D 96 -64.03 -35.34 -9.70
N SER D 97 -63.30 -36.13 -8.92
CA SER D 97 -63.88 -36.78 -7.76
C SER D 97 -62.86 -36.81 -6.64
N LEU D 98 -63.33 -37.07 -5.42
CA LEU D 98 -62.50 -37.13 -4.23
C LEU D 98 -62.79 -38.43 -3.48
N TYR D 99 -61.74 -39.20 -3.19
CA TYR D 99 -61.86 -40.51 -2.60
C TYR D 99 -61.15 -40.56 -1.25
N LEU D 100 -61.67 -41.41 -0.37
CA LEU D 100 -61.10 -41.64 0.95
C LEU D 100 -61.22 -43.12 1.28
N GLN D 101 -60.08 -43.81 1.36
CA GLN D 101 -60.01 -45.15 1.92
C GLN D 101 -60.02 -45.01 3.43
N MET D 102 -61.15 -45.33 4.05
CA MET D 102 -61.32 -45.20 5.49
C MET D 102 -61.05 -46.55 6.14
N ASN D 103 -59.95 -46.64 6.88
CA ASN D 103 -59.62 -47.83 7.65
C ASN D 103 -59.66 -47.45 9.13
N SER D 104 -60.69 -47.93 9.83
CA SER D 104 -60.88 -47.60 11.23
C SER D 104 -60.92 -48.87 12.06
N LEU D 105 -60.25 -48.81 13.21
CA LEU D 105 -60.25 -49.89 14.18
C LEU D 105 -61.01 -49.53 15.46
N ARG D 106 -61.75 -48.43 15.45
CA ARG D 106 -62.39 -47.90 16.65
C ARG D 106 -63.88 -47.68 16.38
N ALA D 107 -64.70 -47.99 17.39
CA ALA D 107 -66.15 -47.95 17.20
C ALA D 107 -66.72 -46.54 17.19
N GLU D 108 -66.14 -45.61 17.96
CA GLU D 108 -66.72 -44.28 18.09
C GLU D 108 -66.69 -43.50 16.77
N ASP D 109 -65.93 -43.97 15.79
CA ASP D 109 -65.85 -43.29 14.49
C ASP D 109 -67.21 -43.27 13.79
N THR D 110 -68.20 -43.94 14.37
CA THR D 110 -69.58 -43.89 13.90
C THR D 110 -70.10 -42.46 13.95
N ALA D 111 -70.30 -41.85 12.79
CA ALA D 111 -70.62 -40.43 12.72
C ALA D 111 -71.08 -40.09 11.30
N VAL D 112 -71.31 -38.81 11.07
CA VAL D 112 -71.73 -38.29 9.77
C VAL D 112 -70.62 -37.41 9.23
N TYR D 113 -70.22 -37.67 7.99
CA TYR D 113 -69.10 -36.99 7.35
C TYR D 113 -69.59 -35.97 6.34
N TYR D 114 -68.74 -34.97 6.07
CA TYR D 114 -69.02 -33.89 5.14
C TYR D 114 -67.74 -33.51 4.43
N CYS D 115 -67.78 -33.51 3.11
CA CYS D 115 -66.71 -32.92 2.33
C CYS D 115 -67.13 -31.51 1.90
N ALA D 116 -66.23 -30.56 2.11
CA ALA D 116 -66.51 -29.14 2.02
C ALA D 116 -65.50 -28.48 1.10
N SER D 117 -65.88 -27.32 0.58
CA SER D 117 -65.06 -26.58 -0.36
C SER D 117 -64.59 -25.27 0.26
N ASN D 118 -63.47 -24.77 -0.24
CA ASN D 118 -62.85 -23.56 0.28
C ASN D 118 -63.24 -22.35 -0.55
N ARG D 119 -62.60 -21.21 -0.26
CA ARG D 119 -62.89 -19.96 -0.94
C ARG D 119 -61.69 -19.37 -1.64
N SER D 120 -60.48 -19.74 -1.24
CA SER D 120 -59.27 -19.28 -1.90
C SER D 120 -59.17 -19.88 -3.30
N PRO D 121 -58.46 -19.21 -4.21
CA PRO D 121 -58.27 -19.78 -5.55
C PRO D 121 -57.56 -21.12 -5.51
N TYR D 122 -56.33 -21.15 -5.01
CA TYR D 122 -55.64 -22.41 -4.77
C TYR D 122 -55.35 -22.62 -3.29
N ASP D 123 -54.59 -21.74 -2.68
CA ASP D 123 -54.41 -21.72 -1.22
C ASP D 123 -53.93 -20.32 -0.86
N SER D 124 -54.84 -19.47 -0.42
CA SER D 124 -54.45 -18.13 0.02
C SER D 124 -53.73 -18.19 1.35
N SER D 125 -54.43 -18.62 2.40
CA SER D 125 -53.80 -18.81 3.71
C SER D 125 -54.65 -19.81 4.48
N ASN D 126 -54.24 -21.08 4.44
CA ASN D 126 -54.93 -22.16 5.15
C ASN D 126 -56.39 -22.25 4.73
N TYR D 127 -57.12 -23.19 5.32
CA TYR D 127 -58.37 -23.67 4.74
C TYR D 127 -59.51 -23.50 5.72
N TYR D 128 -60.41 -22.56 5.44
CA TYR D 128 -61.70 -22.49 6.11
C TYR D 128 -62.77 -23.06 5.18
N PHE D 129 -64.06 -23.01 5.48
CA PHE D 129 -65.06 -23.72 4.72
C PHE D 129 -65.94 -22.70 3.99
N ASP D 130 -66.38 -23.08 2.78
CA ASP D 130 -67.24 -22.21 1.99
C ASP D 130 -68.56 -22.89 1.63
N TYR D 131 -68.49 -24.16 1.22
CA TYR D 131 -69.66 -24.96 0.89
C TYR D 131 -69.64 -26.26 1.68
N TRP D 132 -70.81 -26.87 1.83
CA TRP D 132 -70.94 -28.12 2.55
C TRP D 132 -71.81 -29.08 1.77
N GLY D 133 -71.62 -30.37 2.02
CA GLY D 133 -72.42 -31.41 1.42
C GLY D 133 -73.64 -31.73 2.25
N GLN D 134 -74.14 -32.95 2.08
CA GLN D 134 -75.28 -33.41 2.85
C GLN D 134 -74.90 -34.32 4.01
N GLY D 135 -73.70 -34.91 3.98
CA GLY D 135 -73.24 -35.77 5.05
C GLY D 135 -73.59 -37.23 4.84
N THR D 136 -72.62 -38.12 5.04
CA THR D 136 -72.83 -39.55 4.88
C THR D 136 -72.71 -40.22 6.24
N ARG D 137 -73.51 -41.28 6.41
CA ARG D 137 -73.63 -41.97 7.68
C ARG D 137 -72.69 -43.17 7.72
N VAL D 138 -71.90 -43.28 8.78
CA VAL D 138 -70.99 -44.39 8.99
C VAL D 138 -71.22 -44.95 10.37
N THR D 139 -71.42 -46.27 10.47
CA THR D 139 -71.69 -46.93 11.73
C THR D 139 -70.74 -48.10 11.89
N ILE D 140 -70.14 -48.22 13.08
CA ILE D 140 -69.24 -49.31 13.42
C ILE D 140 -69.85 -50.03 14.61
N SER D 141 -70.43 -51.21 14.39
CA SER D 141 -71.09 -51.93 15.46
C SER D 141 -71.15 -53.40 15.09
N SER D 142 -71.32 -54.24 16.12
CA SER D 142 -71.45 -55.68 15.89
C SER D 142 -72.83 -56.03 15.34
N ALA D 143 -73.83 -55.19 15.63
CA ALA D 143 -75.18 -55.45 15.14
C ALA D 143 -75.24 -55.25 13.62
N SER D 144 -76.22 -55.91 13.01
CA SER D 144 -76.43 -55.86 11.58
C SER D 144 -77.71 -55.09 11.26
N THR D 145 -78.06 -55.03 9.98
CA THR D 145 -79.30 -54.38 9.58
C THR D 145 -80.50 -55.28 9.86
N LYS D 146 -81.59 -54.67 10.32
CA LYS D 146 -82.80 -55.40 10.64
C LYS D 146 -83.99 -54.72 9.97
N GLY D 147 -84.99 -55.52 9.61
CA GLY D 147 -86.18 -55.02 8.97
C GLY D 147 -87.04 -54.20 9.91
N PRO D 148 -87.81 -53.27 9.35
CA PRO D 148 -88.63 -52.38 10.17
C PRO D 148 -90.04 -52.93 10.40
N SER D 149 -90.77 -52.23 11.27
CA SER D 149 -92.17 -52.49 11.53
C SER D 149 -92.95 -51.19 11.41
N VAL D 150 -94.12 -51.26 10.79
CA VAL D 150 -94.92 -50.07 10.48
C VAL D 150 -96.22 -50.13 11.28
N PHE D 151 -96.54 -49.03 11.96
CA PHE D 151 -97.78 -48.94 12.73
C PHE D 151 -98.47 -47.63 12.43
N PRO D 152 -99.75 -47.66 12.00
CA PRO D 152 -100.44 -46.42 11.62
C PRO D 152 -101.03 -45.71 12.83
N LEU D 153 -100.54 -44.50 13.11
CA LEU D 153 -101.19 -43.62 14.07
C LEU D 153 -102.39 -42.98 13.38
N ALA D 154 -103.57 -43.57 13.61
CA ALA D 154 -104.73 -43.23 12.83
C ALA D 154 -105.14 -41.77 13.04
N PRO D 155 -105.79 -41.15 12.05
CA PRO D 155 -106.27 -39.78 12.25
C PRO D 155 -107.39 -39.74 13.27
N SER D 156 -107.09 -39.19 14.45
CA SER D 156 -108.01 -39.24 15.59
C SER D 156 -108.35 -37.80 15.98
N SER D 157 -109.36 -37.24 15.31
CA SER D 157 -109.93 -35.99 15.79
C SER D 157 -110.66 -36.20 17.11
N LYS D 158 -111.45 -37.28 17.22
CA LYS D 158 -112.10 -37.69 18.45
C LYS D 158 -112.90 -36.55 19.07
N SER D 159 -112.32 -35.86 20.04
CA SER D 159 -113.00 -34.72 20.66
C SER D 159 -113.25 -33.61 19.63
N THR D 160 -112.24 -33.30 18.82
CA THR D 160 -112.39 -32.25 17.82
C THR D 160 -113.27 -32.73 16.67
N SER D 161 -113.99 -31.78 16.07
CA SER D 161 -114.88 -32.11 14.96
C SER D 161 -114.05 -32.42 13.71
N GLY D 162 -114.76 -32.73 12.62
CA GLY D 162 -114.09 -33.02 11.37
C GLY D 162 -113.34 -31.82 10.83
N GLY D 163 -112.18 -32.08 10.24
CA GLY D 163 -111.36 -31.03 9.69
C GLY D 163 -110.09 -30.78 10.48
N THR D 164 -108.95 -30.81 9.79
CA THR D 164 -107.63 -30.54 10.37
C THR D 164 -107.34 -31.49 11.53
N ALA D 165 -107.23 -32.77 11.18
CA ALA D 165 -106.86 -33.82 12.11
C ALA D 165 -105.44 -34.28 11.79
N ALA D 166 -104.80 -34.87 12.79
CA ALA D 166 -103.42 -35.32 12.67
C ALA D 166 -103.38 -36.83 12.49
N LEU D 167 -102.65 -37.28 11.47
CA LEU D 167 -102.46 -38.70 11.20
C LEU D 167 -101.00 -38.95 10.89
N GLY D 168 -100.53 -40.15 11.20
CA GLY D 168 -99.11 -40.42 10.98
C GLY D 168 -98.83 -41.90 10.91
N CYS D 169 -97.55 -42.19 10.74
CA CYS D 169 -97.07 -43.57 10.72
C CYS D 169 -95.78 -43.66 11.52
N LEU D 170 -95.63 -44.75 12.27
CA LEU D 170 -94.50 -44.97 13.14
C LEU D 170 -93.70 -46.17 12.65
N VAL D 171 -92.38 -46.00 12.57
CA VAL D 171 -91.46 -47.08 12.25
C VAL D 171 -90.82 -47.52 13.56
N LYS D 172 -91.08 -48.76 13.95
CA LYS D 172 -90.59 -49.34 15.19
C LYS D 172 -89.71 -50.53 14.87
N ASP D 173 -88.66 -50.72 15.67
CA ASP D 173 -87.71 -51.82 15.52
C ASP D 173 -87.09 -51.83 14.13
N TYR D 174 -86.36 -50.75 13.83
CA TYR D 174 -85.60 -50.67 12.59
C TYR D 174 -84.21 -50.14 12.89
N PHE D 175 -83.28 -50.47 12.00
CA PHE D 175 -81.89 -50.05 12.13
C PHE D 175 -81.17 -50.22 10.80
N PRO D 176 -80.35 -49.25 10.38
CA PRO D 176 -80.16 -47.96 11.05
C PRO D 176 -80.89 -46.79 10.36
N GLU D 177 -80.60 -45.59 10.84
CA GLU D 177 -81.15 -44.37 10.26
C GLU D 177 -80.74 -44.25 8.80
N PRO D 178 -81.60 -43.71 7.92
CA PRO D 178 -82.96 -43.21 8.15
C PRO D 178 -84.09 -44.04 7.54
N VAL D 179 -85.33 -43.62 7.83
CA VAL D 179 -86.52 -44.08 7.15
C VAL D 179 -87.32 -42.86 6.74
N THR D 180 -87.76 -42.83 5.48
CA THR D 180 -88.51 -41.69 4.95
C THR D 180 -89.98 -42.07 4.85
N VAL D 181 -90.83 -41.26 5.47
CA VAL D 181 -92.28 -41.46 5.46
C VAL D 181 -92.90 -40.31 4.69
N SER D 182 -93.63 -40.65 3.62
CA SER D 182 -94.22 -39.65 2.75
C SER D 182 -95.69 -39.95 2.51
N TRP D 183 -96.49 -38.91 2.40
CA TRP D 183 -97.93 -39.04 2.18
C TRP D 183 -98.28 -38.64 0.75
N ASN D 184 -99.39 -39.21 0.27
CA ASN D 184 -99.83 -39.03 -1.12
C ASN D 184 -98.74 -39.43 -2.09
N SER D 185 -98.04 -40.52 -1.77
CA SER D 185 -96.90 -41.01 -2.56
C SER D 185 -95.84 -39.93 -2.74
N GLY D 186 -95.57 -39.19 -1.67
CA GLY D 186 -94.56 -38.15 -1.68
C GLY D 186 -95.06 -36.77 -2.04
N ALA D 187 -96.33 -36.62 -2.41
CA ALA D 187 -96.84 -35.31 -2.80
C ALA D 187 -97.03 -34.38 -1.61
N LEU D 188 -97.24 -34.92 -0.41
CA LEU D 188 -97.50 -34.11 0.77
C LEU D 188 -96.25 -34.07 1.64
N THR D 189 -95.77 -32.87 1.93
CA THR D 189 -94.62 -32.67 2.80
C THR D 189 -94.82 -31.56 3.83
N SER D 190 -95.72 -30.60 3.58
CA SER D 190 -95.93 -29.50 4.51
C SER D 190 -96.66 -29.99 5.76
N GLY D 191 -96.34 -29.37 6.89
CA GLY D 191 -96.98 -29.72 8.14
C GLY D 191 -96.61 -31.08 8.68
N VAL D 192 -95.44 -31.59 8.32
CA VAL D 192 -95.00 -32.92 8.72
C VAL D 192 -94.01 -32.78 9.86
N HIS D 193 -94.25 -33.49 10.96
CA HIS D 193 -93.38 -33.51 12.12
C HIS D 193 -92.75 -34.89 12.23
N THR D 194 -91.43 -34.93 12.26
CA THR D 194 -90.65 -36.16 12.38
C THR D 194 -90.02 -36.20 13.76
N PHE D 195 -90.56 -37.03 14.63
CA PHE D 195 -90.10 -37.07 16.01
C PHE D 195 -88.72 -37.71 16.09
N PRO D 196 -87.91 -37.33 17.09
CA PRO D 196 -86.56 -37.89 17.19
C PRO D 196 -86.59 -39.41 17.34
N ALA D 197 -85.61 -40.06 16.71
CA ALA D 197 -85.53 -41.52 16.73
C ALA D 197 -85.23 -41.98 18.15
N VAL D 198 -86.26 -42.55 18.81
CA VAL D 198 -86.09 -43.00 20.18
C VAL D 198 -85.18 -44.23 20.21
N LEU D 199 -84.29 -44.28 21.19
CA LEU D 199 -83.35 -45.38 21.32
C LEU D 199 -83.96 -46.46 22.20
N GLN D 200 -84.29 -47.60 21.59
CA GLN D 200 -84.88 -48.71 22.31
C GLN D 200 -83.80 -49.51 23.03
N SER D 201 -84.26 -50.51 23.80
CA SER D 201 -83.33 -51.33 24.57
C SER D 201 -82.39 -52.11 23.65
N SER D 202 -82.93 -52.68 22.58
CA SER D 202 -82.12 -53.47 21.65
C SER D 202 -81.27 -52.59 20.73
N GLY D 203 -81.47 -51.27 20.75
CA GLY D 203 -80.75 -50.37 19.88
C GLY D 203 -81.44 -50.09 18.57
N LEU D 204 -82.53 -50.80 18.25
CA LEU D 204 -83.26 -50.54 17.03
C LEU D 204 -83.93 -49.17 17.10
N TYR D 205 -83.76 -48.39 16.04
CA TYR D 205 -84.31 -47.04 16.01
C TYR D 205 -85.82 -47.10 15.83
N SER D 206 -86.49 -45.99 16.16
CA SER D 206 -87.94 -45.90 16.04
C SER D 206 -88.37 -44.43 16.01
N LEU D 207 -89.21 -44.07 15.03
CA LEU D 207 -89.60 -42.68 14.90
C LEU D 207 -90.98 -42.60 14.25
N SER D 208 -91.72 -41.56 14.61
CA SER D 208 -93.07 -41.33 14.11
C SER D 208 -93.11 -40.08 13.26
N SER D 209 -93.78 -40.16 12.11
CA SER D 209 -94.01 -39.01 11.26
C SER D 209 -95.50 -38.71 11.27
N VAL D 210 -95.87 -37.49 11.67
CA VAL D 210 -97.26 -37.11 11.84
C VAL D 210 -97.51 -35.81 11.09
N VAL D 211 -98.58 -35.78 10.29
CA VAL D 211 -98.95 -34.61 9.52
C VAL D 211 -100.39 -34.23 9.87
N THR D 212 -100.64 -32.93 9.95
CA THR D 212 -101.97 -32.40 10.22
C THR D 212 -102.61 -31.97 8.90
N VAL D 213 -103.67 -32.66 8.51
CA VAL D 213 -104.33 -32.42 7.22
C VAL D 213 -105.84 -32.34 7.45
N PRO D 214 -106.58 -31.64 6.59
CA PRO D 214 -108.03 -31.59 6.76
C PRO D 214 -108.66 -32.97 6.65
N SER D 215 -109.69 -33.21 7.45
CA SER D 215 -110.40 -34.48 7.43
C SER D 215 -111.44 -34.56 6.31
N SER D 216 -111.80 -33.43 5.72
CA SER D 216 -112.71 -33.46 4.56
C SER D 216 -112.06 -34.11 3.35
N SER D 217 -110.74 -34.15 3.30
CA SER D 217 -110.01 -34.79 2.22
C SER D 217 -109.62 -36.22 2.56
N LEU D 218 -110.06 -36.74 3.71
CA LEU D 218 -109.76 -38.11 4.08
C LEU D 218 -110.38 -39.09 3.10
N GLY D 219 -111.65 -38.86 2.73
CA GLY D 219 -112.32 -39.69 1.75
C GLY D 219 -112.21 -39.21 0.32
N THR D 220 -111.52 -38.10 0.08
CA THR D 220 -111.34 -37.55 -1.25
C THR D 220 -109.97 -37.85 -1.84
N GLN D 221 -108.91 -37.65 -1.06
CA GLN D 221 -107.55 -37.96 -1.47
C GLN D 221 -107.04 -39.13 -0.63
N THR D 222 -106.62 -40.19 -1.29
CA THR D 222 -106.13 -41.38 -0.61
C THR D 222 -104.84 -41.06 0.13
N TYR D 223 -104.75 -41.49 1.38
CA TYR D 223 -103.57 -41.24 2.21
C TYR D 223 -102.81 -42.55 2.37
N ILE D 224 -101.61 -42.59 1.79
CA ILE D 224 -100.74 -43.76 1.87
C ILE D 224 -99.37 -43.28 2.36
N CYS D 225 -98.99 -43.72 3.55
CA CYS D 225 -97.67 -43.38 4.08
C CYS D 225 -96.67 -44.39 3.54
N ASN D 226 -95.81 -43.93 2.64
CA ASN D 226 -94.73 -44.76 2.10
C ASN D 226 -93.53 -44.61 3.02
N VAL D 227 -93.08 -45.73 3.57
CA VAL D 227 -91.93 -45.79 4.46
C VAL D 227 -90.82 -46.51 3.72
N ASN D 228 -89.69 -45.82 3.55
CA ASN D 228 -88.54 -46.36 2.85
C ASN D 228 -87.36 -46.45 3.80
N HIS D 229 -86.73 -47.61 3.84
CA HIS D 229 -85.51 -47.87 4.63
C HIS D 229 -84.45 -48.33 3.66
N LYS D 230 -83.63 -47.39 3.19
CA LYS D 230 -82.58 -47.71 2.23
C LYS D 230 -81.54 -48.70 2.75
N PRO D 231 -81.02 -48.59 3.99
CA PRO D 231 -80.05 -49.60 4.45
C PRO D 231 -80.59 -51.02 4.39
N SER D 232 -81.86 -51.23 4.71
CA SER D 232 -82.50 -52.54 4.54
C SER D 232 -83.30 -52.62 3.25
N ASN D 233 -83.44 -51.50 2.53
CA ASN D 233 -84.17 -51.46 1.26
C ASN D 233 -85.59 -51.99 1.40
N THR D 234 -86.26 -51.59 2.48
CA THR D 234 -87.62 -52.03 2.77
C THR D 234 -88.58 -50.88 2.50
N LYS D 235 -89.56 -51.12 1.63
CA LYS D 235 -90.57 -50.12 1.29
C LYS D 235 -91.93 -50.67 1.67
N VAL D 236 -92.67 -49.90 2.47
CA VAL D 236 -93.99 -50.29 2.94
C VAL D 236 -94.95 -49.13 2.71
N ASP D 237 -95.99 -49.35 1.92
CA ASP D 237 -97.00 -48.32 1.66
C ASP D 237 -98.23 -48.60 2.52
N LYS D 238 -98.19 -48.09 3.75
CA LYS D 238 -99.28 -48.35 4.69
C LYS D 238 -100.44 -47.41 4.41
N ARG D 239 -101.64 -47.98 4.30
CA ARG D 239 -102.85 -47.23 4.00
C ARG D 239 -103.44 -46.62 5.26
N VAL D 240 -103.86 -45.36 5.17
CA VAL D 240 -104.47 -44.64 6.28
C VAL D 240 -105.86 -44.21 5.82
N GLU D 241 -106.87 -44.94 6.28
CA GLU D 241 -108.26 -44.70 5.92
C GLU D 241 -108.93 -43.76 6.92
N PRO D 242 -109.99 -43.05 6.50
CA PRO D 242 -110.69 -42.17 7.42
C PRO D 242 -111.25 -42.93 8.61
N LYS D 243 -111.25 -42.29 9.78
CA LYS D 243 -111.79 -42.89 10.99
C LYS D 243 -112.29 -41.81 11.94
N ALA E 20 -54.08 -27.54 22.44
CA ALA E 20 -54.81 -26.66 21.54
C ALA E 20 -55.39 -25.47 22.30
N ILE E 21 -55.69 -24.40 21.58
CA ILE E 21 -56.26 -23.21 22.21
C ILE E 21 -57.70 -23.49 22.64
N ARG E 22 -58.07 -22.98 23.81
CA ARG E 22 -59.40 -23.19 24.36
C ARG E 22 -60.34 -22.09 23.93
N MET E 23 -61.56 -22.47 23.57
CA MET E 23 -62.63 -21.54 23.22
C MET E 23 -63.66 -21.53 24.34
N THR E 24 -63.98 -20.35 24.83
CA THR E 24 -65.08 -20.16 25.78
C THR E 24 -66.16 -19.32 25.11
N GLN E 25 -67.38 -19.83 25.11
CA GLN E 25 -68.52 -19.18 24.48
C GLN E 25 -69.53 -18.80 25.56
N SER E 26 -69.94 -17.54 25.56
CA SER E 26 -70.88 -17.06 26.57
C SER E 26 -71.94 -16.19 25.90
N PRO E 27 -73.23 -16.45 26.13
CA PRO E 27 -73.71 -17.57 26.93
C PRO E 27 -73.73 -18.88 26.16
N SER E 28 -73.84 -20.00 26.86
CA SER E 28 -74.06 -21.27 26.17
C SER E 28 -75.38 -21.24 25.40
N SER E 29 -76.42 -20.64 25.98
CA SER E 29 -77.68 -20.44 25.30
C SER E 29 -78.44 -19.32 26.00
N LEU E 30 -78.92 -18.36 25.23
CA LEU E 30 -79.70 -17.24 25.75
C LEU E 30 -81.03 -17.18 25.02
N SER E 31 -82.05 -16.66 25.70
CA SER E 31 -83.39 -16.56 25.15
C SER E 31 -83.87 -15.12 25.27
N ALA E 32 -84.28 -14.54 24.14
CA ALA E 32 -84.79 -13.19 24.11
C ALA E 32 -85.79 -13.04 22.98
N SER E 33 -86.75 -12.14 23.16
CA SER E 33 -87.81 -11.94 22.18
C SER E 33 -87.23 -11.34 20.90
N VAL E 34 -88.10 -11.22 19.89
CA VAL E 34 -87.68 -10.65 18.62
C VAL E 34 -87.34 -9.18 18.80
N GLY E 35 -86.50 -8.67 17.92
CA GLY E 35 -86.06 -7.28 18.02
C GLY E 35 -85.22 -7.00 19.24
N ASP E 36 -84.35 -7.93 19.62
CA ASP E 36 -83.48 -7.77 20.77
C ASP E 36 -82.02 -7.95 20.35
N ARG E 37 -81.17 -7.07 20.87
CA ARG E 37 -79.73 -7.18 20.64
C ARG E 37 -79.21 -8.46 21.27
N VAL E 38 -78.48 -9.26 20.51
CA VAL E 38 -77.93 -10.53 20.97
C VAL E 38 -76.42 -10.48 20.86
N THR E 39 -75.73 -10.79 21.95
CA THR E 39 -74.28 -10.78 22.00
C THR E 39 -73.78 -12.18 22.35
N ILE E 40 -72.87 -12.70 21.53
CA ILE E 40 -72.19 -13.96 21.81
C ILE E 40 -70.70 -13.67 21.91
N THR E 41 -70.11 -13.97 23.06
CA THR E 41 -68.71 -13.69 23.33
C THR E 41 -67.91 -14.97 23.16
N CYS E 42 -66.92 -14.93 22.26
CA CYS E 42 -65.99 -16.03 22.03
C CYS E 42 -64.61 -15.58 22.49
N GLN E 43 -64.01 -16.33 23.38
CA GLN E 43 -62.69 -16.02 23.92
C GLN E 43 -61.74 -17.19 23.67
N ALA E 44 -60.52 -16.86 23.28
CA ALA E 44 -59.46 -17.85 23.07
C ALA E 44 -58.40 -17.71 24.14
N SER E 45 -57.61 -18.77 24.30
CA SER E 45 -56.55 -18.83 25.29
C SER E 45 -55.22 -18.30 24.78
N GLN E 46 -55.19 -17.75 23.57
CA GLN E 46 -53.97 -17.22 23.00
C GLN E 46 -54.32 -16.05 22.09
N ASP E 47 -53.47 -15.03 22.09
CA ASP E 47 -53.65 -13.89 21.18
C ASP E 47 -53.46 -14.37 19.74
N ILE E 48 -54.48 -14.18 18.91
CA ILE E 48 -54.49 -14.68 17.55
C ILE E 48 -54.91 -13.61 16.55
N SER E 49 -54.99 -12.35 16.98
CA SER E 49 -55.45 -11.25 16.13
C SER E 49 -56.79 -11.60 15.49
N ASN E 50 -57.00 -11.17 14.24
CA ASN E 50 -58.27 -11.41 13.55
C ASN E 50 -58.11 -12.57 12.58
N TYR E 51 -58.26 -13.78 13.12
CA TYR E 51 -58.24 -15.00 12.32
C TYR E 51 -59.34 -15.94 12.78
N LEU E 52 -60.53 -15.39 13.03
CA LEU E 52 -61.65 -16.16 13.52
C LEU E 52 -62.79 -16.14 12.50
N ASN E 53 -63.55 -17.23 12.46
CA ASN E 53 -64.66 -17.38 11.54
C ASN E 53 -65.90 -17.83 12.30
N TRP E 54 -67.06 -17.38 11.81
CA TRP E 54 -68.36 -17.68 12.40
C TRP E 54 -69.16 -18.55 11.43
N TYR E 55 -69.60 -19.71 11.89
CA TYR E 55 -70.36 -20.64 11.08
C TYR E 55 -71.76 -20.81 11.65
N GLN E 56 -72.76 -20.75 10.77
CA GLN E 56 -74.16 -20.87 11.17
C GLN E 56 -74.73 -22.15 10.58
N GLN E 57 -75.42 -22.92 11.41
CA GLN E 57 -76.02 -24.18 11.01
C GLN E 57 -77.50 -24.18 11.40
N LYS E 58 -78.37 -24.24 10.40
CA LYS E 58 -79.78 -24.41 10.69
C LYS E 58 -80.06 -25.87 11.05
N PRO E 59 -81.11 -26.12 11.84
CA PRO E 59 -81.42 -27.51 12.22
C PRO E 59 -81.70 -28.37 11.00
N GLY E 60 -81.19 -29.60 11.04
CA GLY E 60 -81.35 -30.52 9.92
C GLY E 60 -80.76 -30.01 8.63
N LYS E 61 -79.64 -29.29 8.71
CA LYS E 61 -79.03 -28.67 7.53
C LYS E 61 -77.54 -28.51 7.77
N ALA E 62 -76.79 -28.51 6.67
CA ALA E 62 -75.35 -28.35 6.76
C ALA E 62 -74.99 -26.94 7.22
N PRO E 63 -73.86 -26.79 7.92
CA PRO E 63 -73.47 -25.45 8.39
C PRO E 63 -73.17 -24.51 7.24
N LYS E 64 -73.29 -23.21 7.51
CA LYS E 64 -73.04 -22.17 6.53
C LYS E 64 -72.16 -21.09 7.16
N LEU E 65 -71.27 -20.51 6.36
CA LEU E 65 -70.37 -19.48 6.85
C LEU E 65 -71.03 -18.11 6.77
N LEU E 66 -70.86 -17.32 7.84
CA LEU E 66 -71.45 -15.98 7.93
C LEU E 66 -70.41 -14.88 7.94
N ILE E 67 -69.45 -14.93 8.86
CA ILE E 67 -68.47 -13.86 9.03
C ILE E 67 -67.07 -14.44 9.01
N TYR E 68 -66.19 -13.85 8.22
CA TYR E 68 -64.78 -14.20 8.20
C TYR E 68 -63.96 -12.99 8.64
N ASP E 69 -62.73 -13.28 9.10
CA ASP E 69 -61.82 -12.29 9.67
C ASP E 69 -62.39 -11.62 10.91
N ALA E 70 -63.46 -12.17 11.47
CA ALA E 70 -64.15 -11.72 12.68
C ALA E 70 -64.85 -10.38 12.49
N SER E 71 -64.69 -9.71 11.35
CA SER E 71 -65.35 -8.43 11.17
C SER E 71 -65.86 -8.20 9.75
N ASN E 72 -65.85 -9.20 8.87
CA ASN E 72 -66.19 -9.01 7.46
C ASN E 72 -67.51 -9.69 7.14
N LEU E 73 -68.39 -8.96 6.47
CA LEU E 73 -69.69 -9.47 6.04
C LEU E 73 -69.57 -9.97 4.60
N GLU E 74 -70.00 -11.21 4.37
CA GLU E 74 -69.92 -11.81 3.06
C GLU E 74 -71.10 -11.40 2.19
N THR E 75 -71.04 -11.77 0.92
CA THR E 75 -72.15 -11.52 0.01
C THR E 75 -73.19 -12.62 0.18
N GLY E 76 -74.46 -12.21 0.21
CA GLY E 76 -75.55 -13.14 0.41
C GLY E 76 -75.89 -13.42 1.86
N VAL E 77 -75.18 -12.82 2.80
CA VAL E 77 -75.47 -12.95 4.22
C VAL E 77 -76.31 -11.75 4.63
N PRO E 78 -77.41 -11.93 5.35
CA PRO E 78 -78.22 -10.78 5.77
C PRO E 78 -77.42 -9.80 6.60
N SER E 79 -77.66 -8.51 6.37
CA SER E 79 -76.90 -7.46 7.03
C SER E 79 -77.22 -7.32 8.51
N ARG E 80 -78.27 -7.97 9.00
CA ARG E 80 -78.65 -7.87 10.41
C ARG E 80 -77.60 -8.47 11.33
N PHE E 81 -76.69 -9.28 10.81
CA PHE E 81 -75.65 -9.93 11.59
C PHE E 81 -74.36 -9.14 11.49
N SER E 82 -73.57 -9.13 12.57
CA SER E 82 -72.32 -8.40 12.57
C SER E 82 -71.38 -9.03 13.58
N GLY E 83 -70.12 -8.59 13.53
CA GLY E 83 -69.12 -9.09 14.47
C GLY E 83 -68.07 -8.04 14.71
N SER E 84 -67.41 -8.17 15.87
CA SER E 84 -66.36 -7.22 16.24
C SER E 84 -65.43 -7.91 17.23
N GLY E 85 -64.39 -7.18 17.62
CA GLY E 85 -63.43 -7.70 18.56
C GLY E 85 -62.11 -8.10 17.91
N SER E 86 -61.11 -8.40 18.73
CA SER E 86 -59.78 -8.68 18.21
C SER E 86 -58.88 -9.09 19.38
N GLY E 87 -57.75 -9.69 19.03
CA GLY E 87 -56.82 -10.14 20.05
C GLY E 87 -57.14 -11.53 20.55
N THR E 88 -57.85 -11.60 21.67
CA THR E 88 -58.35 -12.86 22.20
C THR E 88 -59.84 -12.85 22.52
N ASP E 89 -60.53 -11.73 22.34
CA ASP E 89 -61.94 -11.59 22.67
C ASP E 89 -62.71 -11.10 21.45
N PHE E 90 -63.81 -11.76 21.14
CA PHE E 90 -64.62 -11.40 19.98
C PHE E 90 -66.09 -11.45 20.34
N THR E 91 -66.87 -10.60 19.69
CA THR E 91 -68.31 -10.47 19.94
C THR E 91 -69.08 -10.67 18.64
N PHE E 92 -70.16 -11.43 18.73
CA PHE E 92 -71.08 -11.70 17.64
C PHE E 92 -72.38 -10.98 17.95
N THR E 93 -72.79 -10.08 17.05
CA THR E 93 -73.83 -9.09 17.32
C THR E 93 -75.03 -9.31 16.40
N ILE E 94 -76.21 -9.37 17.02
CA ILE E 94 -77.48 -9.34 16.30
C ILE E 94 -78.21 -8.06 16.74
N SER E 95 -78.35 -7.11 15.81
CA SER E 95 -78.92 -5.81 16.16
C SER E 95 -80.39 -5.94 16.52
N SER E 96 -81.14 -6.72 15.74
CA SER E 96 -82.58 -6.88 15.98
C SER E 96 -82.99 -8.25 15.50
N LEU E 97 -83.54 -9.07 16.40
CA LEU E 97 -83.91 -10.43 16.05
C LEU E 97 -85.11 -10.45 15.10
N GLN E 98 -85.09 -11.41 14.18
CA GLN E 98 -86.18 -11.65 13.26
C GLN E 98 -86.49 -13.14 13.26
N PRO E 99 -87.74 -13.53 12.92
CA PRO E 99 -88.14 -14.93 13.12
C PRO E 99 -87.61 -15.89 12.07
N GLU E 100 -86.32 -15.77 11.73
CA GLU E 100 -85.67 -16.79 10.91
C GLU E 100 -84.23 -17.02 11.35
N ASP E 101 -83.81 -16.47 12.49
CA ASP E 101 -82.42 -16.55 12.94
C ASP E 101 -82.17 -17.69 13.91
N ILE E 102 -83.18 -18.53 14.17
CA ILE E 102 -83.00 -19.64 15.10
C ILE E 102 -82.12 -20.70 14.45
N ALA E 103 -80.93 -20.89 14.99
CA ALA E 103 -79.93 -21.80 14.44
C ALA E 103 -78.83 -21.97 15.48
N THR E 104 -77.73 -22.61 15.08
CA THR E 104 -76.56 -22.80 15.93
C THR E 104 -75.39 -22.04 15.36
N TYR E 105 -74.56 -21.47 16.24
CA TYR E 105 -73.43 -20.64 15.85
C TYR E 105 -72.14 -21.22 16.42
N TYR E 106 -71.07 -21.17 15.62
CA TYR E 106 -69.76 -21.68 16.02
C TYR E 106 -68.69 -20.65 15.70
N CYS E 107 -67.73 -20.48 16.60
CA CYS E 107 -66.56 -19.64 16.37
C CYS E 107 -65.31 -20.51 16.30
N GLN E 108 -64.47 -20.28 15.29
CA GLN E 108 -63.30 -21.11 15.05
C GLN E 108 -62.10 -20.26 14.69
N HIS E 109 -60.96 -20.52 15.32
CA HIS E 109 -59.74 -19.80 15.00
C HIS E 109 -59.18 -20.30 13.68
N HIS E 110 -58.22 -19.56 13.13
CA HIS E 110 -57.59 -19.99 11.90
C HIS E 110 -56.15 -19.48 11.89
N ASP E 111 -55.22 -20.21 12.52
CA ASP E 111 -53.84 -19.77 12.45
C ASP E 111 -52.85 -20.77 11.89
N SER E 112 -52.56 -21.82 12.66
CA SER E 112 -51.54 -22.78 12.25
C SER E 112 -51.92 -24.22 12.59
N LEU E 113 -52.75 -24.39 13.61
CA LEU E 113 -53.24 -25.71 13.94
C LEU E 113 -54.26 -26.09 12.86
N PRO E 114 -54.22 -27.32 12.33
CA PRO E 114 -55.10 -27.67 11.21
C PRO E 114 -56.53 -27.18 11.38
N LEU E 115 -57.17 -27.53 12.49
CA LEU E 115 -58.49 -27.01 12.83
C LEU E 115 -58.92 -27.40 14.24
N THR E 116 -59.77 -26.59 14.84
CA THR E 116 -60.40 -26.91 16.12
C THR E 116 -61.61 -26.01 16.30
N PHE E 117 -62.78 -26.61 16.50
CA PHE E 117 -64.01 -25.85 16.67
C PHE E 117 -64.32 -25.67 18.14
N GLY E 118 -65.16 -24.67 18.43
CA GLY E 118 -65.58 -24.38 19.78
C GLY E 118 -66.75 -25.25 20.22
N GLY E 119 -67.21 -24.98 21.45
CA GLY E 119 -68.30 -25.77 22.00
C GLY E 119 -69.60 -25.60 21.23
N GLY E 120 -69.84 -24.41 20.70
CA GLY E 120 -71.06 -24.15 19.98
C GLY E 120 -72.13 -23.53 20.86
N THR E 121 -72.88 -22.60 20.29
CA THR E 121 -73.91 -21.88 21.01
C THR E 121 -75.22 -21.97 20.25
N LYS E 122 -76.29 -22.37 20.92
CA LYS E 122 -77.62 -22.44 20.33
C LYS E 122 -78.47 -21.30 20.91
N VAL E 123 -79.15 -20.59 20.02
CA VAL E 123 -79.94 -19.43 20.40
C VAL E 123 -81.42 -19.79 20.36
N GLU E 124 -82.20 -19.07 21.17
CA GLU E 124 -83.64 -19.29 21.24
C GLU E 124 -84.33 -17.97 21.57
N ILE E 125 -85.65 -17.97 21.48
CA ILE E 125 -86.46 -16.76 21.62
C ILE E 125 -87.39 -16.93 22.80
N LYS E 126 -87.43 -15.92 23.67
CA LYS E 126 -88.38 -15.87 24.78
C LYS E 126 -89.62 -15.13 24.29
N ARG E 127 -90.75 -15.84 24.25
CA ARG E 127 -91.98 -15.28 23.70
C ARG E 127 -93.13 -15.64 24.63
N THR E 128 -94.36 -15.40 24.16
CA THR E 128 -95.53 -15.60 24.97
C THR E 128 -95.79 -17.09 25.21
N VAL E 129 -96.46 -17.37 26.33
CA VAL E 129 -96.83 -18.74 26.66
C VAL E 129 -97.91 -19.23 25.70
N ALA E 130 -97.85 -20.51 25.36
CA ALA E 130 -98.81 -21.12 24.44
C ALA E 130 -99.35 -22.41 25.03
N ALA E 131 -100.57 -22.76 24.64
CA ALA E 131 -101.20 -23.98 25.11
C ALA E 131 -101.16 -25.05 24.03
N PRO E 132 -100.98 -26.32 24.41
CA PRO E 132 -100.88 -27.40 23.43
C PRO E 132 -102.24 -27.96 23.06
N SER E 133 -102.22 -28.89 22.11
CA SER E 133 -103.38 -29.70 21.75
C SER E 133 -103.09 -31.15 22.13
N VAL E 134 -104.06 -31.81 22.75
CA VAL E 134 -103.87 -33.12 23.32
C VAL E 134 -104.56 -34.16 22.44
N PHE E 135 -103.79 -35.14 21.97
CA PHE E 135 -104.29 -36.23 21.15
C PHE E 135 -104.02 -37.56 21.84
N ILE E 136 -104.96 -38.49 21.69
CA ILE E 136 -104.86 -39.81 22.27
C ILE E 136 -105.11 -40.86 21.19
N PHE E 137 -104.34 -41.95 21.26
CA PHE E 137 -104.46 -43.04 20.30
C PHE E 137 -104.28 -44.39 21.02
N PRO E 138 -105.27 -45.27 20.95
CA PRO E 138 -105.17 -46.54 21.68
C PRO E 138 -104.18 -47.46 21.01
N PRO E 139 -103.62 -48.43 21.73
CA PRO E 139 -102.70 -49.38 21.12
C PRO E 139 -103.41 -50.28 20.12
N SER E 140 -102.66 -50.68 19.09
CA SER E 140 -103.21 -51.52 18.04
C SER E 140 -103.38 -52.96 18.55
N ASP E 141 -104.37 -53.65 17.99
CA ASP E 141 -104.63 -55.02 18.39
C ASP E 141 -103.53 -55.96 17.93
N GLU E 142 -102.92 -55.70 16.77
CA GLU E 142 -101.84 -56.56 16.31
C GLU E 142 -100.61 -56.45 17.21
N GLN E 143 -100.37 -55.26 17.78
CA GLN E 143 -99.30 -55.14 18.76
C GLN E 143 -99.60 -55.95 20.01
N LEU E 144 -100.87 -55.95 20.45
CA LEU E 144 -101.27 -56.78 21.58
C LEU E 144 -101.07 -58.26 21.26
N LYS E 145 -101.35 -58.65 20.01
CA LYS E 145 -101.03 -60.01 19.58
C LYS E 145 -99.53 -60.27 19.67
N SER E 146 -98.72 -59.28 19.29
CA SER E 146 -97.28 -59.41 19.44
C SER E 146 -96.88 -59.43 20.91
N GLY E 147 -97.69 -58.83 21.78
CA GLY E 147 -97.42 -58.79 23.20
C GLY E 147 -97.07 -57.43 23.78
N THR E 148 -97.46 -56.34 23.13
CA THR E 148 -97.14 -55.00 23.59
C THR E 148 -98.33 -54.08 23.36
N ALA E 149 -98.48 -53.10 24.24
CA ALA E 149 -99.54 -52.09 24.15
C ALA E 149 -98.87 -50.72 24.17
N SER E 150 -98.95 -50.00 23.07
CA SER E 150 -98.36 -48.67 22.96
C SER E 150 -99.49 -47.65 22.78
N VAL E 151 -99.72 -46.86 23.83
CA VAL E 151 -100.72 -45.79 23.81
C VAL E 151 -100.02 -44.49 23.46
N VAL E 152 -100.58 -43.75 22.50
CA VAL E 152 -99.97 -42.54 22.00
C VAL E 152 -100.65 -41.34 22.66
N CYS E 153 -99.87 -40.49 23.31
CA CYS E 153 -100.36 -39.25 23.90
C CYS E 153 -99.52 -38.11 23.34
N LEU E 154 -100.15 -37.22 22.57
CA LEU E 154 -99.45 -36.20 21.83
C LEU E 154 -99.82 -34.81 22.34
N LEU E 155 -98.79 -33.99 22.59
CA LEU E 155 -98.93 -32.59 22.94
C LEU E 155 -98.42 -31.76 21.77
N ASN E 156 -99.26 -30.87 21.26
CA ASN E 156 -98.92 -30.11 20.06
C ASN E 156 -98.79 -28.63 20.39
N ASN E 157 -97.66 -28.04 20.02
CA ASN E 157 -97.45 -26.60 20.01
C ASN E 157 -97.65 -26.00 21.41
N PHE E 158 -96.76 -26.40 22.32
CA PHE E 158 -96.76 -25.88 23.68
C PHE E 158 -95.48 -25.10 23.94
N TYR E 159 -95.57 -24.16 24.89
CA TYR E 159 -94.48 -23.28 25.27
C TYR E 159 -94.81 -22.75 26.65
N PRO E 160 -93.83 -22.64 27.57
CA PRO E 160 -92.38 -22.89 27.50
C PRO E 160 -91.97 -24.37 27.42
N ARG E 161 -90.72 -24.63 27.81
CA ARG E 161 -90.11 -25.93 27.58
C ARG E 161 -90.86 -27.05 28.28
N GLU E 162 -91.14 -26.88 29.57
CA GLU E 162 -91.56 -27.98 30.42
C GLU E 162 -93.07 -28.20 30.38
N ALA E 163 -93.46 -29.44 30.66
CA ALA E 163 -94.85 -29.85 30.74
C ALA E 163 -94.96 -31.07 31.64
N LYS E 164 -96.18 -31.35 32.09
CA LYS E 164 -96.46 -32.46 32.99
C LYS E 164 -97.43 -33.44 32.32
N VAL E 165 -97.09 -34.72 32.36
CA VAL E 165 -97.89 -35.79 31.77
C VAL E 165 -98.20 -36.81 32.85
N GLN E 166 -99.47 -37.19 32.96
CA GLN E 166 -99.93 -38.17 33.93
C GLN E 166 -100.78 -39.22 33.24
N TRP E 167 -100.87 -40.39 33.85
CA TRP E 167 -101.65 -41.49 33.30
C TRP E 167 -102.54 -42.05 34.42
N LYS E 168 -103.84 -41.92 34.25
CA LYS E 168 -104.82 -42.46 35.20
C LYS E 168 -105.51 -43.65 34.57
N VAL E 169 -105.29 -44.84 35.13
CA VAL E 169 -105.77 -46.08 34.57
C VAL E 169 -106.75 -46.69 35.56
N ASP E 170 -108.04 -46.64 35.21
CA ASP E 170 -109.12 -47.08 36.10
C ASP E 170 -109.00 -46.39 37.45
N ASN E 171 -108.78 -45.07 37.42
CA ASN E 171 -108.57 -44.24 38.60
C ASN E 171 -107.34 -44.66 39.39
N ALA E 172 -106.43 -45.41 38.78
CA ALA E 172 -105.19 -45.84 39.41
C ALA E 172 -104.01 -45.40 38.55
N LEU E 173 -102.98 -44.88 39.20
CA LEU E 173 -101.82 -44.37 38.48
C LEU E 173 -100.95 -45.52 37.98
N GLN E 174 -100.53 -45.44 36.72
CA GLN E 174 -99.59 -46.38 36.13
C GLN E 174 -98.31 -45.62 35.83
N SER E 175 -97.18 -46.12 36.34
CA SER E 175 -95.91 -45.42 36.25
C SER E 175 -94.83 -46.38 35.75
N GLY E 176 -93.73 -45.78 35.26
CA GLY E 176 -92.62 -46.55 34.73
C GLY E 176 -92.97 -47.34 33.50
N ASN E 177 -93.83 -46.80 32.63
CA ASN E 177 -94.28 -47.54 31.46
C ASN E 177 -94.38 -46.65 30.21
N SER E 178 -93.73 -45.49 30.21
CA SER E 178 -93.86 -44.54 29.11
C SER E 178 -92.50 -44.03 28.66
N GLN E 179 -92.42 -43.68 27.39
CA GLN E 179 -91.25 -43.07 26.79
C GLN E 179 -91.62 -41.72 26.20
N GLU E 180 -90.77 -40.72 26.41
CA GLU E 180 -91.07 -39.34 26.06
C GLU E 180 -90.08 -38.84 25.00
N SER E 181 -90.61 -38.06 24.06
CA SER E 181 -89.80 -37.39 23.05
C SER E 181 -90.28 -35.96 22.90
N VAL E 182 -89.35 -35.03 22.69
CA VAL E 182 -89.64 -33.61 22.57
C VAL E 182 -89.03 -33.09 21.28
N THR E 183 -89.79 -32.30 20.53
CA THR E 183 -89.28 -31.68 19.32
C THR E 183 -88.75 -30.27 19.62
N GLU E 184 -88.14 -29.68 18.61
CA GLU E 184 -87.52 -28.36 18.68
C GLU E 184 -88.57 -27.27 18.44
N GLN E 185 -88.17 -26.02 18.57
CA GLN E 185 -89.07 -24.90 18.27
C GLN E 185 -89.55 -24.98 16.84
N ASP E 186 -90.85 -24.83 16.64
CA ASP E 186 -91.40 -24.88 15.29
C ASP E 186 -91.25 -23.51 14.61
N SER E 187 -91.49 -23.49 13.31
CA SER E 187 -91.46 -22.26 12.53
C SER E 187 -92.82 -21.58 12.48
N LYS E 188 -93.85 -22.17 13.09
CA LYS E 188 -95.18 -21.57 13.11
C LYS E 188 -95.27 -20.51 14.20
N ASP E 189 -95.08 -20.92 15.45
CA ASP E 189 -95.11 -20.01 16.59
C ASP E 189 -93.98 -20.29 17.58
N SER E 190 -92.95 -21.02 17.15
CA SER E 190 -91.78 -21.32 17.97
C SER E 190 -92.18 -22.05 19.26
N THR E 191 -92.83 -23.19 19.07
CA THR E 191 -93.31 -24.00 20.18
C THR E 191 -92.80 -25.43 20.04
N TYR E 192 -93.06 -26.24 21.06
CA TYR E 192 -92.59 -27.62 21.12
C TYR E 192 -93.75 -28.58 20.88
N SER E 193 -93.39 -29.79 20.48
CA SER E 193 -94.32 -30.91 20.36
C SER E 193 -93.74 -32.10 21.10
N LEU E 194 -94.56 -32.76 21.90
CA LEU E 194 -94.13 -33.87 22.73
C LEU E 194 -94.93 -35.12 22.40
N SER E 195 -94.26 -36.26 22.39
CA SER E 195 -94.89 -37.55 22.15
C SER E 195 -94.61 -38.47 23.32
N SER E 196 -95.65 -39.12 23.82
CA SER E 196 -95.54 -40.07 24.92
C SER E 196 -96.08 -41.41 24.46
N THR E 197 -95.23 -42.43 24.48
CA THR E 197 -95.60 -43.79 24.15
C THR E 197 -95.69 -44.58 25.44
N LEU E 198 -96.91 -44.85 25.88
CA LEU E 198 -97.18 -45.64 27.09
C LEU E 198 -97.08 -47.10 26.68
N THR E 199 -95.99 -47.76 27.09
CA THR E 199 -95.72 -49.14 26.72
C THR E 199 -96.05 -50.05 27.90
N LEU E 200 -96.92 -51.03 27.65
CA LEU E 200 -97.36 -51.94 28.69
C LEU E 200 -97.40 -53.36 28.15
N SER E 201 -97.28 -54.33 29.05
CA SER E 201 -97.43 -55.73 28.71
C SER E 201 -98.87 -56.18 28.96
N LYS E 202 -99.24 -57.32 28.36
CA LYS E 202 -100.61 -57.79 28.44
C LYS E 202 -100.94 -58.34 29.82
N ALA E 203 -99.92 -58.58 30.65
CA ALA E 203 -100.16 -59.13 31.98
C ALA E 203 -100.98 -58.17 32.84
N ASP E 204 -100.53 -56.92 32.94
CA ASP E 204 -101.21 -55.92 33.75
C ASP E 204 -102.13 -55.00 32.95
N TYR E 205 -102.16 -55.14 31.63
CA TYR E 205 -103.01 -54.27 30.82
C TYR E 205 -104.48 -54.68 30.90
N GLU E 206 -104.75 -55.98 31.07
CA GLU E 206 -106.12 -56.48 31.02
C GLU E 206 -106.84 -56.42 32.35
N LYS E 207 -106.15 -56.08 33.44
CA LYS E 207 -106.79 -56.01 34.75
C LYS E 207 -107.42 -54.66 35.03
N HIS E 208 -107.34 -53.72 34.09
CA HIS E 208 -107.94 -52.40 34.24
C HIS E 208 -108.87 -52.14 33.07
N LYS E 209 -109.71 -51.11 33.22
CA LYS E 209 -110.76 -50.81 32.25
C LYS E 209 -110.54 -49.48 31.55
N VAL E 210 -110.40 -48.38 32.30
CA VAL E 210 -110.40 -47.04 31.73
C VAL E 210 -108.97 -46.52 31.78
N TYR E 211 -108.39 -46.27 30.61
CA TYR E 211 -107.07 -45.68 30.49
C TYR E 211 -107.21 -44.24 30.02
N ALA E 212 -106.54 -43.32 30.71
CA ALA E 212 -106.66 -41.91 30.40
C ALA E 212 -105.31 -41.21 30.51
N CYS E 213 -105.03 -40.35 29.54
CA CYS E 213 -103.84 -39.50 29.56
C CYS E 213 -104.25 -38.09 29.97
N GLU E 214 -103.50 -37.50 30.89
CA GLU E 214 -103.77 -36.18 31.42
C GLU E 214 -102.56 -35.28 31.21
N VAL E 215 -102.82 -34.04 30.83
CA VAL E 215 -101.78 -33.07 30.51
C VAL E 215 -101.96 -31.84 31.40
N THR E 216 -100.87 -31.42 32.05
CA THR E 216 -100.84 -30.19 32.83
C THR E 216 -99.73 -29.32 32.30
N HIS E 217 -100.04 -28.05 32.03
CA HIS E 217 -99.08 -27.15 31.42
C HIS E 217 -99.37 -25.73 31.91
N GLN E 218 -98.36 -24.87 31.80
CA GLN E 218 -98.52 -23.49 32.25
C GLN E 218 -99.61 -22.77 31.45
N GLY E 219 -99.80 -23.15 30.20
CA GLY E 219 -100.90 -22.65 29.40
C GLY E 219 -102.21 -23.35 29.62
N LEU E 220 -102.25 -24.36 30.49
CA LEU E 220 -103.46 -25.11 30.77
C LEU E 220 -103.86 -24.89 32.23
N SER E 221 -105.12 -24.52 32.44
CA SER E 221 -105.61 -24.28 33.79
C SER E 221 -105.89 -25.57 34.55
N SER E 222 -106.03 -26.70 33.86
CA SER E 222 -106.35 -27.97 34.50
C SER E 222 -105.84 -29.09 33.62
N PRO E 223 -105.56 -30.27 34.18
CA PRO E 223 -105.14 -31.40 33.34
C PRO E 223 -106.23 -31.77 32.34
N VAL E 224 -105.81 -32.13 31.13
CA VAL E 224 -106.73 -32.49 30.06
C VAL E 224 -106.80 -34.00 29.98
N THR E 225 -107.95 -34.57 30.34
CA THR E 225 -108.12 -36.02 30.42
C THR E 225 -108.70 -36.55 29.11
N LYS E 226 -107.97 -37.46 28.48
CA LYS E 226 -108.44 -38.17 27.29
C LYS E 226 -108.48 -39.65 27.67
N SER E 227 -109.68 -40.22 27.71
CA SER E 227 -109.90 -41.54 28.26
C SER E 227 -110.58 -42.46 27.26
N PHE E 228 -110.26 -43.76 27.37
CA PHE E 228 -110.91 -44.80 26.58
C PHE E 228 -111.03 -46.05 27.44
N ASN E 229 -112.00 -46.89 27.11
CA ASN E 229 -112.30 -48.10 27.88
C ASN E 229 -111.86 -49.35 27.11
N ARG E 230 -112.00 -50.49 27.77
CA ARG E 230 -111.66 -51.76 27.15
C ARG E 230 -112.62 -52.08 26.01
N GLY E 231 -112.09 -52.74 24.97
CA GLY E 231 -112.90 -53.15 23.85
C GLY E 231 -113.25 -52.04 22.87
N GLU E 232 -112.68 -50.86 23.03
CA GLU E 232 -113.00 -49.74 22.14
C GLU E 232 -111.75 -48.95 21.78
C1 NAG F . 20.48 -24.32 -68.85
C2 NAG F . 19.87 -24.17 -70.24
C3 NAG F . 18.53 -23.44 -70.16
C4 NAG F . 17.61 -24.14 -69.17
C5 NAG F . 18.30 -24.33 -67.82
C6 NAG F . 17.49 -25.18 -66.87
C7 NAG F . 21.08 -23.95 -72.36
C8 NAG F . 20.42 -25.24 -72.76
N2 NAG F . 20.78 -23.48 -71.15
O3 NAG F . 17.94 -23.40 -71.45
O4 NAG F . 16.44 -23.34 -68.97
O5 NAG F . 19.56 -25.01 -68.00
O6 NAG F . 17.16 -26.44 -67.45
O7 NAG F . 21.85 -23.35 -73.12
C1 NAG F . 15.33 -23.99 -69.62
C2 NAG F . 14.06 -23.70 -68.81
C3 NAG F . 12.84 -24.30 -69.52
C4 NAG F . 12.78 -23.83 -70.96
C5 NAG F . 14.10 -24.11 -71.67
C6 NAG F . 14.13 -23.55 -73.08
C7 NAG F . 13.48 -23.75 -66.43
C8 NAG F . 13.73 -24.41 -65.11
N2 NAG F . 14.18 -24.22 -67.46
O3 NAG F . 11.66 -23.91 -68.82
O4 NAG F . 11.73 -24.50 -71.64
O5 NAG F . 15.17 -23.48 -70.95
O6 NAG F . 13.04 -22.70 -73.33
O7 NAG F . 12.67 -22.84 -66.56
C1 NAG G . 35.75 -5.90 -65.45
C2 NAG G . 36.16 -5.85 -66.92
C3 NAG G . 36.52 -4.43 -67.30
C4 NAG G . 35.38 -3.48 -66.98
C5 NAG G . 34.94 -3.65 -65.51
C6 NAG G . 33.70 -2.86 -65.18
C7 NAG G . 37.13 -7.77 -68.07
C8 NAG G . 38.34 -8.65 -68.24
N2 NAG G . 37.24 -6.78 -67.19
O3 NAG G . 36.82 -4.38 -68.70
O4 NAG G . 35.79 -2.13 -67.18
O5 NAG G . 34.65 -5.03 -65.22
O6 NAG G . 32.71 -2.98 -66.20
O7 NAG G . 36.10 -7.97 -68.71
C1 NAG G . 34.95 -1.52 -68.19
C2 NAG G . 34.88 -0.01 -67.91
C3 NAG G . 34.04 0.68 -68.97
C4 NAG G . 34.54 0.33 -70.37
C5 NAG G . 34.61 -1.18 -70.54
C6 NAG G . 35.21 -1.60 -71.87
C7 NAG G . 34.94 1.10 -65.73
C8 NAG G . 36.20 1.78 -66.21
N2 NAG G . 34.37 0.25 -66.58
O3 NAG G . 34.09 2.09 -68.78
O4 NAG G . 33.65 0.87 -71.35
O5 NAG G . 35.45 -1.75 -69.52
O6 NAG G . 34.87 -0.68 -72.89
O7 NAG G . 34.49 1.32 -64.61
C1 NAG H . 12.25 -1.02 -65.82
C2 NAG H . 11.00 -0.30 -65.36
C3 NAG H . 9.83 -0.68 -66.26
C4 NAG H . 10.17 -0.38 -67.71
C5 NAG H . 11.49 -1.05 -68.10
C6 NAG H . 11.96 -0.67 -69.48
C7 NAG H . 11.02 0.21 -62.96
C8 NAG H . 10.64 -0.27 -61.59
N2 NAG H . 10.70 -0.61 -63.97
O3 NAG H . 8.68 0.06 -65.85
O4 NAG H . 9.15 -0.88 -68.57
O5 NAG H . 12.53 -0.67 -67.18
O6 NAG H . 11.45 0.59 -69.87
O7 NAG H . 11.60 1.27 -63.14
C1 NAG H . 8.16 0.13 -68.87
C2 NAG H . 6.79 -0.45 -68.50
C3 NAG H . 5.70 0.59 -68.73
C4 NAG H . 6.04 1.89 -67.99
C5 NAG H . 7.42 2.37 -68.38
C6 NAG H . 7.87 3.58 -67.60
C7 NAG H . 6.43 -1.74 -70.57
C8 NAG H . 6.13 -3.10 -71.13
N2 NAG H . 6.51 -1.67 -69.24
O3 NAG H . 4.45 0.09 -68.26
O4 NAG H . 5.07 2.89 -68.30
O5 NAG H . 8.39 1.35 -68.14
O6 NAG H . 7.95 3.30 -66.21
O7 NAG H . 6.59 -0.77 -71.30
C1 NAG I . 10.09 -9.17 -48.95
C2 NAG I . 8.97 -8.18 -49.01
C3 NAG I . 7.71 -8.89 -49.51
C4 NAG I . 7.97 -9.89 -50.64
C5 NAG I . 9.40 -10.44 -50.74
C6 NAG I . 9.83 -10.72 -52.17
C7 NAG I . 7.93 -6.51 -47.54
C8 NAG I . 7.80 -6.00 -46.14
N2 NAG I . 8.73 -7.56 -47.72
O3 NAG I . 6.77 -7.91 -49.94
O4 NAG I . 7.15 -11.02 -50.39
O5 NAG I . 10.40 -9.57 -50.21
O6 NAG I . 11.01 -10.03 -52.49
O7 NAG I . 7.34 -5.98 -48.48
C1 NAG I . 6.23 -11.44 -51.43
C2 NAG I . 6.84 -12.48 -52.39
C3 NAG I . 6.62 -13.91 -51.85
C4 NAG I . 6.41 -13.90 -50.35
C5 NAG I . 5.11 -13.16 -50.05
C6 NAG I . 5.00 -12.74 -48.60
C7 NAG I . 6.72 -11.45 -54.61
C8 NAG I . 6.03 -11.48 -55.94
N2 NAG I . 6.30 -12.36 -53.72
O3 NAG I . 7.74 -14.72 -52.18
O4 NAG I . 6.33 -15.23 -49.86
O5 NAG I . 4.99 -11.96 -50.84
O6 NAG I . 4.78 -11.34 -48.47
O7 NAG I . 7.60 -10.65 -54.35
C1 NAG J . 5.80 -36.20 -7.01
C2 NAG J . 4.60 -36.35 -6.09
C3 NAG J . 4.27 -37.82 -5.85
C4 NAG J . 4.10 -38.53 -7.18
C5 NAG J . 5.38 -38.38 -7.99
C6 NAG J . 5.33 -39.05 -9.33
C7 NAG J . 3.85 -35.22 -4.04
C8 NAG J . 4.26 -34.54 -2.77
N2 NAG J . 4.83 -35.66 -4.82
O3 NAG J . 3.09 -37.92 -5.06
O4 NAG J . 3.76 -39.90 -6.98
O5 NAG J . 5.61 -36.99 -8.21
O6 NAG J . 4.01 -39.14 -9.84
O7 NAG J . 2.66 -35.37 -4.34
C1 NAG J . 2.36 -40.02 -7.34
C2 NAG J . 2.06 -41.45 -7.79
C3 NAG J . 0.59 -41.58 -8.14
C4 NAG J . -0.28 -41.11 -6.99
C5 NAG J . 0.12 -39.71 -6.55
C6 NAG J . -0.61 -39.24 -5.30
C7 NAG J . 4.13 -42.34 -8.76
C8 NAG J . 4.86 -42.68 -10.02
N2 NAG J . 2.91 -41.84 -8.90
O3 NAG J . 0.29 -42.94 -8.45
O4 NAG J . -1.65 -41.08 -7.40
O5 NAG J . 1.52 -39.67 -6.23
O6 NAG J . 0.14 -39.49 -4.13
O7 NAG J . 4.64 -42.51 -7.65
C1 NAG K . 54.09 -33.94 27.56
C2 NAG K . 55.14 -35.04 27.66
C3 NAG K . 56.43 -34.59 27.02
C4 NAG K . 56.19 -34.10 25.59
C5 NAG K . 55.08 -33.06 25.58
C6 NAG K . 54.69 -32.64 24.18
C7 NAG K . 55.09 -36.65 29.51
C8 NAG K . 55.38 -36.87 30.97
N2 NAG K . 55.35 -35.42 29.05
O3 NAG K . 57.35 -35.68 27.00
O4 NAG K . 57.38 -33.51 25.09
O5 NAG K . 53.90 -33.58 26.20
O6 NAG K . 53.66 -33.47 23.66
O7 NAG K . 54.63 -37.53 28.79
C1 NAG K . 57.92 -34.34 24.03
C2 NAG K . 58.88 -33.49 23.20
C3 NAG K . 59.53 -34.35 22.12
C4 NAG K . 60.18 -35.57 22.73
C5 NAG K . 59.17 -36.34 23.58
C6 NAG K . 59.77 -37.51 24.30
C7 NAG K . 58.72 -31.13 22.56
C8 NAG K . 57.87 -30.07 21.92
N2 NAG K . 58.19 -32.36 22.61
O3 NAG K . 60.50 -33.56 21.43
O4 NAG K . 60.67 -36.43 21.70
O5 NAG K . 58.62 -35.46 24.58
O6 NAG K . 59.06 -38.71 24.02
O7 NAG K . 59.83 -30.88 23.01
C1 NAG L . 63.44 -15.77 17.15
C2 NAG L . 64.81 -16.44 17.13
C3 NAG L . 65.71 -15.78 16.10
C4 NAG L . 65.03 -15.74 14.74
C5 NAG L . 63.62 -15.15 14.85
C6 NAG L . 62.84 -15.27 13.57
C7 NAG L . 65.75 -15.33 19.12
C8 NAG L . 66.38 -15.55 20.46
N2 NAG L . 65.42 -16.44 18.45
O3 NAG L . 66.93 -16.51 16.02
O4 NAG L . 65.80 -14.94 13.85
O5 NAG L . 62.87 -15.84 15.85
O6 NAG L . 62.80 -16.61 13.11
O7 NAG L . 65.57 -14.20 18.67
C1 NAG L . 66.40 -15.77 12.84
C2 NAG L . 67.05 -14.85 11.81
C3 NAG L . 67.74 -15.69 10.74
C4 NAG L . 68.72 -16.66 11.38
C5 NAG L . 68.01 -17.50 12.45
C6 NAG L . 68.96 -18.39 13.23
C7 NAG L . 65.85 -12.72 11.68
C8 NAG L . 64.83 -11.92 10.94
N2 NAG L . 66.08 -13.95 11.21
O3 NAG L . 68.44 -14.83 9.84
O4 NAG L . 69.26 -17.53 10.40
O5 NAG L . 67.38 -16.64 13.41
O6 NAG L . 69.22 -17.85 14.52
O7 NAG L . 66.46 -12.27 12.64
C1 NAG M . 49.71 -47.00 42.88
C2 NAG M . 50.44 -48.32 42.64
C3 NAG M . 51.34 -48.62 43.83
C4 NAG M . 52.23 -47.43 44.17
C5 NAG M . 51.44 -46.12 44.23
C6 NAG M . 52.32 -44.91 44.32
C7 NAG M . 49.21 -49.87 41.21
C8 NAG M . 48.21 -50.99 41.16
N2 NAG M . 49.50 -49.40 42.42
O3 NAG M . 52.15 -49.76 43.53
O4 NAG M . 52.79 -47.65 45.46
O5 NAG M . 50.64 -45.96 43.05
O6 NAG M . 53.56 -45.10 43.64
O7 NAG M . 49.72 -49.42 40.19
C1 NAG M . 54.23 -47.74 45.41
C2 NAG M . 54.72 -47.91 46.84
C3 NAG M . 56.24 -48.06 46.86
C4 NAG M . 56.67 -49.19 45.94
C5 NAG M . 56.10 -48.98 44.55
C6 NAG M . 56.37 -50.13 43.61
C7 NAG M . 53.48 -46.92 48.72
C8 NAG M . 53.15 -45.65 49.45
N2 NAG M . 54.31 -46.78 47.67
O3 NAG M . 56.66 -48.33 48.19
O4 NAG M . 58.09 -49.24 45.86
O5 NAG M . 54.66 -48.85 44.63
O6 NAG M . 55.29 -50.35 42.73
O7 NAG M . 53.02 -48.01 49.05
C1 NAG N . 36.01 -48.97 57.27
C2 NAG N . 34.58 -49.52 57.25
C3 NAG N . 33.93 -49.37 58.61
C4 NAG N . 34.80 -50.01 59.69
C5 NAG N . 36.21 -49.42 59.62
C6 NAG N . 37.16 -50.06 60.60
C7 NAG N . 33.43 -49.44 55.09
C8 NAG N . 33.88 -50.85 54.90
N2 NAG N . 33.79 -48.85 56.23
O3 NAG N . 32.65 -50.00 58.59
O4 NAG N . 34.24 -49.80 60.97
O5 NAG N . 36.75 -49.60 58.31
O6 NAG N . 38.28 -49.22 60.87
O7 NAG N . 32.75 -48.85 54.24
C1 NAG N . 33.70 -51.04 61.46
C2 NAG N . 32.60 -50.70 62.50
C3 NAG N . 31.94 -51.98 63.02
C4 NAG N . 31.46 -52.84 61.86
C5 NAG N . 32.59 -53.09 60.87
C6 NAG N . 32.14 -53.83 59.64
C7 NAG N . 34.02 -50.06 64.50
C8 NAG N . 34.76 -51.36 64.46
N2 NAG N . 33.06 -49.83 63.59
O3 NAG N . 30.85 -51.64 63.86
O4 NAG N . 30.98 -54.09 62.35
O5 NAG N . 33.14 -51.84 60.42
O6 NAG N . 32.09 -52.97 58.50
O7 NAG N . 34.28 -49.20 65.35
C1 NAG O . 23.11 75.09 -23.97
C2 NAG O . 22.43 75.86 -25.09
C3 NAG O . 21.92 74.89 -26.16
C4 NAG O . 23.05 73.97 -26.63
C5 NAG O . 23.73 73.31 -25.43
C6 NAG O . 24.95 72.50 -25.81
C7 NAG O . 21.40 78.00 -24.50
C8 NAG O . 22.67 78.64 -24.96
N2 NAG O . 21.34 76.67 -24.59
O3 NAG O . 21.41 75.63 -27.27
O4 NAG O . 22.51 72.96 -27.47
O5 NAG O . 24.17 74.30 -24.49
O6 NAG O . 26.14 73.24 -25.58
O7 NAG O . 20.46 78.67 -24.06
C1 NAG O . 23.02 73.12 -28.81
C2 NAG O . 22.92 71.78 -29.52
C3 NAG O . 23.41 71.90 -30.97
C4 NAG O . 22.67 73.02 -31.68
C5 NAG O . 22.78 74.33 -30.88
C6 NAG O . 21.96 75.45 -31.47
C7 NAG O . 23.31 69.46 -28.83
C8 NAG O . 24.21 68.53 -28.05
N2 NAG O . 23.66 70.75 -28.82
O3 NAG O . 23.20 70.68 -31.65
O4 NAG O . 23.22 73.23 -32.97
O5 NAG O . 22.29 74.11 -29.55
O6 NAG O . 21.25 75.03 -32.62
O7 NAG O . 22.33 69.05 -29.44
C1 NAG P . 5.02 73.76 -9.59
C2 NAG P . 4.13 74.65 -10.45
C3 NAG P . 2.83 73.93 -10.78
C4 NAG P . 3.11 72.59 -11.43
C5 NAG P . 4.09 71.77 -10.59
C6 NAG P . 4.57 70.52 -11.30
C7 NAG P . 4.37 77.07 -10.20
C8 NAG P . 4.00 78.29 -9.39
N2 NAG P . 3.86 75.91 -9.77
O3 NAG P . 2.04 74.74 -11.64
O4 NAG P . 1.90 71.87 -11.58
O5 NAG P . 5.27 72.54 -10.30
O6 NAG P . 4.64 70.71 -12.71
O7 NAG P . 5.10 77.15 -11.18
C1 NAG P . 1.63 71.62 -12.98
C2 NAG P . 0.12 71.75 -13.22
C3 NAG P . -0.18 71.52 -14.69
C4 NAG P . 0.65 72.46 -15.56
C5 NAG P . 2.13 72.33 -15.22
C6 NAG P . 2.99 73.35 -15.94
C7 NAG P . -1.63 71.18 -11.60
C8 NAG P . -1.98 72.64 -11.61
N2 NAG P . -0.62 70.82 -12.39
O3 NAG P . -1.57 71.74 -14.93
O4 NAG P . 0.47 72.14 -16.94
O5 NAG P . 2.33 72.55 -13.81
O6 NAG P . 2.82 74.65 -15.39
O7 NAG P . -2.24 70.37 -10.91
C1 NAG Q . -0.86 63.28 -26.91
C2 NAG Q . -0.34 62.10 -27.74
C3 NAG Q . -0.91 62.15 -29.16
C4 NAG Q . -0.54 63.45 -29.86
C5 NAG Q . -0.64 64.62 -28.87
C6 NAG Q . -1.27 65.85 -29.48
C7 NAG Q . 1.87 61.74 -26.73
C8 NAG Q . 3.35 61.80 -26.95
N2 NAG Q . 1.11 62.10 -27.77
O3 NAG Q . -2.32 62.01 -29.11
O4 NAG Q . 0.80 63.34 -30.34
O5 NAG Q . -1.48 64.23 -27.78
O6 NAG Q . -0.29 66.71 -30.07
O7 NAG Q . 1.39 61.36 -25.67
C1 NAG Q . 0.99 64.09 -31.56
C2 NAG Q . 2.50 64.09 -31.89
C3 NAG Q . 2.83 63.08 -33.00
C4 NAG Q . 1.94 61.87 -32.86
C5 NAG Q . 0.51 62.26 -33.23
C6 NAG Q . -0.53 61.33 -32.68
C7 NAG Q . 3.98 66.04 -31.68
C8 NAG Q . 4.66 65.28 -30.58
N2 NAG Q . 2.95 65.42 -32.27
O3 NAG Q . 4.19 62.70 -32.90
O4 NAG Q . 2.37 60.84 -33.74
O5 NAG Q . 0.21 63.59 -32.73
O6 NAG Q . -1.81 61.97 -32.58
O7 NAG Q . 4.34 67.17 -32.01
C1 NAG R . 12.89 50.41 -22.81
C2 NAG R . 14.16 49.64 -23.11
C3 NAG R . 15.19 50.57 -23.74
C4 NAG R . 14.60 51.25 -24.97
C5 NAG R . 13.26 51.91 -24.63
C6 NAG R . 12.54 52.48 -25.84
C7 NAG R . 14.65 47.68 -21.70
C8 NAG R . 15.26 47.21 -20.42
N2 NAG R . 14.69 49.01 -21.92
O3 NAG R . 16.32 49.77 -24.08
O4 NAG R . 15.51 52.23 -25.47
O5 NAG R . 12.36 50.97 -24.03
O6 NAG R . 13.32 53.47 -26.49
O7 NAG R . 14.11 46.92 -22.49
C1 NAG R . 16.38 51.70 -26.48
C2 NAG R . 17.81 51.61 -25.92
C3 NAG R . 18.73 50.93 -26.93
C4 NAG R . 18.18 49.57 -27.31
C5 NAG R . 16.76 49.75 -27.85
C6 NAG R . 16.07 48.44 -28.19
C7 NAG R . 18.75 53.22 -24.31
C8 NAG R . 19.26 54.61 -24.11
N2 NAG R . 18.32 52.92 -25.55
O3 NAG R . 20.02 50.78 -26.35
O4 NAG R . 18.99 48.96 -28.30
O5 NAG R . 15.94 50.40 -26.88
O6 NAG R . 16.21 48.12 -29.57
O7 NAG R . 18.72 52.40 -23.40
C1 NAG S . 50.15 19.06 -7.11
C2 NAG S . 50.53 17.74 -7.84
C3 NAG S . 52.04 17.47 -7.78
C4 NAG S . 52.83 18.68 -8.24
C5 NAG S . 52.46 19.85 -7.35
C6 NAG S . 53.15 21.13 -7.74
C7 NAG S . 49.76 15.39 -7.80
C8 NAG S . 48.94 14.38 -7.04
N2 NAG S . 49.78 16.62 -7.27
O3 NAG S . 52.37 16.35 -8.59
O4 NAG S . 54.24 18.46 -8.17
O5 NAG S . 51.06 20.09 -7.47
O6 NAG S . 52.79 21.56 -9.04
O7 NAG S . 50.36 15.11 -8.82
C1 NAG S . 54.77 18.37 -9.52
C2 NAG S . 56.10 19.13 -9.59
C3 NAG S . 56.73 18.97 -10.97
C4 NAG S . 56.85 17.49 -11.34
C5 NAG S . 55.48 16.83 -11.23
C6 NAG S . 55.53 15.34 -11.52
C7 NAG S . 56.58 21.16 -8.30
C8 NAG S . 56.28 22.62 -8.13
N2 NAG S . 55.91 20.53 -9.28
O3 NAG S . 58.01 19.58 -10.99
O4 NAG S . 57.37 17.35 -12.65
O5 NAG S . 54.96 16.99 -9.91
O6 NAG S . 54.29 14.72 -11.21
O7 NAG S . 57.39 20.58 -7.59
C1 NAG T . 49.11 7.88 51.27
C2 NAG T . 50.11 8.18 52.39
C3 NAG T . 49.46 9.10 53.43
C4 NAG T . 48.87 10.34 52.77
C5 NAG T . 47.95 9.93 51.62
C6 NAG T . 47.44 11.11 50.82
C7 NAG T . 51.73 6.86 53.66
C8 NAG T . 52.05 5.51 54.25
N2 NAG T . 50.56 6.95 53.03
O3 NAG T . 50.44 9.50 54.39
O4 NAG T . 48.11 11.06 53.72
O5 NAG T . 48.66 9.09 50.70
O6 NAG T . 47.39 10.81 49.43
O7 NAG T . 52.50 7.81 53.75
C1 NAG T . 48.66 12.37 53.95
C2 NAG T . 47.49 13.32 54.24
C3 NAG T . 48.03 14.73 54.50
C4 NAG T . 49.06 14.69 55.62
C5 NAG T . 50.15 13.67 55.31
C6 NAG T . 51.12 13.48 56.45
C7 NAG T . 45.22 13.31 53.34
C8 NAG T . 44.38 13.33 52.10
N2 NAG T . 46.54 13.33 53.14
O3 NAG T . 46.95 15.58 54.85
O4 NAG T . 49.65 15.98 55.78
O5 NAG T . 49.57 12.38 55.05
O6 NAG T . 50.57 12.68 57.48
O7 NAG T . 44.73 13.27 54.45
C1 NAG U . 27.99 15.15 55.51
C2 NAG U . 28.31 15.76 56.88
C3 NAG U . 27.43 16.97 57.14
C4 NAG U . 27.48 17.96 55.99
C5 NAG U . 27.20 17.25 54.67
C6 NAG U . 27.38 18.14 53.46
C7 NAG U . 27.04 14.15 58.25
C8 NAG U . 27.11 13.17 59.38
N2 NAG U . 28.18 14.77 57.94
O3 NAG U . 27.86 17.61 58.35
O4 NAG U . 26.50 18.97 56.18
O5 NAG U . 28.11 16.14 54.51
O6 NAG U . 28.50 18.99 53.62
O7 NAG U . 25.99 14.36 57.65
C1 NAG U . 27.15 20.24 56.35
C2 NAG U . 26.13 21.33 56.00
C3 NAG U . 26.75 22.71 56.20
C4 NAG U . 27.32 22.83 57.61
C5 NAG U . 28.27 21.68 57.91
C6 NAG U . 28.75 21.67 59.34
C7 NAG U . 24.52 20.53 54.34
C8 NAG U . 24.17 20.46 52.87
N2 NAG U . 25.65 21.19 54.64
O3 NAG U . 25.77 23.71 55.98
O4 NAG U . 28.03 24.07 57.73
O5 NAG U . 27.59 20.43 57.70
O6 NAG U . 29.14 20.36 59.74
O7 NAG U . 23.82 20.01 55.19
C1 NAG V . 66.27 -4.24 54.84
C2 NAG V . 67.12 -3.12 55.41
C3 NAG V . 67.81 -3.59 56.68
C4 NAG V . 66.79 -4.13 57.68
C5 NAG V . 65.92 -5.19 57.02
C6 NAG V . 64.77 -5.65 57.89
C7 NAG V . 68.13 -1.35 54.06
C8 NAG V . 69.19 -1.01 53.06
N2 NAG V . 68.09 -2.63 54.45
O3 NAG V . 68.53 -2.51 57.26
O4 NAG V . 67.45 -4.71 58.79
O5 NAG V . 65.33 -4.69 55.81
O6 NAG V . 64.11 -4.53 58.48
O7 NAG V . 67.35 -0.51 54.49
C1 NAG V . 67.11 -3.96 59.98
C2 NAG V . 67.26 -4.90 61.18
C3 NAG V . 66.94 -4.14 62.47
C4 NAG V . 67.78 -2.87 62.56
C5 NAG V . 67.62 -2.03 61.30
C6 NAG V . 68.51 -0.82 61.27
C7 NAG V . 66.75 -7.16 60.39
C8 NAG V . 65.73 -8.26 60.36
N2 NAG V . 66.39 -6.06 61.05
O3 NAG V . 67.21 -4.98 63.58
O4 NAG V . 67.38 -2.10 63.69
O5 NAG V . 67.94 -2.82 60.14
O6 NAG V . 69.00 -0.58 59.95
O7 NAG V . 67.84 -7.26 59.84
C1 NAG W . 73.40 -22.40 47.96
C2 NAG W . 74.26 -22.08 46.74
C3 NAG W . 74.72 -23.37 46.07
C4 NAG W . 75.39 -24.30 47.06
C5 NAG W . 74.51 -24.49 48.30
C6 NAG W . 75.21 -25.25 49.41
C7 NAG W . 73.86 -19.99 45.53
C8 NAG W . 75.07 -19.45 46.24
N2 NAG W . 73.52 -21.25 45.80
O3 NAG W . 75.63 -23.05 45.01
O4 NAG W . 75.62 -25.55 46.45
O5 NAG W . 74.14 -23.22 48.85
O6 NAG W . 74.43 -25.26 50.60
O7 NAG W . 73.23 -19.31 44.72
C1 NAG W . 77.02 -25.87 46.46
C2 NAG W . 77.16 -27.39 46.48
C3 NAG W . 78.63 -27.79 46.44
C4 NAG W . 79.33 -27.12 45.27
C5 NAG W . 79.11 -25.61 45.30
C6 NAG W . 79.67 -24.90 44.10
C7 NAG W . 75.19 -28.23 47.68
C8 NAG W . 74.68 -28.83 48.95
N2 NAG W . 76.51 -27.97 47.64
O3 NAG W . 78.74 -29.20 46.34
O4 NAG W . 80.74 -27.37 45.33
O5 NAG W . 77.69 -25.33 45.32
O6 NAG W . 79.90 -23.52 44.37
O7 NAG W . 74.46 -28.00 46.73
C1 NAG X . -53.65 -12.89 -13.22
C2 NAG X . -54.38 -14.05 -13.87
C3 NAG X . -53.49 -14.74 -14.89
C4 NAG X . -52.95 -13.72 -15.90
C5 NAG X . -52.25 -12.59 -15.15
C6 NAG X . -51.77 -11.49 -16.07
C7 NAG X . -56.11 -15.04 -12.44
C8 NAG X . -56.43 -16.08 -11.41
N2 NAG X . -54.85 -15.00 -12.88
O3 NAG X . -54.22 -15.75 -15.58
O4 NAG X . -52.05 -14.34 -16.80
O5 NAG X . -53.16 -11.99 -14.22
O6 NAG X . -52.72 -11.22 -17.10
O7 NAG X . -56.96 -14.24 -12.83
C1 NAG X . -52.66 -14.32 -18.11
C2 NAG X . -51.92 -15.28 -19.03
C3 NAG X . -52.55 -15.31 -20.41
C4 NAG X . -54.05 -15.61 -20.30
C5 NAG X . -54.71 -14.65 -19.31
C6 NAG X . -56.16 -14.99 -19.05
C7 NAG X . -49.51 -15.82 -19.02
C8 NAG X . -49.92 -17.25 -18.77
N2 NAG X . -50.51 -14.93 -19.13
O3 NAG X . -51.92 -16.29 -21.22
O4 NAG X . -54.67 -15.49 -21.57
O5 NAG X . -54.05 -14.69 -18.05
O6 NAG X . -56.28 -16.18 -18.27
O7 NAG X . -48.34 -15.49 -19.11
C1 NAG Y . -46.25 8.60 -25.00
C2 NAG Y . -45.11 9.34 -25.69
C3 NAG Y . -45.62 10.68 -26.23
C4 NAG Y . -46.83 10.46 -27.14
C5 NAG Y . -47.89 9.62 -26.42
C6 NAG Y . -49.02 9.23 -27.33
C7 NAG Y . -42.88 8.81 -24.82
C8 NAG Y . -41.83 9.15 -23.81
N2 NAG Y . -44.00 9.54 -24.79
O3 NAG Y . -44.57 11.31 -26.96
O4 NAG Y . -47.40 11.72 -27.47
O5 NAG Y . -47.32 8.40 -25.93
O6 NAG Y . -48.69 8.13 -28.15
O7 NAG Y . -42.73 7.91 -25.64
C1 NAG Y . -46.95 12.17 -28.77
C2 NAG Y . -46.53 13.64 -28.63
C3 NAG Y . -45.99 14.16 -29.96
C4 NAG Y . -44.87 13.27 -30.46
C5 NAG Y . -45.35 11.82 -30.53
C6 NAG Y . -44.24 10.85 -30.90
C7 NAG Y . -48.80 14.62 -28.81
C8 NAG Y . -49.79 15.53 -28.14
N2 NAG Y . -47.64 14.47 -28.16
O3 NAG Y . -45.50 15.49 -29.78
O4 NAG Y . -44.45 13.69 -31.76
O5 NAG Y . -45.84 11.40 -29.25
O6 NAG Y . -43.83 10.08 -29.78
O7 NAG Y . -49.04 14.08 -29.87
C1 NAG Z . -9.68 23.41 30.94
C2 NAG Z . -8.49 24.21 31.48
C3 NAG Z . -8.89 24.96 32.75
C4 NAG Z . -10.13 25.81 32.50
C5 NAG Z . -11.25 24.96 31.92
C6 NAG Z . -12.47 25.75 31.53
C7 NAG Z . -6.11 23.75 31.85
C8 NAG Z . -5.07 22.71 32.13
N2 NAG Z . -7.36 23.32 31.76
O3 NAG Z . -7.82 25.79 33.18
O4 NAG Z . -10.56 26.42 33.70
O5 NAG Z . -10.79 24.30 30.73
O6 NAG Z . -12.29 26.39 30.27
O7 NAG Z . -5.81 24.94 31.72
C1 NAG Z . -10.30 27.84 33.59
C2 NAG Z . -11.10 28.57 34.68
C3 NAG Z . -10.79 30.06 34.64
C4 NAG Z . -9.30 30.30 34.71
C5 NAG Z . -8.58 29.50 33.64
C6 NAG Z . -7.07 29.60 33.73
C7 NAG Z . -13.16 27.31 35.08
C8 NAG Z . -14.64 27.21 34.83
N2 NAG Z . -12.52 28.33 34.52
O3 NAG Z . -11.46 30.71 35.72
O4 NAG Z . -9.02 31.69 34.54
O5 NAG Z . -8.91 28.11 33.77
O6 NAG Z . -6.63 29.61 35.08
O7 NAG Z . -12.58 26.48 35.78
C1 NAG AA . 14.99 -26.46 55.13
C2 NAG AA . 14.70 -27.13 56.48
C3 NAG AA . 14.18 -28.54 56.27
C4 NAG AA . 12.97 -28.52 55.35
C5 NAG AA . 13.32 -27.81 54.04
C6 NAG AA . 12.15 -27.64 53.11
C7 NAG AA . 15.95 -26.60 58.53
C8 NAG AA . 17.26 -26.72 59.25
N2 NAG AA . 15.90 -27.15 57.31
O3 NAG AA . 13.82 -29.10 57.53
O4 NAG AA . 12.56 -29.86 55.06
O5 NAG AA . 13.81 -26.49 54.33
O6 NAG AA . 12.27 -26.47 52.33
O7 NAG AA . 14.98 -26.04 59.03
C1 NAG AA . 11.20 -30.04 55.52
C2 NAG AA . 10.56 -31.13 54.66
C3 NAG AA . 9.13 -31.40 55.14
C4 NAG AA . 9.13 -31.72 56.64
C5 NAG AA . 9.84 -30.60 57.41
C6 NAG AA . 9.96 -30.89 58.88
C7 NAG AA . 10.92 -31.59 52.28
C8 NAG AA . 10.86 -31.04 50.89
N2 NAG AA . 10.56 -30.76 53.26
O3 NAG AA . 8.59 -32.50 54.41
O4 NAG AA . 7.79 -31.83 57.09
O5 NAG AA . 11.16 -30.43 56.90
O6 NAG AA . 9.33 -29.88 59.66
O7 NAG AA . 11.28 -32.74 52.52
C1 NAG BA . 12.15 -40.30 37.27
C2 NAG BA . 11.65 -41.43 38.17
C3 NAG BA . 10.66 -42.31 37.41
C4 NAG BA . 9.55 -41.46 36.81
C5 NAG BA . 10.14 -40.33 35.98
C6 NAG BA . 9.09 -39.36 35.48
C7 NAG BA . 13.60 -42.94 37.95
C8 NAG BA . 14.66 -43.69 38.70
N2 NAG BA . 12.75 -42.22 38.70
O3 NAG BA . 10.11 -43.27 38.30
O4 NAG BA . 8.73 -42.27 35.97
O5 NAG BA . 11.04 -39.56 36.78
O6 NAG BA . 8.10 -39.11 36.48
O7 NAG BA . 13.52 -42.99 36.73
C1 NAG BA . 7.41 -42.34 36.52
C2 NAG BA . 6.42 -42.47 35.37
C3 NAG BA . 4.99 -42.58 35.90
C4 NAG BA . 4.89 -43.71 36.91
C5 NAG BA . 5.95 -43.55 38.00
C6 NAG BA . 6.00 -44.71 38.97
C7 NAG BA . 7.20 -41.42 33.28
C8 NAG BA . 7.22 -40.19 32.46
N2 NAG BA . 6.54 -41.35 34.44
O3 NAG BA . 4.10 -42.83 34.82
O4 NAG BA . 3.61 -43.72 37.50
O5 NAG BA . 7.26 -43.45 37.41
O6 NAG BA . 7.29 -44.84 39.55
O7 NAG BA . 7.75 -42.46 32.92
C1 NAG CA . 25.05 -19.87 72.58
C2 NAG CA . 24.03 -20.31 73.61
C3 NAG CA . 24.72 -21.09 74.73
C4 NAG CA . 25.55 -22.23 74.16
C5 NAG CA . 26.49 -21.71 73.08
C6 NAG CA . 27.23 -22.81 72.37
C7 NAG CA . 22.03 -18.92 73.85
C8 NAG CA . 21.43 -17.71 74.49
N2 NAG CA . 23.31 -19.18 74.15
O3 NAG CA . 23.73 -21.61 75.62
O4 NAG CA . 26.33 -22.82 75.20
O5 NAG CA . 25.75 -21.00 72.08
O6 NAG CA . 26.40 -23.94 72.14
O7 NAG CA . 21.38 -19.65 73.11
C1 NAG CA . 25.88 -24.17 75.43
C2 NAG CA . 26.93 -24.86 76.30
C3 NAG CA . 26.49 -26.29 76.61
C4 NAG CA . 25.10 -26.29 77.22
C5 NAG CA . 24.12 -25.53 76.32
C6 NAG CA . 22.75 -25.39 76.94
C7 NAG CA . 29.12 -23.88 75.82
C8 NAG CA . 30.42 -24.03 75.09
N2 NAG CA . 28.23 -24.85 75.65
O3 NAG CA . 27.42 -26.89 77.51
O4 NAG CA . 24.64 -27.63 77.38
O5 NAG CA . 24.61 -24.21 76.09
O6 NAG CA . 22.74 -24.42 77.98
O7 NAG CA . 28.90 -22.92 76.56
C1 NAG DA . 40.07 -5.95 76.45
C2 NAG DA . 39.24 -4.73 76.14
C3 NAG DA . 39.88 -3.49 76.73
C4 NAG DA . 40.05 -3.65 78.24
C5 NAG DA . 40.79 -4.96 78.58
C6 NAG DA . 40.69 -5.36 80.03
C7 NAG DA . 37.85 -4.35 74.15
C8 NAG DA . 36.69 -4.29 75.08
N2 NAG DA . 39.04 -4.57 74.70
O3 NAG DA . 39.07 -2.36 76.47
O4 NAG DA . 40.68 -2.45 78.70
O5 NAG DA . 40.22 -6.08 77.86
O6 NAG DA . 41.80 -6.14 80.44
O7 NAG DA . 37.72 -4.22 72.94
C1 NAG DA . 41.80 -2.42 79.61
C2 NAG DA . 42.67 -1.20 79.34
C3 NAG DA . 43.79 -1.11 80.37
C4 NAG DA . 43.20 -1.14 81.79
C5 NAG DA . 42.32 -2.37 81.95
C6 NAG DA . 41.62 -2.41 83.29
C7 NAG DA . 43.34 -0.17 77.22
C8 NAG DA . 43.93 -0.39 75.86
N2 NAG DA . 43.22 -1.25 78.00
O3 NAG DA . 44.51 0.10 80.18
O4 NAG DA . 44.25 -1.18 82.74
O5 NAG DA . 41.30 -2.37 80.95
O6 NAG DA . 40.27 -2.84 83.15
O7 NAG DA . 42.97 0.94 77.58
CHA BLA EA . 41.79 -7.82 -50.47
NA BLA EA . 40.77 -9.62 -51.78
C1A BLA EA . 41.86 -8.88 -51.38
C2A BLA EA . 42.99 -9.39 -52.06
C3A BLA EA . 42.56 -10.45 -52.87
C4A BLA EA . 41.16 -10.58 -52.69
CMA BLA EA . 43.42 -11.28 -53.77
CAA BLA EA . 44.40 -8.90 -51.94
CBA BLA EA . 45.05 -9.24 -50.61
CGA BLA EA . 45.09 -10.72 -50.34
O1A BLA EA . 45.64 -11.52 -51.08
O2A BLA EA . 44.49 -11.07 -49.23
CHB BLA EA . 40.29 -11.51 -53.27
NB BLA EA . 38.27 -11.19 -51.92
C1B BLA EA . 38.98 -11.75 -52.96
C2B BLA EA . 38.07 -12.65 -53.65
C3B BLA EA . 36.87 -12.62 -53.00
C4B BLA EA . 36.99 -11.68 -51.88
CMB BLA EA . 38.44 -13.44 -54.87
OB BLA EA . 36.14 -11.37 -51.05
CAB BLA EA . 35.64 -13.36 -53.29
CBB BLA EA . 34.42 -12.94 -53.22
NC BLA EA . 36.98 -8.09 -52.02
C1C BLA EA . 35.99 -8.56 -52.86
C2C BLA EA . 34.73 -7.95 -52.42
C3C BLA EA . 34.98 -7.13 -51.35
C4C BLA EA . 36.45 -7.23 -51.09
CMC BLA EA . 33.43 -8.23 -53.11
OC BLA EA . 36.16 -9.34 -53.79
CAC BLA EA . 34.04 -6.32 -50.57
CBC BLA EA . 32.92 -6.68 -50.03
CHD BLA EA . 37.15 -6.58 -50.10
ND BLA EA . 39.39 -7.45 -50.55
C1D BLA EA . 38.53 -6.67 -49.85
C2D BLA EA . 39.23 -5.89 -48.83
C3D BLA EA . 40.55 -6.25 -48.94
C4D BLA EA . 40.64 -7.22 -50.02
CMD BLA EA . 38.60 -4.93 -47.88
CAD BLA EA . 41.68 -5.72 -48.08
CBD BLA EA . 41.90 -6.55 -46.83
CGD BLA EA . 43.03 -6.05 -45.99
O1D BLA EA . 44.15 -5.90 -46.40
O2D BLA EA . 42.67 -5.81 -44.75
C1 NAG FA . 49.22 -12.99 -74.83
C2 NAG FA . 49.77 -11.60 -75.08
C3 NAG FA . 48.97 -10.92 -76.19
C4 NAG FA . 48.94 -11.78 -77.44
C5 NAG FA . 48.47 -13.20 -77.11
C6 NAG FA . 48.60 -14.15 -78.28
C7 NAG FA . 50.83 -10.41 -73.22
C8 NAG FA . 50.60 -9.59 -71.97
N2 NAG FA . 49.73 -10.80 -73.86
O3 NAG FA . 49.56 -9.65 -76.49
O4 NAG FA . 48.07 -11.22 -78.41
O5 NAG FA . 49.26 -13.75 -76.05
O6 NAG FA . 47.32 -14.64 -78.68
O7 NAG FA . 51.96 -10.69 -73.61
C1 NAG GA . 48.52 -3.57 -28.34
C2 NAG GA . 49.14 -4.84 -28.93
C3 NAG GA . 50.63 -4.89 -28.66
C4 NAG GA . 51.30 -3.62 -29.12
C5 NAG GA . 50.60 -2.40 -28.50
C6 NAG GA . 51.16 -1.09 -29.01
C7 NAG GA . 48.41 -6.38 -27.14
C8 NAG GA . 47.68 -7.66 -26.83
N2 NAG GA . 48.46 -6.04 -28.43
O3 NAG GA . 51.19 -6.01 -29.35
O4 NAG GA . 52.67 -3.60 -28.74
O5 NAG GA . 49.21 -2.42 -28.85
O6 NAG GA . 50.92 -0.04 -28.07
O7 NAG GA . 48.93 -5.71 -26.25
C1 NAG HA . -26.64 -26.38 -22.45
C2 NAG HA . -28.17 -26.20 -22.45
C3 NAG HA . -28.85 -27.31 -21.62
C4 NAG HA . -28.39 -28.68 -22.07
C5 NAG HA . -26.87 -28.76 -22.02
C6 NAG HA . -26.34 -30.08 -22.53
C7 NAG HA . -28.27 -24.42 -20.74
C8 NAG HA . -28.76 -23.04 -20.43
N2 NAG HA . -28.56 -24.89 -21.96
O3 NAG HA . -30.25 -27.19 -21.76
O4 NAG HA . -28.95 -29.68 -21.22
O5 NAG HA . -26.31 -27.74 -22.85
O6 NAG HA . -27.30 -30.74 -23.36
O7 NAG HA . -27.63 -25.08 -19.92
C1 NAG IA . -38.50 -14.80 -44.06
C2 NAG IA . -36.98 -14.82 -43.90
C3 NAG IA . -36.34 -15.40 -45.16
C4 NAG IA . -36.92 -16.77 -45.48
C5 NAG IA . -38.45 -16.69 -45.56
C6 NAG IA . -39.10 -18.03 -45.74
C7 NAG IA . -35.83 -13.17 -42.50
C8 NAG IA . -35.68 -14.27 -41.50
N2 NAG IA . -36.46 -13.49 -43.63
O3 NAG IA . -34.93 -15.51 -44.96
O4 NAG IA . -36.40 -17.26 -46.71
O5 NAG IA . -38.97 -16.12 -44.35
O6 NAG IA . -38.15 -19.08 -45.74
O7 NAG IA . -35.40 -12.04 -42.29
C1 NAG JA . 22.17 -46.63 -0.88
C2 NAG JA . 22.65 -47.78 0.02
C3 NAG JA . 22.68 -49.10 -0.77
C4 NAG JA . 21.34 -49.37 -1.43
C5 NAG JA . 20.99 -48.19 -2.33
C6 NAG JA . 19.62 -48.33 -2.97
C7 NAG JA . 24.40 -48.07 1.73
C8 NAG JA . 25.78 -47.66 2.16
N2 NAG JA . 23.95 -47.51 0.59
O3 NAG JA . 23.00 -50.17 0.11
O4 NAG JA . 21.42 -50.55 -2.23
O5 NAG JA . 20.94 -47.00 -1.55
O6 NAG JA . 18.79 -49.20 -2.22
O7 NAG JA . 23.73 -48.87 2.36
C1 NAG KA . 27.90 -47.38 42.10
C2 NAG KA . 27.35 -47.51 43.52
C3 NAG KA . 27.52 -48.95 44.02
C4 NAG KA . 26.90 -49.93 43.03
C5 NAG KA . 27.48 -49.69 41.64
C6 NAG KA . 26.83 -50.56 40.58
C7 NAG KA . 27.43 -45.43 44.81
C8 NAG KA . 28.23 -44.59 45.74
N2 NAG KA . 27.99 -46.58 44.42
O3 NAG KA . 26.88 -49.08 45.29
O4 NAG KA . 27.19 -51.27 43.43
O5 NAG KA . 27.26 -48.33 41.24
O6 NAG KA . 27.75 -50.87 39.54
O7 NAG KA . 26.31 -45.10 44.42
C1 NAG LA . 38.64 -46.00 31.05
C2 NAG LA . 39.10 -45.99 29.60
C3 NAG LA . 37.92 -46.20 28.66
C4 NAG LA . 37.15 -47.47 29.05
C5 NAG LA . 36.75 -47.41 30.53
C6 NAG LA . 36.11 -48.69 31.01
C7 NAG LA . 40.96 -44.73 28.63
C8 NAG LA . 41.54 -43.37 28.37
N2 NAG LA . 39.79 -44.76 29.28
O3 NAG LA . 38.38 -46.30 27.33
O4 NAG LA . 35.97 -47.58 28.25
O5 NAG LA . 37.92 -47.22 31.34
O6 NAG LA . 35.47 -49.39 29.94
O7 NAG LA . 41.53 -45.76 28.26
C1 NAG MA . 22.80 -30.21 -38.40
C2 NAG MA . 22.93 -31.16 -37.22
C3 NAG MA . 22.91 -32.61 -37.71
C4 NAG MA . 21.68 -32.87 -38.55
C5 NAG MA . 21.60 -31.86 -39.69
C6 NAG MA . 20.32 -31.97 -40.48
C7 NAG MA . 24.28 -31.19 -35.17
C8 NAG MA . 25.60 -30.85 -34.54
N2 NAG MA . 24.14 -30.90 -36.47
O3 NAG MA . 22.94 -33.49 -36.59
O4 NAG MA . 21.74 -34.18 -39.11
O5 NAG MA . 21.62 -30.53 -39.16
O6 NAG MA . 19.54 -30.78 -40.40
O7 NAG MA . 23.38 -31.71 -34.52
C1 NAG NA . 43.15 -21.83 -10.30
C2 NAG NA . 44.03 -22.99 -10.74
C3 NAG NA . 45.46 -22.80 -10.22
C4 NAG NA . 45.99 -21.43 -10.63
C5 NAG NA . 45.01 -20.33 -10.22
C6 NAG NA . 45.42 -18.96 -10.71
C7 NAG NA . 43.76 -25.44 -10.84
C8 NAG NA . 43.12 -26.63 -10.22
N2 NAG NA . 43.49 -24.26 -10.26
O3 NAG NA . 46.29 -23.82 -10.75
O4 NAG NA . 47.24 -21.20 -10.01
O5 NAG NA . 43.71 -20.60 -10.76
O6 NAG NA . 44.37 -18.34 -11.44
O7 NAG NA . 44.50 -25.52 -11.82
CHA BLA OA . 7.65 64.38 6.29
NA BLA OA . 9.27 65.51 4.86
C1A BLA OA . 8.52 65.44 6.01
C2A BLA OA . 8.79 66.60 6.76
C3A BLA OA . 9.71 67.37 6.05
C4A BLA OA . 10.02 66.67 4.86
CMA BLA OA . 10.29 68.69 6.47
CAA BLA OA . 8.19 66.97 8.09
CBA BLA OA . 8.68 66.08 9.22
CGA BLA OA . 10.17 66.05 9.35
O1A BLA OA . 10.79 66.78 10.09
O2A BLA OA . 10.74 65.14 8.58
CHB BLA OA . 10.88 67.04 3.83
NB BLA OA . 10.90 65.00 2.47
C1B BLA OA . 11.24 66.31 2.72
C2B BLA OA . 12.03 66.76 1.59
C3B BLA OA . 12.14 65.72 0.71
C4B BLA OA . 11.42 64.58 1.26
CMB BLA OA . 12.60 68.14 1.47
OB BLA OA . 11.28 63.45 0.79
CAB BLA OA . 12.81 65.68 -0.60
CBB BLA OA . 12.29 65.32 -1.73
NC BLA OA . 8.06 63.96 1.30
C1C BLA OA . 8.48 64.46 0.08
C2C BLA OA . 8.29 63.38 -0.90
C3C BLA OA . 7.79 62.28 -0.27
C4C BLA OA . 7.63 62.66 1.18
CMC BLA OA . 8.66 63.56 -2.34
OC BLA OA . 8.91 65.58 -0.11
CAC BLA OA . 7.43 60.97 -0.83
CBC BLA OA . 8.04 60.31 -1.78
CHD BLA OA . 7.13 61.89 2.19
ND BLA OA . 7.60 63.38 4.07
C1D BLA OA . 7.06 62.25 3.55
C2D BLA OA . 6.35 61.49 4.58
C3D BLA OA . 6.50 62.20 5.74
C4D BLA OA . 7.29 63.38 5.42
CMD BLA OA . 5.64 60.19 4.36
CAD BLA OA . 5.94 61.82 7.09
CBD BLA OA . 7.02 61.49 8.10
CGD BLA OA . 6.48 61.21 9.48
O1D BLA OA . 6.70 61.92 10.44
O2D BLA OA . 5.75 60.12 9.54
C1 NAG PA . 6.42 90.60 -0.50
C2 NAG PA . 5.33 89.55 -0.72
C3 NAG PA . 5.54 88.85 -2.06
C4 NAG PA . 5.61 89.87 -3.18
C5 NAG PA . 6.68 90.92 -2.88
C6 NAG PA . 6.69 92.04 -3.89
C7 NAG PA . 4.52 88.72 1.44
C8 NAG PA . 4.62 87.63 2.47
N2 NAG PA . 5.30 88.58 0.37
O3 NAG PA . 4.45 87.95 -2.30
O4 NAG PA . 5.93 89.23 -4.41
O5 NAG PA . 6.43 91.52 -1.60
O6 NAG PA . 6.83 93.31 -3.26
O7 NAG PA . 3.79 89.69 1.60
C1 NAG QA . 8.80 46.23 20.57
C2 NAG QA . 9.74 47.36 20.99
C3 NAG QA . 9.62 47.60 22.49
C4 NAG QA . 8.17 47.82 22.88
C5 NAG QA . 7.31 46.67 22.38
C6 NAG QA . 5.83 46.87 22.64
C7 NAG QA . 11.83 46.03 21.06
C8 NAG QA . 13.23 45.93 20.55
N2 NAG QA . 11.12 47.08 20.62
O3 NAG QA . 10.39 48.74 22.84
O4 NAG QA . 8.05 47.91 24.30
O5 NAG QA . 7.47 46.53 20.96
O6 NAG QA . 5.04 45.97 21.88
O7 NAG QA . 11.36 45.21 21.84
C1 NAG RA . 37.60 21.15 -44.91
C2 NAG RA . 37.71 20.08 -46.01
C3 NAG RA . 39.12 19.48 -46.03
C4 NAG RA . 40.17 20.57 -46.11
C5 NAG RA . 39.96 21.59 -44.99
C6 NAG RA . 40.91 22.76 -45.06
C7 NAG RA . 36.69 18.18 -44.80
C8 NAG RA . 35.57 17.17 -44.82
N2 NAG RA . 36.71 19.04 -45.83
O3 NAG RA . 39.24 18.60 -47.14
O4 NAG RA . 41.47 20.00 -45.98
O5 NAG RA . 38.64 22.12 -45.08
O6 NAG RA . 40.25 23.98 -44.78
O7 NAG RA . 37.50 18.22 -43.89
C1 NAG SA . 10.15 26.85 -56.82
C2 NAG SA . 10.45 27.20 -55.37
C3 NAG SA . 10.25 28.70 -55.14
C4 NAG SA . 11.08 29.49 -56.14
C5 NAG SA . 10.79 29.03 -57.57
C6 NAG SA . 11.68 29.68 -58.60
C7 NAG SA . 10.06 25.86 -53.35
C8 NAG SA . 11.52 26.03 -53.06
N2 NAG SA . 9.60 26.43 -54.46
O3 NAG SA . 10.62 29.04 -53.82
O4 NAG SA . 10.78 30.89 -56.03
O5 NAG SA . 10.99 27.62 -57.69
O6 NAG SA . 12.18 30.93 -58.13
O7 NAG SA . 9.32 25.22 -52.60
C1 NAG TA . 60.56 23.21 11.65
C2 NAG TA . 60.78 24.67 11.24
C3 NAG TA . 61.65 24.75 9.99
C4 NAG TA . 62.95 23.97 10.18
C5 NAG TA . 62.64 22.54 10.63
C6 NAG TA . 63.87 21.74 10.96
C7 NAG TA . 59.34 26.65 11.24
C8 NAG TA . 57.97 27.18 10.96
N2 NAG TA . 59.51 25.34 11.02
O3 NAG TA . 61.96 26.12 9.71
O4 NAG TA . 63.68 23.93 8.97
O5 NAG TA . 61.83 22.57 11.82
O6 NAG TA . 64.30 21.98 12.30
O7 NAG TA . 60.25 27.37 11.63
C1 NAG UA . 69.42 -11.98 34.31
C2 NAG UA . 69.87 -13.43 34.39
C3 NAG UA . 71.35 -13.50 34.77
C4 NAG UA . 72.18 -12.67 33.80
C5 NAG UA . 71.63 -11.24 33.73
C6 NAG UA . 72.32 -10.39 32.69
C7 NAG UA . 68.59 -15.40 35.10
C8 NAG UA . 67.79 -16.03 36.19
N2 NAG UA . 69.08 -14.18 35.35
O3 NAG UA . 71.78 -14.85 34.73
O4 NAG UA . 73.53 -12.63 34.22
O5 NAG UA . 70.24 -11.27 33.38
O6 NAG UA . 71.49 -9.33 32.25
O7 NAG UA . 68.80 -15.97 34.03
C1 NAG VA . 64.14 1.56 39.71
C2 NAG VA . 63.57 2.97 39.53
C3 NAG VA . 63.86 3.49 38.12
C4 NAG VA . 65.34 3.37 37.80
C5 NAG VA . 65.83 1.94 38.04
C6 NAG VA . 67.32 1.79 37.85
C7 NAG VA . 61.50 4.13 40.15
C8 NAG VA . 60.03 3.98 40.40
N2 NAG VA . 62.15 3.01 39.81
O3 NAG VA . 63.44 4.84 38.01
O4 NAG VA . 65.58 3.73 36.44
O5 NAG VA . 65.54 1.55 39.38
O6 NAG VA . 67.91 2.95 37.29
O7 NAG VA . 62.07 5.20 40.25
C1 NAG WA . 35.51 52.23 -6.27
C2 NAG WA . 36.60 51.52 -5.46
C3 NAG WA . 37.88 52.34 -5.48
C4 NAG WA . 38.32 52.62 -6.92
C5 NAG WA . 37.19 53.30 -7.67
C6 NAG WA . 37.50 53.49 -9.14
C7 NAG WA . 36.17 50.06 -3.54
C8 NAG WA . 35.70 50.00 -2.12
N2 NAG WA . 36.18 51.27 -4.10
O3 NAG WA . 38.90 51.63 -4.79
O4 NAG WA . 39.47 53.45 -6.93
O5 NAG WA . 35.99 52.51 -7.61
O6 NAG WA . 37.08 52.39 -9.92
O7 NAG WA . 36.55 49.07 -4.14
C1 NAG XA . 31.03 33.17 24.89
C2 NAG XA . 31.78 34.43 25.28
C3 NAG XA . 31.54 34.76 26.75
C4 NAG XA . 30.45 33.88 27.37
C5 NAG XA . 29.26 33.59 26.45
C6 NAG XA . 28.26 34.72 26.41
C7 NAG XA . 33.99 35.37 24.77
C8 NAG XA . 35.43 35.07 24.50
N2 NAG XA . 33.19 34.31 24.99
O3 NAG XA . 31.18 36.13 26.87
O4 NAG XA . 31.00 32.66 27.86
O5 NAG XA . 29.66 33.36 25.08
O6 NAG XA . 27.66 34.86 25.13
O7 NAG XA . 33.56 36.52 24.80
C1 NAG YA . -70.31 -14.10 -15.40
C2 NAG YA . -70.23 -13.67 -16.86
C3 NAG YA . -70.81 -12.27 -17.03
C4 NAG YA . -72.24 -12.24 -16.50
C5 NAG YA . -72.28 -12.70 -15.05
C6 NAG YA . -73.69 -12.83 -14.51
C7 NAG YA . -68.52 -14.08 -18.58
C8 NAG YA . -67.06 -14.07 -18.90
N2 NAG YA . -68.85 -13.71 -17.34
O3 NAG YA . -70.80 -11.92 -18.41
O4 NAG YA . -72.75 -10.91 -16.58
O5 NAG YA . -71.68 -14.00 -14.93
O6 NAG YA . -74.34 -13.97 -15.04
O7 NAG YA . -69.37 -14.43 -19.40
C1 NAG ZA . -23.46 -26.59 5.65
C2 NAG ZA . -24.72 -26.69 6.51
C3 NAG ZA . -24.83 -28.10 7.11
C4 NAG ZA . -24.73 -29.15 6.03
C5 NAG ZA . -23.46 -28.94 5.20
C6 NAG ZA . -23.35 -29.88 4.03
C7 NAG ZA . -23.85 -25.57 8.54
C8 NAG ZA . -24.07 -24.45 9.50
N2 NAG ZA . -24.75 -25.68 7.55
O3 NAG ZA . -26.08 -28.21 7.78
O4 NAG ZA . -24.69 -30.45 6.61
O5 NAG ZA . -23.46 -27.61 4.66
O6 NAG ZA . -22.34 -29.47 3.12
O7 NAG ZA . -22.90 -26.34 8.65
C1 NAG AB . -18.73 50.81 4.14
C2 NAG AB . -18.11 52.21 4.25
C3 NAG AB . -17.43 52.41 5.60
C4 NAG AB . -18.40 52.08 6.73
C5 NAG AB . -18.96 50.68 6.54
C6 NAG AB . -19.99 50.31 7.57
C7 NAG AB . -16.02 51.80 2.98
C8 NAG AB . -15.20 52.22 1.81
N2 NAG AB . -17.17 52.46 3.16
O3 NAG AB . -16.99 53.76 5.71
O4 NAG AB . -17.72 52.15 7.99
O5 NAG AB . -19.60 50.59 5.26
O6 NAG AB . -21.32 50.42 7.05
O7 NAG AB . -15.67 50.89 3.73
C1 NAG BB . -23.56 47.24 -26.02
C2 NAG BB . -23.56 46.30 -24.81
C3 NAG BB . -24.85 45.50 -24.77
C4 NAG BB . -26.06 46.42 -24.81
C5 NAG BB . -25.97 47.34 -26.02
C6 NAG BB . -27.08 48.37 -26.06
C7 NAG BB . -21.65 45.16 -23.75
C8 NAG BB . -22.06 45.86 -22.48
N2 NAG BB . -22.40 45.42 -24.83
O3 NAG BB . -24.89 44.71 -23.58
O4 NAG BB . -27.26 45.66 -24.89
O5 NAG BB . -24.74 48.07 -25.98
O6 NAG BB . -27.54 48.69 -24.75
O7 NAG BB . -20.68 44.41 -23.81
C1 NAG CB . -9.70 10.62 48.08
C2 NAG CB . -11.02 9.87 48.27
C3 NAG CB . -11.54 10.08 49.68
C4 NAG CB . -10.48 9.69 50.71
C5 NAG CB . -9.17 10.43 50.42
C6 NAG CB . -8.04 9.99 51.31
C7 NAG CB . -12.79 9.42 46.64
C8 NAG CB . -13.76 10.02 45.66
N2 NAG CB . -12.01 10.29 47.28
O3 NAG CB . -12.71 9.29 49.87
O4 NAG CB . -10.93 10.01 52.02
O5 NAG CB . -8.75 10.19 49.07
O6 NAG CB . -7.87 8.58 51.28
O7 NAG CB . -12.73 8.22 46.82
C1 NAG DB . 27.61 1.57 67.36
C2 NAG DB . 28.89 2.19 67.92
C3 NAG DB . 28.74 2.48 69.40
C4 NAG DB . 27.50 3.32 69.66
C5 NAG DB . 26.27 2.67 69.02
C6 NAG DB . 25.03 3.51 69.13
C7 NAG DB . 30.77 1.38 66.56
C8 NAG DB . 31.91 0.42 66.49
N2 NAG DB . 30.04 1.33 67.67
O3 NAG DB . 29.89 3.15 69.87
O4 NAG DB . 27.29 3.46 71.05
O5 NAG DB . 26.50 2.44 67.63
O6 NAG DB . 24.15 3.27 68.03
O7 NAG DB . 30.53 2.18 65.66
C1 NAG EB . 16.04 -9.03 63.92
C2 NAG EB . 14.76 -9.70 63.43
C3 NAG EB . 13.79 -8.64 62.89
C4 NAG EB . 13.54 -7.57 63.94
C5 NAG EB . 14.87 -6.98 64.42
C6 NAG EB . 14.70 -6.01 65.57
C7 NAG EB . 14.27 -11.78 62.21
C8 NAG EB . 14.71 -12.70 61.12
N2 NAG EB . 15.04 -10.69 62.42
O3 NAG EB . 12.56 -9.28 62.54
O4 NAG EB . 12.75 -6.53 63.39
O5 NAG EB . 15.73 -8.04 64.90
O6 NAG EB . 14.46 -6.69 66.79
O7 NAG EB . 13.28 -11.99 62.89
C1 NAG FB . -37.03 6.78 16.45
C2 NAG FB . -37.33 6.26 17.87
C3 NAG FB . -38.65 6.85 18.42
C4 NAG FB . -38.68 8.35 18.29
C5 NAG FB . -38.47 8.72 16.83
C6 NAG FB . -38.44 10.22 16.59
C7 NAG FB . -37.45 4.08 19.01
C8 NAG FB . -37.54 2.60 18.82
N2 NAG FB . -37.40 4.81 17.89
O3 NAG FB . -38.80 6.49 19.80
O4 NAG FB . -39.94 8.85 18.72
O5 NAG FB . -37.20 8.21 16.40
O6 NAG FB . -38.24 10.52 15.22
O7 NAG FB . -37.43 4.59 20.13
C1 NAG GB . -62.33 12.43 -6.20
C2 NAG GB . -62.64 12.81 -7.65
C3 NAG GB . -61.63 13.84 -8.15
C4 NAG GB . -61.58 15.03 -7.22
C5 NAG GB . -61.32 14.57 -5.78
C6 NAG GB . -61.41 15.69 -4.78
C7 NAG GB . -63.78 11.06 -8.95
C8 NAG GB . -65.05 11.69 -8.52
N2 NAG GB . -62.65 11.63 -8.51
O3 NAG GB . -62.00 14.25 -9.46
O4 NAG GB . -60.54 15.92 -7.61
O5 NAG GB . -62.32 13.60 -5.39
O6 NAG GB . -62.58 15.59 -3.98
O7 NAG GB . -63.75 10.06 -9.68
C1 NAG HB . -32.82 11.22 -14.26
C2 NAG HB . -31.74 10.22 -14.70
C3 NAG HB . -30.55 10.95 -15.31
C4 NAG HB . -31.02 11.84 -16.45
C5 NAG HB . -32.12 12.79 -15.96
C6 NAG HB . -32.72 13.62 -17.08
C7 NAG HB . -30.67 8.24 -13.69
C8 NAG HB . -30.29 7.54 -12.42
N2 NAG HB . -31.30 9.41 -13.56
O3 NAG HB . -29.60 10.01 -15.80
O4 NAG HB . -29.93 12.61 -16.95
O5 NAG HB . -33.19 12.02 -15.39
O6 NAG HB . -33.06 12.81 -18.19
O7 NAG HB . -30.43 7.75 -14.80
C1 NAG IB . -12.71 -16.55 27.39
C2 NAG IB . -13.26 -17.21 28.66
C3 NAG IB . -13.18 -18.72 28.54
C4 NAG IB . -13.87 -19.19 27.27
C5 NAG IB . -13.30 -18.45 26.05
C6 NAG IB . -14.02 -18.78 24.76
C7 NAG IB . -13.13 -16.54 31.02
C8 NAG IB . -12.24 -16.07 32.12
N2 NAG IB . -12.54 -16.75 29.83
O3 NAG IB . -13.81 -19.32 29.67
O4 NAG IB . -13.67 -20.59 27.08
O5 NAG IB . -13.42 -17.03 26.25
O6 NAG IB . -13.52 -17.99 23.69
O7 NAG IB . -14.32 -16.73 31.19
#